data_3K4M
#
_entry.id   3K4M
#
_cell.length_a   168.190
_cell.length_b   103.140
_cell.length_c   168.710
_cell.angle_alpha   90.00
_cell.angle_beta   106.47
_cell.angle_gamma   90.00
#
_symmetry.space_group_name_H-M   'P 1 21 1'
#
loop_
_entity.id
_entity.type
_entity.pdbx_description
1 polymer 'Pyranose 2-oxidase'
2 non-polymer 'FLAVIN-ADENINE DINUCLEOTIDE'
3 non-polymer 2-deoxy-2-fluoro-beta-D-glucopyranose
4 non-polymer '2-(N-MORPHOLINO)-ETHANESULFONIC ACID'
5 water water
#
_entity_poly.entity_id   1
_entity_poly.type   'polypeptide(L)'
_entity_poly.pdbx_seq_one_letter_code
;MSTSSSDPFFNFAKSSFRSAAAQKASASSLPPLPGPDKKVPGMDIKYDVVIVGSGPIGCTYARELVGAGYKVAMFDIGEI
DSGLKIGAHKKNTVEYQKNIDKFVNVIQGQLMSVSVPVNTLVVDTLSPTSWQASTFFVRNGSNPEQDPLRNLSGQAVTRV
VGGMSTHWTCATPRFDREQRPLLVKDDADADDAEWDRLYTKAESYFQTGTDQFKESIRHNLVLNKLTEEYKGQRDFQQIP
LAATRRSPTFVEWSSANTVFDLQNRPNTDAPEERFNLFPAVACERVVRNALNSEIESLHIHDLISGDRFEIKADVYVLTA
GAVHNTQLLVNSGFGQLGRPNPANPPELLPSLGSYITEQSLVFCQTVMSTELIDSVKSDMTIRGTPGELTYSVTYTPGAS
TNKHPDWWNEKVKNHMMQHQEDPLPIPFEDPEPQVTTLFQPSHPWHTQIHRDAFSWGAVQQSIDSRLIVDWRFFGRTEPK
EENKLWFSDKITDAYNMPQPTFDFRFPAGRTSKEAEDMMTDMCVMSAKIGGFLPGSLPQFMEPGLVLHLGGTHRMGFDEK
EDNCCVNTDSRVFGFKNLFLGGCGNIPTAYGANPTLTAMSLAIKSCEYIKQNFTPSPFTSEAQ
;
_entity_poly.pdbx_strand_id   A,B,C,D,E,F,G,H
#
loop_
_chem_comp.id
_chem_comp.type
_chem_comp.name
_chem_comp.formula
FAD non-polymer 'FLAVIN-ADENINE DINUCLEOTIDE' 'C27 H33 N9 O15 P2'
MES non-polymer '2-(N-MORPHOLINO)-ETHANESULFONIC ACID' 'C6 H13 N O4 S'
SHG D-saccharide, beta linking 2-deoxy-2-fluoro-beta-D-glucopyranose 'C6 H11 F O5'
#
# COMPACT_ATOMS: atom_id res chain seq x y z
N ILE A 45 37.70 -49.66 106.46
CA ILE A 45 36.93 -50.85 106.97
C ILE A 45 36.13 -51.62 105.84
N LYS A 46 35.84 -52.89 106.06
CA LYS A 46 35.20 -53.65 105.01
C LYS A 46 33.69 -53.72 105.26
N TYR A 47 32.92 -53.30 104.24
CA TYR A 47 31.49 -53.41 104.30
C TYR A 47 30.94 -54.56 103.44
N ASP A 48 29.76 -55.04 103.76
CA ASP A 48 29.07 -55.91 102.85
C ASP A 48 28.57 -55.13 101.59
N VAL A 49 28.05 -53.96 101.80
CA VAL A 49 27.45 -53.22 100.68
C VAL A 49 27.80 -51.77 100.90
N VAL A 50 28.23 -51.10 99.83
CA VAL A 50 28.31 -49.64 99.84
C VAL A 50 27.39 -49.12 98.82
N ILE A 51 26.76 -48.02 99.21
CA ILE A 51 25.83 -47.28 98.37
C ILE A 51 26.34 -45.86 98.22
N VAL A 52 26.43 -45.40 96.97
CA VAL A 52 26.76 -44.03 96.64
C VAL A 52 25.49 -43.14 96.34
N GLY A 53 25.24 -42.18 97.24
CA GLY A 53 24.03 -41.34 97.23
C GLY A 53 23.00 -41.70 98.30
N SER A 54 22.49 -40.66 98.95
CA SER A 54 21.53 -40.80 100.03
C SER A 54 20.13 -40.29 99.68
N GLY A 55 19.81 -40.23 98.38
CA GLY A 55 18.50 -39.87 97.88
C GLY A 55 17.54 -41.04 97.93
N PRO A 56 16.35 -40.85 97.38
CA PRO A 56 15.38 -41.86 97.76
C PRO A 56 15.67 -43.27 97.19
N ILE A 57 16.48 -43.33 96.15
CA ILE A 57 16.74 -44.65 95.51
C ILE A 57 17.83 -45.31 96.24
N GLY A 58 18.79 -44.56 96.79
CA GLY A 58 19.83 -45.20 97.60
C GLY A 58 19.23 -45.67 98.91
N CYS A 59 18.19 -44.94 99.34
CA CYS A 59 17.58 -45.25 100.62
C CYS A 59 16.70 -46.49 100.49
N THR A 60 16.23 -46.72 99.27
CA THR A 60 15.55 -47.93 98.93
C THR A 60 16.48 -49.17 99.19
N TYR A 61 17.70 -49.12 98.64
CA TYR A 61 18.65 -50.20 98.74
C TYR A 61 19.05 -50.34 100.19
N ALA A 62 19.24 -49.23 100.88
CA ALA A 62 19.50 -49.23 102.32
C ALA A 62 18.40 -49.96 103.10
N ARG A 63 17.16 -49.50 102.94
CA ARG A 63 16.10 -50.07 103.70
C ARG A 63 15.98 -51.59 103.37
N GLU A 64 16.25 -51.96 102.13
CA GLU A 64 16.05 -53.36 101.72
C GLU A 64 17.18 -54.20 102.30
N LEU A 65 18.41 -53.68 102.20
CA LEU A 65 19.61 -54.45 102.51
C LEU A 65 20.02 -54.29 103.98
N VAL A 66 19.87 -53.11 104.58
CA VAL A 66 19.93 -53.04 106.06
C VAL A 66 18.96 -54.02 106.71
N GLY A 67 17.69 -53.97 106.34
CA GLY A 67 16.68 -54.90 106.92
C GLY A 67 17.03 -56.37 106.68
N ALA A 68 17.56 -56.71 105.50
CA ALA A 68 17.99 -58.11 105.29
C ALA A 68 19.30 -58.54 105.99
N GLY A 69 19.88 -57.66 106.79
CA GLY A 69 21.05 -58.02 107.61
C GLY A 69 22.47 -57.68 107.10
N TYR A 70 22.59 -56.87 106.04
CA TYR A 70 23.88 -56.62 105.45
C TYR A 70 24.55 -55.45 106.19
N LYS A 71 25.87 -55.46 106.20
CA LYS A 71 26.68 -54.36 106.71
C LYS A 71 26.82 -53.28 105.67
N VAL A 72 26.03 -52.22 105.80
CA VAL A 72 25.89 -51.25 104.74
C VAL A 72 26.56 -49.94 105.14
N ALA A 73 27.31 -49.39 104.18
CA ALA A 73 27.84 -48.04 104.26
C ALA A 73 27.22 -47.23 103.17
N MET A 74 26.86 -46.00 103.47
CA MET A 74 26.28 -45.15 102.47
C MET A 74 27.08 -43.81 102.43
N PHE A 75 27.45 -43.36 101.24
CA PHE A 75 28.26 -42.15 101.10
C PHE A 75 27.45 -41.02 100.40
N ASP A 76 27.38 -39.81 100.94
CA ASP A 76 26.82 -38.72 100.17
C ASP A 76 27.82 -37.56 100.11
N ILE A 77 27.91 -36.92 98.94
CA ILE A 77 28.84 -35.80 98.73
C ILE A 77 28.30 -34.53 99.38
N GLY A 78 26.98 -34.58 99.68
CA GLY A 78 26.26 -33.50 100.36
C GLY A 78 26.22 -33.76 101.86
N GLU A 79 25.65 -32.84 102.62
CA GLU A 79 25.66 -32.80 104.07
C GLU A 79 24.26 -32.86 104.70
N ILE A 80 24.22 -33.20 105.99
CA ILE A 80 22.95 -33.26 106.67
C ILE A 80 22.37 -31.88 106.86
N ASP A 81 21.21 -31.70 106.23
CA ASP A 81 20.53 -30.45 105.96
C ASP A 81 18.97 -30.31 106.28
N SER A 82 18.36 -31.14 107.12
CA SER A 82 16.90 -31.07 107.23
C SER A 82 16.50 -31.21 108.69
N GLY A 83 17.26 -30.67 109.63
CA GLY A 83 16.88 -30.91 111.01
C GLY A 83 17.27 -32.30 111.44
N LEU A 84 16.64 -32.78 112.50
CA LEU A 84 17.05 -34.01 113.17
C LEU A 84 16.62 -35.25 112.41
N LYS A 85 15.60 -35.18 111.57
CA LYS A 85 15.24 -36.34 110.78
C LYS A 85 16.08 -36.25 109.53
N ILE A 86 17.05 -37.13 109.41
CA ILE A 86 18.06 -37.02 108.37
C ILE A 86 17.49 -37.28 106.99
N GLY A 87 17.62 -36.32 106.09
CA GLY A 87 17.24 -36.55 104.72
C GLY A 87 15.77 -36.27 104.50
N ALA A 88 15.13 -35.55 105.44
CA ALA A 88 13.65 -35.37 105.42
C ALA A 88 13.22 -34.20 104.49
N HIS A 89 11.94 -34.06 104.16
CA HIS A 89 11.50 -33.01 103.28
C HIS A 89 11.62 -31.67 103.96
N LYS A 90 12.23 -30.72 103.28
CA LYS A 90 12.53 -29.45 103.93
C LYS A 90 11.32 -28.56 104.13
N LYS A 91 10.21 -29.00 103.56
CA LYS A 91 9.06 -28.17 103.50
C LYS A 91 8.16 -28.61 104.62
N ASN A 92 8.67 -29.53 105.44
CA ASN A 92 7.88 -30.04 106.61
C ASN A 92 8.08 -29.14 107.86
N THR A 93 8.11 -27.82 107.65
CA THR A 93 8.17 -26.90 108.77
C THR A 93 6.87 -26.18 108.81
N VAL A 94 6.49 -25.87 110.01
CA VAL A 94 5.31 -25.04 110.19
C VAL A 94 5.40 -23.72 109.45
N GLU A 95 6.60 -23.12 109.45
CA GLU A 95 6.84 -21.84 108.81
C GLU A 95 6.70 -21.92 107.29
N TYR A 96 7.23 -22.96 106.65
CA TYR A 96 7.03 -23.12 105.20
C TYR A 96 5.59 -23.37 104.81
N GLN A 97 4.86 -24.13 105.59
CA GLN A 97 3.48 -24.34 105.21
C GLN A 97 2.62 -23.20 105.56
N LYS A 98 3.11 -22.29 106.38
CA LYS A 98 2.37 -21.05 106.50
C LYS A 98 2.84 -20.02 105.49
N ASN A 99 3.99 -20.26 104.87
CA ASN A 99 4.52 -19.29 103.93
C ASN A 99 4.98 -19.97 102.64
N ILE A 100 4.13 -20.80 102.07
CA ILE A 100 4.53 -21.82 101.13
C ILE A 100 5.23 -21.29 99.86
N ASP A 101 4.83 -20.12 99.41
CA ASP A 101 5.57 -19.53 98.31
C ASP A 101 7.08 -19.30 98.60
N LYS A 102 7.44 -19.16 99.86
CA LYS A 102 8.82 -18.99 100.20
C LYS A 102 9.66 -20.15 99.75
N PHE A 103 9.03 -21.33 99.59
CA PHE A 103 9.78 -22.59 99.45
C PHE A 103 10.52 -22.68 98.15
N VAL A 104 10.03 -21.95 97.15
CA VAL A 104 10.74 -21.85 95.86
C VAL A 104 12.24 -21.60 96.03
N ASN A 105 12.56 -20.83 97.07
CA ASN A 105 13.90 -20.34 97.29
C ASN A 105 14.73 -21.45 97.84
N VAL A 106 14.13 -22.33 98.61
CA VAL A 106 14.87 -23.47 99.06
C VAL A 106 15.26 -24.33 97.84
N ILE A 107 14.36 -24.44 96.89
CA ILE A 107 14.57 -25.37 95.80
C ILE A 107 15.72 -24.78 94.95
N GLN A 108 15.53 -23.51 94.51
CA GLN A 108 16.53 -22.80 93.68
C GLN A 108 17.91 -22.85 94.27
N GLY A 109 17.99 -22.75 95.60
CA GLY A 109 19.23 -22.71 96.33
C GLY A 109 19.95 -24.04 96.52
N GLN A 110 19.34 -25.14 96.07
CA GLN A 110 20.03 -26.42 95.99
C GLN A 110 19.89 -27.09 94.61
N LEU A 111 19.55 -26.30 93.59
CA LEU A 111 19.62 -26.73 92.18
C LEU A 111 20.85 -26.08 91.44
N MET A 112 21.92 -26.86 91.33
CA MET A 112 23.15 -26.40 90.67
C MET A 112 23.13 -26.90 89.22
N SER A 113 23.08 -25.96 88.27
CA SER A 113 23.11 -26.27 86.83
C SER A 113 24.21 -27.22 86.37
N VAL A 114 23.84 -28.10 85.46
CA VAL A 114 24.73 -29.14 85.06
C VAL A 114 25.70 -28.51 84.07
N SER A 115 25.16 -27.79 83.09
CA SER A 115 26.02 -27.37 81.99
C SER A 115 25.58 -26.07 81.45
N VAL A 116 26.38 -25.06 81.79
CA VAL A 116 26.14 -23.71 81.40
C VAL A 116 27.09 -23.32 80.26
N PRO A 117 26.51 -22.97 79.11
CA PRO A 117 27.41 -22.69 78.01
C PRO A 117 28.16 -21.40 78.27
N VAL A 118 29.22 -21.15 77.51
CA VAL A 118 29.96 -19.93 77.68
C VAL A 118 29.04 -18.75 77.31
N ASN A 119 29.09 -17.70 78.12
CA ASN A 119 28.18 -16.58 78.00
C ASN A 119 28.71 -15.56 76.97
N THR A 120 27.82 -15.14 76.07
CA THR A 120 28.17 -14.21 75.01
C THR A 120 27.30 -12.97 75.01
N LEU A 121 26.73 -12.64 76.17
CA LEU A 121 26.02 -11.41 76.32
C LEU A 121 26.97 -10.30 76.30
N VAL A 122 26.58 -9.26 75.56
CA VAL A 122 27.32 -8.04 75.38
C VAL A 122 27.01 -6.96 76.44
N VAL A 123 27.96 -6.66 77.28
CA VAL A 123 27.77 -5.52 78.18
C VAL A 123 28.67 -4.45 77.67
N ASP A 124 28.13 -3.42 77.04
CA ASP A 124 29.01 -2.41 76.42
C ASP A 124 28.80 -1.06 77.05
N THR A 125 28.22 -1.06 78.25
CA THR A 125 28.11 0.17 79.05
C THR A 125 28.90 0.05 80.37
N LEU A 126 29.99 -0.69 80.36
CA LEU A 126 30.95 -0.51 81.47
C LEU A 126 31.69 0.85 81.34
N SER A 127 32.14 1.40 82.46
CA SER A 127 32.95 2.61 82.43
C SER A 127 34.23 2.28 81.67
N PRO A 128 34.75 3.24 80.88
CA PRO A 128 36.01 2.96 80.24
C PRO A 128 37.21 2.63 81.19
N THR A 129 37.13 2.87 82.49
CA THR A 129 38.25 2.47 83.40
C THR A 129 38.23 1.01 83.82
N SER A 130 37.09 0.37 83.66
CA SER A 130 36.88 -0.96 84.10
C SER A 130 37.56 -1.96 83.15
N TRP A 131 38.15 -3.00 83.74
CA TRP A 131 38.76 -4.05 83.00
C TRP A 131 37.69 -4.73 82.15
N GLN A 132 37.98 -4.91 80.87
CA GLN A 132 37.13 -5.71 79.99
C GLN A 132 37.93 -6.64 79.09
N ALA A 133 37.54 -7.92 78.99
CA ALA A 133 38.28 -8.87 78.09
C ALA A 133 37.76 -8.61 76.68
N SER A 134 38.52 -9.10 75.71
CA SER A 134 38.30 -8.85 74.28
C SER A 134 37.61 -10.05 73.69
N THR A 135 37.47 -11.08 74.51
CA THR A 135 36.72 -12.26 74.05
C THR A 135 35.72 -12.68 75.12
N PHE A 136 34.81 -13.58 74.74
CA PHE A 136 33.92 -14.27 75.66
C PHE A 136 34.63 -15.47 76.16
N PHE A 137 35.60 -15.24 77.05
CA PHE A 137 36.48 -16.28 77.47
C PHE A 137 35.72 -17.19 78.46
N VAL A 138 36.32 -18.29 78.82
CA VAL A 138 35.68 -19.24 79.72
C VAL A 138 35.63 -18.68 81.13
N ARG A 139 34.45 -18.33 81.62
CA ARG A 139 34.38 -17.72 82.93
C ARG A 139 33.17 -18.15 83.79
N ASN A 140 33.20 -17.78 85.06
CA ASN A 140 32.08 -18.08 85.97
C ASN A 140 31.57 -19.55 86.03
N GLY A 141 32.45 -20.50 85.78
CA GLY A 141 32.09 -21.91 85.86
C GLY A 141 31.54 -22.48 84.56
N SER A 142 31.52 -21.67 83.49
CA SER A 142 30.82 -22.11 82.31
C SER A 142 31.62 -23.22 81.58
N ASN A 143 30.89 -24.05 80.86
CA ASN A 143 31.41 -25.20 80.12
C ASN A 143 31.70 -24.87 78.65
N PRO A 144 32.98 -24.80 78.28
CA PRO A 144 33.34 -24.48 76.91
C PRO A 144 32.96 -25.61 75.98
N GLU A 145 32.70 -26.80 76.50
CA GLU A 145 32.29 -27.93 75.61
C GLU A 145 30.87 -27.85 75.12
N GLN A 146 30.03 -27.14 75.88
CA GLN A 146 28.58 -27.04 75.67
C GLN A 146 28.08 -26.20 74.47
N ASP A 147 27.45 -26.90 73.52
CA ASP A 147 26.73 -26.18 72.46
C ASP A 147 25.50 -25.51 73.08
N PRO A 148 25.46 -24.16 73.19
CA PRO A 148 24.27 -23.59 73.78
C PRO A 148 22.93 -24.02 73.12
N LEU A 149 22.97 -24.49 71.92
CA LEU A 149 21.74 -24.81 71.22
C LEU A 149 21.30 -26.31 71.26
N ARG A 150 22.06 -27.18 71.92
CA ARG A 150 21.77 -28.57 72.02
C ARG A 150 21.96 -29.01 73.50
N ASN A 151 21.43 -28.19 74.39
CA ASN A 151 21.65 -28.37 75.81
C ASN A 151 20.38 -28.73 76.52
N LEU A 152 20.48 -29.16 77.76
CA LEU A 152 19.34 -29.19 78.69
C LEU A 152 19.72 -28.21 79.77
N SER A 153 19.49 -26.95 79.48
CA SER A 153 20.07 -25.88 80.28
C SER A 153 19.39 -25.81 81.63
N GLY A 154 18.19 -26.36 81.77
CA GLY A 154 17.50 -26.35 83.03
C GLY A 154 17.89 -27.58 83.87
N GLN A 155 18.66 -28.50 83.30
CA GLN A 155 19.09 -29.63 84.12
C GLN A 155 19.97 -29.20 85.30
N ALA A 156 19.77 -29.81 86.45
CA ALA A 156 20.46 -29.37 87.63
C ALA A 156 20.53 -30.51 88.60
N VAL A 157 21.47 -30.39 89.50
CA VAL A 157 21.71 -31.39 90.55
C VAL A 157 21.70 -30.82 91.98
N THR A 158 21.37 -31.67 92.93
CA THR A 158 21.23 -31.31 94.34
C THR A 158 22.21 -32.18 95.15
N ARG A 159 23.13 -31.53 95.88
CA ARG A 159 24.10 -32.26 96.73
C ARG A 159 23.82 -31.97 98.19
N VAL A 160 22.88 -32.70 98.75
CA VAL A 160 22.49 -32.61 100.15
C VAL A 160 22.08 -34.03 100.51
N VAL A 161 22.14 -34.36 101.76
CA VAL A 161 21.62 -35.64 102.22
C VAL A 161 20.09 -35.75 102.01
N GLY A 162 19.65 -36.89 101.44
CA GLY A 162 18.30 -37.05 100.97
C GLY A 162 18.15 -36.61 99.52
N GLY A 163 19.23 -36.12 98.93
CA GLY A 163 19.16 -35.63 97.51
C GLY A 163 17.95 -34.75 97.21
N MET A 164 17.42 -34.87 96.01
CA MET A 164 16.30 -34.00 95.56
C MET A 164 15.02 -34.28 96.31
N SER A 165 14.98 -35.40 97.05
CA SER A 165 13.78 -35.72 97.85
C SER A 165 13.63 -34.84 99.08
N THR A 166 14.58 -33.97 99.31
CA THR A 166 14.38 -32.97 100.33
C THR A 166 13.59 -31.79 99.77
N HIS A 167 13.27 -31.76 98.46
CA HIS A 167 12.44 -30.60 97.88
C HIS A 167 11.35 -30.93 96.85
N TRP A 168 11.23 -32.19 96.45
CA TRP A 168 10.39 -32.60 95.35
C TRP A 168 8.90 -32.43 95.70
N THR A 169 8.08 -32.43 94.66
CA THR A 169 6.68 -32.18 94.77
C THR A 169 5.93 -33.47 95.20
N CYS A 170 6.62 -34.60 95.29
CA CYS A 170 6.09 -35.81 95.87
C CYS A 170 5.03 -36.54 94.98
N ALA A 171 4.87 -36.10 93.76
CA ALA A 171 4.03 -36.78 92.83
C ALA A 171 4.58 -38.16 92.40
N THR A 172 3.82 -39.22 92.73
CA THR A 172 4.20 -40.64 92.50
C THR A 172 3.22 -41.46 91.73
N PRO A 173 3.10 -41.19 90.43
CA PRO A 173 2.24 -42.07 89.64
C PRO A 173 2.93 -43.32 89.08
N ARG A 174 2.15 -44.36 88.88
CA ARG A 174 2.59 -45.55 88.19
C ARG A 174 2.73 -45.27 86.69
N PHE A 175 3.70 -45.89 86.02
CA PHE A 175 3.63 -45.98 84.58
C PHE A 175 2.58 -47.03 84.09
N ASP A 176 1.69 -46.68 83.14
CA ASP A 176 0.89 -47.71 82.44
C ASP A 176 1.88 -48.28 81.47
N ARG A 177 1.47 -49.33 80.76
CA ARG A 177 2.37 -50.15 79.95
C ARG A 177 3.08 -49.44 78.82
N GLU A 178 2.38 -48.58 78.15
CA GLU A 178 2.93 -47.76 77.07
C GLU A 178 4.19 -47.00 77.46
N GLN A 179 4.39 -46.76 78.76
CA GLN A 179 5.44 -45.92 79.26
C GLN A 179 6.53 -46.74 79.95
N ARG A 180 6.28 -48.02 80.10
CA ARG A 180 6.91 -48.81 81.12
C ARG A 180 7.89 -49.83 80.56
N PRO A 181 9.08 -49.96 81.18
CA PRO A 181 9.99 -50.99 80.65
C PRO A 181 9.43 -52.39 80.92
N LEU A 182 9.73 -53.38 80.06
CA LEU A 182 9.30 -54.74 80.29
C LEU A 182 10.23 -55.32 81.30
N LEU A 183 9.67 -56.01 82.32
CA LEU A 183 10.45 -56.85 83.24
C LEU A 183 10.29 -58.36 82.94
N VAL A 184 9.26 -58.72 82.16
CA VAL A 184 9.14 -60.09 81.61
C VAL A 184 8.84 -59.98 80.12
N LYS A 185 9.59 -60.66 79.29
CA LYS A 185 9.32 -60.65 77.82
C LYS A 185 8.16 -61.63 77.53
N ASP A 186 7.28 -61.25 76.60
CA ASP A 186 6.27 -62.17 76.03
C ASP A 186 5.24 -62.77 76.98
N ASP A 187 4.79 -61.98 77.96
CA ASP A 187 3.87 -62.46 78.94
C ASP A 187 3.44 -61.26 79.75
N ALA A 188 2.48 -60.54 79.18
CA ALA A 188 2.10 -59.22 79.63
C ALA A 188 1.45 -59.22 80.98
N ASP A 189 0.64 -60.23 81.22
CA ASP A 189 -0.01 -60.39 82.53
C ASP A 189 1.04 -60.67 83.61
N ALA A 190 2.12 -61.40 83.28
CA ALA A 190 3.22 -61.64 84.21
C ALA A 190 4.00 -60.37 84.43
N ASP A 191 4.18 -59.60 83.36
CA ASP A 191 4.86 -58.35 83.49
C ASP A 191 4.04 -57.50 84.41
N ASP A 192 2.74 -57.50 84.16
CA ASP A 192 1.82 -56.62 84.92
C ASP A 192 1.87 -56.98 86.36
N ALA A 193 1.75 -58.25 86.63
CA ALA A 193 1.81 -58.77 88.01
C ALA A 193 3.13 -58.38 88.74
N GLU A 194 4.24 -58.35 88.00
CA GLU A 194 5.55 -58.00 88.59
C GLU A 194 5.60 -56.50 88.86
N TRP A 195 5.12 -55.73 87.91
CA TRP A 195 5.14 -54.32 88.09
C TRP A 195 4.22 -53.87 89.21
N ASP A 196 3.07 -54.50 89.35
CA ASP A 196 2.16 -54.19 90.45
C ASP A 196 2.69 -54.63 91.85
N ARG A 197 3.30 -55.78 91.93
CA ARG A 197 3.99 -56.20 93.14
C ARG A 197 4.95 -55.09 93.56
N LEU A 198 5.87 -54.76 92.68
CA LEU A 198 6.88 -53.72 92.94
C LEU A 198 6.34 -52.29 93.19
N TYR A 199 5.46 -51.78 92.32
CA TYR A 199 4.82 -50.50 92.58
C TYR A 199 4.10 -50.43 93.95
N THR A 200 3.53 -51.55 94.39
CA THR A 200 2.77 -51.52 95.60
C THR A 200 3.70 -51.39 96.80
N LYS A 201 4.83 -52.07 96.76
CA LYS A 201 5.81 -51.97 97.82
C LYS A 201 6.42 -50.57 97.77
N ALA A 202 6.75 -50.11 96.57
CA ALA A 202 7.31 -48.77 96.45
C ALA A 202 6.34 -47.75 97.07
N GLU A 203 5.06 -47.82 96.73
CA GLU A 203 4.09 -46.89 97.30
C GLU A 203 4.07 -46.99 98.86
N SER A 204 4.33 -48.17 99.46
CA SER A 204 4.34 -48.21 100.94
C SER A 204 5.60 -47.61 101.53
N TYR A 205 6.68 -47.69 100.80
CA TYR A 205 7.92 -47.05 101.19
C TYR A 205 7.79 -45.49 101.13
N PHE A 206 7.07 -44.94 100.14
CA PHE A 206 6.95 -43.48 99.99
C PHE A 206 5.73 -42.89 100.67
N GLN A 207 4.88 -43.78 101.12
CA GLN A 207 3.54 -43.51 101.62
C GLN A 207 2.68 -42.80 100.61
N THR A 208 2.61 -43.32 99.42
CA THR A 208 1.73 -42.74 98.42
C THR A 208 0.31 -42.97 98.84
N GLY A 209 -0.53 -41.99 98.52
CA GLY A 209 -1.95 -41.98 98.72
C GLY A 209 -2.60 -40.98 97.77
N THR A 210 -3.91 -41.12 97.58
CA THR A 210 -4.72 -40.21 96.78
C THR A 210 -5.88 -39.58 97.58
N ASP A 211 -5.70 -39.44 98.89
CA ASP A 211 -6.78 -39.07 99.74
C ASP A 211 -6.50 -37.81 100.59
N GLN A 212 -5.31 -37.20 100.44
CA GLN A 212 -4.81 -36.18 101.37
C GLN A 212 -5.45 -34.80 101.14
N PHE A 213 -6.09 -34.64 99.98
CA PHE A 213 -6.69 -33.33 99.58
C PHE A 213 -8.19 -33.51 99.34
N LYS A 214 -8.72 -34.61 99.83
CA LYS A 214 -10.13 -34.94 99.70
C LYS A 214 -11.12 -33.89 100.19
N GLU A 215 -10.73 -33.12 101.19
CA GLU A 215 -11.65 -32.13 101.73
C GLU A 215 -11.22 -30.74 101.35
N SER A 216 -10.49 -30.62 100.29
CA SER A 216 -10.29 -29.29 99.78
C SER A 216 -11.42 -28.90 98.81
N ILE A 217 -12.02 -27.76 99.08
CA ILE A 217 -12.93 -27.10 98.14
C ILE A 217 -12.28 -26.77 96.82
N ARG A 218 -11.09 -26.26 96.80
CA ARG A 218 -10.55 -25.92 95.45
C ARG A 218 -10.32 -27.18 94.68
N HIS A 219 -9.84 -28.19 95.38
CA HIS A 219 -9.51 -29.49 94.78
C HIS A 219 -10.74 -30.20 94.20
N ASN A 220 -11.76 -30.33 95.04
CA ASN A 220 -13.05 -30.79 94.55
C ASN A 220 -13.70 -29.89 93.52
N LEU A 221 -13.54 -28.58 93.64
CA LEU A 221 -14.12 -27.68 92.62
C LEU A 221 -13.54 -27.93 91.25
N VAL A 222 -12.21 -28.06 91.21
CA VAL A 222 -11.51 -28.26 89.96
C VAL A 222 -11.73 -29.69 89.50
N LEU A 223 -11.56 -30.66 90.41
CA LEU A 223 -11.79 -32.10 90.10
C LEU A 223 -13.19 -32.37 89.52
N ASN A 224 -14.25 -31.89 90.16
CA ASN A 224 -15.60 -32.16 89.55
C ASN A 224 -15.85 -31.47 88.21
N LYS A 225 -15.39 -30.21 88.00
CA LYS A 225 -15.63 -29.53 86.74
C LYS A 225 -14.95 -30.28 85.54
N LEU A 226 -13.77 -30.82 85.80
CA LEU A 226 -13.04 -31.57 84.76
C LEU A 226 -13.60 -32.97 84.58
N THR A 227 -14.04 -33.61 85.65
CA THR A 227 -14.72 -34.89 85.57
C THR A 227 -15.98 -34.80 84.69
N GLU A 228 -16.71 -33.71 84.86
CA GLU A 228 -17.90 -33.42 84.02
C GLU A 228 -17.49 -33.05 82.59
N GLU A 229 -16.56 -32.11 82.42
CA GLU A 229 -16.28 -31.66 81.05
C GLU A 229 -15.85 -32.85 80.16
N TYR A 230 -15.18 -33.84 80.76
CA TYR A 230 -14.60 -34.95 79.99
C TYR A 230 -15.35 -36.27 80.27
N LYS A 231 -16.59 -36.17 80.80
CA LYS A 231 -17.48 -37.33 81.04
C LYS A 231 -17.37 -38.19 79.84
N GLY A 232 -16.95 -39.43 80.03
CA GLY A 232 -16.95 -40.40 78.93
C GLY A 232 -15.72 -40.35 78.02
N GLN A 233 -14.70 -39.54 78.35
CA GLN A 233 -13.53 -39.49 77.49
C GLN A 233 -12.25 -39.62 78.24
N ARG A 234 -12.22 -39.02 79.44
CA ARG A 234 -11.05 -39.07 80.26
C ARG A 234 -11.42 -39.22 81.70
N ASP A 235 -10.57 -39.87 82.48
CA ASP A 235 -10.70 -39.90 83.96
C ASP A 235 -9.75 -39.01 84.69
N PHE A 236 -10.28 -38.35 85.72
CA PHE A 236 -9.51 -37.48 86.63
C PHE A 236 -9.63 -38.01 88.07
N GLN A 237 -8.59 -37.76 88.86
CA GLN A 237 -8.46 -38.20 90.22
C GLN A 237 -7.46 -37.29 90.95
N GLN A 238 -7.21 -37.57 92.21
CA GLN A 238 -6.13 -36.88 92.84
C GLN A 238 -4.76 -37.36 92.33
N ILE A 239 -3.86 -36.43 92.10
CA ILE A 239 -2.46 -36.82 91.95
C ILE A 239 -2.06 -37.69 93.10
N PRO A 240 -1.52 -38.82 92.77
CA PRO A 240 -1.01 -39.67 93.84
C PRO A 240 0.19 -38.99 94.50
N LEU A 241 0.16 -38.81 95.81
CA LEU A 241 1.22 -38.08 96.48
C LEU A 241 1.83 -38.86 97.59
N ALA A 242 3.15 -38.80 97.65
CA ALA A 242 3.84 -39.39 98.73
C ALA A 242 3.76 -38.37 99.84
N ALA A 243 2.83 -38.64 100.77
CA ALA A 243 2.58 -37.75 101.88
C ALA A 243 1.47 -38.21 102.75
N THR A 244 1.57 -37.83 104.01
CA THR A 244 0.59 -38.11 105.00
C THR A 244 0.16 -36.76 105.63
N ARG A 245 -1.13 -36.39 105.48
CA ARG A 245 -1.72 -35.27 106.23
C ARG A 245 -1.71 -35.49 107.76
N ARG A 246 -1.15 -34.55 108.53
CA ARG A 246 -1.21 -34.62 110.00
C ARG A 246 -2.26 -33.69 110.57
N SER A 247 -2.66 -32.69 109.81
CA SER A 247 -3.75 -31.83 110.25
C SER A 247 -4.40 -31.06 109.10
N PRO A 248 -5.43 -30.27 109.41
CA PRO A 248 -6.02 -29.59 108.22
C PRO A 248 -5.14 -28.49 107.58
N THR A 249 -4.07 -28.09 108.25
CA THR A 249 -3.12 -27.11 107.69
C THR A 249 -1.67 -27.67 107.59
N PHE A 250 -1.47 -28.97 107.83
CA PHE A 250 -0.17 -29.52 107.73
C PHE A 250 -0.04 -30.90 107.10
N VAL A 251 0.68 -30.95 105.98
CA VAL A 251 0.99 -32.20 105.30
C VAL A 251 2.45 -32.61 105.56
N GLU A 252 2.65 -33.83 106.03
CA GLU A 252 3.96 -34.37 106.20
C GLU A 252 4.37 -35.02 104.87
N TRP A 253 5.09 -34.24 104.08
CA TRP A 253 5.49 -34.71 102.74
C TRP A 253 6.60 -35.72 102.87
N SER A 254 6.60 -36.76 102.04
CA SER A 254 7.63 -37.79 102.14
C SER A 254 8.94 -37.42 101.41
N SER A 255 9.95 -38.24 101.68
CA SER A 255 11.29 -37.95 101.30
C SER A 255 12.04 -39.24 101.42
N ALA A 256 13.34 -39.22 101.11
CA ALA A 256 14.27 -40.31 101.45
C ALA A 256 14.17 -40.74 102.95
N ASN A 257 14.00 -39.81 103.86
CA ASN A 257 13.79 -40.16 105.32
C ASN A 257 12.62 -41.09 105.55
N THR A 258 11.54 -40.87 104.83
CA THR A 258 10.40 -41.75 104.85
C THR A 258 10.80 -43.20 104.41
N VAL A 259 11.67 -43.31 103.41
CA VAL A 259 12.02 -44.62 102.92
C VAL A 259 12.97 -45.32 103.90
N PHE A 260 13.85 -44.52 104.53
CA PHE A 260 14.86 -45.01 105.46
C PHE A 260 15.36 -43.81 106.19
N ASP A 261 15.41 -43.88 107.52
CA ASP A 261 15.63 -42.69 108.43
C ASP A 261 17.09 -42.29 108.48
N LEU A 262 17.91 -43.08 107.81
CA LEU A 262 19.34 -42.81 107.75
C LEU A 262 20.08 -42.67 109.08
N GLN A 263 19.53 -43.15 110.19
CA GLN A 263 20.26 -43.16 111.48
C GLN A 263 21.37 -44.21 111.49
N ASN A 264 22.54 -43.98 112.12
CA ASN A 264 23.53 -45.07 112.19
C ASN A 264 22.99 -46.29 112.90
N ARG A 265 23.31 -47.46 112.41
CA ARG A 265 22.93 -48.66 113.13
C ARG A 265 24.14 -49.55 113.44
N PRO A 266 24.10 -50.29 114.57
CA PRO A 266 22.91 -50.57 115.38
C PRO A 266 22.50 -49.44 116.30
N ASN A 267 21.25 -49.41 116.63
CA ASN A 267 20.77 -48.40 117.55
C ASN A 267 19.62 -49.00 118.35
N THR A 268 19.16 -48.28 119.36
CA THR A 268 18.21 -48.86 120.30
C THR A 268 17.02 -49.45 119.57
N ASP A 269 16.60 -48.86 118.47
CA ASP A 269 15.45 -49.35 117.71
C ASP A 269 15.75 -50.53 116.79
N ALA A 270 16.99 -50.61 116.30
CA ALA A 270 17.42 -51.66 115.43
C ALA A 270 18.80 -52.13 115.86
N PRO A 271 18.88 -52.81 117.02
CA PRO A 271 20.17 -53.25 117.58
C PRO A 271 20.86 -54.36 116.79
N GLU A 272 20.15 -55.01 115.88
CA GLU A 272 20.75 -56.09 115.07
C GLU A 272 21.09 -55.57 113.65
N GLU A 273 20.87 -54.30 113.40
CA GLU A 273 21.20 -53.79 112.08
C GLU A 273 22.52 -53.01 112.00
N ARG A 274 23.10 -52.93 110.79
CA ARG A 274 24.39 -52.24 110.60
C ARG A 274 24.36 -51.28 109.48
N PHE A 275 24.36 -49.98 109.79
CA PHE A 275 24.35 -48.93 108.74
C PHE A 275 25.21 -47.72 109.16
N ASN A 276 26.04 -47.24 108.26
CA ASN A 276 26.77 -45.98 108.53
C ASN A 276 26.59 -45.14 107.32
N LEU A 277 26.25 -43.89 107.58
CA LEU A 277 26.11 -42.93 106.55
C LEU A 277 27.27 -41.99 106.71
N PHE A 278 27.88 -41.59 105.60
CA PHE A 278 29.03 -40.70 105.65
C PHE A 278 28.79 -39.55 104.70
N PRO A 279 28.42 -38.40 105.28
CA PRO A 279 28.19 -37.21 104.39
C PRO A 279 29.52 -36.51 104.11
N ALA A 280 29.44 -35.58 103.17
CA ALA A 280 30.60 -34.80 102.81
C ALA A 280 31.66 -35.74 102.33
N VAL A 281 31.24 -36.75 101.58
CA VAL A 281 32.22 -37.61 100.91
C VAL A 281 31.95 -37.72 99.39
N ALA A 282 32.84 -37.18 98.57
CA ALA A 282 32.75 -37.37 97.11
C ALA A 282 33.24 -38.74 96.76
N CYS A 283 32.35 -39.57 96.21
CA CYS A 283 32.79 -40.82 95.60
C CYS A 283 33.19 -40.55 94.19
N GLU A 284 34.33 -41.08 93.79
CA GLU A 284 34.93 -40.67 92.54
C GLU A 284 35.08 -41.74 91.49
N ARG A 285 35.44 -42.94 91.89
CA ARG A 285 35.65 -43.99 90.91
C ARG A 285 35.33 -45.30 91.55
N VAL A 286 34.82 -46.22 90.74
CA VAL A 286 34.85 -47.65 91.11
C VAL A 286 35.99 -48.26 90.32
N VAL A 287 36.78 -49.11 90.98
CA VAL A 287 37.95 -49.70 90.37
C VAL A 287 37.56 -51.08 89.82
N ARG A 288 37.82 -51.27 88.55
CA ARG A 288 37.57 -52.52 87.85
C ARG A 288 38.79 -53.44 87.98
N ASN A 289 38.56 -54.75 88.07
CA ASN A 289 39.63 -55.72 87.88
C ASN A 289 40.04 -55.76 86.41
N ALA A 290 41.22 -56.28 86.13
CA ALA A 290 41.72 -56.40 84.77
C ALA A 290 40.74 -57.08 83.83
N LEU A 291 40.01 -58.07 84.31
CA LEU A 291 39.04 -58.79 83.44
C LEU A 291 37.71 -58.08 83.20
N ASN A 292 37.49 -57.00 83.89
CA ASN A 292 36.25 -56.28 83.81
C ASN A 292 35.07 -57.16 84.13
N SER A 293 35.19 -57.88 85.24
CA SER A 293 34.11 -58.75 85.73
C SER A 293 33.77 -58.51 87.22
N GLU A 294 34.46 -57.59 87.85
CA GLU A 294 34.24 -57.38 89.24
C GLU A 294 34.73 -56.00 89.58
N ILE A 295 34.06 -55.30 90.50
CA ILE A 295 34.58 -54.05 91.09
C ILE A 295 35.35 -54.39 92.36
N GLU A 296 36.53 -53.79 92.53
CA GLU A 296 37.45 -54.16 93.60
C GLU A 296 37.49 -53.17 94.74
N SER A 297 37.13 -51.92 94.52
CA SER A 297 36.93 -50.98 95.61
C SER A 297 36.29 -49.72 95.11
N LEU A 298 35.96 -48.88 96.08
CA LEU A 298 35.43 -47.57 95.78
C LEU A 298 36.39 -46.51 96.27
N HIS A 299 36.79 -45.64 95.35
CA HIS A 299 37.67 -44.54 95.69
C HIS A 299 36.85 -43.35 96.16
N ILE A 300 37.11 -42.91 97.39
CA ILE A 300 36.44 -41.75 97.92
C ILE A 300 37.41 -40.67 98.34
N HIS A 301 36.84 -39.48 98.41
CA HIS A 301 37.49 -38.24 98.87
C HIS A 301 36.59 -37.56 99.94
N ASP A 302 36.94 -37.76 101.20
CA ASP A 302 36.34 -37.10 102.34
C ASP A 302 36.70 -35.62 102.30
N LEU A 303 35.69 -34.79 102.11
CA LEU A 303 35.90 -33.37 101.85
C LEU A 303 36.19 -32.62 103.11
N ILE A 304 35.94 -33.21 104.25
CA ILE A 304 36.21 -32.47 105.52
C ILE A 304 37.70 -32.65 105.85
N SER A 305 38.12 -33.88 106.05
CA SER A 305 39.51 -34.19 106.38
C SER A 305 40.41 -34.01 105.16
N GLY A 306 39.88 -34.24 103.96
CA GLY A 306 40.65 -34.09 102.74
C GLY A 306 41.29 -35.39 102.30
N ASP A 307 41.10 -36.44 103.10
CA ASP A 307 41.73 -37.70 102.81
C ASP A 307 41.04 -38.41 101.66
N ARG A 308 41.79 -39.30 101.05
CA ARG A 308 41.33 -40.03 99.90
C ARG A 308 41.44 -41.47 100.27
N PHE A 309 40.43 -42.31 100.15
CA PHE A 309 40.57 -43.77 100.50
C PHE A 309 39.97 -44.71 99.46
N GLU A 310 40.22 -45.98 99.63
CA GLU A 310 39.65 -46.98 98.79
C GLU A 310 38.84 -47.85 99.75
N ILE A 311 37.53 -47.80 99.61
CA ILE A 311 36.58 -48.53 100.47
C ILE A 311 36.34 -49.91 99.82
N LYS A 312 36.36 -50.99 100.59
CA LYS A 312 36.09 -52.32 100.01
C LYS A 312 34.71 -52.82 100.47
N ALA A 313 33.97 -53.42 99.53
CA ALA A 313 32.72 -54.12 99.87
C ALA A 313 32.52 -55.31 98.96
N ASP A 314 31.50 -56.11 99.25
CA ASP A 314 31.13 -57.18 98.36
C ASP A 314 30.24 -56.65 97.22
N VAL A 315 29.41 -55.65 97.50
CA VAL A 315 28.44 -55.15 96.54
C VAL A 315 28.55 -53.64 96.44
N TYR A 316 28.57 -53.09 95.26
CA TYR A 316 28.67 -51.66 95.11
C TYR A 316 27.42 -51.22 94.37
N VAL A 317 26.71 -50.25 94.94
CA VAL A 317 25.47 -49.74 94.34
C VAL A 317 25.65 -48.26 94.04
N LEU A 318 25.36 -47.80 92.82
CA LEU A 318 25.51 -46.36 92.56
C LEU A 318 24.16 -45.80 92.45
N THR A 319 23.80 -44.91 93.38
CA THR A 319 22.50 -44.20 93.25
C THR A 319 22.71 -42.68 93.43
N ALA A 320 23.50 -42.12 92.54
CA ALA A 320 23.94 -40.72 92.70
C ALA A 320 23.21 -39.77 91.70
N GLY A 321 22.17 -40.24 91.03
CA GLY A 321 21.38 -39.37 90.18
C GLY A 321 21.68 -39.72 88.74
N ALA A 322 20.76 -39.38 87.85
CA ALA A 322 20.93 -39.83 86.49
C ALA A 322 22.17 -39.19 85.86
N VAL A 323 22.57 -38.00 86.31
CA VAL A 323 23.81 -37.36 85.83
C VAL A 323 25.07 -37.96 86.45
N HIS A 324 25.08 -38.06 87.80
CA HIS A 324 26.30 -38.32 88.49
C HIS A 324 26.69 -39.78 88.53
N ASN A 325 25.73 -40.67 88.29
CA ASN A 325 26.07 -42.08 88.19
C ASN A 325 26.87 -42.21 86.93
N THR A 326 26.38 -41.53 85.90
CA THR A 326 26.99 -41.61 84.63
C THR A 326 28.41 -41.04 84.69
N GLN A 327 28.57 -39.91 85.38
CA GLN A 327 29.89 -39.32 85.57
C GLN A 327 30.87 -40.30 86.32
N LEU A 328 30.41 -40.91 87.39
CA LEU A 328 31.34 -41.75 88.18
C LEU A 328 31.73 -42.90 87.29
N LEU A 329 30.76 -43.46 86.60
CA LEU A 329 31.03 -44.54 85.71
C LEU A 329 32.02 -44.21 84.61
N VAL A 330 31.80 -43.12 83.94
CA VAL A 330 32.77 -42.70 82.91
C VAL A 330 34.14 -42.40 83.50
N ASN A 331 34.20 -41.91 84.77
CA ASN A 331 35.45 -41.53 85.36
C ASN A 331 36.11 -42.82 85.77
N SER A 332 35.38 -43.94 85.69
CA SER A 332 35.94 -45.20 86.13
C SER A 332 36.34 -46.06 84.91
N GLY A 333 36.23 -45.55 83.68
CA GLY A 333 36.65 -46.30 82.51
C GLY A 333 35.50 -46.96 81.78
N PHE A 334 34.28 -46.67 82.23
CA PHE A 334 33.11 -47.17 81.51
C PHE A 334 32.77 -46.17 80.43
N GLY A 335 32.05 -46.60 79.40
CA GLY A 335 31.73 -45.76 78.28
C GLY A 335 32.97 -45.08 77.75
N GLN A 336 32.78 -43.86 77.27
CA GLN A 336 33.85 -43.11 76.65
C GLN A 336 33.96 -41.68 77.22
N LEU A 337 35.09 -41.36 77.82
CA LEU A 337 35.44 -39.98 78.18
C LEU A 337 35.63 -39.11 76.96
N GLY A 338 35.37 -37.81 77.09
CA GLY A 338 35.68 -36.88 76.05
C GLY A 338 34.60 -36.75 74.98
N ARG A 339 34.79 -35.81 74.05
CA ARG A 339 33.81 -35.63 73.00
C ARG A 339 33.56 -36.99 72.29
N PRO A 340 32.30 -37.37 72.10
CA PRO A 340 32.08 -38.70 71.56
C PRO A 340 32.68 -38.84 70.17
N ASN A 341 33.35 -39.94 69.95
CA ASN A 341 33.94 -40.16 68.66
C ASN A 341 33.73 -41.61 68.23
N PRO A 342 32.75 -41.83 67.33
CA PRO A 342 32.22 -43.09 66.83
C PRO A 342 33.30 -44.05 66.28
N ALA A 343 34.17 -43.48 65.46
CA ALA A 343 35.29 -44.24 64.95
C ALA A 343 36.20 -44.73 66.09
N ASN A 344 35.87 -44.46 67.34
CA ASN A 344 36.63 -45.08 68.44
C ASN A 344 35.75 -45.61 69.61
N PRO A 345 34.96 -46.65 69.32
CA PRO A 345 33.99 -47.19 70.31
C PRO A 345 34.65 -47.65 71.61
N PRO A 346 33.96 -47.47 72.75
CA PRO A 346 34.51 -47.87 74.04
C PRO A 346 34.49 -49.40 74.35
N GLU A 347 35.48 -49.87 75.11
CA GLU A 347 35.50 -51.21 75.65
C GLU A 347 34.15 -51.59 76.26
N LEU A 348 33.68 -50.79 77.21
CA LEU A 348 32.60 -51.18 78.08
C LEU A 348 31.47 -50.23 77.94
N LEU A 349 30.28 -50.79 77.98
CA LEU A 349 29.06 -50.00 78.05
C LEU A 349 28.92 -48.93 76.96
N PRO A 350 29.07 -49.34 75.70
CA PRO A 350 29.01 -48.37 74.65
C PRO A 350 27.71 -47.55 74.65
N SER A 351 26.68 -47.99 75.32
CA SER A 351 25.43 -47.25 75.34
C SER A 351 25.35 -46.19 76.47
N LEU A 352 26.27 -46.20 77.42
CA LEU A 352 26.23 -45.27 78.51
C LEU A 352 26.26 -43.87 77.95
N GLY A 353 25.38 -43.05 78.47
CA GLY A 353 25.33 -41.68 78.10
C GLY A 353 24.54 -41.40 76.86
N SER A 354 24.04 -42.46 76.23
CA SER A 354 23.29 -42.33 75.00
C SER A 354 21.86 -42.72 75.24
N TYR A 355 20.98 -42.31 74.33
CA TYR A 355 19.56 -42.59 74.41
C TYR A 355 18.95 -41.85 75.60
N ILE A 356 19.60 -40.85 76.11
CA ILE A 356 18.99 -40.06 77.18
C ILE A 356 17.69 -39.41 76.73
N THR A 357 16.81 -39.28 77.70
CA THR A 357 15.50 -38.72 77.49
C THR A 357 15.25 -37.69 78.58
N GLU A 358 14.73 -36.55 78.10
CA GLU A 358 14.17 -35.57 78.99
C GLU A 358 12.76 -35.22 78.50
N GLN A 359 11.86 -34.95 79.46
CA GLN A 359 10.49 -34.55 79.05
C GLN A 359 10.34 -33.13 78.57
N SER A 360 9.49 -32.95 77.56
CA SER A 360 8.96 -31.63 77.28
C SER A 360 8.00 -31.23 78.40
N LEU A 361 8.07 -29.98 78.85
CA LEU A 361 7.20 -29.46 79.89
C LEU A 361 6.55 -28.18 79.45
N VAL A 362 5.21 -28.22 79.44
CA VAL A 362 4.44 -26.96 79.27
C VAL A 362 3.76 -26.53 80.60
N PHE A 363 3.60 -25.23 80.72
CA PHE A 363 3.13 -24.63 81.95
C PHE A 363 2.31 -23.37 81.69
N CYS A 364 1.32 -23.17 82.54
CA CYS A 364 0.66 -21.90 82.68
C CYS A 364 0.01 -21.84 84.05
N GLN A 365 -0.58 -20.68 84.35
CA GLN A 365 -1.46 -20.60 85.53
C GLN A 365 -2.82 -20.05 85.05
N THR A 366 -3.91 -20.37 85.74
CA THR A 366 -5.22 -19.85 85.40
C THR A 366 -5.74 -19.08 86.61
N VAL A 367 -6.62 -18.10 86.33
CA VAL A 367 -7.41 -17.39 87.32
C VAL A 367 -8.90 -17.87 87.15
N MET A 368 -9.39 -18.59 88.16
CA MET A 368 -10.70 -19.23 88.23
C MET A 368 -11.84 -18.43 87.65
N SER A 369 -12.61 -19.07 86.79
CA SER A 369 -13.78 -18.44 86.13
C SER A 369 -14.78 -17.87 87.15
N THR A 370 -15.39 -16.73 86.87
CA THR A 370 -16.52 -16.28 87.66
C THR A 370 -17.53 -17.43 87.96
N GLU A 371 -17.92 -18.16 86.93
CA GLU A 371 -18.88 -19.25 87.12
C GLU A 371 -18.54 -20.23 88.25
N LEU A 372 -17.33 -20.79 88.23
CA LEU A 372 -16.92 -21.71 89.25
C LEU A 372 -16.90 -21.07 90.60
N ILE A 373 -16.35 -19.84 90.74
CA ILE A 373 -16.36 -19.15 92.04
C ILE A 373 -17.79 -19.07 92.60
N ASP A 374 -18.75 -18.61 91.79
CA ASP A 374 -20.16 -18.50 92.23
C ASP A 374 -20.67 -19.89 92.62
N SER A 375 -20.31 -20.92 91.83
CA SER A 375 -20.75 -22.27 92.11
C SER A 375 -20.32 -22.71 93.51
N VAL A 376 -19.16 -22.28 94.00
CA VAL A 376 -18.78 -22.58 95.40
C VAL A 376 -19.90 -22.28 96.39
N LYS A 377 -20.74 -21.30 96.10
CA LYS A 377 -21.74 -20.82 97.03
C LYS A 377 -23.20 -20.96 96.52
N SER A 378 -23.39 -21.92 95.64
CA SER A 378 -24.65 -22.11 94.93
C SER A 378 -25.73 -22.56 95.90
N ASP A 379 -25.33 -23.24 96.98
CA ASP A 379 -26.27 -23.79 97.96
C ASP A 379 -26.61 -22.78 99.08
N MET A 380 -26.04 -21.58 98.95
CA MET A 380 -26.19 -20.55 99.98
C MET A 380 -27.42 -19.63 99.71
N THR A 381 -28.18 -19.38 100.79
CA THR A 381 -29.16 -18.32 100.86
C THR A 381 -28.52 -17.09 101.51
N ILE A 382 -28.56 -15.97 100.80
CA ILE A 382 -27.78 -14.80 101.13
C ILE A 382 -28.70 -13.63 101.48
N ARG A 383 -28.91 -13.41 102.77
CA ARG A 383 -29.75 -12.29 103.25
C ARG A 383 -28.93 -11.06 103.64
N GLY A 384 -29.48 -9.87 103.36
CA GLY A 384 -28.84 -8.63 103.78
C GLY A 384 -27.50 -8.42 103.08
N THR A 385 -26.67 -7.54 103.63
CA THR A 385 -25.43 -7.18 102.95
C THR A 385 -24.22 -7.32 103.89
N PRO A 386 -23.09 -7.83 103.36
CA PRO A 386 -22.00 -8.15 104.25
C PRO A 386 -21.63 -6.97 105.10
N GLY A 387 -21.39 -7.21 106.39
CA GLY A 387 -20.82 -6.18 107.25
C GLY A 387 -21.84 -5.62 108.21
N GLU A 388 -23.11 -5.71 107.85
CA GLU A 388 -24.12 -5.18 108.75
C GLU A 388 -24.70 -6.28 109.65
N LEU A 389 -25.25 -5.83 110.77
CA LEU A 389 -25.69 -6.67 111.85
C LEU A 389 -26.77 -7.65 111.37
N THR A 390 -27.25 -7.45 110.14
CA THR A 390 -28.32 -8.28 109.57
C THR A 390 -27.88 -9.51 108.74
N TYR A 391 -26.78 -9.36 107.97
CA TYR A 391 -26.30 -10.33 106.97
C TYR A 391 -26.43 -11.72 107.45
N SER A 392 -27.20 -12.52 106.72
CA SER A 392 -27.16 -13.96 106.93
C SER A 392 -26.78 -14.70 105.65
N VAL A 393 -26.05 -15.79 105.86
CA VAL A 393 -25.70 -16.74 104.80
C VAL A 393 -26.07 -18.08 105.38
N THR A 394 -26.99 -18.79 104.74
CA THR A 394 -27.40 -20.08 105.32
C THR A 394 -27.53 -21.13 104.25
N TYR A 395 -27.59 -22.39 104.68
CA TYR A 395 -27.92 -23.47 103.76
C TYR A 395 -28.78 -24.40 104.56
N THR A 396 -29.39 -25.40 103.91
CA THR A 396 -30.02 -26.49 104.67
C THR A 396 -29.33 -27.82 104.41
N PRO A 397 -28.86 -28.45 105.51
CA PRO A 397 -28.03 -29.66 105.51
C PRO A 397 -28.74 -30.92 104.97
N GLY A 398 -28.22 -31.55 103.91
CA GLY A 398 -28.85 -32.79 103.44
C GLY A 398 -29.96 -32.55 102.44
N ALA A 399 -30.31 -31.30 102.18
CA ALA A 399 -31.23 -30.99 101.09
C ALA A 399 -30.73 -31.59 99.77
N SER A 400 -31.66 -32.11 98.97
CA SER A 400 -31.29 -32.87 97.77
C SER A 400 -31.10 -31.96 96.56
N THR A 401 -31.56 -30.70 96.67
CA THR A 401 -31.25 -29.68 95.67
C THR A 401 -29.82 -29.26 95.80
N ASN A 402 -29.23 -29.55 96.96
CA ASN A 402 -27.87 -29.09 97.26
C ASN A 402 -26.84 -29.66 96.28
N LYS A 403 -26.07 -28.77 95.63
CA LYS A 403 -24.96 -29.22 94.78
C LYS A 403 -23.72 -29.75 95.52
N HIS A 404 -23.51 -29.43 96.79
CA HIS A 404 -22.24 -29.70 97.46
C HIS A 404 -22.63 -30.37 98.78
N PRO A 405 -21.76 -31.21 99.39
CA PRO A 405 -21.95 -31.81 100.75
C PRO A 405 -21.89 -30.88 101.94
N ASP A 406 -22.41 -31.38 103.04
CA ASP A 406 -22.60 -30.55 104.20
C ASP A 406 -21.28 -29.97 104.60
N TRP A 407 -20.22 -30.79 104.53
CA TRP A 407 -18.93 -30.42 105.09
C TRP A 407 -18.34 -29.16 104.40
N TRP A 408 -18.68 -29.03 103.11
CA TRP A 408 -18.24 -27.99 102.19
C TRP A 408 -19.09 -26.74 102.42
N ASN A 409 -20.40 -26.89 102.37
CA ASN A 409 -21.27 -25.77 102.70
C ASN A 409 -20.99 -25.24 104.11
N GLU A 410 -20.69 -26.08 105.07
CA GLU A 410 -20.47 -25.56 106.38
C GLU A 410 -19.25 -24.62 106.30
N LYS A 411 -18.17 -25.09 105.69
CA LYS A 411 -16.94 -24.31 105.65
C LYS A 411 -17.19 -22.99 104.90
N VAL A 412 -17.99 -23.05 103.85
CA VAL A 412 -18.25 -21.88 103.07
C VAL A 412 -19.08 -20.91 103.89
N LYS A 413 -20.21 -21.37 104.45
CA LYS A 413 -20.99 -20.55 105.35
C LYS A 413 -20.08 -19.77 106.33
N ASN A 414 -19.25 -20.49 107.09
CA ASN A 414 -18.48 -19.84 108.14
C ASN A 414 -17.45 -18.81 107.65
N HIS A 415 -16.79 -19.11 106.53
CA HIS A 415 -15.88 -18.20 105.95
C HIS A 415 -16.68 -16.95 105.53
N MET A 416 -17.87 -17.15 104.94
CA MET A 416 -18.63 -15.99 104.43
C MET A 416 -19.14 -15.11 105.56
N MET A 417 -19.41 -15.73 106.72
CA MET A 417 -19.94 -14.98 107.85
C MET A 417 -18.88 -14.34 108.68
N GLN A 418 -17.72 -14.99 108.73
CA GLN A 418 -16.64 -14.49 109.56
C GLN A 418 -15.76 -13.48 108.88
N HIS A 419 -15.82 -13.45 107.57
CA HIS A 419 -14.98 -12.53 106.85
C HIS A 419 -15.87 -11.82 105.89
N GLN A 420 -16.79 -11.06 106.44
CA GLN A 420 -17.70 -10.38 105.56
C GLN A 420 -17.01 -9.32 104.75
N GLU A 421 -15.79 -8.92 105.11
CA GLU A 421 -15.00 -8.07 104.25
C GLU A 421 -14.44 -8.78 103.02
N ASP A 422 -14.51 -10.12 102.98
CA ASP A 422 -13.82 -10.86 101.90
C ASP A 422 -14.74 -11.20 100.70
N PRO A 423 -14.36 -10.81 99.49
CA PRO A 423 -15.35 -10.98 98.42
C PRO A 423 -15.43 -12.41 97.88
N LEU A 424 -14.79 -13.38 98.52
CA LEU A 424 -14.74 -14.71 97.93
C LEU A 424 -15.17 -15.73 98.94
N PRO A 425 -15.70 -16.86 98.43
CA PRO A 425 -16.39 -17.85 99.18
C PRO A 425 -15.50 -19.00 99.58
N ILE A 426 -14.27 -19.04 99.08
CA ILE A 426 -13.36 -20.09 99.48
C ILE A 426 -12.65 -19.68 100.78
N PRO A 427 -12.62 -20.57 101.77
CA PRO A 427 -11.88 -20.24 102.98
C PRO A 427 -10.37 -20.09 102.83
N PHE A 428 -9.81 -19.30 103.71
CA PHE A 428 -8.43 -18.94 103.60
C PHE A 428 -7.52 -20.10 103.88
N GLU A 429 -7.91 -21.05 104.74
CA GLU A 429 -7.02 -22.20 105.06
C GLU A 429 -7.30 -23.40 104.14
N ASP A 430 -8.04 -23.18 103.04
CA ASP A 430 -8.49 -24.29 102.17
C ASP A 430 -7.26 -24.82 101.39
N PRO A 431 -6.94 -26.13 101.57
CA PRO A 431 -5.75 -26.70 100.92
C PRO A 431 -5.85 -26.63 99.42
N GLU A 432 -4.72 -26.76 98.73
CA GLU A 432 -4.56 -26.59 97.27
C GLU A 432 -5.23 -27.68 96.45
N PRO A 433 -5.64 -27.37 95.20
CA PRO A 433 -6.01 -28.42 94.27
C PRO A 433 -4.82 -29.40 93.93
N GLN A 434 -5.11 -30.68 93.76
CA GLN A 434 -4.09 -31.69 93.41
C GLN A 434 -4.64 -32.69 92.41
N VAL A 435 -4.84 -32.25 91.19
CA VAL A 435 -5.65 -33.03 90.27
C VAL A 435 -4.85 -33.50 89.07
N THR A 436 -5.17 -34.70 88.60
CA THR A 436 -4.55 -35.20 87.41
C THR A 436 -5.48 -35.95 86.53
N THR A 437 -5.27 -35.89 85.20
CA THR A 437 -5.69 -36.99 84.32
C THR A 437 -4.44 -37.73 83.78
N LEU A 438 -4.34 -39.00 84.14
CA LEU A 438 -3.08 -39.72 83.93
C LEU A 438 -2.89 -39.92 82.43
N PHE A 439 -1.64 -40.05 81.97
CA PHE A 439 -1.26 -40.46 80.61
C PHE A 439 -2.14 -41.58 80.00
N GLN A 440 -2.58 -41.37 78.76
CA GLN A 440 -3.35 -42.39 78.02
C GLN A 440 -3.02 -42.30 76.57
N PRO A 441 -3.27 -43.36 75.78
CA PRO A 441 -2.94 -43.26 74.39
C PRO A 441 -3.49 -42.04 73.74
N SER A 442 -4.68 -41.61 74.09
CA SER A 442 -5.27 -40.54 73.32
C SER A 442 -4.78 -39.22 73.90
N HIS A 443 -4.20 -39.26 75.10
CA HIS A 443 -3.61 -38.08 75.62
C HIS A 443 -2.32 -38.46 76.30
N PRO A 444 -1.27 -38.66 75.50
CA PRO A 444 -0.01 -39.19 75.95
C PRO A 444 0.88 -38.11 76.56
N TRP A 445 0.38 -37.57 77.66
CA TRP A 445 1.13 -36.77 78.54
C TRP A 445 0.62 -36.95 79.95
N HIS A 446 1.47 -36.73 80.92
CA HIS A 446 1.01 -36.72 82.31
C HIS A 446 0.58 -35.27 82.61
N THR A 447 -0.32 -35.09 83.56
CA THR A 447 -0.87 -33.78 83.84
C THR A 447 -0.94 -33.56 85.33
N GLN A 448 -0.62 -32.34 85.74
CA GLN A 448 -0.80 -31.85 87.12
C GLN A 448 -1.55 -30.54 87.09
N ILE A 449 -2.70 -30.54 87.76
CA ILE A 449 -3.60 -29.35 87.88
C ILE A 449 -3.71 -29.03 89.35
N HIS A 450 -2.91 -28.07 89.84
CA HIS A 450 -2.43 -28.14 91.23
C HIS A 450 -1.79 -26.80 91.70
N ARG A 451 -1.10 -26.79 92.82
CA ARG A 451 -0.32 -25.62 93.15
C ARG A 451 1.03 -26.03 93.66
N ASP A 452 2.08 -25.61 92.98
CA ASP A 452 3.44 -25.82 93.53
C ASP A 452 3.87 -24.51 94.21
N ALA A 453 4.87 -24.63 95.09
CA ALA A 453 5.64 -23.49 95.52
C ALA A 453 5.88 -22.69 94.27
N PHE A 454 5.60 -21.38 94.33
CA PHE A 454 5.83 -20.49 93.19
C PHE A 454 6.33 -19.10 93.63
N SER A 455 7.31 -18.56 92.90
CA SER A 455 7.75 -17.15 93.15
C SER A 455 6.93 -16.16 92.35
N TRP A 456 5.95 -15.53 92.99
CA TRP A 456 5.05 -14.62 92.30
C TRP A 456 5.71 -13.32 91.81
N GLY A 457 5.59 -13.00 90.52
CA GLY A 457 5.82 -11.61 90.10
C GLY A 457 4.87 -10.78 90.96
N ALA A 458 5.24 -9.61 91.44
CA ALA A 458 4.29 -8.93 92.32
C ALA A 458 3.05 -8.31 91.59
N VAL A 459 3.07 -8.22 90.26
CA VAL A 459 1.87 -7.84 89.50
C VAL A 459 0.93 -9.03 89.60
N GLN A 460 1.49 -10.24 89.51
CA GLN A 460 0.73 -11.46 89.78
C GLN A 460 0.26 -11.56 91.26
N GLN A 461 0.85 -10.77 92.17
CA GLN A 461 0.43 -10.84 93.56
C GLN A 461 -0.80 -10.03 93.78
N SER A 462 -1.15 -9.26 92.76
CA SER A 462 -2.39 -8.54 92.74
C SER A 462 -3.56 -9.52 92.77
N ILE A 463 -3.37 -10.70 92.17
CA ILE A 463 -4.43 -11.69 92.10
C ILE A 463 -4.49 -12.57 93.36
N ASP A 464 -5.65 -12.68 93.98
CA ASP A 464 -5.82 -13.54 95.14
C ASP A 464 -5.48 -15.04 94.89
N SER A 465 -4.61 -15.65 95.70
CA SER A 465 -4.13 -16.98 95.28
C SER A 465 -5.16 -18.09 95.37
N ARG A 466 -6.28 -17.90 96.06
CA ARG A 466 -7.29 -18.93 96.01
C ARG A 466 -7.85 -19.21 94.57
N LEU A 467 -7.56 -18.31 93.64
CA LEU A 467 -8.16 -18.29 92.27
C LEU A 467 -7.20 -18.94 91.30
N ILE A 468 -5.95 -19.11 91.72
CA ILE A 468 -4.87 -19.46 90.81
C ILE A 468 -4.63 -20.94 90.90
N VAL A 469 -4.41 -21.53 89.74
CA VAL A 469 -4.25 -22.95 89.63
C VAL A 469 -3.14 -23.10 88.67
N ASP A 470 -2.20 -23.99 88.98
CA ASP A 470 -1.06 -24.30 88.10
C ASP A 470 -1.42 -25.41 87.11
N TRP A 471 -0.93 -25.29 85.87
CA TRP A 471 -1.07 -26.35 84.88
C TRP A 471 0.31 -26.77 84.37
N ARG A 472 0.65 -28.05 84.54
CA ARG A 472 1.87 -28.63 84.04
C ARG A 472 1.56 -29.89 83.30
N PHE A 473 1.84 -29.94 82.01
CA PHE A 473 1.60 -31.13 81.25
C PHE A 473 3.01 -31.67 80.88
N PHE A 474 3.24 -32.99 80.97
CA PHE A 474 4.59 -33.55 80.83
C PHE A 474 4.60 -34.55 79.68
N GLY A 475 5.47 -34.26 78.70
CA GLY A 475 5.57 -35.09 77.49
C GLY A 475 6.54 -36.27 77.58
N ARG A 476 6.40 -37.22 76.68
CA ARG A 476 7.32 -38.37 76.66
C ARG A 476 8.22 -38.21 75.48
N THR A 477 9.50 -38.53 75.68
CA THR A 477 10.49 -38.33 74.64
C THR A 477 11.08 -39.65 74.19
N GLU A 478 11.07 -39.91 72.90
CA GLU A 478 11.72 -41.12 72.28
C GLU A 478 13.23 -41.21 72.61
N PRO A 479 13.67 -42.38 73.08
CA PRO A 479 15.08 -42.62 73.30
C PRO A 479 15.85 -42.67 71.99
N LYS A 480 16.84 -41.82 71.72
CA LYS A 480 17.51 -41.82 70.43
C LYS A 480 18.98 -41.81 70.69
N GLU A 481 19.76 -42.47 69.82
CA GLU A 481 21.17 -42.75 70.13
C GLU A 481 21.89 -41.45 70.19
N GLU A 482 21.52 -40.55 69.31
CA GLU A 482 22.26 -39.31 69.19
C GLU A 482 22.09 -38.37 70.34
N ASN A 483 21.03 -38.54 71.13
CA ASN A 483 20.84 -37.72 72.30
C ASN A 483 21.69 -38.23 73.46
N LYS A 484 22.58 -37.38 73.93
CA LYS A 484 23.72 -37.86 74.72
C LYS A 484 24.12 -36.95 75.88
N LEU A 485 24.64 -37.60 76.92
CA LEU A 485 25.29 -36.94 78.03
C LEU A 485 26.68 -37.53 78.04
N TRP A 486 27.67 -36.67 77.94
CA TRP A 486 29.05 -37.07 77.91
C TRP A 486 29.87 -36.10 78.80
N PHE A 487 31.12 -36.46 79.02
CA PHE A 487 31.99 -35.80 80.00
C PHE A 487 33.32 -35.43 79.36
N SER A 488 33.77 -34.19 79.63
CA SER A 488 34.95 -33.61 79.00
C SER A 488 36.17 -34.33 79.48
N ASP A 489 37.16 -34.52 78.60
CA ASP A 489 38.44 -35.03 79.05
C ASP A 489 39.40 -33.93 79.60
N LYS A 490 38.92 -32.69 79.61
CA LYS A 490 39.75 -31.53 79.91
C LYS A 490 39.06 -30.63 80.99
N ILE A 491 37.83 -30.21 80.74
CA ILE A 491 37.10 -29.42 81.66
C ILE A 491 36.61 -30.23 82.87
N THR A 492 36.70 -29.67 84.06
CA THR A 492 36.19 -30.36 85.25
C THR A 492 35.21 -29.46 86.08
N ASP A 493 34.43 -30.05 86.98
CA ASP A 493 33.40 -29.33 87.68
C ASP A 493 33.89 -28.92 89.09
N ALA A 494 32.99 -28.36 89.89
CA ALA A 494 33.31 -27.89 91.21
C ALA A 494 33.88 -28.98 92.15
N TYR A 495 33.73 -30.25 91.80
CA TYR A 495 34.38 -31.31 92.56
C TYR A 495 35.51 -32.00 91.85
N ASN A 496 35.97 -31.41 90.77
CA ASN A 496 37.06 -31.98 90.07
C ASN A 496 36.83 -33.28 89.31
N MET A 497 35.64 -33.41 88.78
CA MET A 497 35.24 -34.59 88.13
C MET A 497 35.02 -34.10 86.76
N PRO A 498 34.95 -35.03 85.81
CA PRO A 498 34.85 -34.65 84.43
C PRO A 498 33.58 -33.90 84.15
N GLN A 499 33.64 -32.79 83.44
CA GLN A 499 32.50 -31.92 83.33
C GLN A 499 31.41 -32.45 82.42
N PRO A 500 30.16 -32.48 82.91
CA PRO A 500 28.98 -32.91 82.16
C PRO A 500 28.63 -31.99 80.98
N THR A 501 28.38 -32.59 79.82
CA THR A 501 27.99 -31.87 78.61
C THR A 501 26.83 -32.61 77.95
N PHE A 502 25.76 -31.90 77.58
CA PHE A 502 24.63 -32.47 76.87
C PHE A 502 24.68 -32.20 75.40
N ASP A 503 24.29 -33.17 74.61
CA ASP A 503 24.02 -32.91 73.23
C ASP A 503 22.67 -33.51 72.91
N PHE A 504 21.67 -32.66 72.95
CA PHE A 504 20.33 -33.12 73.06
C PHE A 504 19.43 -32.22 72.28
N ARG A 505 18.51 -32.86 71.55
CA ARG A 505 17.35 -32.19 70.97
C ARG A 505 16.14 -33.10 71.16
N PHE A 506 14.96 -32.50 71.30
CA PHE A 506 13.75 -33.28 71.30
C PHE A 506 13.56 -33.92 69.95
N PRO A 507 13.54 -35.25 69.90
CA PRO A 507 13.51 -35.84 68.58
C PRO A 507 12.36 -35.33 67.74
N ALA A 508 12.64 -35.22 66.45
CA ALA A 508 11.61 -35.11 65.43
C ALA A 508 10.66 -36.34 65.43
N GLY A 509 9.49 -36.13 64.90
CA GLY A 509 8.55 -37.19 64.80
C GLY A 509 7.59 -37.04 65.97
N ARG A 510 7.13 -38.16 66.50
CA ARG A 510 6.11 -38.21 67.51
C ARG A 510 6.44 -37.34 68.74
N THR A 511 7.71 -37.32 69.18
CA THR A 511 8.10 -36.55 70.34
C THR A 511 7.71 -35.09 70.19
N SER A 512 7.95 -34.56 68.99
CA SER A 512 7.65 -33.18 68.67
C SER A 512 6.17 -32.93 68.38
N LYS A 513 5.52 -33.82 67.66
CA LYS A 513 4.13 -33.66 67.43
C LYS A 513 3.35 -33.74 68.73
N GLU A 514 3.64 -34.72 69.57
CA GLU A 514 3.01 -34.78 70.91
C GLU A 514 3.28 -33.58 71.77
N ALA A 515 4.49 -33.02 71.65
CA ALA A 515 4.80 -31.92 72.55
C ALA A 515 3.89 -30.72 72.13
N GLU A 516 3.74 -30.54 70.82
CA GLU A 516 2.91 -29.44 70.38
C GLU A 516 1.45 -29.75 70.68
N ASP A 517 1.02 -30.98 70.44
CA ASP A 517 -0.32 -31.36 70.70
C ASP A 517 -0.62 -31.18 72.16
N MET A 518 0.32 -31.60 73.02
CA MET A 518 0.22 -31.44 74.49
C MET A 518 -0.03 -29.99 74.94
N MET A 519 0.74 -29.08 74.34
CA MET A 519 0.56 -27.67 74.68
C MET A 519 -0.88 -27.23 74.29
N THR A 520 -1.38 -27.69 73.15
CA THR A 520 -2.71 -27.27 72.72
C THR A 520 -3.75 -27.80 73.72
N ASP A 521 -3.53 -29.03 74.19
CA ASP A 521 -4.48 -29.65 75.05
C ASP A 521 -4.55 -28.94 76.38
N MET A 522 -3.41 -28.47 76.90
CA MET A 522 -3.38 -27.62 78.11
C MET A 522 -4.12 -26.31 77.90
N CYS A 523 -3.89 -25.64 76.81
CA CYS A 523 -4.70 -24.47 76.47
C CYS A 523 -6.21 -24.76 76.45
N VAL A 524 -6.59 -25.90 75.85
CA VAL A 524 -8.03 -26.30 75.74
C VAL A 524 -8.63 -26.69 77.11
N MET A 525 -7.88 -27.46 77.88
CA MET A 525 -8.37 -27.93 79.16
C MET A 525 -8.41 -26.81 80.15
N SER A 526 -7.35 -26.03 80.24
CA SER A 526 -7.24 -25.00 81.25
C SER A 526 -8.36 -24.04 81.09
N ALA A 527 -8.70 -23.74 79.84
CA ALA A 527 -9.77 -22.82 79.50
C ALA A 527 -11.07 -23.15 80.19
N LYS A 528 -11.27 -24.42 80.47
CA LYS A 528 -12.49 -24.80 81.14
C LYS A 528 -12.52 -24.39 82.59
N ILE A 529 -11.38 -24.03 83.18
CA ILE A 529 -11.33 -23.70 84.60
C ILE A 529 -11.26 -22.18 84.83
N GLY A 530 -10.57 -21.52 83.92
CA GLY A 530 -10.50 -20.07 83.91
C GLY A 530 -9.46 -19.70 82.88
N GLY A 531 -9.20 -18.41 82.74
CA GLY A 531 -8.34 -17.93 81.70
C GLY A 531 -6.98 -17.76 82.29
N PHE A 532 -5.97 -17.61 81.42
CA PHE A 532 -4.56 -17.64 81.87
C PHE A 532 -4.27 -16.44 82.74
N LEU A 533 -3.39 -16.59 83.71
CA LEU A 533 -2.89 -15.47 84.46
C LEU A 533 -1.77 -14.75 83.73
N PRO A 534 -1.98 -13.44 83.42
CA PRO A 534 -0.90 -12.55 82.94
C PRO A 534 0.39 -12.82 83.68
N GLY A 535 1.46 -12.96 82.90
CA GLY A 535 2.76 -13.30 83.42
C GLY A 535 3.05 -14.79 83.59
N SER A 536 2.02 -15.64 83.44
CA SER A 536 2.17 -17.11 83.53
C SER A 536 1.42 -17.71 82.31
N LEU A 537 1.73 -17.15 81.16
CA LEU A 537 1.05 -17.64 79.94
C LEU A 537 1.58 -19.00 79.44
N PRO A 538 0.75 -19.74 78.73
CA PRO A 538 1.20 -21.07 78.27
C PRO A 538 2.60 -21.04 77.62
N GLN A 539 3.52 -21.88 78.08
CA GLN A 539 4.85 -21.91 77.52
C GLN A 539 5.50 -23.25 77.68
N PHE A 540 6.48 -23.53 76.83
CA PHE A 540 7.45 -24.55 77.18
C PHE A 540 8.46 -24.06 78.18
N MET A 541 8.75 -24.90 79.14
CA MET A 541 9.77 -24.53 80.08
C MET A 541 11.15 -24.93 79.53
N GLU A 542 12.19 -24.38 80.15
CA GLU A 542 13.59 -24.53 79.79
C GLU A 542 13.94 -26.01 79.79
N PRO A 543 14.56 -26.50 78.71
CA PRO A 543 14.74 -27.91 78.65
C PRO A 543 15.52 -28.44 79.87
N GLY A 544 14.93 -29.42 80.51
CA GLY A 544 15.54 -30.08 81.63
C GLY A 544 15.18 -29.50 82.98
N LEU A 545 14.43 -28.40 82.98
CA LEU A 545 14.03 -27.72 84.21
C LEU A 545 13.12 -28.70 84.96
N VAL A 546 12.45 -29.51 84.16
CA VAL A 546 11.50 -30.50 84.69
C VAL A 546 12.21 -31.56 85.59
N LEU A 547 13.49 -31.77 85.35
CA LEU A 547 14.30 -32.71 86.14
C LEU A 547 13.81 -34.14 86.09
N HIS A 548 13.54 -34.67 84.90
CA HIS A 548 12.97 -36.02 84.80
C HIS A 548 13.75 -36.80 83.80
N LEU A 549 15.07 -36.59 83.88
CA LEU A 549 16.01 -37.13 82.95
C LEU A 549 16.16 -38.63 83.17
N GLY A 550 16.07 -39.42 82.11
CA GLY A 550 16.43 -40.80 82.26
C GLY A 550 17.24 -41.41 81.16
N GLY A 551 17.38 -42.71 81.24
CA GLY A 551 18.02 -43.42 80.18
C GLY A 551 19.50 -43.12 80.03
N THR A 552 20.11 -42.47 81.01
CA THR A 552 21.55 -42.22 80.95
C THR A 552 22.37 -43.50 81.18
N HIS A 553 21.76 -44.50 81.83
CA HIS A 553 22.43 -45.73 82.07
C HIS A 553 21.42 -46.84 82.05
N ARG A 554 20.82 -46.94 80.87
CA ARG A 554 19.48 -47.55 80.66
C ARG A 554 19.48 -49.06 80.79
N MET A 555 18.33 -49.58 81.24
CA MET A 555 18.09 -51.00 81.48
C MET A 555 17.50 -51.66 80.26
N GLY A 556 17.82 -52.94 80.10
CA GLY A 556 17.25 -53.83 79.03
C GLY A 556 17.64 -55.31 79.29
N PHE A 557 17.08 -56.21 78.49
CA PHE A 557 17.36 -57.67 78.65
C PHE A 557 18.77 -57.99 78.15
N ASP A 558 19.17 -57.36 77.06
CA ASP A 558 20.40 -57.74 76.35
C ASP A 558 21.23 -56.50 75.99
N GLU A 559 22.48 -56.47 76.42
CA GLU A 559 23.31 -55.28 76.22
C GLU A 559 23.29 -54.72 74.79
N LYS A 560 23.54 -55.59 73.81
CA LYS A 560 23.73 -55.16 72.49
C LYS A 560 22.34 -54.83 71.86
N GLU A 561 21.49 -55.83 71.80
CA GLU A 561 20.19 -55.74 71.19
C GLU A 561 19.25 -54.65 71.67
N ASP A 562 19.30 -54.34 72.96
CA ASP A 562 18.46 -53.33 73.58
C ASP A 562 19.24 -52.07 73.94
N ASN A 563 20.45 -51.93 73.42
CA ASN A 563 21.32 -50.77 73.64
C ASN A 563 21.27 -50.20 75.04
N CYS A 564 21.89 -50.91 76.00
CA CYS A 564 21.62 -50.71 77.41
C CYS A 564 22.85 -51.09 78.28
N CYS A 565 22.80 -50.73 79.57
CA CYS A 565 23.95 -50.72 80.48
C CYS A 565 23.78 -51.66 81.65
N VAL A 566 22.54 -51.79 82.14
CA VAL A 566 22.17 -52.76 83.17
C VAL A 566 21.02 -53.69 82.70
N ASN A 567 20.94 -54.89 83.27
CA ASN A 567 19.77 -55.80 83.03
C ASN A 567 18.66 -55.52 84.05
N THR A 568 17.67 -56.39 84.08
CA THR A 568 16.45 -56.11 84.79
C THR A 568 16.64 -56.26 86.30
N ASP A 569 17.83 -56.71 86.67
CA ASP A 569 18.30 -56.63 88.03
C ASP A 569 19.14 -55.33 88.31
N SER A 570 19.21 -54.40 87.35
CA SER A 570 20.04 -53.18 87.52
C SER A 570 21.51 -53.53 87.83
N ARG A 571 21.88 -54.72 87.43
CA ARG A 571 23.23 -55.12 87.37
C ARG A 571 23.93 -54.74 86.06
N VAL A 572 25.07 -54.09 86.20
CA VAL A 572 25.87 -53.70 85.05
C VAL A 572 26.40 -54.95 84.36
N PHE A 573 26.08 -55.09 83.06
CA PHE A 573 26.55 -56.24 82.27
C PHE A 573 28.04 -56.47 82.42
N GLY A 574 28.40 -57.74 82.55
CA GLY A 574 29.78 -58.14 82.70
C GLY A 574 30.26 -58.25 84.16
N PHE A 575 29.61 -57.49 85.03
CA PHE A 575 30.07 -57.28 86.37
C PHE A 575 29.26 -57.98 87.42
N LYS A 576 29.96 -58.63 88.33
CA LYS A 576 29.26 -59.48 89.25
C LYS A 576 28.47 -58.64 90.26
N ASN A 577 29.07 -57.53 90.67
CA ASN A 577 28.76 -56.92 91.96
C ASN A 577 28.54 -55.42 91.89
N LEU A 578 28.13 -54.93 90.75
CA LEU A 578 27.89 -53.49 90.57
C LEU A 578 26.52 -53.26 90.10
N PHE A 579 25.78 -52.38 90.79
CA PHE A 579 24.38 -52.13 90.48
C PHE A 579 24.21 -50.64 90.39
N LEU A 580 23.36 -50.21 89.44
CA LEU A 580 22.92 -48.87 89.32
C LEU A 580 21.41 -48.75 89.63
N GLY A 581 21.11 -47.72 90.40
CA GLY A 581 19.75 -47.40 90.75
C GLY A 581 19.47 -45.97 90.35
N GLY A 582 18.24 -45.72 89.92
CA GLY A 582 17.85 -44.36 89.63
C GLY A 582 17.11 -44.20 88.33
N CYS A 583 16.70 -42.99 88.05
CA CYS A 583 15.99 -42.73 86.78
C CYS A 583 16.82 -43.01 85.52
N GLY A 584 18.13 -42.91 85.61
CA GLY A 584 19.02 -43.36 84.54
C GLY A 584 18.75 -44.76 84.00
N ASN A 585 18.12 -45.60 84.83
CA ASN A 585 17.79 -46.96 84.46
C ASN A 585 16.63 -47.06 83.47
N ILE A 586 15.69 -46.12 83.54
CA ILE A 586 14.49 -46.16 82.72
C ILE A 586 14.81 -45.90 81.26
N PRO A 587 14.48 -46.90 80.42
CA PRO A 587 14.82 -46.91 79.00
C PRO A 587 13.74 -46.43 78.03
N THR A 588 12.56 -46.14 78.54
CA THR A 588 11.43 -45.77 77.71
C THR A 588 11.17 -44.28 77.62
N ALA A 589 10.24 -43.89 76.72
CA ALA A 589 9.65 -42.57 76.69
C ALA A 589 8.54 -42.58 77.73
N TYR A 590 8.62 -41.66 78.70
CA TYR A 590 7.68 -41.63 79.80
C TYR A 590 7.29 -40.20 80.15
N GLY A 591 5.99 -39.99 80.39
CA GLY A 591 5.43 -38.67 80.74
C GLY A 591 5.30 -38.42 82.21
N ALA A 592 5.05 -39.49 82.97
CA ALA A 592 4.75 -39.35 84.39
C ALA A 592 6.03 -39.26 85.20
N ASN A 593 5.93 -38.75 86.43
CA ASN A 593 7.07 -38.50 87.26
C ASN A 593 7.80 -39.82 87.54
N PRO A 594 9.09 -39.87 87.18
CA PRO A 594 9.77 -41.16 87.09
C PRO A 594 10.16 -41.82 88.37
N THR A 595 10.12 -41.12 89.50
CA THR A 595 10.85 -41.65 90.69
C THR A 595 10.36 -42.99 91.26
N LEU A 596 9.04 -43.21 91.22
CA LEU A 596 8.45 -44.35 91.89
C LEU A 596 8.82 -45.57 91.10
N THR A 597 8.77 -45.42 89.77
CA THR A 597 9.26 -46.43 88.83
C THR A 597 10.73 -46.75 89.15
N ALA A 598 11.58 -45.73 89.35
CA ALA A 598 12.98 -45.99 89.71
C ALA A 598 13.07 -46.85 90.96
N MET A 599 12.25 -46.51 91.94
CA MET A 599 12.16 -47.18 93.24
C MET A 599 11.72 -48.65 93.09
N SER A 600 10.68 -48.88 92.31
CA SER A 600 10.26 -50.24 91.96
C SER A 600 11.46 -51.09 91.37
N LEU A 601 12.28 -50.48 90.52
CA LEU A 601 13.37 -51.22 89.85
C LEU A 601 14.42 -51.55 90.89
N ALA A 602 14.65 -50.58 91.79
CA ALA A 602 15.58 -50.74 92.89
C ALA A 602 15.20 -51.86 93.80
N ILE A 603 13.93 -52.01 94.06
CA ILE A 603 13.41 -53.07 94.94
C ILE A 603 13.75 -54.45 94.30
N LYS A 604 13.43 -54.62 93.02
CA LYS A 604 13.76 -55.86 92.31
C LYS A 604 15.27 -56.19 92.35
N SER A 605 16.06 -55.15 92.10
CA SER A 605 17.51 -55.24 92.14
C SER A 605 17.93 -55.83 93.49
N CYS A 606 17.35 -55.35 94.55
CA CYS A 606 17.72 -55.85 95.91
C CYS A 606 17.35 -57.27 96.07
N GLU A 607 16.38 -57.73 95.29
CA GLU A 607 16.00 -59.17 95.37
C GLU A 607 17.13 -60.04 94.81
N TYR A 608 17.75 -59.58 93.74
CA TYR A 608 18.84 -60.30 93.16
C TYR A 608 19.99 -60.32 94.13
N ILE A 609 20.26 -59.16 94.72
CA ILE A 609 21.36 -59.00 95.66
C ILE A 609 21.15 -59.98 96.80
N LYS A 610 19.96 -60.01 97.36
CA LYS A 610 19.69 -60.84 98.50
C LYS A 610 19.84 -62.31 98.15
N GLN A 611 19.55 -62.64 96.90
CA GLN A 611 19.64 -64.03 96.45
C GLN A 611 21.06 -64.43 96.07
N ASN A 612 21.99 -63.47 96.06
CA ASN A 612 23.31 -63.75 95.53
C ASN A 612 24.52 -63.36 96.37
N PHE A 613 24.32 -62.78 97.54
CA PHE A 613 25.37 -62.27 98.37
C PHE A 613 25.01 -62.55 99.82
N THR A 614 25.98 -63.07 100.54
CA THR A 614 25.75 -63.40 101.94
C THR A 614 26.14 -62.26 102.78
N PRO A 615 25.23 -61.82 103.64
CA PRO A 615 25.58 -60.82 104.63
C PRO A 615 26.68 -61.40 105.53
N SER A 616 27.58 -60.56 106.02
CA SER A 616 28.62 -61.02 106.90
C SER A 616 27.98 -61.25 108.25
N PRO A 617 28.60 -62.08 109.09
CA PRO A 617 27.92 -62.28 110.34
C PRO A 617 28.14 -61.08 111.21
N PHE A 618 27.14 -60.78 112.05
CA PHE A 618 27.21 -59.65 112.96
C PHE A 618 27.49 -60.10 114.36
N MET B 43 8.89 -31.48 129.02
CA MET B 43 8.53 -30.07 129.36
C MET B 43 7.99 -29.99 130.80
N ASP B 44 8.65 -29.19 131.64
CA ASP B 44 8.30 -29.08 133.09
C ASP B 44 7.39 -27.91 133.37
N ILE B 45 6.74 -27.91 134.50
CA ILE B 45 5.97 -26.72 134.86
C ILE B 45 6.88 -25.50 134.86
N LYS B 46 8.10 -25.70 135.38
CA LYS B 46 8.87 -24.64 136.01
C LYS B 46 10.40 -24.81 135.85
N TYR B 47 10.99 -23.71 135.36
CA TYR B 47 12.40 -23.57 135.07
C TYR B 47 12.95 -22.35 135.90
N ASP B 48 14.26 -22.29 136.18
CA ASP B 48 14.86 -21.05 136.69
C ASP B 48 14.62 -19.89 135.68
N VAL B 49 14.97 -20.10 134.43
CA VAL B 49 14.96 -19.08 133.39
C VAL B 49 14.33 -19.62 132.11
N VAL B 50 13.39 -18.89 131.56
CA VAL B 50 12.88 -19.14 130.22
C VAL B 50 13.38 -18.05 129.26
N ILE B 51 13.85 -18.48 128.09
CA ILE B 51 14.35 -17.59 127.03
C ILE B 51 13.44 -17.83 125.86
N VAL B 52 12.81 -16.77 125.39
CA VAL B 52 12.05 -16.78 124.17
C VAL B 52 12.97 -16.40 123.03
N GLY B 53 13.28 -17.35 122.18
CA GLY B 53 14.06 -17.03 121.00
C GLY B 53 15.46 -17.59 121.02
N SER B 54 15.84 -18.25 119.91
CA SER B 54 17.06 -19.02 119.83
C SER B 54 18.11 -18.42 118.87
N GLY B 55 17.97 -17.12 118.63
CA GLY B 55 18.93 -16.36 117.88
C GLY B 55 20.16 -16.16 118.72
N PRO B 56 21.11 -15.37 118.21
CA PRO B 56 22.42 -15.23 118.80
C PRO B 56 22.32 -14.50 120.10
N ILE B 57 21.28 -13.67 120.24
CA ILE B 57 21.11 -13.01 121.52
C ILE B 57 20.50 -13.92 122.56
N GLY B 58 19.57 -14.82 122.19
CA GLY B 58 19.00 -15.69 123.15
C GLY B 58 20.05 -16.67 123.62
N CYS B 59 20.89 -17.08 122.67
CA CYS B 59 22.00 -17.97 122.97
C CYS B 59 23.04 -17.35 123.86
N THR B 60 23.25 -16.05 123.77
CA THR B 60 24.13 -15.40 124.74
C THR B 60 23.62 -15.58 126.19
N TYR B 61 22.29 -15.43 126.42
CA TYR B 61 21.76 -15.59 127.75
C TYR B 61 21.91 -17.06 128.18
N ALA B 62 21.72 -17.99 127.25
CA ALA B 62 21.79 -19.41 127.55
C ALA B 62 23.20 -19.73 127.93
N ARG B 63 24.15 -19.28 127.14
CA ARG B 63 25.51 -19.58 127.43
C ARG B 63 25.88 -19.11 128.85
N GLU B 64 25.47 -17.89 129.17
CA GLU B 64 25.87 -17.27 130.42
C GLU B 64 25.15 -17.98 131.58
N LEU B 65 23.86 -18.11 131.42
CA LEU B 65 23.08 -18.56 132.49
C LEU B 65 23.19 -20.06 132.62
N VAL B 66 23.29 -20.80 131.51
CA VAL B 66 23.41 -22.26 131.59
C VAL B 66 24.73 -22.59 132.29
N GLY B 67 25.75 -21.86 131.87
CA GLY B 67 27.12 -22.04 132.36
C GLY B 67 27.24 -21.72 133.81
N ALA B 68 26.34 -20.87 134.30
CA ALA B 68 26.32 -20.47 135.72
C ALA B 68 25.42 -21.37 136.54
N GLY B 69 24.96 -22.47 135.94
CA GLY B 69 24.23 -23.45 136.72
C GLY B 69 22.74 -23.26 136.85
N TYR B 70 22.16 -22.39 136.03
CA TYR B 70 20.72 -22.22 136.02
C TYR B 70 19.96 -23.26 135.18
N LYS B 71 18.72 -23.56 135.56
CA LYS B 71 17.94 -24.52 134.82
C LYS B 71 17.20 -23.75 133.78
N VAL B 72 17.58 -23.89 132.51
CA VAL B 72 17.08 -23.02 131.48
C VAL B 72 16.25 -23.70 130.44
N ALA B 73 15.17 -23.04 130.02
CA ALA B 73 14.36 -23.49 128.90
C ALA B 73 14.38 -22.43 127.87
N MET B 74 14.55 -22.82 126.61
CA MET B 74 14.48 -21.88 125.49
C MET B 74 13.38 -22.29 124.52
N PHE B 75 12.41 -21.41 124.30
CA PHE B 75 11.42 -21.67 123.26
C PHE B 75 11.74 -21.00 121.91
N ASP B 76 11.51 -21.68 120.78
CA ASP B 76 11.62 -21.00 119.46
C ASP B 76 10.43 -21.44 118.64
N ILE B 77 9.82 -20.48 117.97
CA ILE B 77 8.66 -20.69 117.18
C ILE B 77 9.05 -21.47 115.93
N GLY B 78 10.34 -21.43 115.60
CA GLY B 78 10.84 -22.08 114.39
C GLY B 78 11.57 -23.36 114.72
N GLU B 79 12.12 -24.02 113.70
CA GLU B 79 12.54 -25.39 113.87
C GLU B 79 14.02 -25.62 113.57
N ILE B 80 14.53 -26.78 114.03
CA ILE B 80 15.89 -27.12 113.73
C ILE B 80 16.01 -27.46 112.24
N ASP B 81 16.75 -26.67 111.44
CA ASP B 81 16.92 -26.95 110.00
C ASP B 81 18.33 -26.57 109.35
N SER B 82 19.46 -26.91 110.01
CA SER B 82 20.81 -26.40 109.72
C SER B 82 21.80 -27.51 109.96
N GLY B 83 21.45 -28.78 109.79
CA GLY B 83 22.44 -29.82 110.13
C GLY B 83 22.45 -30.29 111.59
N LEU B 84 23.43 -31.07 111.97
CA LEU B 84 23.47 -31.57 113.36
C LEU B 84 24.02 -30.55 114.34
N LYS B 85 24.79 -29.59 113.86
CA LYS B 85 25.09 -28.45 114.69
C LYS B 85 23.88 -27.53 114.73
N ILE B 86 23.19 -27.60 115.85
CA ILE B 86 21.95 -26.86 116.05
C ILE B 86 22.10 -25.34 116.01
N GLY B 87 21.33 -24.66 115.15
CA GLY B 87 21.45 -23.20 115.06
C GLY B 87 22.70 -22.71 114.34
N ALA B 88 23.36 -23.54 113.53
CA ALA B 88 24.63 -23.08 112.92
C ALA B 88 24.41 -22.35 111.62
N HIS B 89 25.47 -21.82 111.08
CA HIS B 89 25.38 -21.11 109.88
C HIS B 89 25.13 -22.04 108.69
N LYS B 90 24.07 -21.74 107.96
CA LYS B 90 23.71 -22.54 106.82
C LYS B 90 24.72 -22.43 105.65
N LYS B 91 25.57 -21.42 105.68
CA LYS B 91 26.56 -21.25 104.65
C LYS B 91 27.77 -22.21 104.86
N ASN B 92 27.88 -22.84 106.05
CA ASN B 92 29.03 -23.71 106.34
C ASN B 92 28.93 -25.09 105.70
N THR B 93 28.45 -25.17 104.48
CA THR B 93 28.49 -26.42 103.76
C THR B 93 29.49 -26.28 102.61
N VAL B 94 30.30 -27.32 102.41
CA VAL B 94 31.14 -27.45 101.25
C VAL B 94 30.44 -27.01 99.98
N GLU B 95 29.21 -27.43 99.80
CA GLU B 95 28.53 -27.18 98.57
C GLU B 95 28.24 -25.68 98.44
N TYR B 96 27.94 -24.94 99.53
CA TYR B 96 27.64 -23.47 99.43
C TYR B 96 28.84 -22.63 99.23
N GLN B 97 29.96 -23.03 99.79
CA GLN B 97 31.20 -22.32 99.56
C GLN B 97 31.86 -22.79 98.28
N LYS B 98 31.32 -23.81 97.61
CA LYS B 98 31.73 -24.02 96.23
C LYS B 98 30.76 -23.41 95.25
N ASN B 99 29.61 -22.94 95.70
CA ASN B 99 28.62 -22.34 94.78
C ASN B 99 28.01 -21.13 95.46
N ILE B 100 28.85 -20.21 95.89
CA ILE B 100 28.47 -19.25 96.88
C ILE B 100 27.37 -18.27 96.48
N ASP B 101 27.04 -18.16 95.23
CA ASP B 101 25.98 -17.24 94.99
C ASP B 101 24.63 -17.88 95.16
N LYS B 102 24.57 -19.19 95.03
CA LYS B 102 23.33 -19.92 95.39
C LYS B 102 22.80 -19.59 96.78
N PHE B 103 23.66 -19.17 97.72
CA PHE B 103 23.23 -18.98 99.09
C PHE B 103 22.17 -17.86 99.19
N VAL B 104 22.03 -17.04 98.18
CA VAL B 104 21.15 -15.90 98.25
C VAL B 104 19.68 -16.38 98.37
N ASN B 105 19.43 -17.57 97.83
CA ASN B 105 18.13 -18.19 97.87
C ASN B 105 17.80 -18.72 99.27
N VAL B 106 18.80 -19.14 100.05
CA VAL B 106 18.58 -19.57 101.43
C VAL B 106 18.13 -18.35 102.23
N ILE B 107 18.81 -17.22 102.02
CA ILE B 107 18.40 -15.98 102.65
C ILE B 107 16.96 -15.58 102.31
N GLN B 108 16.67 -15.48 101.02
CA GLN B 108 15.37 -15.06 100.54
C GLN B 108 14.32 -16.03 101.03
N GLY B 109 14.70 -17.29 101.22
CA GLY B 109 13.79 -18.36 101.61
C GLY B 109 13.33 -18.18 103.04
N GLN B 110 14.06 -17.44 103.85
CA GLN B 110 13.67 -17.37 105.26
C GLN B 110 13.60 -15.92 105.70
N LEU B 111 13.29 -15.04 104.77
CA LEU B 111 12.97 -13.70 105.09
C LEU B 111 11.50 -13.50 104.75
N MET B 112 10.68 -13.47 105.79
CA MET B 112 9.22 -13.27 105.67
C MET B 112 8.88 -11.81 105.97
N SER B 113 8.35 -11.11 104.98
CA SER B 113 8.10 -9.67 105.07
C SER B 113 7.25 -9.41 106.30
N VAL B 114 7.64 -8.44 107.13
CA VAL B 114 6.85 -7.95 108.24
C VAL B 114 5.50 -7.23 107.95
N SER B 115 5.48 -6.29 107.02
CA SER B 115 4.23 -5.60 106.70
C SER B 115 4.12 -5.25 105.21
N VAL B 116 3.21 -5.94 104.55
CA VAL B 116 2.96 -5.76 103.14
C VAL B 116 1.69 -4.98 102.91
N PRO B 117 1.82 -3.81 102.36
CA PRO B 117 0.55 -3.08 102.14
C PRO B 117 -0.39 -3.68 101.11
N VAL B 118 -1.60 -3.18 101.04
CA VAL B 118 -2.58 -3.84 100.22
C VAL B 118 -2.15 -3.55 98.81
N ASN B 119 -2.28 -4.49 97.89
CA ASN B 119 -1.72 -4.36 96.56
C ASN B 119 -2.72 -3.62 95.65
N THR B 120 -2.21 -2.59 95.01
CA THR B 120 -3.05 -1.82 94.10
C THR B 120 -2.54 -1.88 92.65
N LEU B 121 -1.75 -2.89 92.28
CA LEU B 121 -1.39 -3.02 90.90
C LEU B 121 -2.61 -3.40 90.11
N VAL B 122 -2.71 -2.88 88.92
CA VAL B 122 -3.87 -3.13 88.07
C VAL B 122 -3.55 -4.23 87.10
N VAL B 123 -4.29 -5.33 87.13
CA VAL B 123 -4.14 -6.33 86.09
C VAL B 123 -5.40 -6.29 85.26
N ASP B 124 -5.34 -5.83 84.02
CA ASP B 124 -6.55 -5.67 83.19
C ASP B 124 -6.45 -6.48 81.91
N THR B 125 -5.58 -7.46 81.89
CA THR B 125 -5.57 -8.37 80.78
C THR B 125 -6.00 -9.74 81.25
N LEU B 126 -6.74 -9.85 82.36
CA LEU B 126 -7.41 -11.17 82.61
C LEU B 126 -8.37 -11.49 81.46
N SER B 127 -8.60 -12.78 81.23
CA SER B 127 -9.73 -13.16 80.38
C SER B 127 -11.06 -12.64 80.94
N PRO B 128 -11.96 -12.19 80.07
CA PRO B 128 -13.30 -11.83 80.53
C PRO B 128 -14.05 -12.90 81.34
N THR B 129 -13.74 -14.19 81.19
CA THR B 129 -14.46 -15.20 81.98
C THR B 129 -13.88 -15.36 83.39
N SER B 130 -12.68 -14.83 83.61
CA SER B 130 -12.03 -15.08 84.91
C SER B 130 -12.62 -14.15 86.00
N TRP B 131 -12.68 -14.60 87.23
CA TRP B 131 -13.19 -13.79 88.30
C TRP B 131 -12.22 -12.65 88.47
N GLN B 132 -12.79 -11.45 88.59
CA GLN B 132 -12.02 -10.22 88.53
C GLN B 132 -12.59 -9.42 89.70
N ALA B 133 -11.68 -8.71 90.34
CA ALA B 133 -11.97 -7.92 91.56
C ALA B 133 -12.74 -6.73 91.18
N SER B 134 -13.62 -6.27 92.06
CA SER B 134 -14.15 -4.89 91.91
C SER B 134 -13.37 -3.84 92.69
N THR B 135 -12.63 -4.31 93.70
CA THR B 135 -11.80 -3.48 94.55
C THR B 135 -10.45 -4.11 94.89
N PHE B 136 -9.61 -3.31 95.49
CA PHE B 136 -8.33 -3.72 95.94
C PHE B 136 -8.47 -4.19 97.36
N PHE B 137 -9.06 -5.38 97.49
CA PHE B 137 -9.40 -5.91 98.75
C PHE B 137 -8.14 -6.53 99.37
N VAL B 138 -8.19 -6.74 100.68
CA VAL B 138 -7.18 -7.36 101.47
C VAL B 138 -6.99 -8.82 101.08
N ARG B 139 -5.90 -9.12 100.42
CA ARG B 139 -5.62 -10.47 99.96
C ARG B 139 -4.13 -10.85 100.17
N ASN B 140 -3.90 -12.15 100.22
CA ASN B 140 -2.54 -12.73 100.29
C ASN B 140 -1.76 -12.21 101.48
N GLY B 141 -2.41 -12.10 102.62
CA GLY B 141 -1.76 -11.66 103.85
C GLY B 141 -1.37 -10.19 103.90
N SER B 142 -1.91 -9.34 103.02
CA SER B 142 -1.48 -7.96 103.04
C SER B 142 -2.11 -7.30 104.27
N ASN B 143 -1.58 -6.14 104.67
CA ASN B 143 -1.89 -5.47 105.90
C ASN B 143 -2.61 -4.18 105.62
N PRO B 144 -3.94 -4.18 105.79
CA PRO B 144 -4.72 -3.00 105.39
C PRO B 144 -4.46 -1.80 106.28
N GLU B 145 -3.82 -2.04 107.42
CA GLU B 145 -3.38 -0.93 108.29
C GLU B 145 -2.22 -0.12 107.69
N GLN B 146 -1.55 -0.65 106.66
CA GLN B 146 -0.21 -0.15 106.35
C GLN B 146 -0.25 0.91 105.28
N ASP B 147 0.31 2.05 105.63
CA ASP B 147 0.45 3.07 104.68
C ASP B 147 1.61 2.65 103.77
N PRO B 148 1.33 2.26 102.52
CA PRO B 148 2.59 1.97 101.71
C PRO B 148 3.69 3.05 101.66
N LEU B 149 3.39 4.34 101.86
CA LEU B 149 4.43 5.36 101.76
C LEU B 149 5.13 5.69 103.08
N ARG B 150 4.83 4.95 104.15
CA ARG B 150 5.48 5.21 105.41
C ARG B 150 5.88 3.88 106.01
N ASN B 151 6.41 3.00 105.18
CA ASN B 151 6.65 1.64 105.59
C ASN B 151 8.16 1.33 105.73
N LEU B 152 8.50 0.28 106.48
CA LEU B 152 9.76 -0.48 106.20
C LEU B 152 9.42 -1.73 105.41
N SER B 153 9.29 -1.56 104.10
CA SER B 153 8.76 -2.63 103.26
C SER B 153 9.74 -3.76 103.10
N GLY B 154 11.04 -3.44 103.12
CA GLY B 154 12.06 -4.45 103.20
C GLY B 154 12.21 -5.19 104.52
N GLN B 155 11.58 -4.71 105.61
CA GLN B 155 11.77 -5.35 106.91
C GLN B 155 11.21 -6.77 106.79
N ALA B 156 11.92 -7.70 107.42
CA ALA B 156 11.61 -9.09 107.32
C ALA B 156 12.03 -9.81 108.57
N VAL B 157 11.35 -10.93 108.83
CA VAL B 157 11.67 -11.76 109.98
C VAL B 157 11.98 -13.18 109.56
N THR B 158 12.73 -13.87 110.42
CA THR B 158 13.19 -15.25 110.17
C THR B 158 12.77 -16.15 111.30
N ARG B 159 12.16 -17.27 111.04
CA ARG B 159 11.80 -18.17 112.10
C ARG B 159 12.42 -19.56 111.92
N VAL B 160 13.63 -19.74 112.37
CA VAL B 160 14.19 -21.05 112.44
C VAL B 160 15.04 -21.02 113.67
N VAL B 161 15.41 -22.20 114.17
CA VAL B 161 16.29 -22.29 115.34
C VAL B 161 17.65 -21.69 114.95
N GLY B 162 18.04 -20.63 115.68
CA GLY B 162 19.29 -19.91 115.39
C GLY B 162 19.03 -18.53 114.84
N GLY B 163 17.79 -18.30 114.40
CA GLY B 163 17.36 -17.00 113.87
C GLY B 163 18.08 -16.66 112.60
N MET B 164 18.27 -15.36 112.44
CA MET B 164 18.98 -14.80 111.34
C MET B 164 20.49 -15.11 111.44
N SER B 165 21.01 -15.51 112.61
CA SER B 165 22.42 -15.95 112.68
C SER B 165 22.71 -17.23 111.85
N THR B 166 21.70 -17.85 111.26
CA THR B 166 21.91 -18.97 110.38
C THR B 166 22.17 -18.50 108.94
N HIS B 167 22.06 -17.20 108.73
CA HIS B 167 22.31 -16.69 107.39
C HIS B 167 23.04 -15.38 107.32
N TRP B 168 23.31 -14.80 108.45
CA TRP B 168 23.86 -13.46 108.44
C TRP B 168 25.23 -13.34 107.79
N THR B 169 25.70 -12.12 107.59
CA THR B 169 26.93 -11.89 106.91
C THR B 169 28.15 -11.92 107.89
N CYS B 170 27.90 -12.00 109.21
CA CYS B 170 28.97 -12.15 110.24
C CYS B 170 29.85 -10.92 110.48
N ALA B 171 29.43 -9.78 109.94
CA ALA B 171 30.09 -8.52 110.20
C ALA B 171 29.81 -8.04 111.68
N THR B 172 30.86 -7.88 112.50
CA THR B 172 30.72 -7.50 113.91
C THR B 172 31.71 -6.40 114.33
N PRO B 173 31.45 -5.17 113.89
CA PRO B 173 32.15 -4.01 114.36
C PRO B 173 31.65 -3.50 115.67
N ARG B 174 32.56 -2.89 116.43
CA ARG B 174 32.20 -2.10 117.59
C ARG B 174 31.70 -0.77 117.17
N PHE B 175 30.72 -0.29 117.90
CA PHE B 175 30.29 1.10 117.88
C PHE B 175 31.34 1.98 118.58
N ASP B 176 31.70 3.10 117.98
CA ASP B 176 32.45 4.12 118.70
C ASP B 176 31.46 4.91 119.51
N ARG B 177 31.98 5.68 120.46
CA ARG B 177 31.14 6.43 121.41
C ARG B 177 29.94 7.15 120.76
N GLU B 178 30.15 7.81 119.64
CA GLU B 178 29.12 8.65 119.07
C GLU B 178 27.89 7.85 118.57
N GLN B 179 28.08 6.53 118.38
CA GLN B 179 26.98 5.62 118.00
C GLN B 179 26.46 4.79 119.19
N ARG B 180 27.11 4.92 120.34
CA ARG B 180 26.97 3.92 121.38
C ARG B 180 26.10 4.48 122.51
N PRO B 181 25.22 3.64 123.09
CA PRO B 181 24.50 4.03 124.32
C PRO B 181 25.42 4.14 125.53
N LEU B 182 25.11 5.09 126.41
CA LEU B 182 25.87 5.20 127.61
C LEU B 182 25.53 4.07 128.56
N LEU B 183 26.56 3.48 129.14
CA LEU B 183 26.36 2.50 130.19
C LEU B 183 26.81 3.07 131.53
N VAL B 184 27.64 4.10 131.49
CA VAL B 184 27.96 4.88 132.69
C VAL B 184 27.78 6.35 132.39
N LYS B 185 26.90 7.01 133.12
CA LYS B 185 26.74 8.44 132.98
C LYS B 185 27.84 9.17 133.75
N ASP B 186 28.31 10.27 133.17
CA ASP B 186 29.27 11.18 133.78
C ASP B 186 30.58 10.56 134.15
N ASP B 187 31.06 9.65 133.33
CA ASP B 187 32.36 9.03 133.57
C ASP B 187 32.87 8.33 132.29
N ALA B 188 33.21 9.14 131.31
CA ALA B 188 33.52 8.65 130.00
C ALA B 188 34.57 7.55 130.02
N ASP B 189 35.56 7.66 130.92
CA ASP B 189 36.60 6.64 131.08
C ASP B 189 35.96 5.30 131.45
N ALA B 190 35.10 5.32 132.48
CA ALA B 190 34.46 4.10 133.01
C ALA B 190 33.52 3.52 131.97
N ASP B 191 32.83 4.40 131.24
CA ASP B 191 31.96 3.96 130.17
C ASP B 191 32.75 3.23 129.08
N ASP B 192 33.81 3.86 128.60
CA ASP B 192 34.76 3.20 127.69
C ASP B 192 35.27 1.85 128.22
N ALA B 193 35.52 1.75 129.51
CA ALA B 193 36.15 0.50 129.98
C ALA B 193 35.08 -0.57 130.08
N GLU B 194 33.88 -0.16 130.44
CA GLU B 194 32.80 -1.11 130.57
C GLU B 194 32.42 -1.65 129.19
N TRP B 195 32.40 -0.82 128.16
CA TRP B 195 32.15 -1.29 126.80
C TRP B 195 33.27 -2.15 126.22
N ASP B 196 34.51 -1.83 126.55
CA ASP B 196 35.60 -2.63 126.07
C ASP B 196 35.47 -4.01 126.67
N ARG B 197 35.23 -4.08 127.97
CA ARG B 197 35.15 -5.38 128.63
C ARG B 197 34.11 -6.24 127.92
N LEU B 198 32.98 -5.62 127.65
CA LEU B 198 31.82 -6.29 127.15
C LEU B 198 32.00 -6.72 125.69
N TYR B 199 32.47 -5.80 124.85
CA TYR B 199 32.71 -6.15 123.49
C TYR B 199 33.74 -7.28 123.36
N THR B 200 34.71 -7.27 124.26
CA THR B 200 35.81 -8.22 124.16
C THR B 200 35.26 -9.61 124.41
N LYS B 201 34.38 -9.74 125.40
CA LYS B 201 33.74 -11.00 125.72
C LYS B 201 32.80 -11.44 124.61
N ALA B 202 32.14 -10.50 123.94
CA ALA B 202 31.29 -10.86 122.86
C ALA B 202 32.07 -11.34 121.65
N GLU B 203 33.19 -10.66 121.41
CA GLU B 203 34.01 -10.99 120.31
C GLU B 203 34.40 -12.38 120.50
N SER B 204 34.71 -12.80 121.75
CA SER B 204 35.14 -14.13 121.87
C SER B 204 33.94 -15.10 121.75
N TYR B 205 32.74 -14.73 122.18
CA TYR B 205 31.61 -15.62 122.02
C TYR B 205 31.36 -15.80 120.52
N PHE B 206 31.54 -14.72 119.72
CA PHE B 206 31.30 -14.78 118.27
C PHE B 206 32.50 -15.28 117.47
N GLN B 207 33.67 -15.38 118.11
CA GLN B 207 34.94 -15.62 117.39
C GLN B 207 35.20 -14.57 116.27
N THR B 208 34.91 -13.34 116.61
CA THR B 208 35.30 -12.21 115.77
C THR B 208 36.81 -12.16 115.58
N GLY B 209 37.23 -11.89 114.35
CA GLY B 209 38.63 -11.56 114.07
C GLY B 209 38.71 -10.63 112.86
N THR B 210 39.94 -10.21 112.53
CA THR B 210 40.18 -9.29 111.46
C THR B 210 41.27 -9.88 110.54
N ASP B 211 41.48 -11.19 110.62
CA ASP B 211 42.52 -11.73 109.78
C ASP B 211 42.19 -12.89 108.89
N GLN B 212 40.93 -13.23 108.75
CA GLN B 212 40.64 -14.43 108.00
C GLN B 212 40.77 -14.24 106.43
N PHE B 213 40.89 -13.02 105.94
CA PHE B 213 41.11 -12.79 104.51
C PHE B 213 42.41 -12.02 104.21
N LYS B 214 43.31 -12.11 105.18
CA LYS B 214 44.54 -11.38 105.14
C LYS B 214 45.32 -11.65 103.92
N GLU B 215 45.22 -12.88 103.38
CA GLU B 215 45.97 -13.20 102.17
C GLU B 215 45.10 -13.25 100.92
N SER B 216 43.97 -12.57 100.93
CA SER B 216 43.25 -12.49 99.66
C SER B 216 43.88 -11.43 98.79
N ILE B 217 44.26 -11.82 97.58
CA ILE B 217 44.78 -10.84 96.62
C ILE B 217 43.80 -9.69 96.39
N ARG B 218 42.57 -10.01 96.13
CA ARG B 218 41.56 -9.02 95.85
C ARG B 218 41.31 -8.14 97.06
N HIS B 219 41.41 -8.74 98.23
CA HIS B 219 41.20 -8.03 99.46
C HIS B 219 42.30 -6.99 99.58
N ASN B 220 43.54 -7.43 99.45
CA ASN B 220 44.65 -6.50 99.60
C ASN B 220 44.69 -5.46 98.47
N LEU B 221 44.41 -5.88 97.24
CA LEU B 221 44.32 -4.99 96.12
C LEU B 221 43.47 -3.79 96.47
N VAL B 222 42.25 -4.07 96.94
CA VAL B 222 41.32 -3.02 97.30
C VAL B 222 41.76 -2.29 98.59
N LEU B 223 42.06 -3.03 99.67
CA LEU B 223 42.63 -2.42 100.89
C LEU B 223 43.79 -1.39 100.60
N ASN B 224 44.86 -1.86 99.95
CA ASN B 224 45.95 -0.97 99.56
C ASN B 224 45.51 0.22 98.72
N LYS B 225 44.66 0.00 97.71
CA LYS B 225 44.33 1.14 96.86
C LYS B 225 43.66 2.24 97.70
N LEU B 226 42.60 1.88 98.37
CA LEU B 226 41.94 2.75 99.31
C LEU B 226 42.80 3.32 100.40
N THR B 227 43.63 2.50 101.08
CA THR B 227 44.58 3.05 102.04
C THR B 227 45.43 4.18 101.46
N GLU B 228 46.14 3.93 100.38
CA GLU B 228 46.84 5.00 99.64
C GLU B 228 45.90 6.18 99.30
N GLU B 229 44.75 5.90 98.71
CA GLU B 229 43.89 7.01 98.27
C GLU B 229 43.47 7.95 99.40
N TYR B 230 43.31 7.44 100.61
CA TYR B 230 42.85 8.28 101.69
C TYR B 230 43.90 8.38 102.76
N LYS B 231 45.18 8.25 102.40
CA LYS B 231 46.25 8.32 103.39
C LYS B 231 46.14 9.67 104.10
N GLY B 232 46.22 9.67 105.44
CA GLY B 232 46.03 10.88 106.28
C GLY B 232 44.58 11.39 106.42
N GLN B 233 43.59 10.66 105.87
CA GLN B 233 42.20 11.09 105.93
C GLN B 233 41.29 10.04 106.49
N ARG B 234 41.54 8.75 106.15
CA ARG B 234 40.73 7.65 106.63
C ARG B 234 41.53 6.35 106.73
N ASP B 235 41.18 5.52 107.71
CA ASP B 235 41.81 4.20 107.89
C ASP B 235 40.93 3.14 107.26
N PHE B 236 41.57 2.12 106.71
CA PHE B 236 40.85 1.00 106.20
C PHE B 236 41.40 -0.21 106.88
N GLN B 237 40.55 -1.20 107.08
CA GLN B 237 41.00 -2.44 107.68
C GLN B 237 40.06 -3.53 107.20
N GLN B 238 40.31 -4.79 107.60
CA GLN B 238 39.31 -5.85 107.28
C GLN B 238 38.09 -5.63 108.13
N ILE B 239 36.93 -5.82 107.51
CA ILE B 239 35.68 -5.89 108.24
C ILE B 239 35.84 -6.94 109.37
N PRO B 240 35.53 -6.57 110.63
CA PRO B 240 35.63 -7.61 111.58
C PRO B 240 34.50 -8.57 111.34
N LEU B 241 34.79 -9.87 111.38
CA LEU B 241 33.88 -10.91 110.98
C LEU B 241 33.97 -12.03 111.99
N ALA B 242 32.79 -12.55 112.37
CA ALA B 242 32.59 -13.66 113.25
C ALA B 242 32.71 -14.93 112.42
N ALA B 243 33.91 -15.46 112.38
CA ALA B 243 34.29 -16.48 111.37
C ALA B 243 35.64 -17.04 111.75
N THR B 244 35.82 -18.38 111.59
CA THR B 244 37.11 -19.02 111.69
C THR B 244 37.48 -19.68 110.34
N ARG B 245 38.66 -19.39 109.81
CA ARG B 245 39.11 -19.96 108.56
C ARG B 245 39.66 -21.32 108.82
N ARG B 246 39.22 -22.33 108.08
CA ARG B 246 39.64 -23.73 108.29
C ARG B 246 40.63 -24.20 107.24
N SER B 247 40.65 -23.53 106.09
CA SER B 247 41.49 -23.98 104.99
C SER B 247 41.32 -22.86 104.03
N PRO B 248 42.15 -22.79 102.98
CA PRO B 248 42.14 -21.68 102.02
C PRO B 248 40.88 -21.55 101.24
N THR B 249 39.98 -22.53 101.28
CA THR B 249 38.77 -22.44 100.47
C THR B 249 37.51 -22.52 101.34
N PHE B 250 37.73 -22.52 102.63
CA PHE B 250 36.64 -22.76 103.54
C PHE B 250 36.73 -21.97 104.82
N VAL B 251 35.63 -21.26 105.08
CA VAL B 251 35.51 -20.42 106.29
C VAL B 251 34.30 -20.86 107.06
N GLU B 252 34.55 -21.14 108.34
CA GLU B 252 33.50 -21.51 109.29
C GLU B 252 32.89 -20.23 109.84
N TRP B 253 31.79 -19.79 109.26
CA TRP B 253 31.12 -18.56 109.69
C TRP B 253 30.44 -18.78 111.06
N SER B 254 30.53 -17.85 111.98
CA SER B 254 29.91 -18.07 113.27
C SER B 254 28.40 -17.86 113.20
N SER B 255 27.73 -18.24 114.29
CA SER B 255 26.30 -18.18 114.44
C SER B 255 25.95 -18.33 115.92
N ALA B 256 24.65 -18.54 116.17
CA ALA B 256 24.09 -18.78 117.48
C ALA B 256 24.73 -20.02 118.01
N ASN B 257 24.92 -20.98 117.14
CA ASN B 257 25.54 -22.25 117.55
C ASN B 257 26.97 -22.08 118.09
N THR B 258 27.74 -21.16 117.48
CA THR B 258 29.08 -20.77 118.00
C THR B 258 28.97 -20.30 119.48
N VAL B 259 27.88 -19.59 119.77
CA VAL B 259 27.72 -18.86 121.03
C VAL B 259 27.32 -19.88 122.07
N PHE B 260 26.37 -20.72 121.67
CA PHE B 260 25.91 -21.85 122.49
C PHE B 260 25.37 -22.94 121.55
N ASP B 261 25.76 -24.17 121.80
CA ASP B 261 25.63 -25.24 120.80
C ASP B 261 24.19 -25.80 120.74
N LEU B 262 23.37 -25.31 121.68
CA LEU B 262 21.95 -25.61 121.70
C LEU B 262 21.62 -27.08 121.94
N GLN B 263 22.60 -27.84 122.41
CA GLN B 263 22.36 -29.20 122.85
C GLN B 263 21.68 -29.26 124.21
N ASN B 264 20.84 -30.25 124.41
CA ASN B 264 20.13 -30.43 125.67
C ASN B 264 21.10 -30.86 126.71
N ARG B 265 20.95 -30.32 127.88
CA ARG B 265 21.84 -30.68 128.95
C ARG B 265 20.97 -31.09 130.08
N PRO B 266 21.41 -32.02 130.94
CA PRO B 266 22.70 -32.67 131.06
C PRO B 266 23.10 -33.59 129.89
N ASN B 267 24.35 -33.55 129.52
CA ASN B 267 24.92 -34.45 128.52
C ASN B 267 26.38 -34.78 128.90
N THR B 268 26.93 -35.80 128.30
CA THR B 268 28.27 -36.27 128.65
C THR B 268 29.25 -35.13 128.80
N ASP B 269 29.25 -34.21 127.83
CA ASP B 269 30.22 -33.12 127.84
C ASP B 269 29.87 -32.01 128.84
N ALA B 270 28.71 -32.10 129.48
CA ALA B 270 28.29 -31.08 130.46
C ALA B 270 27.23 -31.64 131.38
N PRO B 271 27.63 -32.57 132.24
CA PRO B 271 26.80 -33.47 133.02
C PRO B 271 26.01 -32.74 134.07
N GLU B 272 26.56 -31.62 134.55
CA GLU B 272 25.90 -30.82 135.62
C GLU B 272 25.12 -29.59 135.11
N GLU B 273 24.84 -29.48 133.82
CA GLU B 273 24.12 -28.27 133.34
C GLU B 273 22.75 -28.67 132.91
N ARG B 274 21.86 -27.72 132.84
CA ARG B 274 20.47 -28.02 132.53
C ARG B 274 19.94 -27.01 131.48
N PHE B 275 19.60 -27.55 130.32
CA PHE B 275 19.13 -26.73 129.28
C PHE B 275 18.32 -27.62 128.41
N ASN B 276 17.19 -27.07 127.97
CA ASN B 276 16.25 -27.73 127.10
C ASN B 276 15.78 -26.73 126.07
N LEU B 277 15.77 -27.14 124.79
CA LEU B 277 15.29 -26.27 123.69
C LEU B 277 14.00 -26.85 123.10
N PHE B 278 12.98 -26.00 122.92
CA PHE B 278 11.72 -26.43 122.45
C PHE B 278 11.37 -25.70 121.18
N PRO B 279 11.64 -26.35 120.05
CA PRO B 279 11.32 -25.73 118.82
C PRO B 279 9.84 -25.86 118.55
N ALA B 280 9.41 -25.09 117.55
CA ALA B 280 8.08 -25.08 117.11
C ALA B 280 7.14 -24.76 118.26
N VAL B 281 7.47 -23.70 119.01
CA VAL B 281 6.64 -23.23 120.11
C VAL B 281 6.54 -21.76 120.02
N ALA B 282 5.37 -21.32 119.57
CA ALA B 282 4.95 -19.93 119.53
C ALA B 282 4.76 -19.39 120.96
N CYS B 283 5.66 -18.52 121.40
CA CYS B 283 5.49 -17.72 122.60
C CYS B 283 4.60 -16.50 122.34
N GLU B 284 3.53 -16.39 123.11
CA GLU B 284 2.41 -15.51 122.82
C GLU B 284 2.19 -14.37 123.86
N ARG B 285 2.42 -14.66 125.13
CA ARG B 285 2.23 -13.63 126.13
C ARG B 285 3.04 -13.98 127.34
N VAL B 286 3.54 -12.93 127.99
CA VAL B 286 3.98 -13.01 129.38
C VAL B 286 2.83 -12.43 130.26
N VAL B 287 2.46 -13.14 131.31
CA VAL B 287 1.41 -12.65 132.19
C VAL B 287 1.94 -11.71 133.32
N ARG B 288 1.43 -10.47 133.30
CA ARG B 288 1.70 -9.46 134.35
C ARG B 288 0.90 -9.74 135.59
N ASN B 289 1.50 -9.63 136.76
CA ASN B 289 0.69 -9.49 137.96
C ASN B 289 -0.13 -8.16 137.95
N ALA B 290 -1.12 -8.12 138.82
CA ALA B 290 -1.97 -7.00 139.00
C ALA B 290 -1.23 -5.69 139.29
N LEU B 291 -0.12 -5.78 140.00
CA LEU B 291 0.67 -4.59 140.36
C LEU B 291 1.57 -4.09 139.27
N ASN B 292 1.68 -4.79 138.17
CA ASN B 292 2.69 -4.42 137.18
C ASN B 292 4.10 -4.37 137.80
N SER B 293 4.47 -5.41 138.52
CA SER B 293 5.80 -5.52 139.13
C SER B 293 6.53 -6.84 138.92
N GLU B 294 5.93 -7.80 138.22
CA GLU B 294 6.47 -9.15 138.17
C GLU B 294 5.72 -9.93 137.09
N ILE B 295 6.44 -10.80 136.34
CA ILE B 295 5.80 -11.66 135.37
C ILE B 295 5.55 -12.97 136.04
N GLU B 296 4.36 -13.51 135.82
CA GLU B 296 3.89 -14.68 136.57
C GLU B 296 3.93 -16.03 135.83
N SER B 297 3.79 -15.98 134.51
CA SER B 297 4.03 -17.11 133.67
C SER B 297 4.35 -16.67 132.22
N LEU B 298 4.71 -17.65 131.40
CA LEU B 298 4.83 -17.43 129.97
C LEU B 298 3.82 -18.30 129.26
N HIS B 299 3.05 -17.71 128.36
CA HIS B 299 2.03 -18.47 127.70
C HIS B 299 2.52 -18.93 126.35
N ILE B 300 2.44 -20.23 126.10
CA ILE B 300 2.99 -20.85 124.88
C ILE B 300 1.93 -21.60 124.09
N HIS B 301 2.33 -21.96 122.88
CA HIS B 301 1.47 -22.68 121.94
C HIS B 301 2.35 -23.61 121.17
N ASP B 302 2.34 -24.89 121.56
CA ASP B 302 3.02 -25.95 120.83
C ASP B 302 2.38 -26.05 119.45
N LEU B 303 3.08 -25.65 118.42
CA LEU B 303 2.52 -25.68 117.06
C LEU B 303 2.30 -27.10 116.53
N ILE B 304 3.00 -28.06 117.11
CA ILE B 304 2.95 -29.43 116.60
C ILE B 304 1.79 -30.18 117.21
N SER B 305 1.66 -30.18 118.54
CA SER B 305 0.40 -30.66 119.14
C SER B 305 -0.80 -29.69 118.93
N GLY B 306 -0.56 -28.36 118.94
CA GLY B 306 -1.69 -27.38 118.88
C GLY B 306 -2.17 -26.93 120.27
N ASP B 307 -1.56 -27.46 121.33
CA ASP B 307 -2.03 -27.13 122.67
C ASP B 307 -1.36 -25.85 123.08
N ARG B 308 -2.09 -25.09 123.91
CA ARG B 308 -1.56 -23.93 124.61
C ARG B 308 -1.18 -24.34 126.05
N PHE B 309 -0.07 -23.83 126.58
CA PHE B 309 0.41 -24.17 127.93
C PHE B 309 0.90 -22.88 128.54
N GLU B 310 1.00 -22.83 129.86
CA GLU B 310 1.57 -21.69 130.56
C GLU B 310 2.86 -22.27 131.08
N ILE B 311 3.97 -21.49 131.14
CA ILE B 311 5.24 -22.01 131.70
C ILE B 311 5.72 -21.08 132.81
N LYS B 312 6.22 -21.64 133.93
CA LYS B 312 6.72 -20.81 135.06
C LYS B 312 8.24 -20.79 135.09
N ALA B 313 8.81 -19.66 135.50
CA ALA B 313 10.25 -19.49 135.65
C ALA B 313 10.37 -18.33 136.61
N ASP B 314 11.55 -18.22 137.26
CA ASP B 314 11.92 -17.04 138.08
C ASP B 314 12.21 -15.89 137.18
N VAL B 315 12.90 -16.17 136.08
CA VAL B 315 13.36 -15.08 135.22
C VAL B 315 12.86 -15.26 133.80
N TYR B 316 12.44 -14.18 133.17
CA TYR B 316 11.89 -14.26 131.83
C TYR B 316 12.65 -13.36 130.88
N VAL B 317 13.17 -13.98 129.82
CA VAL B 317 14.05 -13.28 128.88
C VAL B 317 13.47 -13.35 127.51
N LEU B 318 13.22 -12.20 126.90
CA LEU B 318 12.66 -12.10 125.59
C LEU B 318 13.70 -11.69 124.54
N THR B 319 14.03 -12.61 123.67
CA THR B 319 15.06 -12.40 122.65
C THR B 319 14.47 -12.86 121.30
N ALA B 320 13.28 -12.34 120.99
CA ALA B 320 12.52 -12.73 119.83
C ALA B 320 12.83 -11.91 118.60
N GLY B 321 13.80 -10.99 118.69
CA GLY B 321 14.04 -10.06 117.62
C GLY B 321 13.32 -8.73 117.78
N ALA B 322 13.74 -7.72 117.05
CA ALA B 322 13.26 -6.38 117.33
C ALA B 322 11.75 -6.20 117.10
N VAL B 323 11.20 -6.91 116.12
CA VAL B 323 9.78 -6.77 115.85
C VAL B 323 8.96 -7.63 116.78
N HIS B 324 9.39 -8.87 116.96
CA HIS B 324 8.58 -9.85 117.71
C HIS B 324 8.75 -9.74 119.21
N ASN B 325 9.81 -9.11 119.69
CA ASN B 325 9.85 -8.73 121.13
C ASN B 325 8.72 -7.72 121.50
N THR B 326 8.58 -6.73 120.67
CA THR B 326 7.56 -5.72 120.82
C THR B 326 6.17 -6.35 120.69
N GLN B 327 5.96 -7.17 119.66
CA GLN B 327 4.68 -7.83 119.49
C GLN B 327 4.21 -8.58 120.73
N LEU B 328 5.10 -9.38 121.29
CA LEU B 328 4.79 -10.20 122.39
C LEU B 328 4.47 -9.29 123.60
N LEU B 329 5.32 -8.29 123.80
CA LEU B 329 5.10 -7.34 124.87
C LEU B 329 3.73 -6.68 124.66
N VAL B 330 3.40 -6.20 123.47
CA VAL B 330 2.12 -5.55 123.30
C VAL B 330 1.00 -6.58 123.43
N ASN B 331 1.27 -7.81 123.02
CA ASN B 331 0.20 -8.77 123.09
C ASN B 331 -0.09 -9.12 124.55
N SER B 332 0.71 -8.54 125.46
CA SER B 332 0.81 -8.88 126.85
C SER B 332 0.31 -7.70 127.66
N GLY B 333 -0.04 -6.61 126.98
CA GLY B 333 -0.52 -5.39 127.64
C GLY B 333 0.50 -4.28 127.95
N PHE B 334 1.68 -4.32 127.33
CA PHE B 334 2.62 -3.23 127.47
C PHE B 334 2.39 -2.33 126.29
N GLY B 335 2.68 -1.05 126.42
CA GLY B 335 2.38 -0.15 125.34
C GLY B 335 0.89 -0.17 125.11
N GLN B 336 0.51 -0.12 123.87
CA GLN B 336 -0.83 0.23 123.43
C GLN B 336 -1.11 -0.62 122.18
N LEU B 337 -2.00 -1.59 122.31
CA LEU B 337 -2.48 -2.29 121.19
C LEU B 337 -3.26 -1.32 120.31
N GLY B 338 -3.03 -1.32 119.00
CA GLY B 338 -3.85 -0.55 118.05
C GLY B 338 -3.19 0.71 117.51
N ARG B 339 -3.86 1.38 116.58
CA ARG B 339 -3.36 2.60 115.99
C ARG B 339 -2.97 3.53 117.09
N PRO B 340 -1.81 4.16 117.00
CA PRO B 340 -1.44 4.96 118.15
C PRO B 340 -2.38 6.15 118.31
N ASN B 341 -2.58 6.53 119.55
CA ASN B 341 -3.57 7.53 119.91
C ASN B 341 -3.16 8.31 121.13
N PRO B 342 -2.40 9.38 120.89
CA PRO B 342 -1.78 10.26 121.86
C PRO B 342 -2.79 10.75 122.91
N ALA B 343 -4.07 10.80 122.52
CA ALA B 343 -5.11 11.16 123.48
C ALA B 343 -5.45 10.00 124.42
N ASN B 344 -4.57 9.01 124.49
CA ASN B 344 -4.95 7.79 125.18
C ASN B 344 -3.75 7.06 125.76
N PRO B 345 -2.83 7.81 126.40
CA PRO B 345 -1.54 7.17 126.56
C PRO B 345 -1.65 5.92 127.40
N PRO B 346 -0.76 4.97 127.14
CA PRO B 346 -0.88 3.70 127.79
C PRO B 346 -0.29 3.70 129.17
N GLU B 347 -0.80 2.84 130.01
CA GLU B 347 -0.31 2.70 131.36
C GLU B 347 1.14 2.25 131.39
N LEU B 348 1.46 1.17 130.69
CA LEU B 348 2.82 0.67 130.73
C LEU B 348 3.66 0.97 129.48
N LEU B 349 4.92 1.32 129.72
CA LEU B 349 5.93 1.50 128.68
C LEU B 349 5.42 2.32 127.51
N PRO B 350 5.12 3.61 127.74
CA PRO B 350 4.54 4.46 126.70
C PRO B 350 5.48 4.62 125.53
N SER B 351 6.76 4.28 125.74
CA SER B 351 7.82 4.37 124.72
C SER B 351 7.98 3.12 123.83
N LEU B 352 7.36 2.02 124.21
CA LEU B 352 7.44 0.83 123.40
C LEU B 352 7.01 1.09 121.95
N GLY B 353 7.88 0.68 121.05
CA GLY B 353 7.55 0.70 119.65
C GLY B 353 7.55 2.09 119.04
N SER B 354 7.98 3.04 119.84
CA SER B 354 8.30 4.43 119.40
C SER B 354 9.85 4.64 119.33
N TYR B 355 10.27 5.78 118.80
CA TYR B 355 11.69 6.07 118.49
C TYR B 355 12.46 5.01 117.67
N ILE B 356 11.77 4.14 116.95
CA ILE B 356 12.46 3.12 116.17
C ILE B 356 13.42 3.73 115.12
N THR B 357 14.52 3.02 114.94
CA THR B 357 15.48 3.34 113.91
C THR B 357 15.72 2.22 112.90
N GLU B 358 16.02 2.62 111.67
CA GLU B 358 16.49 1.73 110.65
C GLU B 358 17.40 2.57 109.78
N GLN B 359 18.47 1.89 109.33
CA GLN B 359 19.55 2.50 108.59
C GLN B 359 19.18 2.72 107.17
N SER B 360 19.55 3.86 106.60
CA SER B 360 19.68 3.94 105.15
C SER B 360 20.79 3.02 104.70
N LEU B 361 20.58 2.39 103.55
CA LEU B 361 21.55 1.47 103.00
C LEU B 361 21.68 1.83 101.57
N VAL B 362 22.88 2.27 101.18
CA VAL B 362 23.16 2.39 99.73
C VAL B 362 24.10 1.30 99.22
N PHE B 363 23.88 0.89 97.98
CA PHE B 363 24.54 -0.30 97.41
C PHE B 363 24.85 -0.05 95.97
N CYS B 364 26.03 -0.52 95.57
CA CYS B 364 26.35 -0.76 94.15
C CYS B 364 27.37 -1.88 94.02
N GLN B 365 27.67 -2.24 92.79
CA GLN B 365 28.86 -3.05 92.55
C GLN B 365 29.81 -2.39 91.52
N THR B 366 31.09 -2.70 91.69
CA THR B 366 32.05 -2.29 90.71
C THR B 366 32.66 -3.46 89.95
N VAL B 367 33.27 -3.15 88.81
CA VAL B 367 34.03 -4.04 87.92
C VAL B 367 35.48 -3.54 87.99
N MET B 368 36.38 -4.35 88.47
CA MET B 368 37.71 -3.82 88.80
C MET B 368 38.41 -3.01 87.65
N SER B 369 39.04 -1.88 87.96
CA SER B 369 39.74 -1.11 86.96
C SER B 369 40.87 -1.89 86.27
N THR B 370 41.11 -1.56 85.02
CA THR B 370 42.25 -2.10 84.26
C THR B 370 43.55 -1.82 84.96
N GLU B 371 43.68 -0.62 85.47
CA GLU B 371 44.89 -0.27 86.18
C GLU B 371 45.12 -1.26 87.32
N LEU B 372 44.07 -1.62 88.04
CA LEU B 372 44.29 -2.37 89.26
C LEU B 372 44.56 -3.81 88.90
N ILE B 373 43.87 -4.26 87.85
CA ILE B 373 44.01 -5.63 87.42
C ILE B 373 45.44 -5.78 86.96
N ASP B 374 45.90 -4.84 86.16
CA ASP B 374 47.28 -4.84 85.72
C ASP B 374 48.28 -4.80 86.83
N SER B 375 48.02 -4.06 87.89
CA SER B 375 48.96 -3.98 88.99
C SER B 375 49.07 -5.32 89.72
N VAL B 376 48.11 -6.19 89.48
CA VAL B 376 48.12 -7.47 90.15
C VAL B 376 49.38 -8.20 89.76
N LYS B 377 49.79 -8.02 88.51
CA LYS B 377 50.95 -8.70 87.95
C LYS B 377 52.13 -7.80 87.62
N SER B 378 52.21 -6.67 88.30
CA SER B 378 53.27 -5.71 88.07
C SER B 378 54.69 -6.20 88.40
N ASP B 379 54.84 -7.26 89.19
CA ASP B 379 56.16 -7.79 89.54
C ASP B 379 56.51 -8.97 88.63
N MET B 380 55.63 -9.24 87.67
CA MET B 380 55.82 -10.44 86.85
C MET B 380 56.68 -10.11 85.66
N THR B 381 57.52 -11.03 85.26
CA THR B 381 58.23 -10.90 83.98
C THR B 381 57.57 -11.90 83.04
N ILE B 382 57.05 -11.39 81.94
CA ILE B 382 56.27 -12.17 80.99
C ILE B 382 56.91 -12.29 79.61
N ARG B 383 57.33 -13.50 79.25
CA ARG B 383 57.92 -13.79 77.94
C ARG B 383 57.03 -14.77 77.16
N GLY B 384 57.04 -14.69 75.84
CA GLY B 384 56.29 -15.62 75.00
C GLY B 384 54.82 -15.29 74.90
N THR B 385 54.04 -16.17 74.28
CA THR B 385 52.60 -15.92 74.23
C THR B 385 51.82 -17.11 74.86
N PRO B 386 50.86 -16.78 75.73
CA PRO B 386 50.08 -17.74 76.47
C PRO B 386 49.64 -18.91 75.59
N GLY B 387 50.07 -20.12 75.93
CA GLY B 387 49.65 -21.31 75.21
C GLY B 387 50.83 -21.97 74.52
N GLU B 388 51.57 -21.19 73.74
CA GLU B 388 52.77 -21.67 73.09
C GLU B 388 53.65 -22.28 74.16
N LEU B 389 54.58 -23.13 73.73
CA LEU B 389 55.43 -23.94 74.61
C LEU B 389 56.45 -23.15 75.42
N THR B 390 56.62 -21.88 75.08
CA THR B 390 57.57 -21.06 75.80
C THR B 390 56.99 -19.88 76.58
N TYR B 391 55.73 -19.96 76.99
CA TYR B 391 55.23 -18.95 77.88
C TYR B 391 55.96 -19.15 79.20
N SER B 392 56.57 -18.07 79.66
CA SER B 392 57.17 -18.03 80.98
C SER B 392 56.58 -16.82 81.77
N VAL B 393 56.14 -17.10 83.00
CA VAL B 393 55.75 -16.07 83.96
C VAL B 393 56.55 -16.24 85.25
N THR B 394 57.32 -15.21 85.60
CA THR B 394 58.28 -15.26 86.67
C THR B 394 58.38 -13.95 87.42
N TYR B 395 58.90 -14.07 88.64
CA TYR B 395 59.13 -12.93 89.56
C TYR B 395 60.38 -13.26 90.35
N THR B 396 60.85 -12.27 91.10
CA THR B 396 61.96 -12.52 91.99
C THR B 396 61.59 -12.45 93.44
N PRO B 397 61.53 -13.60 94.09
CA PRO B 397 61.19 -13.56 95.51
C PRO B 397 62.09 -12.58 96.26
N GLY B 398 61.47 -11.72 97.06
CA GLY B 398 62.19 -10.81 97.93
C GLY B 398 62.83 -9.56 97.34
N ALA B 399 62.71 -9.34 96.02
CA ALA B 399 63.25 -8.12 95.42
C ALA B 399 62.64 -6.88 96.07
N SER B 400 63.51 -5.93 96.37
CA SER B 400 63.03 -4.68 96.94
C SER B 400 62.10 -3.93 96.00
N THR B 401 62.18 -4.13 94.69
CA THR B 401 61.37 -3.26 93.84
C THR B 401 60.03 -3.90 93.59
N ASN B 402 59.80 -5.03 94.24
CA ASN B 402 58.52 -5.70 94.19
C ASN B 402 57.38 -4.93 94.90
N LYS B 403 56.24 -4.78 94.24
CA LYS B 403 55.14 -4.02 94.85
C LYS B 403 54.38 -4.89 95.77
N HIS B 404 54.41 -6.20 95.51
CA HIS B 404 53.62 -7.10 96.28
C HIS B 404 54.52 -8.08 97.01
N PRO B 405 54.03 -8.64 98.11
CA PRO B 405 54.76 -9.67 98.82
C PRO B 405 54.87 -10.98 98.05
N ASP B 406 55.75 -11.86 98.53
CA ASP B 406 55.96 -13.10 97.85
C ASP B 406 54.73 -14.00 97.79
N TRP B 407 53.98 -14.10 98.87
CA TRP B 407 52.90 -15.06 98.89
C TRP B 407 51.90 -14.69 97.69
N TRP B 408 51.85 -13.40 97.38
CA TRP B 408 50.93 -12.83 96.42
C TRP B 408 51.42 -13.13 95.05
N ASN B 409 52.70 -12.95 94.82
CA ASN B 409 53.26 -13.13 93.50
C ASN B 409 53.31 -14.60 93.14
N GLU B 410 53.53 -15.43 94.13
CA GLU B 410 53.55 -16.83 93.87
C GLU B 410 52.17 -17.36 93.46
N LYS B 411 51.11 -16.83 94.08
CA LYS B 411 49.75 -17.24 93.67
C LYS B 411 49.46 -16.74 92.25
N VAL B 412 49.92 -15.53 91.93
CA VAL B 412 49.68 -14.95 90.63
C VAL B 412 50.40 -15.81 89.56
N LYS B 413 51.66 -16.19 89.84
CA LYS B 413 52.49 -16.87 88.84
C LYS B 413 51.85 -18.21 88.57
N ASN B 414 51.52 -18.95 89.62
CA ASN B 414 50.96 -20.26 89.46
C ASN B 414 49.63 -20.19 88.69
N HIS B 415 48.86 -19.13 88.92
CA HIS B 415 47.58 -19.07 88.26
C HIS B 415 47.80 -18.92 86.76
N MET B 416 48.61 -17.94 86.43
CA MET B 416 48.94 -17.56 85.05
C MET B 416 49.59 -18.69 84.26
N MET B 417 50.37 -19.55 84.95
CA MET B 417 51.12 -20.62 84.28
C MET B 417 50.25 -21.85 84.09
N GLN B 418 49.44 -22.16 85.10
CA GLN B 418 48.47 -23.25 85.01
C GLN B 418 47.21 -22.88 84.23
N HIS B 419 46.87 -21.60 84.08
CA HIS B 419 45.67 -21.30 83.29
C HIS B 419 45.88 -20.27 82.17
N GLN B 420 46.64 -20.65 81.12
CA GLN B 420 47.01 -19.74 80.02
C GLN B 420 45.87 -19.28 79.13
N GLU B 421 44.79 -20.01 79.15
CA GLU B 421 43.57 -19.55 78.44
C GLU B 421 42.86 -18.44 79.20
N ASP B 422 43.25 -18.22 80.46
CA ASP B 422 42.64 -17.19 81.29
C ASP B 422 43.31 -15.80 81.21
N PRO B 423 42.53 -14.78 80.88
CA PRO B 423 43.05 -13.46 80.63
C PRO B 423 43.35 -12.69 81.88
N LEU B 424 43.09 -13.29 83.05
CA LEU B 424 43.21 -12.60 84.30
C LEU B 424 44.25 -13.17 85.18
N PRO B 425 44.83 -12.29 86.03
CA PRO B 425 45.88 -12.66 86.98
C PRO B 425 45.42 -13.09 88.36
N ILE B 426 44.12 -13.06 88.62
CA ILE B 426 43.63 -13.38 89.98
C ILE B 426 43.36 -14.86 90.03
N PRO B 427 43.88 -15.58 91.02
CA PRO B 427 43.48 -16.98 91.09
C PRO B 427 41.96 -17.23 91.14
N PHE B 428 41.53 -18.35 90.63
CA PHE B 428 40.16 -18.79 90.73
C PHE B 428 39.68 -18.91 92.21
N GLU B 429 40.51 -19.38 93.09
CA GLU B 429 40.10 -19.60 94.41
C GLU B 429 40.43 -18.45 95.31
N ASP B 430 40.84 -17.31 94.76
CA ASP B 430 41.19 -16.21 95.63
C ASP B 430 40.01 -15.82 96.54
N PRO B 431 40.23 -15.73 97.84
CA PRO B 431 38.99 -15.26 98.51
C PRO B 431 38.58 -13.80 98.28
N GLU B 432 37.39 -13.52 98.77
CA GLU B 432 36.70 -12.30 98.43
C GLU B 432 37.25 -11.14 99.23
N PRO B 433 37.14 -9.93 98.73
CA PRO B 433 37.59 -8.83 99.59
C PRO B 433 36.62 -8.60 100.76
N GLN B 434 37.10 -8.00 101.86
CA GLN B 434 36.35 -7.80 103.11
C GLN B 434 36.87 -6.52 103.79
N VAL B 435 36.57 -5.40 103.16
CA VAL B 435 37.21 -4.14 103.48
C VAL B 435 36.23 -3.16 104.09
N THR B 436 36.70 -2.36 105.02
CA THR B 436 35.89 -1.26 105.56
C THR B 436 36.78 -0.08 105.99
N THR B 437 36.24 1.12 105.89
CA THR B 437 36.63 2.23 106.76
C THR B 437 35.48 2.48 107.78
N LEU B 438 35.77 2.35 109.07
CA LEU B 438 34.68 2.41 110.01
C LEU B 438 34.16 3.83 110.18
N PHE B 439 32.88 3.90 110.59
CA PHE B 439 32.20 5.14 111.00
C PHE B 439 33.10 6.16 111.74
N GLN B 440 33.14 7.40 111.24
CA GLN B 440 33.84 8.53 111.90
C GLN B 440 32.99 9.80 111.72
N PRO B 441 33.23 10.82 112.55
CA PRO B 441 32.39 12.02 112.46
C PRO B 441 32.44 12.67 111.11
N SER B 442 33.54 12.57 110.36
CA SER B 442 33.61 13.18 109.02
C SER B 442 33.14 12.21 107.93
N HIS B 443 32.92 10.96 108.33
CA HIS B 443 32.22 10.06 107.44
C HIS B 443 31.27 9.17 108.23
N PRO B 444 30.11 9.76 108.58
CA PRO B 444 29.29 9.11 109.55
C PRO B 444 28.42 8.07 108.93
N TRP B 445 29.05 7.07 108.29
CA TRP B 445 28.41 5.88 107.87
C TRP B 445 29.34 4.72 108.04
N HIS B 446 28.78 3.50 108.18
CA HIS B 446 29.55 2.25 108.13
C HIS B 446 29.76 1.86 106.69
N THR B 447 30.84 1.12 106.42
CA THR B 447 31.14 0.73 105.06
C THR B 447 31.62 -0.69 104.95
N GLN B 448 31.21 -1.30 103.84
CA GLN B 448 31.57 -2.67 103.54
C GLN B 448 31.84 -2.69 102.06
N ILE B 449 33.04 -3.11 101.71
CA ILE B 449 33.55 -3.16 100.36
C ILE B 449 34.07 -4.58 100.22
N HIS B 450 33.22 -5.44 99.65
CA HIS B 450 33.34 -6.86 99.95
C HIS B 450 32.59 -7.60 98.89
N ARG B 451 32.34 -8.87 99.18
CA ARG B 451 31.48 -9.71 98.38
C ARG B 451 30.62 -10.54 99.27
N ASP B 452 29.31 -10.39 99.10
CA ASP B 452 28.20 -10.94 99.91
C ASP B 452 27.53 -11.87 98.88
N ALA B 453 26.86 -12.94 99.31
CA ALA B 453 26.19 -13.76 98.31
C ALA B 453 25.26 -12.84 97.55
N PHE B 454 25.21 -13.03 96.22
CA PHE B 454 24.42 -12.19 95.31
C PHE B 454 23.72 -13.02 94.20
N SER B 455 22.53 -12.64 93.78
CA SER B 455 21.98 -13.35 92.62
C SER B 455 22.22 -12.52 91.38
N TRP B 456 22.88 -13.12 90.40
CA TRP B 456 23.27 -12.37 89.19
C TRP B 456 22.20 -12.38 88.12
N GLY B 457 21.93 -11.23 87.56
CA GLY B 457 21.16 -11.15 86.35
C GLY B 457 21.93 -11.68 85.16
N ALA B 458 21.18 -12.14 84.17
CA ALA B 458 21.75 -12.65 82.93
C ALA B 458 23.03 -11.95 82.63
N VAL B 459 22.94 -10.65 82.46
CA VAL B 459 23.94 -9.93 81.69
C VAL B 459 25.11 -9.55 82.57
N GLN B 460 24.92 -9.69 83.87
CA GLN B 460 26.00 -9.47 84.82
C GLN B 460 26.84 -10.74 84.93
N GLN B 461 26.21 -11.91 84.79
CA GLN B 461 26.97 -13.17 84.68
C GLN B 461 27.97 -13.18 83.50
N SER B 462 27.86 -12.18 82.63
CA SER B 462 28.71 -12.01 81.49
C SER B 462 30.09 -11.54 81.98
N ILE B 463 30.10 -10.98 83.18
CA ILE B 463 31.29 -10.34 83.74
C ILE B 463 31.99 -11.29 84.67
N ASP B 464 33.28 -11.51 84.47
CA ASP B 464 34.02 -12.41 85.35
C ASP B 464 33.84 -11.95 86.80
N SER B 465 33.41 -12.85 87.66
CA SER B 465 33.08 -12.50 89.02
C SER B 465 34.31 -12.07 89.80
N ARG B 466 35.51 -12.37 89.30
CA ARG B 466 36.71 -11.98 90.05
C ARG B 466 36.88 -10.46 90.11
N LEU B 467 36.24 -9.78 89.16
CA LEU B 467 36.28 -8.29 88.92
C LEU B 467 35.27 -7.52 89.82
N ILE B 468 34.35 -8.25 90.42
CA ILE B 468 33.21 -7.63 91.05
C ILE B 468 33.39 -7.42 92.53
N VAL B 469 33.08 -6.21 92.96
CA VAL B 469 33.12 -5.82 94.37
C VAL B 469 31.80 -5.11 94.70
N ASP B 470 31.21 -5.55 95.80
CA ASP B 470 29.99 -4.94 96.30
C ASP B 470 30.36 -3.73 97.18
N TRP B 471 29.53 -2.69 97.12
CA TRP B 471 29.68 -1.61 98.03
C TRP B 471 28.34 -1.42 98.83
N ARG B 472 28.44 -1.41 100.15
CA ARG B 472 27.26 -1.11 100.97
C ARG B 472 27.69 -0.07 101.99
N PHE B 473 27.06 1.10 101.95
CA PHE B 473 27.29 2.08 102.99
C PHE B 473 26.02 2.16 103.81
N PHE B 474 26.14 2.26 105.12
CA PHE B 474 25.04 2.23 106.05
C PHE B 474 24.98 3.50 106.94
N GLY B 475 23.87 4.23 106.82
CA GLY B 475 23.67 5.49 107.54
C GLY B 475 23.01 5.27 108.91
N ARG B 476 23.25 6.16 109.83
CA ARG B 476 22.63 6.15 111.14
C ARG B 476 21.40 7.05 111.11
N THR B 477 20.36 6.63 111.84
CA THR B 477 19.06 7.29 111.86
C THR B 477 18.69 7.83 113.21
N GLU B 478 18.40 9.13 113.30
CA GLU B 478 18.03 9.74 114.57
C GLU B 478 16.71 9.16 115.07
N PRO B 479 16.67 8.81 116.37
CA PRO B 479 15.50 8.25 117.02
C PRO B 479 14.49 9.32 117.27
N LYS B 480 13.31 9.16 116.67
CA LYS B 480 12.23 10.13 116.71
C LYS B 480 10.96 9.43 117.21
N GLU B 481 10.21 10.13 118.06
CA GLU B 481 8.98 9.58 118.64
C GLU B 481 7.98 9.19 117.59
N GLU B 482 7.88 9.95 116.50
CA GLU B 482 6.86 9.65 115.49
C GLU B 482 7.20 8.40 114.67
N ASN B 483 8.45 7.95 114.73
CA ASN B 483 8.82 6.76 114.00
C ASN B 483 8.37 5.55 114.84
N LYS B 484 7.29 4.90 114.40
CA LYS B 484 6.65 3.78 115.18
C LYS B 484 6.63 2.41 114.50
N LEU B 485 6.81 1.38 115.31
CA LEU B 485 6.35 0.04 114.98
C LEU B 485 5.13 -0.16 115.86
N TRP B 486 3.92 -0.31 115.31
CA TRP B 486 2.78 -0.70 116.18
C TRP B 486 2.06 -1.94 115.69
N PHE B 487 1.12 -2.46 116.49
CA PHE B 487 0.40 -3.70 116.17
C PHE B 487 -1.06 -3.52 116.14
N SER B 488 -1.68 -4.05 115.13
CA SER B 488 -3.11 -3.85 114.86
C SER B 488 -3.96 -4.64 115.82
N ASP B 489 -5.15 -4.13 116.11
CA ASP B 489 -6.00 -4.71 117.15
C ASP B 489 -7.05 -5.55 116.50
N LYS B 490 -6.99 -5.60 115.18
CA LYS B 490 -7.97 -6.37 114.40
C LYS B 490 -7.28 -7.44 113.51
N ILE B 491 -6.32 -6.99 112.69
CA ILE B 491 -5.62 -7.83 111.73
C ILE B 491 -4.59 -8.75 112.48
N THR B 492 -4.46 -10.01 112.10
CA THR B 492 -3.44 -10.86 112.72
C THR B 492 -2.50 -11.56 111.72
N ASP B 493 -1.32 -11.93 112.19
CA ASP B 493 -0.33 -12.47 111.32
C ASP B 493 -0.59 -13.99 111.24
N ALA B 494 0.37 -14.72 110.70
CA ALA B 494 0.22 -16.11 110.32
C ALA B 494 0.19 -16.97 111.57
N TYR B 495 0.60 -16.39 112.69
CA TYR B 495 0.66 -17.10 113.94
C TYR B 495 -0.37 -16.53 114.89
N ASN B 496 -1.40 -15.98 114.28
CA ASN B 496 -2.48 -15.30 114.99
C ASN B 496 -2.11 -14.32 116.06
N MET B 497 -1.03 -13.60 115.81
CA MET B 497 -0.68 -12.52 116.69
C MET B 497 -1.00 -11.23 115.97
N PRO B 498 -1.10 -10.14 116.73
CA PRO B 498 -1.38 -8.81 116.21
C PRO B 498 -0.36 -8.45 115.14
N GLN B 499 -0.89 -7.93 114.05
CA GLN B 499 -0.11 -7.67 112.83
C GLN B 499 0.76 -6.44 112.98
N PRO B 500 2.07 -6.60 112.85
CA PRO B 500 2.96 -5.42 112.86
C PRO B 500 2.65 -4.47 111.74
N THR B 501 2.80 -3.21 112.05
CA THR B 501 2.51 -2.13 111.16
C THR B 501 3.53 -0.99 111.41
N PHE B 502 4.25 -0.55 110.38
CA PHE B 502 5.26 0.50 110.56
C PHE B 502 4.63 1.84 110.22
N ASP B 503 5.00 2.84 111.00
CA ASP B 503 4.81 4.20 110.65
C ASP B 503 6.18 4.89 110.71
N PHE B 504 6.84 4.91 109.57
CA PHE B 504 8.24 5.31 109.52
C PHE B 504 8.56 6.21 108.35
N ARG B 505 9.33 7.26 108.61
CA ARG B 505 10.07 8.02 107.59
C ARG B 505 11.48 8.35 108.11
N PHE B 506 12.46 8.32 107.20
CA PHE B 506 13.81 8.83 107.50
C PHE B 506 13.65 10.29 107.84
N PRO B 507 14.01 10.65 109.10
CA PRO B 507 13.75 11.99 109.67
C PRO B 507 14.51 12.99 108.89
N ALA B 508 13.88 14.13 108.64
CA ALA B 508 14.52 15.23 107.98
C ALA B 508 15.68 15.73 108.90
N GLY B 509 16.53 16.55 108.35
CA GLY B 509 17.69 16.96 109.14
C GLY B 509 18.90 16.06 108.90
N ARG B 510 19.70 15.90 109.96
CA ARG B 510 20.98 15.25 109.87
C ARG B 510 20.78 13.93 109.11
N THR B 511 19.77 13.19 109.48
CA THR B 511 19.61 11.84 108.95
C THR B 511 19.54 11.80 107.48
N SER B 512 18.81 12.75 106.90
CA SER B 512 18.62 12.79 105.49
C SER B 512 19.81 13.33 104.74
N LYS B 513 20.34 14.45 105.23
CA LYS B 513 21.59 14.99 104.74
C LYS B 513 22.67 13.89 104.71
N GLU B 514 22.98 13.29 105.83
CA GLU B 514 23.94 12.20 105.86
C GLU B 514 23.65 11.07 104.88
N ALA B 515 22.36 10.77 104.66
CA ALA B 515 22.02 9.65 103.82
C ALA B 515 22.48 10.00 102.43
N GLU B 516 22.25 11.24 102.02
CA GLU B 516 22.54 11.62 100.67
C GLU B 516 24.08 11.82 100.45
N ASP B 517 24.71 12.47 101.42
CA ASP B 517 26.17 12.52 101.52
C ASP B 517 26.82 11.15 101.45
N MET B 518 26.20 10.14 102.06
CA MET B 518 26.74 8.82 102.09
C MET B 518 26.76 8.27 100.69
N MET B 519 25.64 8.42 100.02
CA MET B 519 25.53 7.97 98.65
C MET B 519 26.67 8.56 97.81
N THR B 520 26.87 9.87 97.86
CA THR B 520 27.91 10.55 97.05
C THR B 520 29.29 9.98 97.39
N ASP B 521 29.55 9.81 98.68
CA ASP B 521 30.78 9.25 99.13
C ASP B 521 30.99 7.82 98.59
N MET B 522 29.95 7.01 98.47
CA MET B 522 30.07 5.73 97.81
C MET B 522 30.40 5.89 96.29
N CYS B 523 29.71 6.81 95.60
CA CYS B 523 30.08 7.09 94.21
C CYS B 523 31.56 7.46 94.01
N VAL B 524 32.01 8.39 94.86
CA VAL B 524 33.35 8.88 94.87
C VAL B 524 34.31 7.75 95.28
N MET B 525 34.13 7.11 96.43
CA MET B 525 35.13 6.11 96.85
C MET B 525 35.19 4.97 95.84
N SER B 526 34.03 4.53 95.32
CA SER B 526 33.98 3.36 94.47
C SER B 526 34.68 3.59 93.12
N ALA B 527 34.56 4.78 92.57
CA ALA B 527 35.28 5.15 91.35
C ALA B 527 36.80 4.85 91.36
N LYS B 528 37.39 4.75 92.53
CA LYS B 528 38.81 4.53 92.67
C LYS B 528 39.22 3.09 92.50
N ILE B 529 38.28 2.18 92.64
CA ILE B 529 38.51 0.79 92.42
C ILE B 529 38.06 0.37 91.03
N GLY B 530 37.06 1.06 90.47
CA GLY B 530 36.37 0.63 89.26
C GLY B 530 35.09 1.39 88.95
N GLY B 531 34.60 1.24 87.73
CA GLY B 531 33.28 1.81 87.35
C GLY B 531 32.17 0.85 87.77
N PHE B 532 30.95 1.38 87.76
CA PHE B 532 29.79 0.64 88.17
C PHE B 532 29.47 -0.48 87.26
N LEU B 533 28.92 -1.54 87.82
CA LEU B 533 28.50 -2.73 87.07
C LEU B 533 27.11 -2.50 86.62
N PRO B 534 26.82 -2.48 85.29
CA PRO B 534 25.43 -2.30 84.91
C PRO B 534 24.49 -3.34 85.55
N GLY B 535 23.31 -2.88 85.96
CA GLY B 535 22.35 -3.61 86.77
C GLY B 535 22.62 -3.56 88.29
N SER B 536 23.79 -3.08 88.73
CA SER B 536 24.04 -2.89 90.11
C SER B 536 24.57 -1.44 90.31
N LEU B 537 23.80 -0.50 89.80
CA LEU B 537 24.11 0.88 89.89
C LEU B 537 23.76 1.46 91.27
N PRO B 538 24.46 2.50 91.68
CA PRO B 538 24.21 3.12 92.99
C PRO B 538 22.75 3.50 93.24
N GLN B 539 22.28 2.94 94.35
CA GLN B 539 20.94 3.09 94.68
C GLN B 539 20.80 2.98 96.20
N PHE B 540 19.72 3.56 96.72
CA PHE B 540 19.19 3.23 98.04
C PHE B 540 18.39 1.95 98.01
N MET B 541 18.55 1.14 99.04
CA MET B 541 17.88 -0.15 99.06
C MET B 541 16.50 0.03 99.70
N GLU B 542 15.55 -0.89 99.44
CA GLU B 542 14.21 -0.77 100.02
C GLU B 542 14.33 -0.57 101.53
N PRO B 543 13.54 0.35 102.11
CA PRO B 543 13.69 0.63 103.51
C PRO B 543 13.47 -0.60 104.40
N GLY B 544 14.44 -0.85 105.25
CA GLY B 544 14.48 -2.03 106.14
C GLY B 544 15.02 -3.32 105.57
N LEU B 545 15.23 -3.38 104.25
CA LEU B 545 15.88 -4.56 103.67
C LEU B 545 17.17 -4.80 104.40
N VAL B 546 17.83 -3.70 104.82
CA VAL B 546 19.04 -3.78 105.65
C VAL B 546 18.92 -4.63 106.90
N LEU B 547 17.71 -4.77 107.46
CA LEU B 547 17.47 -5.62 108.67
C LEU B 547 18.38 -5.27 109.89
N HIS B 548 18.53 -3.98 110.14
CA HIS B 548 19.22 -3.43 111.28
C HIS B 548 18.28 -2.52 112.16
N LEU B 549 17.01 -2.89 112.28
CA LEU B 549 16.05 -2.18 113.13
C LEU B 549 16.50 -2.13 114.57
N GLY B 550 16.45 -0.95 115.19
CA GLY B 550 16.72 -0.80 116.62
C GLY B 550 15.72 0.09 117.38
N GLY B 551 15.91 0.15 118.69
CA GLY B 551 15.10 0.97 119.56
C GLY B 551 13.61 0.71 119.68
N THR B 552 13.16 -0.45 119.23
CA THR B 552 11.77 -0.79 119.40
C THR B 552 11.43 -0.96 120.89
N HIS B 553 12.42 -1.29 121.72
CA HIS B 553 12.17 -1.46 123.13
C HIS B 553 13.40 -0.95 123.86
N ARG B 554 13.66 0.34 123.65
CA ARG B 554 14.99 0.89 123.77
C ARG B 554 15.52 1.02 125.21
N MET B 555 16.84 1.03 125.34
CA MET B 555 17.47 1.15 126.61
C MET B 555 17.70 2.60 127.04
N GLY B 556 17.76 2.81 128.35
CA GLY B 556 18.07 4.10 128.96
C GLY B 556 18.18 4.02 130.50
N PHE B 557 18.77 5.03 131.13
CA PHE B 557 18.92 5.16 132.58
C PHE B 557 17.57 5.40 133.34
N ASP B 558 16.70 6.21 132.71
CA ASP B 558 15.44 6.58 133.29
C ASP B 558 14.25 6.50 132.31
N GLU B 559 13.20 5.80 132.70
CA GLU B 559 12.11 5.53 131.77
C GLU B 559 11.49 6.77 131.15
N LYS B 560 11.19 7.76 131.96
CA LYS B 560 10.51 8.93 131.45
C LYS B 560 11.51 9.86 130.82
N GLU B 561 12.66 10.05 131.45
CA GLU B 561 13.61 11.06 131.00
C GLU B 561 14.34 10.62 129.73
N ASP B 562 14.50 9.33 129.52
CA ASP B 562 15.22 8.90 128.37
C ASP B 562 14.22 8.23 127.39
N ASN B 563 12.94 8.40 127.65
CA ASN B 563 11.93 7.82 126.78
C ASN B 563 12.31 6.38 126.38
N CYS B 564 12.39 5.51 127.38
CA CYS B 564 12.86 4.17 127.12
C CYS B 564 12.02 3.10 127.78
N CYS B 565 12.26 1.86 127.42
CA CYS B 565 11.55 0.76 128.02
C CYS B 565 12.38 -0.16 128.92
N VAL B 566 13.70 -0.16 128.81
CA VAL B 566 14.49 -1.01 129.69
C VAL B 566 15.68 -0.30 130.28
N ASN B 567 16.17 -0.75 131.42
CA ASN B 567 17.35 -0.11 132.00
C ASN B 567 18.64 -0.75 131.48
N THR B 568 19.78 -0.28 132.00
CA THR B 568 21.07 -0.71 131.49
C THR B 568 21.36 -2.18 131.80
N ASP B 569 20.50 -2.81 132.61
CA ASP B 569 20.58 -4.27 132.84
C ASP B 569 19.62 -4.93 131.93
N SER B 570 19.09 -4.13 131.03
CA SER B 570 18.05 -4.57 130.08
C SER B 570 16.82 -5.05 130.80
N ARG B 571 16.58 -4.57 132.01
CA ARG B 571 15.39 -4.99 132.74
C ARG B 571 14.21 -4.08 132.38
N VAL B 572 13.03 -4.65 132.15
CA VAL B 572 11.87 -3.80 131.88
C VAL B 572 11.55 -3.02 133.17
N PHE B 573 11.29 -1.71 133.05
CA PHE B 573 11.11 -0.89 134.24
C PHE B 573 9.89 -1.39 135.03
N GLY B 574 9.98 -1.38 136.36
CA GLY B 574 8.85 -1.82 137.18
C GLY B 574 8.82 -3.30 137.43
N PHE B 575 9.45 -4.08 136.54
CA PHE B 575 9.40 -5.53 136.72
C PHE B 575 10.69 -6.18 137.23
N LYS B 576 10.55 -6.97 138.28
CA LYS B 576 11.70 -7.63 138.88
C LYS B 576 12.39 -8.62 137.94
N ASN B 577 11.69 -9.10 136.95
CA ASN B 577 12.14 -10.36 136.39
C ASN B 577 11.92 -10.49 134.88
N LEU B 578 11.78 -9.36 134.21
CA LEU B 578 11.49 -9.34 132.80
C LEU B 578 12.61 -8.62 132.11
N PHE B 579 13.25 -9.30 131.15
CA PHE B 579 14.44 -8.77 130.49
C PHE B 579 14.29 -8.92 129.05
N LEU B 580 14.83 -7.97 128.33
CA LEU B 580 14.80 -7.94 126.89
C LEU B 580 16.22 -7.89 126.37
N GLY B 581 16.49 -8.65 125.32
CA GLY B 581 17.78 -8.56 124.64
C GLY B 581 17.57 -8.45 123.16
N GLY B 582 18.42 -7.69 122.47
CA GLY B 582 18.24 -7.51 121.04
C GLY B 582 18.54 -6.09 120.55
N CYS B 583 18.60 -5.92 119.21
CA CYS B 583 18.84 -4.62 118.65
C CYS B 583 17.74 -3.60 119.01
N GLY B 584 16.59 -4.09 119.47
CA GLY B 584 15.50 -3.19 119.95
C GLY B 584 15.89 -2.34 121.16
N ASN B 585 16.87 -2.81 121.93
CA ASN B 585 17.38 -2.17 123.13
C ASN B 585 18.27 -0.99 122.76
N ILE B 586 18.75 -0.98 121.54
CA ILE B 586 19.64 0.08 121.13
C ILE B 586 18.85 1.36 120.87
N PRO B 587 19.19 2.43 121.60
CA PRO B 587 18.49 3.72 121.61
C PRO B 587 19.11 4.78 120.72
N THR B 588 20.31 4.51 120.24
CA THR B 588 21.10 5.51 119.55
C THR B 588 20.95 5.46 118.03
N ALA B 589 21.59 6.43 117.38
CA ALA B 589 21.63 6.44 115.96
C ALA B 589 22.97 5.77 115.61
N TYR B 590 22.89 4.64 114.93
CA TYR B 590 24.08 3.91 114.62
C TYR B 590 24.10 3.47 113.16
N GLY B 591 25.33 3.38 112.62
CA GLY B 591 25.56 2.98 111.26
C GLY B 591 26.18 1.61 111.07
N ALA B 592 27.00 1.17 112.03
CA ALA B 592 27.57 -0.17 112.06
C ALA B 592 26.58 -1.32 112.32
N ASN B 593 26.98 -2.52 111.94
CA ASN B 593 26.07 -3.61 112.18
C ASN B 593 25.91 -3.87 113.70
N PRO B 594 24.68 -3.98 114.17
CA PRO B 594 24.33 -3.90 115.62
C PRO B 594 24.48 -5.14 116.49
N THR B 595 24.61 -6.32 115.93
CA THR B 595 24.38 -7.48 116.71
C THR B 595 25.44 -7.61 117.78
N LEU B 596 26.69 -7.24 117.47
CA LEU B 596 27.76 -7.32 118.51
C LEU B 596 27.35 -6.50 119.71
N THR B 597 26.70 -5.37 119.43
CA THR B 597 26.38 -4.43 120.47
C THR B 597 25.24 -4.96 121.33
N ALA B 598 24.18 -5.41 120.66
CA ALA B 598 23.11 -6.15 121.35
C ALA B 598 23.73 -7.24 122.18
N MET B 599 24.71 -7.91 121.61
CA MET B 599 25.28 -9.01 122.34
C MET B 599 25.95 -8.51 123.64
N SER B 600 26.60 -7.38 123.57
CA SER B 600 27.34 -6.91 124.72
C SER B 600 26.38 -6.51 125.82
N LEU B 601 25.24 -5.90 125.42
CA LEU B 601 24.22 -5.53 126.38
C LEU B 601 23.66 -6.78 127.11
N ALA B 602 23.47 -7.89 126.37
CA ALA B 602 22.93 -9.12 126.96
C ALA B 602 23.91 -9.77 127.92
N ILE B 603 25.20 -9.66 127.65
CA ILE B 603 26.17 -10.06 128.66
C ILE B 603 26.03 -9.22 129.95
N LYS B 604 25.81 -7.93 129.84
CA LYS B 604 25.69 -7.09 131.04
C LYS B 604 24.42 -7.50 131.81
N SER B 605 23.33 -7.61 131.07
CA SER B 605 22.09 -8.15 131.59
C SER B 605 22.30 -9.44 132.37
N CYS B 606 22.97 -10.40 131.77
CA CYS B 606 23.20 -11.64 132.45
C CYS B 606 23.90 -11.47 133.78
N GLU B 607 24.79 -10.49 133.87
CA GLU B 607 25.54 -10.23 135.11
C GLU B 607 24.67 -9.73 136.29
N TYR B 608 23.63 -8.98 135.94
CA TYR B 608 22.61 -8.60 136.88
C TYR B 608 21.75 -9.82 137.27
N ILE B 609 21.38 -10.65 136.31
CA ILE B 609 20.62 -11.85 136.63
C ILE B 609 21.46 -12.75 137.55
N LYS B 610 22.73 -12.90 137.26
CA LYS B 610 23.52 -13.80 138.11
C LYS B 610 23.57 -13.32 139.57
N GLN B 611 23.33 -12.03 139.82
CA GLN B 611 23.55 -11.48 141.17
C GLN B 611 22.27 -11.35 141.97
N ASN B 612 21.14 -11.54 141.32
CA ASN B 612 19.87 -11.18 141.88
C ASN B 612 18.84 -12.29 141.76
N PHE B 613 19.19 -13.37 141.07
CA PHE B 613 18.39 -14.60 141.07
C PHE B 613 19.29 -15.79 141.39
N THR B 614 18.79 -16.91 141.89
CA THR B 614 19.67 -18.04 142.31
C THR B 614 19.31 -19.35 141.67
N PRO B 615 20.29 -20.08 141.10
CA PRO B 615 19.91 -21.35 140.46
C PRO B 615 19.26 -22.29 141.44
N SER B 616 18.20 -22.96 141.01
CA SER B 616 17.67 -24.04 141.81
C SER B 616 18.74 -25.13 142.01
N PRO B 617 18.69 -25.79 143.16
CA PRO B 617 19.55 -26.97 143.37
C PRO B 617 19.39 -27.99 142.22
N PHE B 618 20.51 -28.54 141.78
CA PHE B 618 20.53 -29.52 140.69
C PHE B 618 19.96 -30.87 141.18
N THR B 619 18.67 -31.06 140.93
CA THR B 619 17.87 -32.13 141.55
C THR B 619 16.90 -32.78 140.54
N LYS C 46 -18.30 31.75 56.74
CA LYS C 46 -19.62 31.36 56.13
C LYS C 46 -19.52 30.24 55.07
N TYR C 47 -19.65 29.00 55.52
CA TYR C 47 -19.47 27.85 54.65
C TYR C 47 -20.80 27.15 54.46
N ASP C 48 -20.93 26.36 53.40
CA ASP C 48 -22.00 25.39 53.24
C ASP C 48 -21.90 24.25 54.29
N VAL C 49 -20.76 23.58 54.28
CA VAL C 49 -20.54 22.46 55.18
C VAL C 49 -19.27 22.64 56.01
N VAL C 50 -19.38 22.52 57.32
CA VAL C 50 -18.18 22.39 58.09
C VAL C 50 -18.05 20.94 58.57
N ILE C 51 -16.84 20.43 58.50
CA ILE C 51 -16.53 19.10 59.01
C ILE C 51 -15.45 19.20 60.07
N VAL C 52 -15.76 18.73 61.28
CA VAL C 52 -14.76 18.60 62.29
C VAL C 52 -13.97 17.27 62.20
N GLY C 53 -12.67 17.36 61.87
CA GLY C 53 -11.76 16.19 61.87
C GLY C 53 -11.43 15.70 60.48
N SER C 54 -10.13 15.57 60.17
CA SER C 54 -9.69 15.31 58.80
C SER C 54 -9.31 13.83 58.63
N GLY C 55 -9.91 12.99 59.43
CA GLY C 55 -9.66 11.58 59.30
C GLY C 55 -10.36 11.00 58.09
N PRO C 56 -10.43 9.66 58.02
CA PRO C 56 -10.92 9.02 56.80
C PRO C 56 -12.43 9.13 56.67
N ILE C 57 -13.10 9.21 57.80
CA ILE C 57 -14.53 9.41 57.80
C ILE C 57 -14.77 10.88 57.47
N GLY C 58 -14.10 11.77 58.20
CA GLY C 58 -14.02 13.16 57.78
C GLY C 58 -13.80 13.27 56.28
N CYS C 59 -12.87 12.50 55.71
CA CYS C 59 -12.54 12.75 54.29
C CYS C 59 -13.61 12.20 53.34
N THR C 60 -14.44 11.31 53.85
CA THR C 60 -15.54 10.72 53.07
C THR C 60 -16.61 11.75 52.78
N TYR C 61 -17.01 12.47 53.83
CA TYR C 61 -17.86 13.66 53.72
C TYR C 61 -17.21 14.66 52.77
N ALA C 62 -15.92 14.85 52.92
CA ALA C 62 -15.27 15.89 52.15
C ALA C 62 -15.29 15.56 50.68
N ARG C 63 -15.10 14.27 50.33
CA ARG C 63 -15.06 13.87 48.94
C ARG C 63 -16.43 13.87 48.22
N GLU C 64 -17.47 13.53 48.93
CA GLU C 64 -18.77 13.46 48.36
C GLU C 64 -19.33 14.89 48.20
N LEU C 65 -19.22 15.67 49.27
CA LEU C 65 -19.78 17.00 49.27
C LEU C 65 -18.94 18.02 48.49
N VAL C 66 -17.63 17.99 48.64
CA VAL C 66 -16.82 18.88 47.84
C VAL C 66 -17.11 18.57 46.36
N GLY C 67 -17.25 17.27 46.07
CA GLY C 67 -17.49 16.82 44.71
C GLY C 67 -18.86 17.22 44.16
N ALA C 68 -19.79 17.52 45.06
CA ALA C 68 -21.14 17.86 44.70
C ALA C 68 -21.35 19.37 44.66
N GLY C 69 -20.26 20.14 44.72
CA GLY C 69 -20.33 21.58 44.64
C GLY C 69 -20.48 22.34 45.93
N TYR C 70 -20.52 21.68 47.08
CA TYR C 70 -20.61 22.43 48.33
C TYR C 70 -19.28 23.14 48.68
N LYS C 71 -19.43 24.33 49.26
CA LYS C 71 -18.30 25.07 49.77
C LYS C 71 -18.03 24.55 51.17
N VAL C 72 -16.90 23.89 51.34
CA VAL C 72 -16.67 23.09 52.54
C VAL C 72 -15.45 23.58 53.29
N ALA C 73 -15.58 23.69 54.61
CA ALA C 73 -14.41 23.87 55.46
C ALA C 73 -14.26 22.66 56.40
N MET C 74 -13.01 22.25 56.61
CA MET C 74 -12.70 21.14 57.49
C MET C 74 -11.69 21.63 58.54
N PHE C 75 -11.93 21.27 59.78
CA PHE C 75 -11.04 21.68 60.84
C PHE C 75 -10.41 20.50 61.47
N ASP C 76 -9.13 20.65 61.79
CA ASP C 76 -8.43 19.61 62.52
C ASP C 76 -7.56 20.24 63.64
N ILE C 77 -7.72 19.68 64.83
CA ILE C 77 -6.98 20.09 66.01
C ILE C 77 -5.49 19.76 65.86
N GLY C 78 -5.17 18.80 64.99
CA GLY C 78 -3.78 18.43 64.68
C GLY C 78 -3.28 19.00 63.35
N GLU C 79 -2.03 18.71 62.97
CA GLU C 79 -1.33 19.48 61.93
C GLU C 79 -0.84 18.59 60.78
N ILE C 80 -0.26 19.21 59.76
CA ILE C 80 0.15 18.50 58.58
C ILE C 80 1.55 17.96 58.87
N ASP C 81 1.78 16.67 58.65
CA ASP C 81 3.09 16.00 58.87
C ASP C 81 3.16 14.53 58.30
N SER C 82 2.99 14.38 56.98
CA SER C 82 2.89 13.07 56.29
C SER C 82 3.52 13.33 54.93
N GLY C 83 4.43 14.32 54.85
CA GLY C 83 4.98 14.70 53.56
C GLY C 83 3.99 15.48 52.73
N LEU C 84 4.22 15.58 51.42
CA LEU C 84 3.47 16.53 50.60
C LEU C 84 2.05 16.04 50.28
N LYS C 85 1.82 14.72 50.36
CA LYS C 85 0.45 14.14 50.33
C LYS C 85 -0.25 14.29 51.70
N ILE C 86 -1.15 15.25 51.82
CA ILE C 86 -1.71 15.58 53.10
C ILE C 86 -2.55 14.41 53.60
N GLY C 87 -2.25 14.00 54.84
CA GLY C 87 -2.98 12.97 55.58
C GLY C 87 -2.76 11.59 54.99
N ALA C 88 -1.64 11.42 54.33
CA ALA C 88 -1.36 10.13 53.75
C ALA C 88 -0.68 9.26 54.75
N HIS C 89 -0.52 8.00 54.37
CA HIS C 89 -0.07 6.98 55.31
C HIS C 89 1.42 7.18 55.56
N LYS C 90 1.77 7.34 56.81
CA LYS C 90 3.18 7.57 57.16
C LYS C 90 4.09 6.39 56.84
N LYS C 91 3.56 5.18 56.67
CA LYS C 91 4.49 4.10 56.25
C LYS C 91 4.74 3.97 54.75
N ASN C 92 4.37 5.02 54.01
CA ASN C 92 4.57 5.01 52.59
C ASN C 92 5.89 5.70 52.23
N THR C 93 6.93 5.45 53.02
CA THR C 93 8.26 5.90 52.73
C THR C 93 9.12 4.70 52.48
N VAL C 94 10.07 4.85 51.56
CA VAL C 94 11.03 3.81 51.34
C VAL C 94 11.72 3.44 52.59
N GLU C 95 12.00 4.37 53.51
CA GLU C 95 12.78 3.98 54.72
C GLU C 95 12.00 3.00 55.51
N TYR C 96 10.74 3.26 55.72
CA TYR C 96 9.96 2.38 56.54
C TYR C 96 9.71 1.05 55.88
N GLN C 97 9.47 0.98 54.59
CA GLN C 97 9.20 -0.32 54.00
C GLN C 97 10.46 -1.14 54.00
N LYS C 98 11.59 -0.49 54.18
CA LYS C 98 12.84 -1.19 54.27
C LYS C 98 13.23 -1.50 55.72
N ASN C 99 12.52 -0.89 56.65
CA ASN C 99 12.76 -1.00 58.10
C ASN C 99 11.36 -0.96 58.74
N ILE C 100 10.50 -1.86 58.28
CA ILE C 100 9.11 -1.85 58.66
C ILE C 100 8.92 -1.86 60.17
N ASP C 101 9.77 -2.57 60.90
CA ASP C 101 9.60 -2.66 62.37
C ASP C 101 9.88 -1.37 63.16
N LYS C 102 10.57 -0.42 62.54
CA LYS C 102 10.71 0.91 63.10
C LYS C 102 9.39 1.71 63.12
N PHE C 103 8.37 1.25 62.37
CA PHE C 103 7.15 2.02 62.22
C PHE C 103 6.32 2.02 63.48
N VAL C 104 6.59 1.06 64.34
CA VAL C 104 5.88 0.90 65.58
C VAL C 104 6.01 2.13 66.45
N ASN C 105 7.18 2.78 66.35
CA ASN C 105 7.44 3.97 67.13
C ASN C 105 6.63 5.09 66.55
N VAL C 106 6.43 5.09 65.26
CA VAL C 106 5.57 6.13 64.70
C VAL C 106 4.17 6.01 65.37
N ILE C 107 3.59 4.81 65.28
CA ILE C 107 2.30 4.58 65.93
C ILE C 107 2.28 5.11 67.38
N GLN C 108 3.16 4.55 68.23
CA GLN C 108 3.19 4.85 69.64
C GLN C 108 3.39 6.34 69.87
N GLY C 109 4.07 7.02 68.97
CA GLY C 109 4.28 8.45 69.11
C GLY C 109 3.08 9.34 68.82
N GLN C 110 1.99 8.78 68.27
CA GLN C 110 0.71 9.54 68.13
C GLN C 110 -0.53 8.75 68.70
N LEU C 111 -0.30 7.88 69.66
CA LEU C 111 -1.36 7.38 70.49
C LEU C 111 -1.30 8.08 71.84
N MET C 112 -2.21 9.01 72.04
CA MET C 112 -2.28 9.62 73.34
C MET C 112 -3.46 9.00 74.10
N SER C 113 -3.10 8.42 75.24
CA SER C 113 -4.01 7.67 76.10
C SER C 113 -5.24 8.49 76.42
N VAL C 114 -6.40 7.86 76.38
CA VAL C 114 -7.60 8.67 76.62
C VAL C 114 -7.77 8.97 78.12
N SER C 115 -7.50 8.00 78.96
CA SER C 115 -7.87 8.16 80.36
C SER C 115 -6.96 7.33 81.19
N VAL C 116 -6.08 7.95 81.96
CA VAL C 116 -5.02 7.24 82.70
C VAL C 116 -5.42 7.45 84.14
N PRO C 117 -5.65 6.38 84.91
CA PRO C 117 -5.99 6.69 86.31
C PRO C 117 -4.81 7.21 87.12
N VAL C 118 -5.06 7.75 88.30
CA VAL C 118 -4.07 8.10 89.28
C VAL C 118 -3.21 6.89 89.65
N ASN C 119 -1.94 7.15 89.83
CA ASN C 119 -0.94 6.13 89.83
C ASN C 119 -0.64 5.86 91.29
N THR C 120 -0.66 4.61 91.67
CA THR C 120 -0.46 4.21 93.04
C THR C 120 0.77 3.28 93.19
N LEU C 121 1.68 3.28 92.22
CA LEU C 121 2.93 2.55 92.40
C LEU C 121 3.79 3.20 93.51
N VAL C 122 4.35 2.36 94.33
CA VAL C 122 5.14 2.79 95.49
C VAL C 122 6.58 2.88 95.00
N VAL C 123 7.14 4.07 95.12
CA VAL C 123 8.56 4.26 94.90
C VAL C 123 9.16 4.56 96.26
N ASP C 124 9.76 3.58 96.91
CA ASP C 124 10.25 3.86 98.26
C ASP C 124 11.77 3.77 98.37
N THR C 125 12.45 3.99 97.25
CA THR C 125 13.94 4.00 97.24
C THR C 125 14.44 5.36 96.79
N LEU C 126 13.62 6.37 96.76
CA LEU C 126 14.14 7.74 96.74
C LEU C 126 15.17 8.01 97.81
N SER C 127 16.10 8.87 97.48
CA SER C 127 16.99 9.39 98.48
C SER C 127 16.19 10.11 99.55
N PRO C 128 16.54 9.94 100.83
CA PRO C 128 15.87 10.71 101.85
C PRO C 128 15.93 12.23 101.70
N THR C 129 16.82 12.81 100.88
CA THR C 129 16.74 14.26 100.60
C THR C 129 15.75 14.70 99.54
N SER C 130 15.21 13.74 98.79
CA SER C 130 14.36 14.08 97.69
C SER C 130 12.96 14.35 98.20
N TRP C 131 12.28 15.29 97.58
CA TRP C 131 10.89 15.56 97.87
C TRP C 131 10.08 14.31 97.62
N GLN C 132 9.28 13.93 98.61
CA GLN C 132 8.50 12.71 98.58
C GLN C 132 7.04 13.04 98.83
N ALA C 133 6.19 12.22 98.25
CA ALA C 133 4.73 12.47 98.41
C ALA C 133 4.30 11.88 99.72
N SER C 134 3.24 12.41 100.26
CA SER C 134 2.55 11.78 101.34
C SER C 134 1.36 10.94 100.87
N THR C 135 0.81 11.31 99.72
CA THR C 135 -0.29 10.65 99.14
C THR C 135 -0.04 10.43 97.67
N PHE C 136 -0.84 9.54 97.10
CA PHE C 136 -0.95 9.38 95.68
C PHE C 136 -1.79 10.48 95.01
N PHE C 137 -1.31 11.73 95.03
CA PHE C 137 -2.08 12.83 94.43
C PHE C 137 -2.10 12.81 92.90
N VAL C 138 -2.83 13.75 92.35
CA VAL C 138 -3.11 13.79 90.98
C VAL C 138 -1.91 14.39 90.29
N ARG C 139 -1.25 13.55 89.52
CA ARG C 139 0.03 13.86 88.96
C ARG C 139 -0.01 13.57 87.45
N ASN C 140 0.85 14.30 86.71
CA ASN C 140 1.23 13.96 85.34
C ASN C 140 0.08 13.62 84.40
N GLY C 141 -1.02 14.33 84.57
CA GLY C 141 -2.10 14.36 83.64
C GLY C 141 -3.15 13.30 83.92
N SER C 142 -3.04 12.64 85.05
CA SER C 142 -3.92 11.55 85.33
C SER C 142 -5.31 12.05 85.65
N ASN C 143 -6.30 11.16 85.48
CA ASN C 143 -7.74 11.36 85.69
C ASN C 143 -8.23 10.81 87.00
N PRO C 144 -8.44 11.68 87.97
CA PRO C 144 -8.93 11.15 89.27
C PRO C 144 -10.37 10.62 89.20
N GLU C 145 -11.10 10.91 88.14
CA GLU C 145 -12.44 10.30 87.96
C GLU C 145 -12.41 8.80 87.72
N GLN C 146 -11.25 8.27 87.28
CA GLN C 146 -11.19 6.99 86.64
C GLN C 146 -10.93 5.82 87.59
N ASP C 147 -11.87 4.89 87.62
CA ASP C 147 -11.69 3.66 88.31
C ASP C 147 -10.73 2.88 87.44
N PRO C 148 -9.52 2.60 87.95
CA PRO C 148 -8.56 1.80 87.22
C PRO C 148 -9.06 0.39 86.89
N LEU C 149 -10.08 -0.10 87.61
CA LEU C 149 -10.57 -1.49 87.38
C LEU C 149 -11.75 -1.60 86.38
N ARG C 150 -12.18 -0.46 85.89
CA ARG C 150 -13.30 -0.39 84.96
C ARG C 150 -13.00 0.58 83.80
N ASN C 151 -11.81 0.47 83.24
CA ASN C 151 -11.29 1.37 82.23
C ASN C 151 -11.11 0.67 80.91
N LEU C 152 -10.90 1.49 79.90
CA LEU C 152 -10.21 1.06 78.69
C LEU C 152 -8.79 1.69 78.65
N SER C 153 -7.90 1.13 79.43
CA SER C 153 -6.65 1.72 79.63
C SER C 153 -5.90 1.83 78.33
N GLY C 154 -6.09 0.90 77.44
CA GLY C 154 -5.32 0.97 76.20
C GLY C 154 -5.91 1.96 75.18
N GLN C 155 -7.16 2.42 75.42
CA GLN C 155 -7.78 3.43 74.54
C GLN C 155 -6.95 4.66 74.46
N ALA C 156 -6.75 5.12 73.24
CA ALA C 156 -5.80 6.21 72.95
C ALA C 156 -6.31 7.00 71.71
N VAL C 157 -5.92 8.27 71.57
CA VAL C 157 -6.37 9.09 70.42
C VAL C 157 -5.17 9.68 69.61
N THR C 158 -5.47 10.08 68.38
CA THR C 158 -4.51 10.60 67.47
C THR C 158 -4.91 11.97 66.92
N ARG C 159 -4.09 12.97 67.19
CA ARG C 159 -4.36 14.34 66.73
C ARG C 159 -3.31 14.86 65.70
N VAL C 160 -3.46 14.44 64.43
CA VAL C 160 -2.66 14.84 63.25
C VAL C 160 -3.64 14.77 62.07
N VAL C 161 -3.35 15.55 61.01
CA VAL C 161 -4.19 15.61 59.84
C VAL C 161 -4.24 14.22 59.18
N GLY C 162 -5.43 13.67 59.05
CA GLY C 162 -5.61 12.37 58.46
C GLY C 162 -5.84 11.32 59.55
N GLY C 163 -5.65 11.78 60.79
CA GLY C 163 -6.03 11.02 61.92
C GLY C 163 -5.30 9.69 61.97
N MET C 164 -5.98 8.67 62.47
CA MET C 164 -5.37 7.34 62.70
C MET C 164 -5.05 6.62 61.38
N SER C 165 -5.66 7.06 60.29
CA SER C 165 -5.35 6.51 58.99
C SER C 165 -3.98 6.95 58.50
N THR C 166 -3.25 7.76 59.28
CA THR C 166 -1.89 8.02 58.91
C THR C 166 -1.00 6.88 59.39
N HIS C 167 -1.57 5.95 60.15
CA HIS C 167 -0.79 4.83 60.73
C HIS C 167 -1.48 3.47 60.76
N TRP C 168 -2.72 3.37 60.32
CA TRP C 168 -3.54 2.17 60.50
C TRP C 168 -3.02 0.95 59.72
N THR C 169 -3.46 -0.23 60.14
CA THR C 169 -3.13 -1.49 59.49
C THR C 169 -3.82 -1.72 58.09
N CYS C 170 -4.96 -1.03 57.87
CA CYS C 170 -5.66 -0.92 56.56
C CYS C 170 -6.54 -2.09 56.23
N ALA C 171 -6.87 -2.86 57.25
CA ALA C 171 -7.74 -3.99 57.08
C ALA C 171 -9.21 -3.53 56.94
N THR C 172 -9.79 -3.76 55.78
CA THR C 172 -11.16 -3.31 55.49
C THR C 172 -12.09 -4.42 55.04
N PRO C 173 -12.51 -5.27 56.00
CA PRO C 173 -13.50 -6.27 55.76
C PRO C 173 -14.89 -5.68 55.95
N ARG C 174 -15.82 -6.19 55.15
CA ARG C 174 -17.25 -6.12 55.38
C ARG C 174 -17.69 -6.86 56.63
N PHE C 175 -18.63 -6.28 57.38
CA PHE C 175 -19.41 -6.98 58.37
C PHE C 175 -20.44 -7.86 57.66
N ASP C 176 -20.60 -9.09 58.12
CA ASP C 176 -21.75 -9.89 57.70
C ASP C 176 -22.94 -9.42 58.53
N ARG C 177 -24.12 -9.98 58.22
CA ARG C 177 -25.38 -9.67 58.88
C ARG C 177 -25.35 -9.71 60.38
N GLU C 178 -24.90 -10.83 60.94
CA GLU C 178 -24.72 -10.94 62.37
C GLU C 178 -24.15 -9.67 63.02
N GLN C 179 -23.18 -9.08 62.38
CA GLN C 179 -22.43 -8.01 63.00
C GLN C 179 -22.88 -6.59 62.65
N ARG C 180 -23.85 -6.46 61.73
CA ARG C 180 -24.05 -5.21 60.92
C ARG C 180 -25.30 -4.44 61.26
N PRO C 181 -25.24 -3.11 61.33
CA PRO C 181 -26.53 -2.51 61.64
C PRO C 181 -27.57 -2.56 60.48
N LEU C 182 -28.84 -2.62 60.84
CA LEU C 182 -29.93 -2.59 59.88
C LEU C 182 -30.09 -1.19 59.29
N LEU C 183 -30.16 -1.10 57.96
CA LEU C 183 -30.42 0.17 57.28
C LEU C 183 -31.83 0.21 56.61
N VAL C 184 -32.38 -0.98 56.37
CA VAL C 184 -33.80 -1.14 56.04
C VAL C 184 -34.36 -2.05 57.12
N LYS C 185 -35.33 -1.52 57.87
CA LYS C 185 -36.10 -2.35 58.77
C LYS C 185 -37.06 -3.26 57.95
N ASP C 186 -37.14 -4.51 58.39
CA ASP C 186 -38.11 -5.53 57.93
C ASP C 186 -38.12 -5.83 56.46
N ASP C 187 -36.92 -5.86 55.90
CA ASP C 187 -36.69 -6.42 54.58
C ASP C 187 -35.23 -6.79 54.38
N ALA C 188 -34.90 -7.97 54.89
CA ALA C 188 -33.59 -8.55 54.72
C ALA C 188 -32.94 -8.23 53.38
N ASP C 189 -33.64 -8.56 52.29
CA ASP C 189 -33.09 -8.38 50.94
C ASP C 189 -32.70 -6.94 50.58
N ALA C 190 -33.59 -5.97 50.85
CA ALA C 190 -33.29 -4.59 50.47
C ALA C 190 -32.12 -4.06 51.33
N ASP C 191 -32.12 -4.45 52.61
CA ASP C 191 -31.00 -4.19 53.51
C ASP C 191 -29.67 -4.69 52.96
N ASP C 192 -29.60 -5.96 52.55
CA ASP C 192 -28.35 -6.47 51.95
C ASP C 192 -27.91 -5.65 50.76
N ALA C 193 -28.85 -5.21 49.92
CA ALA C 193 -28.46 -4.53 48.68
C ALA C 193 -27.99 -3.13 48.99
N GLU C 194 -28.65 -2.47 49.94
CA GLU C 194 -28.22 -1.16 50.41
C GLU C 194 -26.77 -1.24 50.91
N TRP C 195 -26.44 -2.29 51.64
CA TRP C 195 -25.09 -2.44 52.20
C TRP C 195 -24.07 -2.77 51.15
N ASP C 196 -24.42 -3.66 50.23
CA ASP C 196 -23.44 -4.08 49.20
C ASP C 196 -23.11 -2.85 48.37
N ARG C 197 -24.12 -2.07 48.05
CA ARG C 197 -23.96 -0.82 47.32
C ARG C 197 -23.06 0.15 48.07
N LEU C 198 -23.31 0.31 49.36
CA LEU C 198 -22.49 1.22 50.15
C LEU C 198 -21.04 0.69 50.40
N TYR C 199 -20.89 -0.59 50.71
CA TYR C 199 -19.57 -1.23 50.89
C TYR C 199 -18.76 -1.15 49.58
N THR C 200 -19.46 -1.29 48.46
CA THR C 200 -18.77 -1.31 47.16
C THR C 200 -18.20 0.06 46.89
N LYS C 201 -18.94 1.09 47.23
CA LYS C 201 -18.42 2.44 46.99
C LYS C 201 -17.36 2.74 48.06
N ALA C 202 -17.52 2.20 49.24
CA ALA C 202 -16.54 2.47 50.27
C ALA C 202 -15.19 1.83 49.85
N GLU C 203 -15.26 0.66 49.21
CA GLU C 203 -14.06 -0.11 48.87
C GLU C 203 -13.29 0.61 47.79
N SER C 204 -14.01 1.29 46.91
CA SER C 204 -13.35 1.99 45.84
C SER C 204 -12.75 3.26 46.40
N TYR C 205 -13.34 3.81 47.45
CA TYR C 205 -12.76 5.02 48.08
C TYR C 205 -11.40 4.74 48.73
N PHE C 206 -11.30 3.55 49.30
CA PHE C 206 -10.11 3.10 50.00
C PHE C 206 -9.17 2.32 49.12
N GLN C 207 -9.61 1.88 47.97
CA GLN C 207 -8.80 0.98 47.11
C GLN C 207 -8.54 -0.38 47.79
N THR C 208 -9.55 -0.83 48.54
CA THR C 208 -9.56 -2.12 49.09
C THR C 208 -9.36 -3.18 48.01
N GLY C 209 -8.50 -4.16 48.28
CA GLY C 209 -8.25 -5.29 47.36
C GLY C 209 -7.83 -6.49 48.22
N THR C 210 -7.83 -7.67 47.61
CA THR C 210 -7.50 -8.91 48.31
C THR C 210 -6.45 -9.64 47.51
N ASP C 211 -5.65 -8.92 46.73
CA ASP C 211 -4.72 -9.55 45.75
C ASP C 211 -3.28 -9.03 45.87
N GLN C 212 -3.06 -8.15 46.83
CA GLN C 212 -1.75 -7.47 46.97
C GLN C 212 -0.65 -8.39 47.52
N PHE C 213 -1.01 -9.49 48.17
CA PHE C 213 0.02 -10.39 48.72
C PHE C 213 -0.06 -11.78 48.11
N LYS C 214 -0.56 -11.86 46.87
CA LYS C 214 -0.83 -13.15 46.26
C LYS C 214 0.43 -13.95 46.00
N GLU C 215 1.53 -13.24 45.69
CA GLU C 215 2.73 -13.91 45.23
C GLU C 215 3.79 -13.98 46.30
N SER C 216 3.35 -13.77 47.54
CA SER C 216 4.18 -14.06 48.71
C SER C 216 4.23 -15.56 49.02
N ILE C 217 5.42 -16.08 49.20
CA ILE C 217 5.56 -17.49 49.63
C ILE C 217 5.04 -17.71 51.04
N ARG C 218 5.38 -16.83 51.96
CA ARG C 218 4.89 -16.94 53.32
C ARG C 218 3.36 -16.87 53.41
N HIS C 219 2.77 -16.02 52.58
CA HIS C 219 1.32 -15.84 52.54
C HIS C 219 0.67 -17.13 52.16
N ASN C 220 1.13 -17.65 51.03
CA ASN C 220 0.61 -18.91 50.51
C ASN C 220 0.90 -20.17 51.39
N LEU C 221 2.06 -20.18 52.05
CA LEU C 221 2.39 -21.31 52.92
C LEU C 221 1.33 -21.47 54.01
N VAL C 222 0.93 -20.34 54.60
CA VAL C 222 -0.02 -20.29 55.73
C VAL C 222 -1.44 -20.53 55.25
N LEU C 223 -1.77 -19.84 54.17
CA LEU C 223 -3.08 -19.90 53.58
C LEU C 223 -3.38 -21.35 53.17
N ASN C 224 -2.52 -21.96 52.39
CA ASN C 224 -2.78 -23.34 51.99
C ASN C 224 -2.90 -24.24 53.18
N LYS C 225 -2.13 -23.98 54.23
CA LYS C 225 -2.08 -24.95 55.31
C LYS C 225 -3.37 -24.79 56.08
N LEU C 226 -3.79 -23.54 56.29
CA LEU C 226 -5.01 -23.35 57.04
C LEU C 226 -6.20 -23.84 56.23
N THR C 227 -6.15 -23.58 54.93
CA THR C 227 -7.19 -24.00 54.01
C THR C 227 -7.37 -25.53 54.04
N GLU C 228 -6.27 -26.26 53.91
CA GLU C 228 -6.29 -27.70 53.97
C GLU C 228 -6.81 -28.13 55.36
N GLU C 229 -6.22 -27.59 56.42
CA GLU C 229 -6.58 -28.00 57.75
C GLU C 229 -8.06 -27.81 58.10
N TYR C 230 -8.72 -26.79 57.55
CA TYR C 230 -10.12 -26.54 57.91
C TYR C 230 -11.00 -26.82 56.72
N LYS C 231 -10.61 -27.77 55.88
CA LYS C 231 -11.31 -28.04 54.62
C LYS C 231 -12.72 -28.49 54.94
N GLY C 232 -13.68 -27.88 54.27
CA GLY C 232 -15.06 -28.21 54.52
C GLY C 232 -15.59 -27.66 55.84
N GLN C 233 -14.83 -26.79 56.53
CA GLN C 233 -15.32 -26.22 57.79
C GLN C 233 -15.21 -24.71 57.84
N ARG C 234 -14.11 -24.15 57.33
CA ARG C 234 -13.88 -22.70 57.34
C ARG C 234 -13.14 -22.31 56.09
N ASP C 235 -13.42 -21.11 55.56
CA ASP C 235 -12.71 -20.55 54.39
C ASP C 235 -11.66 -19.50 54.81
N PHE C 236 -10.53 -19.51 54.13
CA PHE C 236 -9.51 -18.55 54.42
C PHE C 236 -9.25 -17.72 53.19
N GLN C 237 -8.87 -16.47 53.35
CA GLN C 237 -8.52 -15.64 52.21
C GLN C 237 -7.57 -14.56 52.68
N GLN C 238 -7.09 -13.74 51.76
CA GLN C 238 -6.26 -12.61 52.14
C GLN C 238 -7.18 -11.71 52.88
N ILE C 239 -6.64 -10.99 53.84
CA ILE C 239 -7.38 -9.97 54.55
C ILE C 239 -7.68 -8.87 53.56
N PRO C 240 -8.91 -8.32 53.59
CA PRO C 240 -9.01 -7.26 52.63
C PRO C 240 -8.22 -6.05 53.09
N LEU C 241 -7.53 -5.43 52.14
CA LEU C 241 -6.59 -4.34 52.45
C LEU C 241 -6.75 -3.09 51.56
N ALA C 242 -6.77 -1.92 52.18
CA ALA C 242 -6.86 -0.66 51.51
C ALA C 242 -5.41 -0.35 51.24
N ALA C 243 -4.94 -0.86 50.12
CA ALA C 243 -3.56 -0.86 49.70
C ALA C 243 -3.45 -1.13 48.19
N THR C 244 -2.49 -0.46 47.52
CA THR C 244 -2.11 -0.86 46.13
C THR C 244 -0.62 -1.19 46.11
N ARG C 245 -0.30 -2.37 45.62
CA ARG C 245 1.08 -2.73 45.44
C ARG C 245 1.69 -1.87 44.31
N ARG C 246 2.81 -1.23 44.59
CA ARG C 246 3.49 -0.48 43.52
C ARG C 246 4.64 -1.29 42.93
N SER C 247 5.09 -2.32 43.62
CA SER C 247 6.27 -3.06 43.21
C SER C 247 6.44 -4.20 44.17
N PRO C 248 7.30 -5.14 43.85
CA PRO C 248 7.41 -6.33 44.71
C PRO C 248 7.97 -6.10 46.12
N THR C 249 8.40 -4.86 46.40
CA THR C 249 8.83 -4.46 47.72
C THR C 249 8.22 -3.10 48.19
N PHE C 250 7.16 -2.67 47.55
CA PHE C 250 6.57 -1.44 48.01
C PHE C 250 5.08 -1.46 47.90
N VAL C 251 4.41 -1.16 48.99
CA VAL C 251 2.97 -1.05 48.94
C VAL C 251 2.54 0.35 49.35
N GLU C 252 1.75 1.00 48.49
CA GLU C 252 1.08 2.26 48.86
C GLU C 252 -0.17 1.99 49.73
N TRP C 253 -0.01 1.92 51.05
CA TRP C 253 -1.16 1.81 51.97
C TRP C 253 -2.08 3.00 51.87
N SER C 254 -3.39 2.76 51.96
CA SER C 254 -4.35 3.83 51.77
C SER C 254 -4.57 4.57 53.09
N SER C 255 -5.24 5.72 52.96
CA SER C 255 -5.50 6.66 54.07
C SER C 255 -6.60 7.63 53.75
N ALA C 256 -6.79 8.60 54.62
CA ALA C 256 -7.69 9.69 54.35
C ALA C 256 -7.30 10.36 53.05
N ASN C 257 -6.01 10.71 52.96
CA ASN C 257 -5.46 11.23 51.72
C ASN C 257 -5.95 10.48 50.49
N THR C 258 -6.02 9.17 50.54
CA THR C 258 -6.46 8.41 49.37
C THR C 258 -7.91 8.68 49.06
N VAL C 259 -8.69 8.92 50.09
CA VAL C 259 -10.10 9.12 49.97
C VAL C 259 -10.29 10.54 49.38
N PHE C 260 -9.65 11.51 50.04
CA PHE C 260 -9.75 12.89 49.65
C PHE C 260 -8.40 13.51 49.96
N ASP C 261 -7.77 14.09 48.92
CA ASP C 261 -6.36 14.50 48.98
C ASP C 261 -6.08 15.68 49.88
N LEU C 262 -7.18 16.33 50.26
CA LEU C 262 -7.20 17.37 51.30
C LEU C 262 -6.55 18.66 50.86
N GLN C 263 -6.16 18.76 49.60
CA GLN C 263 -5.69 20.04 49.01
C GLN C 263 -6.78 21.09 48.97
N ASN C 264 -6.44 22.33 49.28
CA ASN C 264 -7.39 23.39 49.21
C ASN C 264 -7.89 23.54 47.79
N ARG C 265 -9.21 23.73 47.64
CA ARG C 265 -9.83 24.07 46.34
C ARG C 265 -10.54 25.44 46.40
N PRO C 266 -10.57 26.16 45.28
CA PRO C 266 -10.23 25.72 43.94
C PRO C 266 -8.72 25.55 43.72
N ASN C 267 -8.37 24.72 42.76
CA ASN C 267 -7.01 24.60 42.24
C ASN C 267 -7.12 24.07 40.80
N THR C 268 -6.00 24.12 40.08
CA THR C 268 -5.95 23.76 38.67
C THR C 268 -6.74 22.49 38.33
N ASP C 269 -6.59 21.47 39.17
CA ASP C 269 -7.15 20.18 38.86
C ASP C 269 -8.63 20.13 39.24
N ALA C 270 -9.00 20.90 40.26
CA ALA C 270 -10.43 21.05 40.59
C ALA C 270 -10.85 22.52 40.67
N PRO C 271 -11.06 23.14 39.49
CA PRO C 271 -11.33 24.59 39.37
C PRO C 271 -12.72 25.03 39.85
N GLU C 272 -13.71 24.14 39.82
CA GLU C 272 -15.09 24.50 40.20
C GLU C 272 -15.47 23.94 41.58
N GLU C 273 -14.48 23.59 42.40
CA GLU C 273 -14.74 22.98 43.73
C GLU C 273 -14.26 23.91 44.81
N ARG C 274 -14.91 23.88 45.96
CA ARG C 274 -14.58 24.76 47.08
C ARG C 274 -14.29 23.94 48.33
N PHE C 275 -13.03 23.94 48.78
CA PHE C 275 -12.57 23.25 50.00
C PHE C 275 -11.47 24.04 50.70
N ASN C 276 -11.60 24.19 52.02
CA ASN C 276 -10.50 24.74 52.79
C ASN C 276 -10.12 23.81 53.94
N LEU C 277 -8.84 23.55 54.15
CA LEU C 277 -8.42 22.79 55.35
C LEU C 277 -7.79 23.70 56.39
N PHE C 278 -8.19 23.57 57.66
CA PHE C 278 -7.67 24.43 58.72
C PHE C 278 -7.24 23.56 59.89
N PRO C 279 -5.91 23.28 60.00
CA PRO C 279 -5.38 22.47 61.04
C PRO C 279 -4.93 23.28 62.26
N ALA C 280 -4.65 22.56 63.35
CA ALA C 280 -4.38 23.21 64.62
C ALA C 280 -5.50 24.14 64.91
N VAL C 281 -6.70 23.62 64.68
CA VAL C 281 -7.90 24.29 65.12
C VAL C 281 -8.76 23.34 65.89
N ALA C 282 -8.91 23.70 67.16
CA ALA C 282 -9.65 22.89 68.12
C ALA C 282 -11.08 23.33 68.14
N CYS C 283 -11.93 22.41 67.68
CA CYS C 283 -13.39 22.58 67.74
C CYS C 283 -13.92 22.21 69.12
N GLU C 284 -14.64 23.11 69.77
CA GLU C 284 -14.98 22.90 71.15
C GLU C 284 -16.46 22.71 71.36
N ARG C 285 -17.30 23.38 70.56
CA ARG C 285 -18.76 23.36 70.77
C ARG C 285 -19.49 23.61 69.51
N VAL C 286 -20.61 22.93 69.34
CA VAL C 286 -21.62 23.35 68.38
C VAL C 286 -22.73 23.93 69.21
N VAL C 287 -23.14 25.14 68.84
CA VAL C 287 -24.12 25.90 69.59
C VAL C 287 -25.54 25.61 69.09
N ARG C 288 -26.40 25.18 70.01
CA ARG C 288 -27.79 24.78 69.74
C ARG C 288 -28.72 25.95 69.91
N ASN C 289 -29.67 26.12 68.98
CA ASN C 289 -30.78 27.06 69.20
C ASN C 289 -31.59 26.67 70.46
N ALA C 290 -32.41 27.58 70.98
CA ALA C 290 -33.15 27.29 72.21
C ALA C 290 -34.08 26.11 71.97
N LEU C 291 -34.59 25.96 70.75
CA LEU C 291 -35.56 24.87 70.48
C LEU C 291 -34.90 23.50 70.30
N ASN C 292 -33.57 23.46 70.23
CA ASN C 292 -32.91 22.20 70.10
C ASN C 292 -33.33 21.51 68.80
N SER C 293 -33.31 22.28 67.72
CA SER C 293 -33.77 21.79 66.43
C SER C 293 -32.80 22.14 65.33
N GLU C 294 -31.76 22.91 65.67
CA GLU C 294 -30.77 23.40 64.74
C GLU C 294 -29.45 23.83 65.46
N ILE C 295 -28.31 23.63 64.80
CA ILE C 295 -27.04 24.17 65.27
C ILE C 295 -26.82 25.47 64.55
N GLU C 296 -26.43 26.50 65.29
CA GLU C 296 -26.33 27.85 64.75
C GLU C 296 -24.89 28.23 64.48
N SER C 297 -23.97 27.40 64.98
CA SER C 297 -22.55 27.71 64.86
C SER C 297 -21.62 26.76 65.66
N LEU C 298 -20.38 26.77 65.21
CA LEU C 298 -19.30 25.95 65.76
C LEU C 298 -18.25 26.88 66.34
N HIS C 299 -17.97 26.65 67.61
CA HIS C 299 -17.06 27.45 68.33
C HIS C 299 -15.72 26.74 68.24
N ILE C 300 -14.69 27.51 67.83
CA ILE C 300 -13.36 27.00 67.55
C ILE C 300 -12.28 27.80 68.31
N HIS C 301 -11.12 27.18 68.50
CA HIS C 301 -10.00 27.79 69.17
C HIS C 301 -8.83 27.50 68.27
N ASP C 302 -8.36 28.58 67.61
CA ASP C 302 -7.25 28.52 66.69
C ASP C 302 -6.00 28.35 67.52
N LEU C 303 -5.40 27.21 67.46
CA LEU C 303 -4.34 26.94 68.43
C LEU C 303 -3.09 27.77 68.18
N ILE C 304 -2.87 28.24 66.96
CA ILE C 304 -1.66 28.97 66.63
C ILE C 304 -1.76 30.41 67.14
N SER C 305 -2.85 31.11 66.77
CA SER C 305 -3.09 32.49 67.27
C SER C 305 -3.71 32.55 68.66
N GLY C 306 -4.44 31.52 69.07
CA GLY C 306 -5.08 31.57 70.38
C GLY C 306 -6.49 32.17 70.31
N ASP C 307 -6.88 32.61 69.11
CA ASP C 307 -8.17 33.22 68.92
C ASP C 307 -9.33 32.20 68.84
N ARG C 308 -10.45 32.56 69.46
CA ARG C 308 -11.69 31.83 69.33
C ARG C 308 -12.68 32.50 68.35
N PHE C 309 -13.32 31.72 67.48
CA PHE C 309 -14.36 32.22 66.58
C PHE C 309 -15.53 31.31 66.64
N GLU C 310 -16.60 31.76 66.00
CA GLU C 310 -17.76 30.92 65.73
C GLU C 310 -17.79 30.88 64.21
N ILE C 311 -18.19 29.75 63.65
CA ILE C 311 -18.27 29.58 62.21
C ILE C 311 -19.70 29.17 61.95
N LYS C 312 -20.38 29.89 61.05
CA LYS C 312 -21.74 29.53 60.69
C LYS C 312 -21.54 28.75 59.39
N ALA C 313 -22.40 27.74 59.25
CA ALA C 313 -22.46 26.83 58.13
C ALA C 313 -23.91 26.40 58.02
N ASP C 314 -24.32 25.88 56.88
CA ASP C 314 -25.65 25.29 56.75
C ASP C 314 -25.70 23.95 57.45
N VAL C 315 -24.59 23.20 57.34
CA VAL C 315 -24.50 21.80 57.74
C VAL C 315 -23.23 21.59 58.52
N TYR C 316 -23.36 20.89 59.65
CA TYR C 316 -22.24 20.62 60.55
C TYR C 316 -22.04 19.12 60.73
N VAL C 317 -20.89 18.66 60.32
CA VAL C 317 -20.58 17.25 60.37
C VAL C 317 -19.46 17.04 61.43
N LEU C 318 -19.71 16.18 62.40
CA LEU C 318 -18.71 15.86 63.39
C LEU C 318 -18.11 14.49 63.09
N THR C 319 -16.80 14.49 62.82
CA THR C 319 -16.06 13.28 62.56
C THR C 319 -14.74 13.24 63.33
N ALA C 320 -14.80 13.61 64.62
CA ALA C 320 -13.63 13.77 65.45
C ALA C 320 -13.25 12.47 66.14
N GLY C 321 -13.69 11.33 65.60
CA GLY C 321 -13.38 10.03 66.22
C GLY C 321 -14.38 9.71 67.31
N ALA C 322 -14.42 8.47 67.78
CA ALA C 322 -15.50 8.06 68.66
C ALA C 322 -15.47 8.68 70.08
N VAL C 323 -14.31 9.15 70.55
CA VAL C 323 -14.25 9.72 71.88
C VAL C 323 -14.49 11.22 71.80
N HIS C 324 -13.84 11.86 70.84
CA HIS C 324 -13.93 13.33 70.67
C HIS C 324 -15.21 13.91 70.05
N ASN C 325 -15.93 13.17 69.21
CA ASN C 325 -17.31 13.54 68.87
C ASN C 325 -18.13 13.62 70.16
N THR C 326 -18.02 12.59 70.98
CA THR C 326 -18.81 12.52 72.16
C THR C 326 -18.42 13.62 73.13
N GLN C 327 -17.13 13.91 73.15
CA GLN C 327 -16.66 14.95 74.05
C GLN C 327 -17.24 16.27 73.59
N LEU C 328 -17.17 16.50 72.29
CA LEU C 328 -17.67 17.72 71.71
C LEU C 328 -19.20 17.83 71.90
N LEU C 329 -19.96 16.78 71.59
CA LEU C 329 -21.38 16.88 71.79
C LEU C 329 -21.64 17.27 73.24
N VAL C 330 -21.00 16.59 74.21
CA VAL C 330 -21.24 16.88 75.62
C VAL C 330 -20.76 18.26 76.11
N ASN C 331 -19.72 18.78 75.51
CA ASN C 331 -19.36 20.14 75.83
C ASN C 331 -20.39 21.17 75.23
N SER C 332 -21.27 20.70 74.35
CA SER C 332 -22.27 21.54 73.70
C SER C 332 -23.65 21.30 74.27
N GLY C 333 -23.72 20.64 75.45
CA GLY C 333 -24.99 20.48 76.19
C GLY C 333 -25.80 19.22 75.84
N PHE C 334 -25.25 18.38 74.96
CA PHE C 334 -25.86 17.09 74.65
C PHE C 334 -25.47 16.08 75.71
N GLY C 335 -26.37 15.14 75.95
CA GLY C 335 -26.12 14.08 76.92
C GLY C 335 -26.05 14.71 78.27
N GLN C 336 -25.19 14.19 79.12
CA GLN C 336 -25.08 14.62 80.51
C GLN C 336 -23.62 14.89 80.87
N LEU C 337 -23.33 16.07 81.37
CA LEU C 337 -21.99 16.32 81.74
C LEU C 337 -21.74 15.74 83.17
N GLY C 338 -20.49 15.36 83.41
CA GLY C 338 -20.09 14.80 84.70
C GLY C 338 -20.55 13.39 84.93
N ARG C 339 -20.25 12.90 86.13
CA ARG C 339 -20.49 11.52 86.53
C ARG C 339 -21.96 11.16 86.40
N PRO C 340 -22.23 10.05 85.72
CA PRO C 340 -23.60 9.77 85.33
C PRO C 340 -24.53 9.81 86.52
N ASN C 341 -25.70 10.40 86.31
CA ASN C 341 -26.72 10.45 87.35
C ASN C 341 -28.12 10.25 86.79
N PRO C 342 -28.71 9.08 87.10
CA PRO C 342 -30.06 8.77 86.55
C PRO C 342 -31.20 9.46 87.33
N ALA C 343 -30.85 10.23 88.36
CA ALA C 343 -31.83 11.10 89.04
C ALA C 343 -31.91 12.47 88.36
N ASN C 344 -30.99 12.72 87.43
CA ASN C 344 -31.10 13.86 86.54
C ASN C 344 -30.87 13.35 85.14
N PRO C 345 -31.96 13.13 84.41
CA PRO C 345 -31.76 12.62 83.05
C PRO C 345 -31.48 13.82 82.14
N PRO C 346 -30.66 13.61 81.11
CA PRO C 346 -30.27 14.67 80.20
C PRO C 346 -31.48 15.15 79.41
N GLU C 347 -31.53 16.45 79.13
CA GLU C 347 -32.54 16.97 78.22
C GLU C 347 -32.41 16.30 76.85
N LEU C 348 -31.21 16.32 76.27
CA LEU C 348 -30.97 15.72 74.94
C LEU C 348 -30.17 14.42 74.91
N LEU C 349 -30.56 13.54 73.99
CA LEU C 349 -29.84 12.28 73.71
C LEU C 349 -29.41 11.58 74.99
N PRO C 350 -30.35 10.95 75.67
CA PRO C 350 -30.08 10.27 76.88
C PRO C 350 -29.08 9.11 76.70
N SER C 351 -28.92 8.63 75.47
CA SER C 351 -28.12 7.47 75.17
C SER C 351 -26.67 7.78 74.80
N LEU C 352 -26.27 9.05 74.79
CA LEU C 352 -24.93 9.42 74.36
C LEU C 352 -23.91 8.92 75.37
N GLY C 353 -22.92 8.17 74.92
CA GLY C 353 -21.86 7.83 75.82
C GLY C 353 -22.21 6.57 76.56
N SER C 354 -23.39 6.06 76.25
CA SER C 354 -23.80 4.78 76.79
C SER C 354 -23.80 3.72 75.72
N TYR C 355 -23.98 2.46 76.16
CA TYR C 355 -23.91 1.24 75.33
C TYR C 355 -22.59 1.14 74.54
N ILE C 356 -21.49 1.53 75.13
CA ILE C 356 -20.30 1.56 74.33
C ILE C 356 -19.72 0.18 74.16
N THR C 357 -19.13 -0.03 72.99
CA THR C 357 -18.45 -1.25 72.67
C THR C 357 -16.96 -1.05 72.36
N GLU C 358 -16.12 -1.87 72.97
CA GLU C 358 -14.76 -2.10 72.47
C GLU C 358 -14.61 -3.61 72.33
N GLN C 359 -13.82 -4.06 71.37
CA GLN C 359 -13.63 -5.51 71.15
C GLN C 359 -12.58 -6.07 72.06
N SER C 360 -12.77 -7.31 72.49
CA SER C 360 -11.71 -8.13 73.08
C SER C 360 -10.73 -8.47 71.96
N LEU C 361 -9.43 -8.42 72.26
CA LEU C 361 -8.39 -8.74 71.28
C LEU C 361 -7.42 -9.78 71.94
N VAL C 362 -7.19 -10.90 71.27
CA VAL C 362 -6.17 -11.81 71.75
C VAL C 362 -5.06 -11.86 70.68
N PHE C 363 -3.85 -12.15 71.15
CA PHE C 363 -2.61 -11.98 70.38
C PHE C 363 -1.66 -13.06 70.80
N CYS C 364 -1.04 -13.64 69.78
CA CYS C 364 0.24 -14.29 69.90
C CYS C 364 1.06 -14.15 68.61
N GLN C 365 2.32 -14.59 68.70
CA GLN C 365 3.16 -14.84 67.53
C GLN C 365 3.64 -16.29 67.55
N THR C 366 3.94 -16.80 66.37
CA THR C 366 4.41 -18.20 66.26
C THR C 366 5.63 -18.22 65.36
N VAL C 367 6.40 -19.27 65.57
CA VAL C 367 7.59 -19.59 64.83
C VAL C 367 7.29 -20.78 63.91
N MET C 368 7.39 -20.55 62.61
CA MET C 368 6.94 -21.53 61.65
C MET C 368 7.49 -22.90 61.92
N SER C 369 6.59 -23.88 61.85
CA SER C 369 7.02 -25.30 61.98
C SER C 369 8.13 -25.71 61.05
N THR C 370 8.95 -26.59 61.59
CA THR C 370 9.89 -27.29 60.76
C THR C 370 9.24 -27.88 59.50
N GLU C 371 8.19 -28.70 59.69
CA GLU C 371 7.50 -29.30 58.57
C GLU C 371 7.21 -28.30 57.45
N LEU C 372 6.56 -27.19 57.79
CA LEU C 372 6.20 -26.23 56.77
C LEU C 372 7.41 -25.66 56.06
N ILE C 373 8.43 -25.32 56.82
CA ILE C 373 9.61 -24.76 56.24
C ILE C 373 10.21 -25.75 55.21
N ASP C 374 10.18 -27.05 55.51
CA ASP C 374 10.71 -28.01 54.62
C ASP C 374 9.75 -28.20 53.44
N SER C 375 8.46 -27.94 53.63
CA SER C 375 7.54 -27.97 52.49
C SER C 375 7.89 -26.88 51.46
N VAL C 376 8.44 -25.77 51.90
CA VAL C 376 8.76 -24.72 50.98
C VAL C 376 9.64 -25.21 49.86
N LYS C 377 10.53 -26.12 50.17
CA LYS C 377 11.52 -26.55 49.24
C LYS C 377 11.28 -28.02 48.90
N SER C 378 10.04 -28.49 49.02
CA SER C 378 9.65 -29.89 48.68
C SER C 378 9.84 -30.34 47.22
N ASP C 379 10.09 -29.40 46.32
CA ASP C 379 10.20 -29.78 44.92
C ASP C 379 11.66 -29.79 44.43
N MET C 380 12.56 -29.30 45.28
CA MET C 380 13.94 -29.06 44.85
C MET C 380 14.75 -30.32 45.05
N THR C 381 15.62 -30.59 44.08
CA THR C 381 16.55 -31.69 44.20
C THR C 381 17.86 -31.02 44.51
N ILE C 382 18.43 -31.43 45.63
CA ILE C 382 19.52 -30.70 46.23
C ILE C 382 20.63 -31.66 46.46
N ARG C 383 21.67 -31.56 45.64
CA ARG C 383 22.84 -32.36 45.86
C ARG C 383 23.97 -31.39 46.24
N GLY C 384 24.93 -31.85 47.03
CA GLY C 384 26.13 -31.06 47.31
C GLY C 384 26.27 -30.51 48.72
N THR C 385 26.96 -29.39 48.85
CA THR C 385 27.15 -28.80 50.16
C THR C 385 27.35 -27.30 50.01
N PRO C 386 26.37 -26.55 50.54
CA PRO C 386 26.31 -25.10 50.47
C PRO C 386 27.67 -24.50 50.66
N GLY C 387 28.01 -23.50 49.85
CA GLY C 387 29.31 -22.80 49.96
C GLY C 387 30.30 -23.30 48.94
N GLU C 388 30.01 -24.47 48.38
CA GLU C 388 30.93 -25.14 47.48
C GLU C 388 30.60 -24.88 46.03
N LEU C 389 31.46 -25.43 45.18
CA LEU C 389 31.23 -25.37 43.74
C LEU C 389 30.14 -26.37 43.37
N THR C 390 30.23 -27.57 43.91
CA THR C 390 29.31 -28.65 43.55
C THR C 390 27.85 -28.46 44.00
N TYR C 391 27.55 -27.46 44.82
CA TYR C 391 26.18 -27.30 45.35
C TYR C 391 25.17 -26.99 44.28
N SER C 392 24.12 -27.81 44.22
CA SER C 392 23.10 -27.65 43.21
C SER C 392 21.70 -27.75 43.81
N VAL C 393 20.84 -26.75 43.48
CA VAL C 393 19.41 -26.85 43.79
C VAL C 393 18.64 -26.64 42.51
N THR C 394 17.85 -27.64 42.18
CA THR C 394 17.10 -27.66 40.92
C THR C 394 15.71 -28.27 41.12
N TYR C 395 14.82 -27.95 40.18
CA TYR C 395 13.49 -28.49 40.16
C TYR C 395 13.13 -28.58 38.69
N THR C 396 12.36 -29.58 38.34
CA THR C 396 11.85 -29.71 36.99
C THR C 396 10.50 -29.00 36.88
N PRO C 397 10.46 -27.87 36.15
CA PRO C 397 9.27 -27.06 36.05
C PRO C 397 8.03 -27.83 35.55
N GLY C 398 6.85 -27.44 36.04
CA GLY C 398 5.59 -27.98 35.53
C GLY C 398 5.51 -29.50 35.58
N ALA C 399 6.37 -30.15 36.37
CA ALA C 399 6.19 -31.58 36.59
C ALA C 399 4.89 -31.82 37.32
N SER C 400 4.25 -32.95 37.01
CA SER C 400 2.94 -33.31 37.59
C SER C 400 3.02 -33.37 39.11
N THR C 401 4.18 -33.77 39.64
CA THR C 401 4.30 -34.12 41.05
C THR C 401 4.86 -33.00 41.91
N ASN C 402 5.30 -31.92 41.28
CA ASN C 402 5.58 -30.66 42.01
C ASN C 402 4.37 -30.21 42.86
N LYS C 403 4.60 -29.96 44.16
CA LYS C 403 3.60 -29.49 45.13
C LYS C 403 3.32 -28.02 45.00
N HIS C 404 4.16 -27.35 44.23
CA HIS C 404 4.15 -25.90 44.17
C HIS C 404 4.23 -25.37 42.75
N PRO C 405 3.84 -24.13 42.57
CA PRO C 405 3.84 -23.47 41.27
C PRO C 405 5.24 -23.17 40.77
N ASP C 406 5.37 -22.92 39.47
CA ASP C 406 6.70 -22.67 38.90
C ASP C 406 7.33 -21.35 39.44
N TRP C 407 6.52 -20.33 39.73
CA TRP C 407 7.11 -19.07 40.22
C TRP C 407 7.70 -19.23 41.64
N TRP C 408 7.04 -20.01 42.48
CA TRP C 408 7.50 -20.31 43.83
C TRP C 408 8.87 -20.99 43.79
N ASN C 409 8.96 -22.13 43.16
CA ASN C 409 10.18 -22.90 43.05
C ASN C 409 11.35 -22.12 42.46
N GLU C 410 11.06 -21.23 41.51
CA GLU C 410 12.05 -20.34 40.96
C GLU C 410 12.57 -19.36 42.04
N LYS C 411 11.69 -18.71 42.77
CA LYS C 411 12.12 -17.90 43.92
C LYS C 411 12.99 -18.69 44.94
N VAL C 412 12.58 -19.91 45.25
CA VAL C 412 13.27 -20.69 46.28
C VAL C 412 14.63 -21.07 45.75
N LYS C 413 14.64 -21.59 44.51
CA LYS C 413 15.86 -21.95 43.81
C LYS C 413 16.83 -20.82 43.89
N ASN C 414 16.43 -19.66 43.46
CA ASN C 414 17.38 -18.57 43.39
C ASN C 414 17.86 -18.20 44.77
N HIS C 415 16.94 -18.20 45.73
CA HIS C 415 17.37 -17.82 47.05
C HIS C 415 18.38 -18.86 47.65
N MET C 416 18.12 -20.14 47.45
CA MET C 416 18.96 -21.17 48.09
C MET C 416 20.32 -21.16 47.42
N MET C 417 20.34 -20.77 46.14
CA MET C 417 21.59 -20.78 45.34
C MET C 417 22.34 -19.48 45.52
N GLN C 418 21.63 -18.36 45.53
CA GLN C 418 22.30 -17.08 45.63
C GLN C 418 22.75 -16.79 47.07
N HIS C 419 22.15 -17.45 48.07
CA HIS C 419 22.58 -17.22 49.46
C HIS C 419 22.82 -18.55 50.22
N GLN C 420 23.93 -19.20 49.93
CA GLN C 420 24.13 -20.56 50.39
C GLN C 420 24.41 -20.57 51.88
N GLU C 421 24.81 -19.43 52.43
CA GLU C 421 25.08 -19.34 53.86
C GLU C 421 23.80 -19.31 54.73
N ASP C 422 22.67 -18.95 54.15
CA ASP C 422 21.40 -18.85 54.87
C ASP C 422 20.73 -20.21 55.00
N PRO C 423 20.20 -20.56 56.20
CA PRO C 423 19.68 -21.92 56.36
C PRO C 423 18.19 -22.11 56.06
N LEU C 424 17.57 -21.10 55.46
CA LEU C 424 16.16 -21.06 55.14
C LEU C 424 15.89 -20.84 53.62
N PRO C 425 14.76 -21.40 53.15
CA PRO C 425 14.31 -21.48 51.78
C PRO C 425 13.45 -20.34 51.36
N ILE C 426 13.06 -19.50 52.34
CA ILE C 426 12.22 -18.34 52.08
C ILE C 426 13.04 -17.13 51.60
N PRO C 427 12.64 -16.50 50.47
CA PRO C 427 13.44 -15.35 50.05
C PRO C 427 13.38 -14.21 51.03
N PHE C 428 14.50 -13.53 51.19
CA PHE C 428 14.62 -12.42 52.11
C PHE C 428 13.59 -11.35 51.78
N GLU C 429 13.20 -11.22 50.53
CA GLU C 429 12.35 -10.09 50.22
C GLU C 429 10.86 -10.48 50.11
N ASP C 430 10.56 -11.74 50.38
CA ASP C 430 9.20 -12.27 50.31
C ASP C 430 8.24 -11.42 51.15
N PRO C 431 7.08 -11.01 50.63
CA PRO C 431 6.24 -10.20 51.49
C PRO C 431 5.65 -11.00 52.60
N GLU C 432 5.03 -10.31 53.56
CA GLU C 432 4.43 -10.95 54.72
C GLU C 432 3.11 -11.62 54.36
N PRO C 433 2.70 -12.57 55.19
CA PRO C 433 1.40 -13.18 55.18
C PRO C 433 0.35 -12.17 55.53
N GLN C 434 -0.83 -12.34 54.96
CA GLN C 434 -1.95 -11.45 55.23
C GLN C 434 -3.19 -12.28 55.15
N VAL C 435 -3.40 -13.12 56.16
CA VAL C 435 -4.44 -14.18 56.08
C VAL C 435 -5.55 -13.97 57.08
N THR C 436 -6.73 -14.43 56.72
CA THR C 436 -7.93 -14.35 57.61
C THR C 436 -8.89 -15.48 57.35
N THR C 437 -9.66 -15.85 58.35
CA THR C 437 -10.92 -16.52 58.08
C THR C 437 -11.90 -15.62 58.76
N LEU C 438 -12.89 -15.12 58.02
CA LEU C 438 -13.78 -14.10 58.55
C LEU C 438 -14.81 -14.66 59.56
N PHE C 439 -15.29 -13.74 60.37
CA PHE C 439 -16.37 -13.95 61.28
C PHE C 439 -17.51 -14.80 60.66
N GLN C 440 -17.91 -15.85 61.37
CA GLN C 440 -19.07 -16.75 61.04
C GLN C 440 -19.71 -17.08 62.35
N PRO C 441 -20.96 -17.53 62.33
CA PRO C 441 -21.65 -17.84 63.60
C PRO C 441 -20.92 -18.89 64.44
N SER C 442 -20.31 -19.86 63.79
CA SER C 442 -19.62 -20.94 64.50
C SER C 442 -18.25 -20.51 64.94
N HIS C 443 -17.79 -19.35 64.44
CA HIS C 443 -16.55 -18.70 64.96
C HIS C 443 -16.65 -17.14 65.06
N PRO C 444 -17.42 -16.64 66.03
CA PRO C 444 -17.82 -15.23 66.05
C PRO C 444 -16.66 -14.32 66.45
N TRP C 445 -15.60 -14.36 65.66
CA TRP C 445 -14.52 -13.39 65.83
C TRP C 445 -13.92 -13.12 64.50
N HIS C 446 -13.32 -11.95 64.38
CA HIS C 446 -12.51 -11.65 63.22
C HIS C 446 -11.14 -12.25 63.48
N THR C 447 -10.40 -12.54 62.40
CA THR C 447 -9.08 -13.04 62.50
C THR C 447 -8.13 -12.39 61.56
N GLN C 448 -6.89 -12.28 62.05
CA GLN C 448 -5.80 -11.81 61.23
C GLN C 448 -4.54 -12.59 61.58
N ILE C 449 -3.91 -13.07 60.53
CA ILE C 449 -2.82 -13.97 60.61
C ILE C 449 -1.83 -13.43 59.63
N HIS C 450 -0.91 -12.60 60.13
CA HIS C 450 -0.23 -11.66 59.27
C HIS C 450 1.01 -11.18 60.03
N ARG C 451 1.62 -10.12 59.53
CA ARG C 451 2.70 -9.44 60.21
C ARG C 451 2.36 -7.96 60.26
N ASP C 452 2.12 -7.44 61.46
CA ASP C 452 2.00 -6.02 61.75
C ASP C 452 3.39 -5.45 62.11
N ALA C 453 3.56 -4.13 62.07
CA ALA C 453 4.81 -3.60 62.57
C ALA C 453 4.87 -3.98 64.04
N PHE C 454 5.95 -4.69 64.44
CA PHE C 454 6.12 -5.14 65.85
C PHE C 454 7.44 -4.66 66.46
N SER C 455 7.43 -4.32 67.74
CA SER C 455 8.68 -3.89 68.36
C SER C 455 9.24 -5.04 69.21
N TRP C 456 10.45 -5.46 68.86
CA TRP C 456 10.99 -6.74 69.36
C TRP C 456 11.65 -6.73 70.75
N GLY C 457 11.46 -7.81 71.50
CA GLY C 457 12.32 -8.07 72.63
C GLY C 457 13.71 -8.35 72.09
N ALA C 458 14.71 -8.26 72.96
CA ALA C 458 16.05 -8.59 72.53
C ALA C 458 16.05 -10.10 72.21
N VAL C 459 15.43 -10.84 73.12
CA VAL C 459 15.27 -12.28 73.01
C VAL C 459 14.74 -12.71 71.64
N GLN C 460 13.70 -12.00 71.19
CA GLN C 460 13.00 -12.33 69.95
C GLN C 460 13.74 -11.94 68.67
N GLN C 461 14.52 -10.85 68.67
CA GLN C 461 15.37 -10.47 67.54
C GLN C 461 16.25 -11.65 67.18
N SER C 462 16.32 -12.62 68.09
CA SER C 462 17.09 -13.83 67.90
C SER C 462 16.39 -14.75 66.91
N ILE C 463 15.09 -14.56 66.73
CA ILE C 463 14.35 -15.38 65.79
C ILE C 463 14.26 -14.70 64.41
N ASP C 464 14.57 -15.46 63.37
CA ASP C 464 14.56 -14.92 62.01
C ASP C 464 13.13 -14.52 61.66
N SER C 465 12.89 -13.24 61.38
CA SER C 465 11.53 -12.80 61.15
C SER C 465 10.83 -13.56 60.05
N ARG C 466 11.50 -14.17 59.11
CA ARG C 466 10.76 -14.94 58.12
C ARG C 466 9.92 -16.09 58.76
N LEU C 467 10.28 -16.51 59.97
CA LEU C 467 9.59 -17.59 60.66
C LEU C 467 8.35 -17.12 61.41
N ILE C 468 8.19 -15.81 61.53
CA ILE C 468 7.27 -15.30 62.50
C ILE C 468 5.95 -14.82 61.88
N VAL C 469 4.87 -15.20 62.54
CA VAL C 469 3.57 -14.86 62.11
C VAL C 469 2.81 -14.31 63.34
N ASP C 470 2.10 -13.21 63.11
CA ASP C 470 1.22 -12.65 64.11
C ASP C 470 -0.18 -13.31 64.02
N TRP C 471 -0.81 -13.39 65.17
CA TRP C 471 -2.14 -13.87 65.31
C TRP C 471 -2.88 -12.87 66.17
N ARG C 472 -3.97 -12.34 65.64
CA ARG C 472 -4.86 -11.47 66.39
C ARG C 472 -6.26 -11.90 66.07
N PHE C 473 -6.98 -12.29 67.13
CA PHE C 473 -8.38 -12.56 66.99
C PHE C 473 -9.12 -11.44 67.73
N PHE C 474 -10.15 -10.90 67.07
CA PHE C 474 -10.95 -9.83 67.64
C PHE C 474 -12.38 -10.26 67.90
N GLY C 475 -12.83 -10.09 69.12
CA GLY C 475 -14.18 -10.44 69.50
C GLY C 475 -15.22 -9.35 69.38
N ARG C 476 -16.50 -9.77 69.45
CA ARG C 476 -17.64 -8.86 69.48
C ARG C 476 -18.12 -8.60 70.87
N THR C 477 -18.59 -7.38 71.15
CA THR C 477 -18.98 -7.05 72.52
C THR C 477 -20.42 -6.57 72.50
N GLU C 478 -21.27 -7.24 73.27
CA GLU C 478 -22.67 -6.87 73.47
C GLU C 478 -22.76 -5.43 73.93
N PRO C 479 -23.49 -4.58 73.20
CA PRO C 479 -23.86 -3.22 73.67
C PRO C 479 -24.65 -3.22 75.00
N LYS C 480 -24.14 -2.60 76.07
CA LYS C 480 -24.78 -2.57 77.40
C LYS C 480 -24.91 -1.17 77.92
N GLU C 481 -26.10 -0.85 78.38
CA GLU C 481 -26.34 0.47 78.89
C GLU C 481 -25.24 0.93 79.86
N GLU C 482 -24.87 0.04 80.79
CA GLU C 482 -23.96 0.42 81.87
C GLU C 482 -22.50 0.69 81.34
N ASN C 483 -22.16 0.21 80.16
CA ASN C 483 -20.84 0.51 79.64
C ASN C 483 -20.86 1.88 79.04
N LYS C 484 -20.01 2.75 79.62
CA LYS C 484 -20.09 4.18 79.42
C LYS C 484 -18.75 4.86 79.15
N LEU C 485 -18.85 5.85 78.27
CA LEU C 485 -17.88 6.94 78.10
C LEU C 485 -18.57 8.22 78.55
N TRP C 486 -18.06 8.81 79.64
CA TRP C 486 -18.53 10.09 80.15
C TRP C 486 -17.40 11.10 80.38
N PHE C 487 -17.75 12.31 80.79
CA PHE C 487 -16.85 13.46 80.83
C PHE C 487 -16.92 14.27 82.12
N SER C 488 -15.77 14.59 82.70
CA SER C 488 -15.75 15.23 84.00
C SER C 488 -16.20 16.66 83.90
N ASP C 489 -16.79 17.13 84.98
CA ASP C 489 -17.21 18.50 85.07
C ASP C 489 -16.23 19.35 85.84
N LYS C 490 -15.09 18.76 86.27
CA LYS C 490 -14.03 19.53 86.92
C LYS C 490 -12.70 19.25 86.29
N ILE C 491 -12.48 18.03 85.84
CA ILE C 491 -11.18 17.68 85.28
C ILE C 491 -11.23 17.94 83.81
N THR C 492 -10.19 18.61 83.28
CA THR C 492 -10.09 18.87 81.84
C THR C 492 -8.83 18.20 81.22
N ASP C 493 -8.86 17.91 79.92
CA ASP C 493 -7.74 17.33 79.21
C ASP C 493 -6.71 18.37 78.73
N ALA C 494 -5.82 17.95 77.84
CA ALA C 494 -4.69 18.80 77.47
C ALA C 494 -5.20 20.02 76.70
N TYR C 495 -6.36 19.90 76.08
CA TYR C 495 -6.89 21.01 75.25
C TYR C 495 -8.01 21.72 75.98
N ASN C 496 -7.97 21.61 77.32
CA ASN C 496 -8.93 22.28 78.16
C ASN C 496 -10.36 21.89 77.90
N MET C 497 -10.56 20.66 77.45
CA MET C 497 -11.92 20.07 77.28
C MET C 497 -12.20 19.02 78.38
N PRO C 498 -13.48 18.71 78.64
CA PRO C 498 -13.80 17.83 79.76
C PRO C 498 -13.13 16.50 79.64
N GLN C 499 -12.58 15.99 80.74
CA GLN C 499 -11.75 14.80 80.66
C GLN C 499 -12.60 13.53 80.50
N PRO C 500 -12.40 12.83 79.36
CA PRO C 500 -13.01 11.55 79.10
C PRO C 500 -12.73 10.54 80.23
N THR C 501 -13.76 9.79 80.60
CA THR C 501 -13.62 8.86 81.72
C THR C 501 -14.32 7.60 81.25
N PHE C 502 -13.79 6.41 81.47
CA PHE C 502 -14.54 5.22 81.00
C PHE C 502 -15.12 4.51 82.20
N ASP C 503 -16.33 3.99 82.05
CA ASP C 503 -16.84 2.98 82.94
C ASP C 503 -17.21 1.70 82.21
N PHE C 504 -16.30 0.73 82.18
CA PHE C 504 -16.38 -0.33 81.20
C PHE C 504 -15.97 -1.66 81.76
N ARG C 505 -16.80 -2.67 81.51
CA ARG C 505 -16.42 -4.09 81.63
C ARG C 505 -16.99 -4.89 80.51
N PHE C 506 -16.26 -5.92 80.14
CA PHE C 506 -16.69 -6.75 79.09
C PHE C 506 -17.90 -7.43 79.66
N PRO C 507 -19.01 -7.34 78.97
CA PRO C 507 -20.20 -7.93 79.57
C PRO C 507 -20.07 -9.45 79.83
N ALA C 508 -20.58 -9.87 80.98
CA ALA C 508 -20.86 -11.25 81.23
C ALA C 508 -21.87 -11.80 80.22
N GLY C 509 -21.96 -13.13 80.17
CA GLY C 509 -22.74 -13.81 79.14
C GLY C 509 -21.90 -14.08 77.88
N ARG C 510 -22.56 -13.94 76.74
CA ARG C 510 -21.99 -14.34 75.46
C ARG C 510 -20.62 -13.71 75.21
N THR C 511 -20.51 -12.40 75.41
CA THR C 511 -19.26 -11.67 75.18
C THR C 511 -18.08 -12.32 75.93
N SER C 512 -18.24 -12.57 77.23
CA SER C 512 -17.20 -13.19 78.02
C SER C 512 -16.91 -14.55 77.41
N LYS C 513 -17.93 -15.36 77.26
CA LYS C 513 -17.80 -16.78 76.89
C LYS C 513 -17.19 -16.93 75.53
N GLU C 514 -17.62 -16.10 74.59
CA GLU C 514 -16.97 -16.05 73.25
C GLU C 514 -15.54 -15.56 73.33
N ALA C 515 -15.28 -14.64 74.23
CA ALA C 515 -13.93 -14.12 74.43
C ALA C 515 -12.93 -15.23 74.71
N GLU C 516 -13.23 -16.06 75.71
CA GLU C 516 -12.44 -17.21 76.07
C GLU C 516 -12.49 -18.34 74.99
N ASP C 517 -13.61 -18.52 74.31
CA ASP C 517 -13.62 -19.50 73.21
C ASP C 517 -12.69 -19.05 72.10
N MET C 518 -12.57 -17.73 71.98
CA MET C 518 -11.77 -17.10 70.92
C MET C 518 -10.29 -17.32 71.22
N MET C 519 -9.94 -17.19 72.48
CA MET C 519 -8.59 -17.50 72.91
C MET C 519 -8.26 -18.98 72.65
N THR C 520 -9.00 -19.91 73.20
CA THR C 520 -8.80 -21.32 72.87
C THR C 520 -8.63 -21.57 71.36
N ASP C 521 -9.55 -21.00 70.57
CA ASP C 521 -9.50 -21.08 69.11
C ASP C 521 -8.16 -20.62 68.51
N MET C 522 -7.59 -19.55 69.03
CA MET C 522 -6.33 -19.02 68.49
C MET C 522 -5.24 -20.01 68.86
N CYS C 523 -5.32 -20.50 70.07
CA CYS C 523 -4.35 -21.50 70.50
C CYS C 523 -4.40 -22.75 69.60
N VAL C 524 -5.60 -23.26 69.32
CA VAL C 524 -5.73 -24.45 68.49
C VAL C 524 -5.29 -24.19 67.06
N MET C 525 -5.77 -23.10 66.48
CA MET C 525 -5.42 -22.78 65.10
C MET C 525 -3.92 -22.50 64.89
N SER C 526 -3.36 -21.59 65.70
CA SER C 526 -1.94 -21.19 65.53
C SER C 526 -1.01 -22.41 65.61
N ALA C 527 -1.43 -23.41 66.38
CA ALA C 527 -0.55 -24.59 66.61
C ALA C 527 -0.36 -25.32 65.29
N LYS C 528 -1.19 -24.99 64.33
CA LYS C 528 -1.22 -25.71 63.06
C LYS C 528 -0.11 -25.16 62.21
N ILE C 529 0.30 -23.94 62.50
CA ILE C 529 1.34 -23.27 61.73
C ILE C 529 2.68 -23.35 62.42
N GLY C 530 2.69 -23.25 63.74
CA GLY C 530 3.91 -23.36 64.55
C GLY C 530 3.61 -23.13 66.02
N GLY C 531 4.59 -23.38 66.88
CA GLY C 531 4.45 -23.16 68.31
C GLY C 531 4.64 -21.67 68.62
N PHE C 532 4.14 -21.21 69.76
CA PHE C 532 4.27 -19.80 70.10
C PHE C 532 5.71 -19.29 70.19
N LEU C 533 5.88 -17.98 70.03
CA LEU C 533 7.21 -17.36 70.07
C LEU C 533 7.44 -16.99 71.48
N PRO C 534 8.58 -17.42 72.07
CA PRO C 534 8.68 -16.94 73.43
C PRO C 534 8.68 -15.42 73.43
N GLY C 535 8.04 -14.86 74.47
CA GLY C 535 7.91 -13.42 74.65
C GLY C 535 6.59 -12.93 74.04
N SER C 536 5.92 -13.74 73.25
CA SER C 536 4.70 -13.30 72.53
C SER C 536 3.65 -14.41 72.68
N LEU C 537 3.49 -14.89 73.91
CA LEU C 537 2.58 -15.96 74.29
C LEU C 537 1.15 -15.47 74.25
N PRO C 538 0.20 -16.40 74.06
CA PRO C 538 -1.17 -15.99 73.88
C PRO C 538 -1.73 -15.26 75.11
N GLN C 539 -2.37 -14.15 74.83
CA GLN C 539 -2.71 -13.22 75.88
C GLN C 539 -3.83 -12.36 75.38
N PHE C 540 -4.62 -11.88 76.33
CA PHE C 540 -5.48 -10.76 76.08
C PHE C 540 -4.66 -9.45 76.09
N MET C 541 -4.97 -8.55 75.18
CA MET C 541 -4.38 -7.25 75.16
C MET C 541 -5.12 -6.27 76.05
N GLU C 542 -4.45 -5.18 76.39
CA GLU C 542 -4.96 -4.16 77.27
C GLU C 542 -6.32 -3.68 76.72
N PRO C 543 -7.37 -3.66 77.58
CA PRO C 543 -8.69 -3.29 77.15
C PRO C 543 -8.60 -1.96 76.43
N GLY C 544 -9.01 -1.99 75.16
CA GLY C 544 -8.92 -0.82 74.31
C GLY C 544 -7.73 -0.57 73.41
N LEU C 545 -6.64 -1.31 73.55
CA LEU C 545 -5.47 -1.15 72.69
C LEU C 545 -5.86 -1.34 71.23
N VAL C 546 -6.94 -2.07 71.00
CA VAL C 546 -7.35 -2.50 69.72
C VAL C 546 -7.91 -1.35 68.88
N LEU C 547 -8.28 -0.25 69.55
CA LEU C 547 -8.83 0.98 68.95
C LEU C 547 -9.98 0.71 67.95
N HIS C 548 -10.95 -0.06 68.43
CA HIS C 548 -12.12 -0.45 67.63
C HIS C 548 -13.42 0.02 68.30
N LEU C 549 -13.29 1.01 69.19
CA LEU C 549 -14.38 1.53 70.00
C LEU C 549 -15.57 1.98 69.12
N GLY C 550 -16.79 1.52 69.44
CA GLY C 550 -18.03 2.05 68.81
C GLY C 550 -19.17 2.32 69.80
N GLY C 551 -20.30 2.80 69.24
CA GLY C 551 -21.52 2.93 70.01
C GLY C 551 -21.62 4.14 70.91
N THR C 552 -20.66 5.02 70.84
CA THR C 552 -20.63 6.19 71.72
C THR C 552 -21.64 7.25 71.37
N HIS C 553 -22.07 7.23 70.12
CA HIS C 553 -23.09 8.15 69.64
C HIS C 553 -23.84 7.39 68.60
N ARG C 554 -24.45 6.27 69.01
CA ARG C 554 -24.83 5.14 68.14
C ARG C 554 -26.06 5.37 67.30
N MET C 555 -26.06 4.76 66.13
CA MET C 555 -27.14 4.82 65.19
C MET C 555 -28.30 3.85 65.48
N GLY C 556 -29.52 4.30 65.16
CA GLY C 556 -30.69 3.48 65.26
C GLY C 556 -31.88 4.10 64.54
N PHE C 557 -32.94 3.33 64.37
CA PHE C 557 -34.15 3.80 63.66
C PHE C 557 -34.96 4.80 64.50
N ASP C 558 -35.06 4.50 65.79
CA ASP C 558 -35.83 5.33 66.76
C ASP C 558 -34.99 5.66 68.00
N GLU C 559 -34.96 6.94 68.37
CA GLU C 559 -34.17 7.40 69.52
C GLU C 559 -34.38 6.55 70.81
N LYS C 560 -35.64 6.47 71.21
CA LYS C 560 -36.00 5.93 72.50
C LYS C 560 -35.91 4.42 72.44
N GLU C 561 -36.46 3.86 71.36
CA GLU C 561 -36.67 2.44 71.32
C GLU C 561 -35.39 1.69 71.03
N ASP C 562 -34.58 2.27 70.14
CA ASP C 562 -33.30 1.69 69.73
C ASP C 562 -32.15 2.28 70.51
N ASN C 563 -32.47 2.95 71.61
CA ASN C 563 -31.54 3.65 72.54
C ASN C 563 -30.37 4.36 71.86
N CYS C 564 -30.69 5.36 71.05
CA CYS C 564 -29.71 5.87 70.11
C CYS C 564 -29.65 7.40 69.94
N CYS C 565 -28.69 7.89 69.12
CA CYS C 565 -28.42 9.33 68.99
C CYS C 565 -28.59 9.87 67.57
N VAL C 566 -28.40 9.03 66.55
CA VAL C 566 -28.52 9.50 65.17
C VAL C 566 -29.36 8.46 64.48
N ASN C 567 -30.07 8.87 63.43
CA ASN C 567 -30.88 7.93 62.68
C ASN C 567 -30.00 7.34 61.60
N THR C 568 -30.57 6.60 60.66
CA THR C 568 -29.78 5.91 59.64
C THR C 568 -29.24 6.83 58.55
N ASP C 569 -29.55 8.13 58.67
CA ASP C 569 -28.82 9.15 57.87
C ASP C 569 -27.73 9.76 58.75
N SER C 570 -27.44 9.16 59.89
CA SER C 570 -26.46 9.70 60.84
C SER C 570 -26.77 11.15 61.32
N ARG C 571 -28.00 11.60 61.16
CA ARG C 571 -28.43 12.94 61.59
C ARG C 571 -28.81 12.85 63.05
N VAL C 572 -28.44 13.85 63.83
CA VAL C 572 -28.76 13.82 65.23
C VAL C 572 -30.25 14.05 65.34
N PHE C 573 -30.93 13.22 66.12
CA PHE C 573 -32.37 13.34 66.38
C PHE C 573 -32.77 14.72 66.88
N GLY C 574 -33.80 15.27 66.29
CA GLY C 574 -34.25 16.61 66.66
C GLY C 574 -33.51 17.66 65.88
N PHE C 575 -32.35 17.33 65.36
CA PHE C 575 -31.53 18.35 64.77
C PHE C 575 -31.51 18.27 63.25
N LYS C 576 -31.78 19.40 62.61
CA LYS C 576 -31.97 19.42 61.17
C LYS C 576 -30.65 19.35 60.37
N ASN C 577 -29.59 19.94 60.92
CA ASN C 577 -28.32 20.19 60.17
C ASN C 577 -27.04 19.67 60.93
N LEU C 578 -27.21 18.71 61.83
CA LEU C 578 -26.07 18.13 62.60
C LEU C 578 -25.90 16.67 62.26
N PHE C 579 -24.70 16.30 61.83
CA PHE C 579 -24.37 14.93 61.43
C PHE C 579 -23.14 14.44 62.20
N LEU C 580 -23.13 13.13 62.40
CA LEU C 580 -22.06 12.47 63.07
C LEU C 580 -21.62 11.33 62.19
N GLY C 581 -20.34 11.29 61.94
CA GLY C 581 -19.74 10.11 61.29
C GLY C 581 -18.64 9.50 62.12
N GLY C 582 -18.53 8.18 62.00
CA GLY C 582 -17.47 7.46 62.68
C GLY C 582 -17.95 6.19 63.29
N CYS C 583 -16.97 5.43 63.83
CA CYS C 583 -17.24 4.16 64.47
C CYS C 583 -18.24 4.30 65.61
N GLY C 584 -18.27 5.47 66.25
CA GLY C 584 -19.26 5.74 67.32
C GLY C 584 -20.70 5.60 66.87
N ASN C 585 -20.95 5.62 65.56
CA ASN C 585 -22.31 5.35 65.06
C ASN C 585 -22.74 3.90 65.05
N ILE C 586 -21.80 2.94 65.15
CA ILE C 586 -22.13 1.52 65.05
C ILE C 586 -22.63 1.08 66.41
N PRO C 587 -23.92 0.63 66.45
CA PRO C 587 -24.65 0.22 67.64
C PRO C 587 -24.64 -1.26 67.88
N THR C 588 -24.17 -2.03 66.92
CA THR C 588 -24.07 -3.48 67.09
C THR C 588 -22.78 -3.95 67.72
N ALA C 589 -22.80 -5.22 68.11
CA ALA C 589 -21.64 -5.98 68.59
C ALA C 589 -20.88 -6.49 67.35
N TYR C 590 -19.64 -6.08 67.15
CA TYR C 590 -18.92 -6.40 65.92
C TYR C 590 -17.47 -6.76 66.24
N GLY C 591 -16.95 -7.76 65.54
CA GLY C 591 -15.56 -8.16 65.59
C GLY C 591 -14.59 -7.65 64.50
N ALA C 592 -15.09 -7.48 63.30
CA ALA C 592 -14.24 -7.10 62.17
C ALA C 592 -13.80 -5.65 62.32
N ASN C 593 -12.73 -5.25 61.64
CA ASN C 593 -12.26 -3.89 61.83
C ASN C 593 -13.39 -2.97 61.28
N PRO C 594 -13.78 -1.95 62.05
CA PRO C 594 -14.97 -1.13 61.80
C PRO C 594 -14.91 -0.03 60.76
N THR C 595 -13.75 0.36 60.29
CA THR C 595 -13.66 1.63 59.59
C THR C 595 -14.44 1.63 58.23
N LEU C 596 -14.40 0.51 57.52
CA LEU C 596 -15.03 0.41 56.24
C LEU C 596 -16.55 0.51 56.41
N THR C 597 -17.01 0.10 57.59
CA THR C 597 -18.40 0.15 57.88
C THR C 597 -18.82 1.57 58.18
N ALA C 598 -18.06 2.22 59.03
CA ALA C 598 -18.32 3.60 59.32
C ALA C 598 -18.31 4.48 58.05
N MET C 599 -17.41 4.15 57.11
CA MET C 599 -17.27 4.91 55.91
C MET C 599 -18.59 4.79 55.13
N SER C 600 -19.03 3.55 54.99
CA SER C 600 -20.28 3.22 54.35
C SER C 600 -21.50 3.96 54.95
N LEU C 601 -21.59 4.06 56.27
CA LEU C 601 -22.66 4.84 56.85
C LEU C 601 -22.47 6.30 56.46
N ALA C 602 -21.23 6.79 56.39
CA ALA C 602 -21.02 8.18 56.01
C ALA C 602 -21.50 8.46 54.59
N ILE C 603 -21.19 7.54 53.70
CA ILE C 603 -21.61 7.67 52.35
C ILE C 603 -23.11 7.90 52.34
N LYS C 604 -23.84 7.02 53.02
CA LYS C 604 -25.32 7.16 53.09
C LYS C 604 -25.69 8.52 53.68
N SER C 605 -25.08 8.86 54.78
CA SER C 605 -25.27 10.19 55.30
C SER C 605 -25.14 11.29 54.23
N CYS C 606 -24.14 11.16 53.34
CA CYS C 606 -23.87 12.23 52.37
C CYS C 606 -25.02 12.37 51.35
N GLU C 607 -25.57 11.21 50.97
CA GLU C 607 -26.76 11.13 50.20
C GLU C 607 -27.90 11.91 50.83
N TYR C 608 -28.03 11.85 52.16
CA TYR C 608 -29.13 12.59 52.74
C TYR C 608 -28.82 14.07 52.55
N ILE C 609 -27.55 14.44 52.74
CA ILE C 609 -27.25 15.83 52.75
C ILE C 609 -27.51 16.39 51.35
N LYS C 610 -27.15 15.58 50.36
CA LYS C 610 -27.16 15.99 48.96
C LYS C 610 -28.59 16.23 48.50
N GLN C 611 -29.52 15.62 49.22
CA GLN C 611 -30.94 15.73 48.91
C GLN C 611 -31.69 16.79 49.72
N ASN C 612 -31.09 17.37 50.74
CA ASN C 612 -31.87 18.22 51.62
C ASN C 612 -31.22 19.58 51.96
N PHE C 613 -30.11 19.87 51.30
CA PHE C 613 -29.37 21.09 51.55
C PHE C 613 -28.75 21.48 50.21
N THR C 614 -28.88 22.73 49.84
CA THR C 614 -28.56 23.12 48.48
C THR C 614 -27.27 23.92 48.38
N PRO C 615 -26.35 23.49 47.51
CA PRO C 615 -25.00 24.07 47.56
C PRO C 615 -25.03 25.53 47.21
N SER C 616 -24.35 26.40 47.94
CA SER C 616 -24.43 27.82 47.56
C SER C 616 -23.83 28.04 46.16
N PRO C 617 -24.19 29.15 45.50
CA PRO C 617 -23.60 29.34 44.16
C PRO C 617 -22.15 29.81 44.18
N PHE C 618 -21.39 29.46 43.15
CA PHE C 618 -20.00 29.90 43.02
C PHE C 618 -19.83 31.43 42.76
N THR C 619 -19.08 32.09 43.65
CA THR C 619 -18.94 33.54 43.69
C THR C 619 -17.45 33.95 43.60
N LYS D 46 22.75 20.02 34.12
CA LYS D 46 24.04 20.50 34.70
C LYS D 46 23.77 21.55 35.80
N TYR D 47 24.32 21.36 37.00
CA TYR D 47 24.06 22.30 38.10
C TYR D 47 25.42 22.90 38.42
N ASP D 48 25.47 24.12 38.94
CA ASP D 48 26.73 24.65 39.41
C ASP D 48 27.19 23.75 40.56
N VAL D 49 26.28 23.53 41.51
CA VAL D 49 26.59 22.82 42.71
C VAL D 49 25.62 21.70 42.95
N VAL D 50 26.15 20.55 43.40
CA VAL D 50 25.30 19.52 43.93
C VAL D 50 25.64 19.14 45.35
N ILE D 51 24.60 19.10 46.18
CA ILE D 51 24.77 18.85 47.61
C ILE D 51 24.15 17.51 47.94
N VAL D 52 24.94 16.64 48.56
CA VAL D 52 24.36 15.42 49.00
C VAL D 52 24.01 15.48 50.47
N GLY D 53 22.70 15.49 50.74
CA GLY D 53 22.19 15.56 52.11
C GLY D 53 21.52 16.90 52.37
N SER D 54 20.34 16.83 53.00
CA SER D 54 19.52 17.95 53.37
C SER D 54 19.47 18.12 54.86
N GLY D 55 20.47 17.62 55.58
CA GLY D 55 20.64 17.95 56.96
C GLY D 55 20.97 19.40 57.12
N PRO D 56 21.21 19.83 58.33
CA PRO D 56 21.48 21.29 58.41
C PRO D 56 22.81 21.67 57.82
N ILE D 57 23.73 20.69 57.62
CA ILE D 57 25.05 21.05 57.07
C ILE D 57 24.84 21.34 55.58
N GLY D 58 24.09 20.44 54.93
CA GLY D 58 23.73 20.56 53.52
C GLY D 58 23.04 21.87 53.30
N CYS D 59 22.21 22.23 54.26
CA CYS D 59 21.38 23.40 54.16
C CYS D 59 22.17 24.67 54.39
N THR D 60 23.28 24.53 55.10
CA THR D 60 24.20 25.63 55.26
C THR D 60 24.83 25.95 53.89
N TYR D 61 25.25 24.93 53.16
CA TYR D 61 25.78 25.15 51.84
C TYR D 61 24.67 25.73 50.92
N ALA D 62 23.43 25.21 51.00
CA ALA D 62 22.35 25.73 50.14
C ALA D 62 22.19 27.20 50.38
N ARG D 63 21.93 27.56 51.62
CA ARG D 63 21.79 28.92 52.05
C ARG D 63 22.89 29.82 51.52
N GLU D 64 24.14 29.43 51.70
CA GLU D 64 25.22 30.29 51.18
C GLU D 64 25.21 30.38 49.64
N LEU D 65 25.18 29.21 49.01
CA LEU D 65 25.45 29.10 47.58
C LEU D 65 24.21 29.43 46.73
N VAL D 66 23.04 29.10 47.23
CA VAL D 66 21.81 29.49 46.57
C VAL D 66 21.69 31.00 46.64
N GLY D 67 21.99 31.57 47.81
CA GLY D 67 21.84 33.00 48.04
C GLY D 67 22.88 33.78 47.25
N ALA D 68 24.01 33.16 47.01
CA ALA D 68 25.11 33.80 46.37
C ALA D 68 24.93 33.78 44.86
N GLY D 69 23.90 33.07 44.36
CA GLY D 69 23.48 33.14 42.96
C GLY D 69 23.69 31.86 42.18
N TYR D 70 24.23 30.83 42.81
CA TYR D 70 24.54 29.61 42.08
C TYR D 70 23.32 28.74 41.76
N LYS D 71 23.45 27.91 40.72
CA LYS D 71 22.44 26.90 40.38
C LYS D 71 22.59 25.58 41.15
N VAL D 72 21.89 25.47 42.28
CA VAL D 72 22.06 24.34 43.19
C VAL D 72 21.01 23.24 43.11
N ALA D 73 21.42 21.99 43.11
CA ALA D 73 20.50 20.85 43.30
C ALA D 73 20.96 20.18 44.57
N MET D 74 19.99 19.68 45.35
CA MET D 74 20.27 18.98 46.56
C MET D 74 19.53 17.67 46.48
N PHE D 75 20.14 16.61 46.99
CA PHE D 75 19.57 15.27 46.97
C PHE D 75 19.47 14.74 48.42
N ASP D 76 18.35 14.06 48.73
CA ASP D 76 18.26 13.30 49.96
C ASP D 76 17.68 11.96 49.65
N ILE D 77 18.28 10.96 50.27
CA ILE D 77 17.91 9.57 50.12
C ILE D 77 16.55 9.39 50.79
N GLY D 78 16.22 10.27 51.73
CA GLY D 78 14.95 10.21 52.41
C GLY D 78 13.93 11.16 51.82
N GLU D 79 12.78 11.24 52.51
CA GLU D 79 11.63 11.88 51.94
C GLU D 79 11.09 13.06 52.77
N ILE D 80 10.20 13.84 52.16
CA ILE D 80 9.63 14.93 52.90
C ILE D 80 8.60 14.35 53.84
N ASP D 81 8.85 14.48 55.13
CA ASP D 81 7.84 14.24 56.17
C ASP D 81 8.09 15.11 57.46
N SER D 82 7.70 16.40 57.44
CA SER D 82 7.61 17.26 58.65
C SER D 82 6.51 18.32 58.40
N GLY D 83 5.50 18.00 57.63
CA GLY D 83 4.52 19.01 57.33
C GLY D 83 4.98 19.92 56.21
N LEU D 84 4.42 21.13 56.13
CA LEU D 84 4.60 22.00 54.99
C LEU D 84 5.95 22.74 55.00
N LYS D 85 6.48 22.99 56.19
CA LYS D 85 7.83 23.50 56.32
C LYS D 85 8.79 22.36 56.12
N ILE D 86 9.40 22.33 54.94
CA ILE D 86 10.20 21.21 54.56
C ILE D 86 11.45 21.18 55.39
N GLY D 87 11.72 20.00 55.95
CA GLY D 87 12.85 19.82 56.83
C GLY D 87 12.71 20.43 58.23
N ALA D 88 11.50 20.79 58.62
CA ALA D 88 11.33 21.41 59.94
C ALA D 88 11.48 20.42 61.09
N HIS D 89 11.44 20.92 62.32
CA HIS D 89 11.62 20.07 63.51
C HIS D 89 10.28 19.43 63.85
N LYS D 90 10.28 18.14 64.18
CA LYS D 90 9.00 17.45 64.20
C LYS D 90 8.29 17.72 65.51
N LYS D 91 8.97 18.29 66.50
CA LYS D 91 8.30 18.60 67.76
C LYS D 91 7.71 19.99 67.83
N ASN D 92 7.69 20.69 66.70
CA ASN D 92 6.99 21.97 66.65
C ASN D 92 5.53 21.77 66.30
N THR D 93 4.90 20.77 66.92
CA THR D 93 3.47 20.60 66.77
C THR D 93 2.91 20.93 68.13
N VAL D 94 1.76 21.60 68.11
CA VAL D 94 1.06 21.88 69.37
C VAL D 94 0.93 20.59 70.19
N GLU D 95 0.59 19.49 69.52
CA GLU D 95 0.43 18.19 70.17
C GLU D 95 1.69 17.67 70.93
N TYR D 96 2.86 17.75 70.29
CA TYR D 96 4.05 17.18 70.91
C TYR D 96 4.42 18.05 72.08
N GLN D 97 4.20 19.34 71.92
CA GLN D 97 4.51 20.23 73.02
C GLN D 97 3.52 20.13 74.20
N LYS D 98 2.27 19.71 73.99
CA LYS D 98 1.41 19.33 75.11
C LYS D 98 1.69 17.86 75.57
N ASN D 99 2.38 17.05 74.76
CA ASN D 99 2.67 15.65 75.03
C ASN D 99 4.14 15.29 74.82
N ILE D 100 5.02 16.09 75.39
CA ILE D 100 6.43 16.09 75.02
C ILE D 100 7.08 14.70 75.15
N ASP D 101 6.71 13.92 76.16
CA ASP D 101 7.34 12.65 76.33
C ASP D 101 7.03 11.65 75.20
N LYS D 102 5.89 11.80 74.55
CA LYS D 102 5.59 11.07 73.28
C LYS D 102 6.64 11.26 72.14
N PHE D 103 7.46 12.30 72.21
CA PHE D 103 8.39 12.59 71.08
C PHE D 103 9.54 11.58 70.96
N VAL D 104 9.90 10.90 72.05
CA VAL D 104 10.95 9.89 72.02
C VAL D 104 10.64 8.87 71.01
N ASN D 105 9.36 8.56 70.84
CA ASN D 105 8.99 7.59 69.83
C ASN D 105 9.29 8.02 68.46
N VAL D 106 9.15 9.32 68.17
CA VAL D 106 9.46 9.86 66.84
C VAL D 106 10.97 9.81 66.58
N ILE D 107 11.74 10.16 67.60
CA ILE D 107 13.17 9.96 67.47
C ILE D 107 13.56 8.48 67.14
N GLN D 108 12.98 7.55 67.89
CA GLN D 108 13.26 6.10 67.82
C GLN D 108 12.82 5.57 66.46
N GLY D 109 11.77 6.16 65.94
CA GLY D 109 11.26 5.77 64.63
C GLY D 109 12.19 6.04 63.48
N GLN D 110 13.17 6.93 63.66
CA GLN D 110 14.04 7.31 62.54
C GLN D 110 15.54 7.27 62.88
N LEU D 111 15.89 6.44 63.85
CA LEU D 111 17.28 6.04 64.15
C LEU D 111 17.41 4.59 63.75
N MET D 112 17.98 4.38 62.58
CA MET D 112 18.26 3.07 62.07
C MET D 112 19.67 2.72 62.46
N SER D 113 19.84 1.62 63.13
CA SER D 113 21.18 1.29 63.63
C SER D 113 22.20 1.17 62.50
N VAL D 114 23.39 1.71 62.75
CA VAL D 114 24.45 1.49 61.77
C VAL D 114 24.95 0.01 61.61
N SER D 115 25.31 -0.66 62.70
CA SER D 115 25.96 -1.94 62.60
C SER D 115 25.46 -2.72 63.77
N VAL D 116 24.72 -3.77 63.50
CA VAL D 116 24.20 -4.62 64.55
C VAL D 116 24.94 -5.95 64.49
N PRO D 117 25.62 -6.35 65.55
CA PRO D 117 26.41 -7.57 65.32
C PRO D 117 25.52 -8.79 65.23
N VAL D 118 26.08 -9.96 64.90
CA VAL D 118 25.24 -11.16 64.83
C VAL D 118 24.68 -11.49 66.23
N ASN D 119 23.37 -11.76 66.32
CA ASN D 119 22.68 -12.09 67.59
C ASN D 119 23.04 -13.49 68.09
N THR D 120 23.41 -13.61 69.37
CA THR D 120 23.77 -14.89 69.90
C THR D 120 22.96 -15.23 71.18
N LEU D 121 21.81 -14.59 71.37
CA LEU D 121 20.91 -14.94 72.44
C LEU D 121 20.34 -16.31 72.19
N VAL D 122 20.17 -17.07 73.25
CA VAL D 122 19.69 -18.43 73.20
C VAL D 122 18.22 -18.48 73.54
N VAL D 123 17.43 -18.94 72.60
CA VAL D 123 16.02 -19.13 72.81
C VAL D 123 15.80 -20.62 72.70
N ASP D 124 15.69 -21.26 73.89
CA ASP D 124 15.57 -22.69 73.97
C ASP D 124 14.21 -23.15 74.51
N THR D 125 13.21 -22.28 74.50
CA THR D 125 11.89 -22.64 74.95
C THR D 125 10.90 -22.62 73.74
N LEU D 126 11.43 -22.63 72.52
CA LEU D 126 10.54 -22.80 71.38
C LEU D 126 9.79 -24.14 71.54
N SER D 127 8.65 -24.27 70.91
CA SER D 127 8.07 -25.62 70.81
C SER D 127 8.96 -26.50 69.89
N PRO D 128 9.04 -27.76 70.21
CA PRO D 128 9.73 -28.76 69.39
C PRO D 128 9.24 -28.85 67.94
N THR D 129 8.08 -28.30 67.59
CA THR D 129 7.61 -28.29 66.18
C THR D 129 8.13 -27.08 65.36
N SER D 130 8.51 -26.04 66.06
CA SER D 130 9.02 -24.83 65.40
C SER D 130 10.39 -25.07 64.81
N TRP D 131 10.65 -24.50 63.64
CA TRP D 131 11.95 -24.55 63.06
C TRP D 131 12.96 -23.84 63.96
N GLN D 132 14.04 -24.54 64.26
CA GLN D 132 14.99 -24.13 65.29
C GLN D 132 16.39 -24.19 64.70
N ALA D 133 17.22 -23.22 65.07
CA ALA D 133 18.41 -22.99 64.27
C ALA D 133 19.50 -23.87 64.83
N SER D 134 20.47 -24.22 64.01
CA SER D 134 21.64 -24.95 64.50
C SER D 134 22.79 -24.02 64.80
N THR D 135 22.76 -22.82 64.23
CA THR D 135 23.87 -21.86 64.47
C THR D 135 23.30 -20.48 64.69
N PHE D 136 24.13 -19.57 65.19
CA PHE D 136 23.78 -18.20 65.20
C PHE D 136 24.10 -17.62 63.84
N PHE D 137 23.25 -17.87 62.86
CA PHE D 137 23.54 -17.45 61.46
C PHE D 137 23.16 -15.97 61.21
N VAL D 138 23.60 -15.40 60.10
CA VAL D 138 23.29 -13.99 59.79
C VAL D 138 21.76 -13.85 59.57
N ARG D 139 21.10 -13.08 60.45
CA ARG D 139 19.64 -12.91 60.53
C ARG D 139 19.33 -11.41 60.60
N ASN D 140 18.14 -11.02 60.15
CA ASN D 140 17.51 -9.75 60.56
C ASN D 140 18.41 -8.56 60.45
N GLY D 141 19.21 -8.56 59.39
CA GLY D 141 20.01 -7.44 58.92
C GLY D 141 21.27 -7.21 59.69
N SER D 142 21.59 -8.15 60.55
CA SER D 142 22.81 -7.99 61.30
C SER D 142 24.02 -8.03 60.35
N ASN D 143 25.11 -7.45 60.79
CA ASN D 143 26.32 -7.40 60.01
C ASN D 143 27.32 -8.40 60.58
N PRO D 144 27.62 -9.50 59.89
CA PRO D 144 28.57 -10.46 60.47
C PRO D 144 30.03 -9.98 60.55
N GLU D 145 30.38 -8.82 59.98
CA GLU D 145 31.74 -8.32 60.07
C GLU D 145 32.03 -7.78 61.47
N GLN D 146 30.98 -7.43 62.19
CA GLN D 146 31.08 -6.54 63.33
C GLN D 146 31.49 -7.31 64.56
N ASP D 147 32.56 -6.92 65.18
CA ASP D 147 32.84 -7.43 66.49
C ASP D 147 31.90 -6.80 67.54
N PRO D 148 31.05 -7.58 68.21
CA PRO D 148 30.14 -6.98 69.22
C PRO D 148 30.84 -6.24 70.32
N LEU D 149 32.08 -6.60 70.58
CA LEU D 149 32.81 -5.98 71.67
C LEU D 149 33.66 -4.74 71.22
N ARG D 150 33.70 -4.38 69.93
CA ARG D 150 34.43 -3.17 69.56
C ARG D 150 33.53 -2.34 68.66
N ASN D 151 32.31 -2.14 69.09
CA ASN D 151 31.27 -1.53 68.29
C ASN D 151 30.90 -0.18 68.86
N LEU D 152 30.21 0.63 68.07
CA LEU D 152 29.38 1.69 68.62
C LEU D 152 27.91 1.30 68.48
N SER D 153 27.41 0.48 69.40
CA SER D 153 26.14 -0.18 69.17
C SER D 153 25.00 0.82 69.04
N GLY D 154 25.13 2.00 69.66
CA GLY D 154 24.04 2.96 69.68
C GLY D 154 24.04 3.85 68.45
N GLN D 155 25.05 3.73 67.61
CA GLN D 155 25.14 4.57 66.49
C GLN D 155 23.98 4.31 65.56
N ALA D 156 23.29 5.36 65.18
CA ALA D 156 22.19 5.19 64.25
C ALA D 156 22.34 6.31 63.27
N VAL D 157 21.53 6.19 62.20
CA VAL D 157 21.38 7.21 61.21
C VAL D 157 19.90 7.46 60.91
N THR D 158 19.63 8.62 60.29
CA THR D 158 18.27 9.09 60.06
C THR D 158 18.18 9.56 58.60
N ARG D 159 17.21 8.99 57.87
CA ARG D 159 17.06 9.18 56.45
C ARG D 159 15.71 9.86 56.11
N VAL D 160 15.67 11.16 56.32
CA VAL D 160 14.51 11.96 56.09
C VAL D 160 15.01 13.37 55.70
N VAL D 161 14.26 14.07 54.87
CA VAL D 161 14.60 15.45 54.58
C VAL D 161 14.71 16.25 55.87
N GLY D 162 15.90 16.82 56.09
CA GLY D 162 16.22 17.61 57.27
C GLY D 162 17.16 16.82 58.17
N GLY D 163 17.35 15.55 57.79
CA GLY D 163 18.12 14.61 58.57
C GLY D 163 17.86 14.73 60.04
N MET D 164 18.91 14.56 60.83
CA MET D 164 18.70 14.49 62.25
C MET D 164 18.19 15.77 62.87
N SER D 165 18.22 16.87 62.12
CA SER D 165 17.81 18.19 62.68
C SER D 165 16.27 18.29 62.73
N THR D 166 15.58 17.24 62.24
CA THR D 166 14.11 17.09 62.41
C THR D 166 13.83 16.57 63.84
N HIS D 167 14.84 16.07 64.49
CA HIS D 167 14.58 15.57 65.79
C HIS D 167 15.49 16.03 66.91
N TRP D 168 16.59 16.69 66.60
CA TRP D 168 17.64 16.92 67.58
C TRP D 168 17.15 17.80 68.69
N THR D 169 17.99 17.90 69.71
CA THR D 169 17.70 18.65 70.92
C THR D 169 17.96 20.16 70.82
N CYS D 170 18.77 20.59 69.88
CA CYS D 170 19.01 22.05 69.60
C CYS D 170 20.07 22.69 70.47
N ALA D 171 20.84 21.90 71.21
CA ALA D 171 21.95 22.46 72.00
C ALA D 171 23.10 22.79 71.04
N THR D 172 23.43 24.09 70.99
CA THR D 172 24.48 24.57 70.15
C THR D 172 25.52 25.41 70.90
N PRO D 173 26.33 24.76 71.78
CA PRO D 173 27.55 25.40 72.29
C PRO D 173 28.77 25.54 71.29
N ARG D 174 29.55 26.58 71.54
CA ARG D 174 30.83 26.70 70.93
C ARG D 174 31.81 25.73 71.55
N PHE D 175 32.80 25.31 70.77
CA PHE D 175 34.01 24.72 71.37
C PHE D 175 34.94 25.86 71.80
N ASP D 176 35.53 25.70 73.00
CA ASP D 176 36.67 26.52 73.46
C ASP D 176 37.86 26.00 72.73
N ARG D 177 38.96 26.77 72.77
CA ARG D 177 40.17 26.38 72.04
C ARG D 177 40.52 24.90 72.23
N GLU D 178 40.50 24.46 73.45
CA GLU D 178 40.91 23.09 73.81
C GLU D 178 40.21 21.92 73.10
N GLN D 179 39.05 22.17 72.48
CA GLN D 179 38.25 21.13 71.79
C GLN D 179 38.23 21.44 70.28
N ARG D 180 38.70 22.62 69.97
CA ARG D 180 38.52 23.17 68.65
C ARG D 180 39.72 22.92 67.77
N PRO D 181 39.46 22.52 66.49
CA PRO D 181 40.54 22.43 65.50
C PRO D 181 41.09 23.83 65.19
N LEU D 182 42.36 23.89 64.83
CA LEU D 182 42.98 25.13 64.37
C LEU D 182 42.51 25.47 62.98
N LEU D 183 42.20 26.75 62.77
CA LEU D 183 41.90 27.27 61.43
C LEU D 183 43.07 28.13 60.92
N VAL D 184 43.88 28.62 61.83
CA VAL D 184 45.02 29.46 61.47
C VAL D 184 46.19 29.00 62.36
N LYS D 185 47.29 28.55 61.78
CA LYS D 185 48.34 28.05 62.64
C LYS D 185 49.28 29.16 63.10
N ASP D 186 49.88 28.90 64.24
CA ASP D 186 50.76 29.86 64.89
C ASP D 186 50.28 31.31 65.03
N ASP D 187 49.00 31.47 65.29
CA ASP D 187 48.44 32.78 65.67
C ASP D 187 47.07 32.63 66.41
N ALA D 188 47.12 32.47 67.72
CA ALA D 188 45.92 32.26 68.50
C ALA D 188 44.88 33.39 68.45
N ASP D 189 45.32 34.63 68.27
CA ASP D 189 44.38 35.73 68.19
C ASP D 189 43.60 35.70 66.86
N ALA D 190 44.32 35.43 65.78
CA ALA D 190 43.75 35.33 64.47
C ALA D 190 42.78 34.13 64.40
N ASP D 191 43.22 32.99 64.92
CA ASP D 191 42.41 31.80 65.07
C ASP D 191 41.10 32.11 65.84
N ASP D 192 41.19 32.67 67.06
CA ASP D 192 39.98 33.01 67.85
C ASP D 192 39.07 33.94 67.03
N ALA D 193 39.69 34.89 66.33
CA ALA D 193 38.93 35.87 65.61
C ALA D 193 38.14 35.19 64.50
N GLU D 194 38.76 34.23 63.85
CA GLU D 194 38.15 33.56 62.71
C GLU D 194 36.99 32.75 63.24
N TRP D 195 37.24 32.06 64.32
CA TRP D 195 36.22 31.21 64.90
C TRP D 195 35.04 32.02 65.46
N ASP D 196 35.29 33.14 66.14
CA ASP D 196 34.18 33.98 66.62
C ASP D 196 33.34 34.44 65.42
N ARG D 197 34.01 34.70 64.31
CA ARG D 197 33.30 35.19 63.14
C ARG D 197 32.40 34.09 62.62
N LEU D 198 32.96 32.91 62.42
CA LEU D 198 32.17 31.80 61.91
C LEU D 198 31.04 31.31 62.88
N TYR D 199 31.38 31.01 64.14
CA TYR D 199 30.39 30.75 65.16
C TYR D 199 29.23 31.77 65.17
N THR D 200 29.54 33.07 65.15
CA THR D 200 28.50 34.10 65.25
C THR D 200 27.52 34.02 64.07
N LYS D 201 28.08 33.86 62.88
CA LYS D 201 27.29 33.64 61.71
C LYS D 201 26.46 32.33 61.81
N ALA D 202 27.07 31.28 62.32
CA ALA D 202 26.33 29.99 62.42
C ALA D 202 25.22 30.06 63.49
N GLU D 203 25.41 30.87 64.52
CA GLU D 203 24.42 31.08 65.54
C GLU D 203 23.24 31.82 65.05
N SER D 204 23.42 32.73 64.11
CA SER D 204 22.25 33.35 63.54
C SER D 204 21.54 32.44 62.54
N TYR D 205 22.28 31.56 61.87
CA TYR D 205 21.64 30.64 60.98
C TYR D 205 20.72 29.71 61.78
N PHE D 206 21.17 29.27 62.94
CA PHE D 206 20.38 28.34 63.80
C PHE D 206 19.42 29.01 64.77
N GLN D 207 19.56 30.33 64.87
CA GLN D 207 18.85 31.16 65.79
C GLN D 207 19.18 30.66 67.19
N THR D 208 20.48 30.56 67.43
CA THR D 208 20.94 30.15 68.72
C THR D 208 20.74 31.30 69.69
N GLY D 209 20.28 30.98 70.86
CA GLY D 209 20.12 32.00 71.87
C GLY D 209 20.22 31.34 73.21
N THR D 210 20.26 32.16 74.25
CA THR D 210 20.47 31.65 75.62
C THR D 210 19.52 32.25 76.63
N ASP D 211 18.31 32.63 76.19
CA ASP D 211 17.36 33.36 77.00
C ASP D 211 15.95 32.76 76.93
N GLN D 212 15.74 31.78 76.08
CA GLN D 212 14.40 31.25 75.86
C GLN D 212 13.76 30.64 77.13
N PHE D 213 14.57 30.35 78.15
CA PHE D 213 14.06 29.73 79.35
C PHE D 213 14.31 30.53 80.65
N LYS D 214 14.54 31.84 80.47
CA LYS D 214 14.97 32.71 81.57
C LYS D 214 13.88 32.87 82.60
N GLU D 215 12.63 32.61 82.21
CA GLU D 215 11.49 32.78 83.11
C GLU D 215 10.92 31.47 83.74
N SER D 216 11.57 30.34 83.47
CA SER D 216 11.23 29.11 84.16
C SER D 216 11.72 29.10 85.60
N ILE D 217 10.80 28.76 86.50
CA ILE D 217 11.15 28.59 87.87
C ILE D 217 12.09 27.38 88.07
N ARG D 218 11.79 26.28 87.43
CA ARG D 218 12.63 25.12 87.59
C ARG D 218 14.05 25.40 87.16
N HIS D 219 14.17 26.03 86.02
CA HIS D 219 15.52 26.49 85.48
C HIS D 219 16.29 27.34 86.47
N ASN D 220 15.69 28.46 86.86
CA ASN D 220 16.37 29.34 87.82
C ASN D 220 16.61 28.66 89.19
N LEU D 221 15.66 27.86 89.68
CA LEU D 221 15.83 27.09 90.90
C LEU D 221 17.10 26.25 90.86
N VAL D 222 17.29 25.56 89.74
CA VAL D 222 18.49 24.74 89.55
C VAL D 222 19.74 25.58 89.21
N LEU D 223 19.57 26.59 88.33
CA LEU D 223 20.65 27.53 88.04
C LEU D 223 21.29 28.14 89.32
N ASN D 224 20.48 28.70 90.21
CA ASN D 224 21.02 29.45 91.32
C ASN D 224 21.72 28.58 92.30
N LYS D 225 21.15 27.39 92.56
CA LYS D 225 21.68 26.43 93.53
C LYS D 225 23.10 26.00 93.12
N LEU D 226 23.26 25.60 91.87
CA LEU D 226 24.52 25.18 91.31
C LEU D 226 25.54 26.36 91.24
N THR D 227 25.05 27.55 90.88
CA THR D 227 25.90 28.72 90.91
C THR D 227 26.44 28.98 92.31
N GLU D 228 25.59 28.88 93.32
CA GLU D 228 26.02 29.11 94.69
C GLU D 228 26.96 27.99 95.10
N GLU D 229 26.56 26.76 94.84
CA GLU D 229 27.36 25.64 95.24
C GLU D 229 28.75 25.66 94.67
N TYR D 230 28.90 26.27 93.48
CA TYR D 230 30.19 26.28 92.76
C TYR D 230 30.78 27.70 92.64
N LYS D 231 30.35 28.62 93.50
CA LYS D 231 30.87 30.00 93.44
C LYS D 231 32.39 30.06 93.43
N GLY D 232 32.91 30.71 92.39
CA GLY D 232 34.35 30.85 92.19
C GLY D 232 35.08 29.58 91.78
N GLN D 233 34.37 28.64 91.16
CA GLN D 233 34.97 27.39 90.67
C GLN D 233 34.51 27.06 89.29
N ARG D 234 33.23 27.27 89.02
CA ARG D 234 32.67 27.03 87.73
C ARG D 234 31.51 27.97 87.50
N ASP D 235 31.31 28.42 86.28
CA ASP D 235 30.08 29.21 85.94
C ASP D 235 28.98 28.37 85.29
N PHE D 236 27.74 28.71 85.59
CA PHE D 236 26.58 28.03 85.07
C PHE D 236 25.81 29.07 84.24
N GLN D 237 25.31 28.65 83.08
CA GLN D 237 24.40 29.41 82.29
C GLN D 237 23.34 28.53 81.60
N GLN D 238 22.49 29.15 80.77
CA GLN D 238 21.53 28.37 80.04
C GLN D 238 22.32 27.71 78.92
N ILE D 239 21.86 26.54 78.50
CA ILE D 239 22.41 25.89 77.35
C ILE D 239 22.06 26.71 76.15
N PRO D 240 23.09 27.06 75.35
CA PRO D 240 22.74 27.72 74.09
C PRO D 240 21.82 26.81 73.34
N LEU D 241 20.64 27.30 72.95
CA LEU D 241 19.66 26.48 72.29
C LEU D 241 19.26 27.13 71.00
N ALA D 242 19.15 26.34 69.96
CA ALA D 242 18.74 26.83 68.64
C ALA D 242 17.22 26.79 68.55
N ALA D 243 16.60 27.91 68.89
CA ALA D 243 15.20 27.92 69.20
C ALA D 243 14.74 29.35 69.38
N THR D 244 13.52 29.62 68.95
CA THR D 244 12.86 30.90 69.21
C THR D 244 11.55 30.65 69.97
N ARG D 245 11.35 31.31 71.11
CA ARG D 245 10.10 31.08 71.88
C ARG D 245 8.90 31.88 71.35
N ARG D 246 7.78 31.21 71.03
CA ARG D 246 6.58 31.92 70.54
C ARG D 246 5.60 32.38 71.64
N SER D 247 5.66 31.79 72.81
CA SER D 247 4.67 32.03 73.82
C SER D 247 5.10 31.24 75.08
N PRO D 248 4.42 31.46 76.21
CA PRO D 248 4.84 30.77 77.43
C PRO D 248 4.82 29.23 77.36
N THR D 249 4.18 28.66 76.34
CA THR D 249 4.01 27.21 76.28
C THR D 249 4.52 26.63 74.98
N PHE D 250 5.21 27.44 74.18
CA PHE D 250 5.60 26.96 72.88
C PHE D 250 6.95 27.45 72.39
N VAL D 251 7.77 26.50 72.03
CA VAL D 251 9.04 26.83 71.52
C VAL D 251 9.20 26.32 70.10
N GLU D 252 9.58 27.22 69.21
CA GLU D 252 9.84 26.84 67.86
C GLU D 252 11.29 26.45 67.81
N TRP D 253 11.54 25.15 67.67
CA TRP D 253 12.88 24.65 67.71
C TRP D 253 13.44 24.74 66.30
N SER D 254 14.71 25.10 66.14
CA SER D 254 15.24 25.29 64.85
C SER D 254 15.64 23.95 64.26
N SER D 255 16.00 23.98 62.99
CA SER D 255 16.21 22.75 62.26
C SER D 255 16.90 23.18 60.96
N ALA D 256 17.04 22.23 60.02
CA ALA D 256 17.61 22.48 58.71
C ALA D 256 16.82 23.57 58.00
N ASN D 257 15.49 23.47 58.10
CA ASN D 257 14.54 24.47 57.57
C ASN D 257 14.70 25.91 58.07
N THR D 258 15.21 26.09 59.28
CA THR D 258 15.60 27.39 59.84
C THR D 258 16.80 27.94 59.05
N VAL D 259 17.70 27.07 58.63
CA VAL D 259 18.87 27.47 57.89
C VAL D 259 18.52 27.83 56.43
N PHE D 260 17.82 26.90 55.79
CA PHE D 260 17.37 27.06 54.45
C PHE D 260 16.04 26.34 54.38
N ASP D 261 15.02 26.98 53.81
CA ASP D 261 13.62 26.46 53.89
C ASP D 261 13.32 25.39 52.85
N LEU D 262 14.28 25.17 51.96
CA LEU D 262 14.30 23.97 51.15
C LEU D 262 13.19 23.95 50.08
N GLN D 263 12.54 25.10 49.86
CA GLN D 263 11.61 25.30 48.73
C GLN D 263 12.37 25.48 47.38
N ASN D 264 11.85 24.87 46.34
CA ASN D 264 12.43 25.07 44.99
C ASN D 264 12.42 26.56 44.64
N ARG D 265 13.50 27.05 44.02
CA ARG D 265 13.59 28.42 43.60
C ARG D 265 13.94 28.38 42.10
N PRO D 266 13.50 29.37 41.34
CA PRO D 266 12.87 30.56 41.81
C PRO D 266 11.44 30.35 42.23
N ASN D 267 11.03 31.16 43.23
CA ASN D 267 9.67 31.34 43.66
C ASN D 267 9.51 32.84 43.85
N THR D 268 8.29 33.28 44.15
CA THR D 268 7.95 34.71 44.33
C THR D 268 8.76 35.44 45.40
N ASP D 269 9.09 34.68 46.43
CA ASP D 269 9.85 35.16 47.56
C ASP D 269 11.28 35.40 47.11
N ALA D 270 11.72 34.63 46.11
CA ALA D 270 13.11 34.66 45.62
C ALA D 270 13.22 34.29 44.14
N PRO D 271 12.86 35.21 43.24
CA PRO D 271 12.85 34.99 41.76
C PRO D 271 14.24 34.89 41.06
N GLU D 272 15.28 35.48 41.66
CA GLU D 272 16.63 35.33 41.12
C GLU D 272 17.39 34.06 41.59
N GLU D 273 16.75 33.19 42.36
CA GLU D 273 17.47 32.04 42.86
C GLU D 273 17.13 30.75 42.15
N ARG D 274 18.05 29.80 42.23
CA ARG D 274 17.88 28.49 41.68
C ARG D 274 18.29 27.46 42.72
N PHE D 275 17.32 26.65 43.14
CA PHE D 275 17.53 25.49 44.02
C PHE D 275 16.48 24.45 43.70
N ASN D 276 16.91 23.17 43.65
CA ASN D 276 16.00 22.01 43.56
C ASN D 276 16.34 20.92 44.55
N LEU D 277 15.30 20.52 45.28
CA LEU D 277 15.39 19.44 46.22
C LEU D 277 14.79 18.16 45.61
N PHE D 278 15.56 17.08 45.63
CA PHE D 278 15.10 15.78 45.07
C PHE D 278 15.18 14.71 46.14
N PRO D 279 14.08 14.50 46.90
CA PRO D 279 14.03 13.50 47.98
C PRO D 279 13.90 12.09 47.42
N ALA D 280 14.19 11.08 48.20
CA ALA D 280 14.05 9.74 47.68
C ALA D 280 15.05 9.48 46.51
N VAL D 281 16.19 10.15 46.61
CA VAL D 281 17.30 9.93 45.72
C VAL D 281 18.53 9.50 46.47
N ALA D 282 18.88 8.22 46.26
CA ALA D 282 20.08 7.65 46.84
C ALA D 282 21.34 7.87 46.02
N CYS D 283 22.23 8.73 46.56
CA CYS D 283 23.49 9.06 45.94
C CYS D 283 24.56 8.02 46.23
N GLU D 284 25.22 7.50 45.20
CA GLU D 284 26.01 6.30 45.34
C GLU D 284 27.53 6.44 45.13
N ARG D 285 27.96 7.24 44.17
CA ARG D 285 29.39 7.40 43.85
C ARG D 285 29.69 8.78 43.27
N VAL D 286 30.84 9.34 43.62
CA VAL D 286 31.42 10.43 42.84
C VAL D 286 32.48 9.86 41.88
N VAL D 287 32.45 10.29 40.64
CA VAL D 287 33.36 9.71 39.67
C VAL D 287 34.59 10.55 39.63
N ARG D 288 35.73 9.94 39.82
CA ARG D 288 36.99 10.62 39.70
C ARG D 288 37.57 10.65 38.24
N ASN D 289 38.26 11.74 37.90
CA ASN D 289 39.03 11.73 36.68
C ASN D 289 40.28 10.89 36.84
N ALA D 290 40.90 10.58 35.72
CA ALA D 290 42.06 9.75 35.70
C ALA D 290 43.17 10.36 36.61
N LEU D 291 43.27 11.69 36.64
CA LEU D 291 44.33 12.35 37.45
C LEU D 291 44.07 12.42 38.96
N ASN D 292 42.87 12.02 39.39
CA ASN D 292 42.37 12.19 40.76
C ASN D 292 42.54 13.64 41.22
N SER D 293 41.99 14.55 40.44
CA SER D 293 42.12 16.00 40.66
C SER D 293 40.74 16.70 40.59
N GLU D 294 39.76 15.99 40.06
CA GLU D 294 38.46 16.59 39.82
C GLU D 294 37.44 15.51 39.84
N ILE D 295 36.29 15.80 40.45
CA ILE D 295 35.13 14.93 40.32
C ILE D 295 34.30 15.29 39.07
N GLU D 296 33.95 14.25 38.32
CA GLU D 296 33.38 14.37 36.98
C GLU D 296 31.85 14.28 36.94
N SER D 297 31.29 13.53 37.91
CA SER D 297 29.87 13.33 38.01
C SER D 297 29.45 12.82 39.35
N LEU D 298 28.14 12.93 39.62
CA LEU D 298 27.56 12.25 40.80
C LEU D 298 26.68 11.12 40.26
N HIS D 299 26.86 9.93 40.78
CA HIS D 299 25.98 8.87 40.36
C HIS D 299 24.89 8.63 41.38
N ILE D 300 23.63 8.65 40.93
CA ILE D 300 22.48 8.61 41.81
C ILE D 300 21.56 7.51 41.37
N HIS D 301 20.76 7.00 42.31
CA HIS D 301 19.73 5.97 42.11
C HIS D 301 18.46 6.58 42.62
N ASP D 302 17.57 6.97 41.71
CA ASP D 302 16.21 7.42 42.02
C ASP D 302 15.35 6.30 42.56
N LEU D 303 14.89 6.44 43.80
CA LEU D 303 14.29 5.29 44.50
C LEU D 303 12.83 5.03 44.19
N ILE D 304 12.15 6.04 43.66
CA ILE D 304 10.75 5.87 43.27
C ILE D 304 10.72 5.16 41.94
N SER D 305 11.24 5.81 40.88
CA SER D 305 11.32 5.16 39.57
C SER D 305 12.31 4.01 39.54
N GLY D 306 13.36 4.06 40.36
CA GLY D 306 14.37 3.01 40.34
C GLY D 306 15.46 3.22 39.28
N ASP D 307 15.41 4.33 38.55
CA ASP D 307 16.44 4.62 37.54
C ASP D 307 17.75 5.19 38.12
N ARG D 308 18.86 4.82 37.51
CA ARG D 308 20.11 5.42 37.83
C ARG D 308 20.52 6.48 36.80
N PHE D 309 21.18 7.52 37.29
CA PHE D 309 21.58 8.66 36.46
C PHE D 309 22.95 9.17 36.90
N GLU D 310 23.66 9.82 36.00
CA GLU D 310 24.90 10.51 36.35
C GLU D 310 24.61 12.02 36.28
N ILE D 311 24.76 12.74 37.39
CA ILE D 311 24.52 14.18 37.41
C ILE D 311 25.84 14.89 37.30
N LYS D 312 25.85 15.97 36.55
CA LYS D 312 27.05 16.77 36.43
C LYS D 312 26.89 18.16 37.12
N ALA D 313 27.93 18.58 37.84
CA ALA D 313 28.00 19.90 38.42
C ALA D 313 29.47 20.38 38.48
N ASP D 314 29.68 21.69 38.62
CA ASP D 314 31.01 22.23 38.81
C ASP D 314 31.58 21.86 40.19
N VAL D 315 30.70 21.82 41.19
CA VAL D 315 31.11 21.56 42.59
C VAL D 315 30.25 20.47 43.21
N TYR D 316 30.86 19.55 43.98
CA TYR D 316 30.15 18.42 44.60
C TYR D 316 30.34 18.52 46.10
N VAL D 317 29.27 18.59 46.84
CA VAL D 317 29.36 18.75 48.30
C VAL D 317 28.77 17.52 48.92
N LEU D 318 29.56 16.81 49.73
CA LEU D 318 28.98 15.69 50.49
C LEU D 318 28.64 16.04 51.96
N THR D 319 27.35 16.00 52.31
CA THR D 319 26.86 16.34 53.67
C THR D 319 25.81 15.27 54.08
N ALA D 320 26.19 14.02 53.87
CA ALA D 320 25.40 12.84 54.09
C ALA D 320 25.53 12.28 55.53
N GLY D 321 26.20 13.00 56.41
CA GLY D 321 26.39 12.60 57.78
C GLY D 321 27.74 11.96 57.91
N ALA D 322 28.16 11.70 59.11
CA ALA D 322 29.55 11.32 59.32
C ALA D 322 29.79 9.88 58.91
N VAL D 323 28.73 9.09 58.83
CA VAL D 323 28.84 7.69 58.40
C VAL D 323 28.70 7.58 56.91
N HIS D 324 27.75 8.28 56.31
CA HIS D 324 27.43 8.01 54.88
C HIS D 324 28.26 8.84 53.90
N ASN D 325 28.74 9.99 54.29
CA ASN D 325 29.87 10.61 53.60
C ASN D 325 31.02 9.60 53.51
N THR D 326 31.46 9.04 54.63
CA THR D 326 32.57 8.10 54.52
C THR D 326 32.12 6.96 53.57
N GLN D 327 30.88 6.50 53.71
CA GLN D 327 30.43 5.40 52.89
C GLN D 327 30.51 5.70 51.41
N LEU D 328 30.02 6.88 51.05
CA LEU D 328 29.91 7.28 49.63
C LEU D 328 31.30 7.46 49.02
N LEU D 329 32.19 8.01 49.85
CA LEU D 329 33.61 8.19 49.50
C LEU D 329 34.30 6.87 49.21
N VAL D 330 34.09 5.92 50.11
CA VAL D 330 34.75 4.64 50.03
C VAL D 330 34.14 3.89 48.84
N ASN D 331 32.84 4.02 48.66
CA ASN D 331 32.20 3.44 47.51
C ASN D 331 32.70 4.07 46.20
N SER D 332 33.35 5.26 46.25
CA SER D 332 33.94 5.93 45.09
C SER D 332 35.46 5.74 44.90
N GLY D 333 36.09 4.82 45.62
CA GLY D 333 37.52 4.59 45.44
C GLY D 333 38.39 5.50 46.31
N PHE D 334 37.83 6.19 47.28
CA PHE D 334 38.66 6.82 48.32
C PHE D 334 38.80 5.79 49.43
N GLY D 335 39.78 5.98 50.31
CA GLY D 335 40.07 5.06 51.40
C GLY D 335 40.26 3.66 50.90
N GLN D 336 39.92 2.72 51.72
CA GLN D 336 40.06 1.29 51.45
C GLN D 336 38.75 0.63 51.77
N LEU D 337 38.23 -0.06 50.80
CA LEU D 337 37.08 -0.90 50.99
C LEU D 337 37.51 -2.18 51.65
N GLY D 338 36.67 -2.72 52.51
CA GLY D 338 36.90 -4.04 53.17
C GLY D 338 37.64 -3.87 54.47
N ARG D 339 37.96 -4.97 55.11
CA ARG D 339 38.53 -4.93 56.41
C ARG D 339 39.89 -4.35 56.20
N PRO D 340 40.33 -3.48 57.10
CA PRO D 340 41.60 -2.81 56.89
C PRO D 340 42.73 -3.80 56.63
N ASN D 341 43.66 -3.44 55.76
CA ASN D 341 44.86 -4.23 55.56
C ASN D 341 46.04 -3.28 55.36
N PRO D 342 46.91 -3.15 56.39
CA PRO D 342 48.01 -2.18 56.28
C PRO D 342 49.02 -2.57 55.20
N ALA D 343 48.88 -3.78 54.68
CA ALA D 343 49.77 -4.28 53.64
C ALA D 343 49.30 -3.85 52.25
N ASN D 344 48.09 -3.33 52.15
CA ASN D 344 47.51 -2.96 50.87
C ASN D 344 46.94 -1.54 51.01
N PRO D 345 47.82 -0.54 50.92
CA PRO D 345 47.45 0.83 51.31
C PRO D 345 46.67 1.58 50.20
N PRO D 346 45.69 2.39 50.61
CA PRO D 346 44.80 3.07 49.72
C PRO D 346 45.54 4.08 48.84
N GLU D 347 45.24 4.11 47.56
CA GLU D 347 45.76 5.18 46.72
C GLU D 347 45.39 6.55 47.28
N LEU D 348 44.15 6.68 47.76
CA LEU D 348 43.63 7.99 48.11
C LEU D 348 43.15 8.08 49.57
N LEU D 349 43.42 9.21 50.21
CA LEU D 349 42.90 9.54 51.53
C LEU D 349 43.10 8.40 52.46
N PRO D 350 44.32 7.94 52.59
CA PRO D 350 44.53 6.88 53.54
C PRO D 350 43.95 7.13 54.94
N SER D 351 43.72 8.34 55.40
CA SER D 351 43.18 8.48 56.77
C SER D 351 41.65 8.39 56.93
N LEU D 352 40.94 8.13 55.84
CA LEU D 352 39.47 8.13 55.83
C LEU D 352 39.07 6.96 56.63
N GLY D 353 38.18 7.22 57.59
CA GLY D 353 37.61 6.15 58.42
C GLY D 353 38.48 5.78 59.59
N SER D 354 39.61 6.47 59.80
CA SER D 354 40.47 6.29 60.97
C SER D 354 40.45 7.51 61.83
N TYR D 355 40.90 7.37 63.08
CA TYR D 355 40.89 8.46 64.08
C TYR D 355 39.48 8.86 64.45
N ILE D 356 38.53 7.94 64.32
CA ILE D 356 37.17 8.34 64.56
C ILE D 356 36.99 8.51 66.05
N THR D 357 36.12 9.45 66.37
CA THR D 357 35.73 9.71 67.74
C THR D 357 34.24 9.75 67.96
N GLU D 358 33.89 9.31 69.15
CA GLU D 358 32.55 9.40 69.63
C GLU D 358 32.71 9.63 71.12
N GLN D 359 31.80 10.45 71.67
CA GLN D 359 31.84 10.86 73.09
C GLN D 359 31.32 9.78 74.03
N SER D 360 32.00 9.59 75.17
CA SER D 360 31.41 8.93 76.30
C SER D 360 30.22 9.80 76.74
N LEU D 361 29.10 9.18 77.15
CA LEU D 361 27.93 9.93 77.69
C LEU D 361 27.46 9.28 78.97
N VAL D 362 27.34 10.04 80.05
CA VAL D 362 26.75 9.53 81.29
C VAL D 362 25.44 10.27 81.54
N PHE D 363 24.51 9.53 82.14
CA PHE D 363 23.14 9.96 82.37
C PHE D 363 22.62 9.52 83.72
N CYS D 364 21.79 10.37 84.29
CA CYS D 364 20.86 9.93 85.34
C CYS D 364 19.75 10.93 85.39
N GLN D 365 18.80 10.67 86.26
CA GLN D 365 17.82 11.65 86.65
C GLN D 365 17.84 11.85 88.14
N THR D 366 17.45 13.07 88.52
CA THR D 366 17.26 13.37 89.94
C THR D 366 15.83 13.77 90.19
N VAL D 367 15.48 13.65 91.47
CA VAL D 367 14.19 14.06 92.02
C VAL D 367 14.49 15.16 93.05
N MET D 368 13.98 16.36 92.74
CA MET D 368 14.28 17.60 93.46
C MET D 368 14.17 17.46 94.96
N SER D 369 15.17 18.03 95.63
CA SER D 369 15.33 17.98 97.08
C SER D 369 14.16 18.68 97.70
N THR D 370 13.81 18.23 98.92
CA THR D 370 12.78 18.89 99.73
C THR D 370 13.19 20.34 100.01
N GLU D 371 14.43 20.53 100.43
CA GLU D 371 14.98 21.89 100.54
C GLU D 371 14.68 22.79 99.36
N LEU D 372 15.02 22.38 98.16
CA LEU D 372 14.85 23.24 97.01
C LEU D 372 13.40 23.49 96.82
N ILE D 373 12.57 22.46 97.02
CA ILE D 373 11.16 22.58 96.68
C ILE D 373 10.53 23.57 97.64
N ASP D 374 10.92 23.57 98.91
CA ASP D 374 10.33 24.47 99.89
C ASP D 374 10.82 25.91 99.69
N SER D 375 12.03 26.06 99.15
CA SER D 375 12.61 27.36 98.92
C SER D 375 11.87 28.05 97.77
N VAL D 376 11.17 27.26 96.95
CA VAL D 376 10.32 27.85 95.90
C VAL D 376 9.25 28.77 96.48
N LYS D 377 8.77 28.43 97.67
CA LYS D 377 7.75 29.24 98.30
C LYS D 377 8.37 29.93 99.55
N SER D 378 9.67 30.19 99.53
CA SER D 378 10.32 30.82 100.72
C SER D 378 9.76 32.23 100.97
N ASP D 379 9.21 32.87 99.94
CA ASP D 379 8.78 34.26 100.11
C ASP D 379 7.28 34.43 100.45
N MET D 380 6.52 33.34 100.51
CA MET D 380 5.06 33.40 100.64
C MET D 380 4.70 33.52 102.10
N THR D 381 3.59 34.19 102.42
CA THR D 381 2.97 34.04 103.75
C THR D 381 1.74 33.22 103.53
N ILE D 382 1.68 32.12 104.28
CA ILE D 382 0.68 31.08 104.07
C ILE D 382 -0.10 30.87 105.33
N ARG D 383 -1.39 31.12 105.21
CA ARG D 383 -2.25 31.13 106.37
C ARG D 383 -3.50 30.34 106.01
N GLY D 384 -4.01 29.65 107.00
CA GLY D 384 -5.07 28.70 106.78
C GLY D 384 -4.51 27.41 106.25
N THR D 385 -5.40 26.53 105.86
CA THR D 385 -4.98 25.25 105.34
C THR D 385 -5.64 25.14 103.98
N PRO D 386 -4.94 24.49 103.04
CA PRO D 386 -5.46 24.47 101.68
C PRO D 386 -6.83 23.82 101.63
N GLY D 387 -7.68 24.35 100.78
CA GLY D 387 -9.00 23.78 100.55
C GLY D 387 -10.08 24.59 101.23
N GLU D 388 -9.73 25.15 102.38
CA GLU D 388 -10.70 25.86 103.24
C GLU D 388 -11.11 27.25 102.69
N LEU D 389 -12.01 27.89 103.44
CA LEU D 389 -12.50 29.26 103.19
C LEU D 389 -11.39 30.34 103.34
N THR D 390 -10.50 30.17 104.32
CA THR D 390 -9.50 31.19 104.62
C THR D 390 -8.11 30.92 104.05
N TYR D 391 -7.99 30.13 103.00
CA TYR D 391 -6.66 29.89 102.43
C TYR D 391 -6.07 31.19 101.85
N SER D 392 -4.90 31.52 102.34
CA SER D 392 -4.29 32.76 101.97
C SER D 392 -2.84 32.48 101.70
N VAL D 393 -2.42 32.82 100.49
CA VAL D 393 -1.02 32.82 100.13
C VAL D 393 -0.77 34.20 99.60
N THR D 394 0.22 34.86 100.18
CA THR D 394 0.58 36.19 99.76
C THR D 394 2.07 36.37 99.91
N TYR D 395 2.60 37.38 99.21
CA TYR D 395 3.98 37.82 99.40
C TYR D 395 4.04 39.33 99.29
N THR D 396 5.08 39.98 99.82
CA THR D 396 5.30 41.42 99.55
C THR D 396 6.19 41.70 98.33
N PRO D 397 5.65 42.40 97.34
CA PRO D 397 6.46 42.70 96.17
C PRO D 397 7.66 43.62 96.48
N GLY D 398 8.78 43.36 95.80
CA GLY D 398 10.02 44.15 95.95
C GLY D 398 10.53 44.23 97.38
N ALA D 399 9.99 43.42 98.28
CA ALA D 399 10.57 43.36 99.62
C ALA D 399 12.01 42.91 99.47
N SER D 400 12.88 43.65 100.15
CA SER D 400 14.33 43.44 100.03
C SER D 400 14.77 42.07 100.61
N THR D 401 13.97 41.50 101.52
CA THR D 401 14.30 40.17 102.04
C THR D 401 13.73 39.01 101.22
N ASN D 402 13.07 39.30 100.10
CA ASN D 402 12.66 38.24 99.17
C ASN D 402 13.85 37.58 98.51
N LYS D 403 13.91 36.24 98.59
CA LYS D 403 14.94 35.46 97.92
C LYS D 403 14.70 35.46 96.41
N HIS D 404 13.45 35.65 95.99
CA HIS D 404 13.06 35.56 94.57
C HIS D 404 12.43 36.85 93.95
N PRO D 405 12.46 36.95 92.64
CA PRO D 405 11.92 38.07 91.94
C PRO D 405 10.43 38.06 91.99
N ASP D 406 9.78 39.19 91.68
CA ASP D 406 8.32 39.21 91.66
C ASP D 406 7.67 38.25 90.62
N TRP D 407 8.21 38.15 89.39
CA TRP D 407 7.62 37.30 88.36
C TRP D 407 7.52 35.87 88.92
N TRP D 408 8.52 35.47 89.71
CA TRP D 408 8.55 34.10 90.28
C TRP D 408 7.46 33.96 91.36
N ASN D 409 7.50 34.80 92.38
CA ASN D 409 6.49 34.79 93.41
C ASN D 409 5.10 35.04 92.87
N GLU D 410 4.95 35.85 91.84
CA GLU D 410 3.59 35.93 91.31
C GLU D 410 3.19 34.51 90.89
N LYS D 411 4.02 33.85 90.09
CA LYS D 411 3.57 32.64 89.45
C LYS D 411 3.24 31.62 90.48
N VAL D 412 4.03 31.58 91.54
CA VAL D 412 3.95 30.57 92.56
C VAL D 412 2.69 30.79 93.39
N LYS D 413 2.51 32.05 93.81
CA LYS D 413 1.29 32.53 94.44
C LYS D 413 0.07 32.04 93.69
N ASN D 414 0.00 32.29 92.39
CA ASN D 414 -1.22 31.98 91.68
C ASN D 414 -1.38 30.48 91.54
N HIS D 415 -0.28 29.73 91.38
CA HIS D 415 -0.38 28.28 91.34
C HIS D 415 -0.88 27.71 92.68
N MET D 416 -0.35 28.19 93.81
CA MET D 416 -0.77 27.65 95.10
C MET D 416 -2.22 28.03 95.47
N MET D 417 -2.73 29.12 94.91
CA MET D 417 -4.12 29.49 95.11
C MET D 417 -5.06 28.96 94.00
N GLN D 418 -4.59 28.85 92.75
CA GLN D 418 -5.44 28.31 91.69
C GLN D 418 -5.64 26.79 91.91
N HIS D 419 -4.76 26.16 92.67
CA HIS D 419 -4.66 24.69 92.71
C HIS D 419 -4.39 24.15 94.09
N GLN D 420 -5.36 24.28 94.96
CA GLN D 420 -5.12 24.11 96.34
C GLN D 420 -5.08 22.64 96.68
N GLU D 421 -5.35 21.81 95.69
CA GLU D 421 -5.24 20.36 95.82
C GLU D 421 -3.83 19.86 95.50
N ASP D 422 -3.02 20.65 94.81
CA ASP D 422 -1.67 20.23 94.45
C ASP D 422 -0.67 20.46 95.59
N PRO D 423 0.24 19.53 95.78
CA PRO D 423 1.14 19.74 96.96
C PRO D 423 2.46 20.42 96.62
N LEU D 424 2.63 20.80 95.37
CA LEU D 424 3.85 21.48 94.91
C LEU D 424 3.57 22.94 94.50
N PRO D 425 4.58 23.80 94.68
CA PRO D 425 4.60 25.23 94.43
C PRO D 425 5.02 25.58 92.99
N ILE D 426 5.34 24.56 92.24
CA ILE D 426 5.70 24.74 90.87
C ILE D 426 4.47 24.70 89.96
N PRO D 427 4.24 25.76 89.19
CA PRO D 427 3.15 25.77 88.22
C PRO D 427 3.30 24.63 87.22
N PHE D 428 2.18 24.11 86.78
CA PHE D 428 2.13 23.03 85.85
C PHE D 428 2.72 23.39 84.49
N GLU D 429 2.59 24.62 84.07
CA GLU D 429 3.14 24.90 82.74
C GLU D 429 4.51 25.56 82.79
N ASP D 430 5.14 25.49 83.96
CA ASP D 430 6.51 25.98 84.12
C ASP D 430 7.48 25.24 83.18
N PRO D 431 8.24 25.98 82.31
CA PRO D 431 9.14 25.31 81.32
C PRO D 431 10.30 24.52 81.94
N GLU D 432 10.96 23.68 81.14
CA GLU D 432 12.02 22.81 81.69
C GLU D 432 13.24 23.60 82.09
N PRO D 433 14.06 23.04 82.96
CA PRO D 433 15.38 23.60 83.08
C PRO D 433 16.28 23.28 81.87
N GLN D 434 17.26 24.14 81.60
CA GLN D 434 18.14 24.01 80.47
C GLN D 434 19.45 24.61 80.91
N VAL D 435 20.13 23.93 81.82
CA VAL D 435 21.30 24.47 82.45
C VAL D 435 22.58 23.76 82.06
N THR D 436 23.67 24.53 81.97
CA THR D 436 24.99 24.00 81.68
C THR D 436 26.11 24.74 82.40
N THR D 437 27.17 24.04 82.74
CA THR D 437 28.51 24.64 82.92
C THR D 437 29.33 23.96 81.82
N LEU D 438 29.86 24.83 81.00
CA LEU D 438 30.46 24.46 79.74
C LEU D 438 31.79 23.87 80.10
N PHE D 439 32.29 23.05 79.21
CA PHE D 439 33.57 22.36 79.30
C PHE D 439 34.71 23.28 79.71
N GLN D 440 35.53 22.90 80.71
CA GLN D 440 36.77 23.64 81.06
C GLN D 440 37.87 22.68 81.37
N PRO D 441 39.09 23.20 81.49
CA PRO D 441 40.18 22.24 81.69
C PRO D 441 40.02 21.49 82.99
N SER D 442 39.50 22.11 84.03
CA SER D 442 39.33 21.41 85.32
C SER D 442 38.06 20.56 85.36
N HIS D 443 37.20 20.67 84.36
CA HIS D 443 36.07 19.79 84.23
C HIS D 443 35.85 19.53 82.76
N PRO D 444 36.72 18.70 82.15
CA PRO D 444 36.79 18.50 80.69
C PRO D 444 35.69 17.60 80.12
N TRP D 445 34.45 18.09 80.25
CA TRP D 445 33.21 17.47 79.74
C TRP D 445 32.16 18.56 79.50
N HIS D 446 31.23 18.30 78.60
CA HIS D 446 30.11 19.18 78.45
C HIS D 446 29.11 18.65 79.46
N THR D 447 28.24 19.51 79.96
CA THR D 447 27.15 19.11 80.82
C THR D 447 25.80 19.65 80.26
N GLN D 448 24.71 18.91 80.41
CA GLN D 448 23.33 19.41 80.29
C GLN D 448 22.47 18.92 81.47
N ILE D 449 21.84 19.87 82.16
CA ILE D 449 20.99 19.63 83.34
C ILE D 449 19.64 20.23 82.95
N HIS D 450 18.72 19.35 82.55
CA HIS D 450 17.63 19.81 81.73
C HIS D 450 16.57 18.75 81.70
N ARG D 451 15.70 18.85 80.71
CA ARG D 451 14.73 17.80 80.45
C ARG D 451 14.66 17.52 78.98
N ASP D 452 14.99 16.31 78.57
CA ASP D 452 14.97 15.94 77.17
C ASP D 452 13.66 15.17 76.92
N ALA D 453 13.25 14.93 75.68
CA ALA D 453 12.17 13.97 75.54
C ALA D 453 12.61 12.64 76.17
N PHE D 454 11.81 12.09 77.08
CA PHE D 454 12.13 10.86 77.78
C PHE D 454 10.94 9.90 77.76
N SER D 455 11.20 8.59 77.87
CA SER D 455 10.06 7.62 77.96
C SER D 455 10.05 6.93 79.29
N TRP D 456 9.04 7.26 80.09
CA TRP D 456 8.95 6.84 81.48
C TRP D 456 8.58 5.37 81.62
N GLY D 457 9.31 4.68 82.49
CA GLY D 457 8.89 3.36 82.98
C GLY D 457 7.63 3.54 83.80
N ALA D 458 7.08 2.44 84.28
CA ALA D 458 5.82 2.54 84.97
C ALA D 458 6.00 3.32 86.27
N VAL D 459 7.17 3.09 86.87
CA VAL D 459 7.43 3.47 88.25
C VAL D 459 7.74 4.96 88.26
N GLN D 460 8.44 5.40 87.23
CA GLN D 460 8.84 6.80 87.10
C GLN D 460 7.66 7.73 86.66
N GLN D 461 6.50 7.14 86.39
CA GLN D 461 5.30 7.92 86.19
C GLN D 461 4.66 8.18 87.54
N SER D 462 5.12 7.50 88.56
CA SER D 462 4.63 7.76 89.88
C SER D 462 5.25 9.06 90.42
N ILE D 463 6.30 9.56 89.77
CA ILE D 463 6.99 10.77 90.27
C ILE D 463 6.52 11.96 89.44
N ASP D 464 6.05 12.99 90.13
CA ASP D 464 5.59 14.20 89.42
C ASP D 464 6.82 14.68 88.69
N SER D 465 6.66 14.90 87.38
CA SER D 465 7.75 15.30 86.54
C SER D 465 8.23 16.67 86.86
N ARG D 466 7.45 17.51 87.50
CA ARG D 466 8.04 18.81 87.88
C ARG D 466 9.31 18.62 88.73
N LEU D 467 9.41 17.45 89.38
CA LEU D 467 10.50 17.18 90.32
C LEU D 467 11.76 16.67 89.64
N ILE D 468 11.62 16.26 88.40
CA ILE D 468 12.63 15.44 87.74
C ILE D 468 13.54 16.30 86.85
N VAL D 469 14.84 16.00 86.89
CA VAL D 469 15.88 16.71 86.10
C VAL D 469 16.76 15.65 85.47
N ASP D 470 17.09 15.78 84.17
CA ASP D 470 18.03 14.88 83.52
C ASP D 470 19.41 15.45 83.61
N TRP D 471 20.38 14.57 83.81
CA TRP D 471 21.77 14.94 83.88
C TRP D 471 22.46 14.16 82.76
N ARG D 472 23.12 14.86 81.85
CA ARG D 472 23.95 14.26 80.82
C ARG D 472 25.30 14.98 80.82
N PHE D 473 26.38 14.21 80.95
CA PHE D 473 27.71 14.78 80.87
C PHE D 473 28.33 13.97 79.72
N PHE D 474 29.09 14.66 78.85
CA PHE D 474 29.53 14.24 77.49
C PHE D 474 31.03 14.35 77.51
N GLY D 475 31.76 13.27 77.26
CA GLY D 475 33.21 13.32 77.42
C GLY D 475 33.92 13.48 76.09
N ARG D 476 35.17 13.89 76.07
CA ARG D 476 35.87 14.05 74.80
C ARG D 476 36.73 12.85 74.57
N THR D 477 36.80 12.44 73.32
CA THR D 477 37.53 11.25 73.01
C THR D 477 38.76 11.53 72.14
N GLU D 478 39.92 11.03 72.57
CA GLU D 478 41.19 11.10 71.84
C GLU D 478 41.06 10.44 70.47
N PRO D 479 41.42 11.16 69.41
CA PRO D 479 41.55 10.52 68.09
C PRO D 479 42.70 9.57 68.00
N LYS D 480 42.41 8.34 67.63
CA LYS D 480 43.41 7.32 67.49
C LYS D 480 43.14 6.63 66.18
N GLU D 481 44.24 6.34 65.48
CA GLU D 481 44.28 5.71 64.21
C GLU D 481 43.59 4.37 64.21
N GLU D 482 43.70 3.65 65.31
CA GLU D 482 43.11 2.30 65.41
C GLU D 482 41.55 2.31 65.59
N ASN D 483 40.96 3.45 65.94
CA ASN D 483 39.48 3.60 65.88
C ASN D 483 39.01 3.95 64.49
N LYS D 484 38.22 3.02 63.95
CA LYS D 484 37.82 3.03 62.55
C LYS D 484 36.33 2.78 62.37
N LEU D 485 35.84 3.46 61.35
CA LEU D 485 34.65 3.12 60.65
C LEU D 485 35.07 2.59 59.27
N TRP D 486 34.85 1.31 58.97
CA TRP D 486 35.18 0.80 57.62
C TRP D 486 33.96 0.15 57.03
N PHE D 487 34.04 -0.22 55.72
CA PHE D 487 32.87 -0.73 54.99
C PHE D 487 33.22 -2.02 54.33
N SER D 488 32.35 -3.02 54.54
CA SER D 488 32.48 -4.36 53.98
C SER D 488 32.59 -4.37 52.46
N ASP D 489 33.38 -5.29 51.95
CA ASP D 489 33.42 -5.51 50.51
C ASP D 489 32.49 -6.58 50.02
N LYS D 490 31.71 -7.18 50.90
CA LYS D 490 30.82 -8.27 50.57
C LYS D 490 29.36 -8.05 51.11
N ILE D 491 29.24 -7.68 52.38
CA ILE D 491 27.98 -7.31 53.02
C ILE D 491 27.45 -5.95 52.60
N THR D 492 26.17 -5.84 52.34
CA THR D 492 25.65 -4.53 51.99
C THR D 492 24.45 -4.17 52.88
N ASP D 493 24.23 -2.87 53.06
CA ASP D 493 23.11 -2.32 53.82
C ASP D 493 21.81 -2.30 53.03
N ALA D 494 20.79 -1.65 53.59
CA ALA D 494 19.44 -1.78 53.06
C ALA D 494 19.27 -1.11 51.75
N TYR D 495 20.17 -0.17 51.40
CA TYR D 495 20.16 0.56 50.10
C TYR D 495 21.27 0.08 49.23
N ASN D 496 21.75 -1.10 49.54
CA ASN D 496 22.69 -1.79 48.72
C ASN D 496 24.05 -1.15 48.67
N MET D 497 24.45 -0.55 49.76
CA MET D 497 25.76 0.03 49.81
C MET D 497 26.63 -0.76 50.81
N PRO D 498 27.97 -0.77 50.58
CA PRO D 498 28.89 -1.43 51.53
C PRO D 498 28.50 -1.11 52.98
N GLN D 499 28.39 -2.19 53.77
CA GLN D 499 27.86 -2.14 55.14
C GLN D 499 28.84 -1.51 56.12
N PRO D 500 28.40 -0.48 56.83
CA PRO D 500 29.28 0.05 57.87
C PRO D 500 29.65 -0.91 58.99
N THR D 501 30.88 -0.77 59.44
CA THR D 501 31.40 -1.63 60.45
C THR D 501 32.32 -0.81 61.29
N PHE D 502 32.15 -0.83 62.61
CA PHE D 502 33.04 -0.12 63.49
C PHE D 502 34.07 -1.05 64.12
N ASP D 503 35.18 -0.48 64.52
CA ASP D 503 36.17 -1.14 65.35
C ASP D 503 36.67 -0.03 66.28
N PHE D 504 36.01 0.07 67.40
CA PHE D 504 36.18 1.18 68.26
C PHE D 504 36.23 0.74 69.69
N ARG D 505 37.15 1.32 70.42
CA ARG D 505 37.20 1.29 71.87
C ARG D 505 37.49 2.70 72.43
N PHE D 506 36.98 3.04 73.61
CA PHE D 506 37.37 4.30 74.22
C PHE D 506 38.85 4.13 74.57
N PRO D 507 39.66 5.12 74.16
CA PRO D 507 41.07 4.87 74.32
C PRO D 507 41.48 4.79 75.83
N ALA D 508 42.53 4.04 76.10
CA ALA D 508 43.14 4.11 77.39
C ALA D 508 43.80 5.47 77.53
N GLY D 509 44.18 5.78 78.74
CA GLY D 509 44.80 7.06 79.08
C GLY D 509 43.79 8.09 79.47
N ARG D 510 44.03 9.32 79.04
CA ARG D 510 43.15 10.44 79.36
C ARG D 510 41.63 10.22 79.10
N THR D 511 41.27 9.70 77.94
CA THR D 511 39.85 9.59 77.61
C THR D 511 39.11 8.77 78.62
N SER D 512 39.75 7.68 79.05
CA SER D 512 39.15 6.73 79.95
C SER D 512 39.11 7.27 81.38
N LYS D 513 40.22 7.87 81.81
CA LYS D 513 40.32 8.49 83.15
C LYS D 513 39.26 9.62 83.29
N GLU D 514 39.23 10.49 82.29
CA GLU D 514 38.23 11.54 82.18
C GLU D 514 36.84 11.01 82.13
N ALA D 515 36.59 9.95 81.39
CA ALA D 515 35.22 9.32 81.41
C ALA D 515 34.74 9.01 82.84
N GLU D 516 35.60 8.36 83.61
CA GLU D 516 35.23 7.88 84.93
C GLU D 516 35.24 9.05 85.85
N ASP D 517 36.15 10.00 85.67
CA ASP D 517 36.07 11.23 86.50
C ASP D 517 34.78 12.00 86.26
N MET D 518 34.33 11.96 85.03
CA MET D 518 33.08 12.61 84.61
C MET D 518 31.86 11.98 85.30
N MET D 519 31.82 10.66 85.35
CA MET D 519 30.71 9.98 85.99
C MET D 519 30.60 10.46 87.43
N THR D 520 31.75 10.48 88.13
CA THR D 520 31.83 10.89 89.49
C THR D 520 31.35 12.33 89.67
N ASP D 521 31.78 13.22 88.79
CA ASP D 521 31.39 14.65 88.88
C ASP D 521 29.88 14.73 88.76
N MET D 522 29.28 13.93 87.90
CA MET D 522 27.81 13.88 87.77
C MET D 522 27.20 13.46 89.07
N CYS D 523 27.78 12.42 89.70
CA CYS D 523 27.30 11.97 90.98
C CYS D 523 27.40 13.07 92.02
N VAL D 524 28.50 13.80 92.03
CA VAL D 524 28.69 14.82 93.06
C VAL D 524 27.77 16.01 92.84
N MET D 525 27.60 16.46 91.60
CA MET D 525 26.88 17.69 91.30
C MET D 525 25.40 17.49 91.36
N SER D 526 24.97 16.30 90.90
CA SER D 526 23.53 15.98 90.82
C SER D 526 22.95 16.00 92.23
N ALA D 527 23.67 15.38 93.14
CA ALA D 527 23.38 15.42 94.59
C ALA D 527 22.96 16.80 95.14
N LYS D 528 23.54 17.90 94.66
CA LYS D 528 23.20 19.23 95.20
C LYS D 528 21.77 19.60 94.88
N ILE D 529 21.17 18.86 93.93
CA ILE D 529 19.86 19.18 93.41
C ILE D 529 18.87 18.18 93.89
N GLY D 530 19.31 16.93 93.92
CA GLY D 530 18.45 15.85 94.40
C GLY D 530 19.07 14.49 94.22
N GLY D 531 18.46 13.51 94.90
CA GLY D 531 18.81 12.12 94.77
C GLY D 531 18.37 11.55 93.41
N PHE D 532 19.03 10.46 93.03
CA PHE D 532 18.67 9.77 91.82
C PHE D 532 17.21 9.28 91.86
N LEU D 533 16.61 9.30 90.68
CA LEU D 533 15.29 8.74 90.41
C LEU D 533 15.52 7.30 90.12
N PRO D 534 14.86 6.40 90.91
CA PRO D 534 14.95 4.98 90.72
C PRO D 534 14.63 4.58 89.31
N GLY D 535 15.43 3.71 88.77
CA GLY D 535 15.26 3.38 87.39
C GLY D 535 16.03 4.27 86.43
N SER D 536 16.65 5.39 86.86
CA SER D 536 17.47 6.22 85.96
C SER D 536 18.74 6.59 86.72
N LEU D 537 19.39 5.57 87.20
CA LEU D 537 20.50 5.74 88.06
C LEU D 537 21.78 6.06 87.23
N PRO D 538 22.87 6.49 87.90
CA PRO D 538 24.00 6.96 87.08
C PRO D 538 24.54 5.85 86.24
N GLN D 539 24.72 6.12 84.94
CA GLN D 539 25.15 5.07 84.03
C GLN D 539 25.83 5.57 82.76
N PHE D 540 26.74 4.77 82.23
CA PHE D 540 27.23 5.02 80.90
C PHE D 540 26.18 4.53 79.87
N MET D 541 25.87 5.36 78.88
CA MET D 541 24.93 5.08 77.78
C MET D 541 25.62 4.30 76.71
N GLU D 542 24.84 3.49 75.99
CA GLU D 542 25.28 2.65 74.90
C GLU D 542 26.23 3.45 74.02
N PRO D 543 27.41 2.89 73.73
CA PRO D 543 28.33 3.67 72.91
C PRO D 543 27.76 4.07 71.57
N GLY D 544 27.80 5.38 71.32
CA GLY D 544 27.30 5.98 70.09
C GLY D 544 25.84 6.37 70.09
N LEU D 545 25.14 5.95 71.15
CA LEU D 545 23.78 6.45 71.38
C LEU D 545 23.83 7.98 71.36
N VAL D 546 24.91 8.55 71.88
CA VAL D 546 25.09 10.01 71.89
C VAL D 546 25.04 10.70 70.50
N LEU D 547 25.42 9.99 69.46
CA LEU D 547 25.28 10.46 68.06
C LEU D 547 26.07 11.73 67.84
N HIS D 548 27.31 11.75 68.35
CA HIS D 548 28.21 12.87 68.12
C HIS D 548 29.51 12.43 67.48
N LEU D 549 29.39 11.36 66.70
CA LEU D 549 30.52 10.78 66.05
C LEU D 549 31.29 11.84 65.29
N GLY D 550 32.61 11.80 65.42
CA GLY D 550 33.51 12.69 64.69
C GLY D 550 34.65 12.02 63.94
N GLY D 551 35.24 12.77 63.00
CA GLY D 551 36.58 12.51 62.52
C GLY D 551 36.62 11.40 61.51
N THR D 552 35.49 11.06 60.92
CA THR D 552 35.47 9.99 59.94
C THR D 552 36.10 10.42 58.61
N HIS D 553 36.19 11.74 58.39
CA HIS D 553 36.83 12.34 57.20
C HIS D 553 37.41 13.67 57.59
N ARG D 554 38.36 13.60 58.51
CA ARG D 554 38.74 14.72 59.33
C ARG D 554 39.53 15.78 58.62
N MET D 555 39.56 16.91 59.26
CA MET D 555 40.18 18.12 58.69
C MET D 555 41.56 18.32 59.29
N GLY D 556 42.47 18.81 58.50
CA GLY D 556 43.82 19.19 58.94
C GLY D 556 44.47 20.12 57.90
N PHE D 557 45.69 20.56 58.19
CA PHE D 557 46.36 21.46 57.32
C PHE D 557 47.03 20.68 56.21
N ASP D 558 47.66 19.58 56.58
CA ASP D 558 48.51 18.77 55.67
C ASP D 558 48.03 17.32 55.70
N GLU D 559 47.67 16.81 54.53
CA GLU D 559 47.16 15.48 54.45
C GLU D 559 47.99 14.45 55.25
N LYS D 560 49.30 14.42 55.02
CA LYS D 560 50.18 13.42 55.68
C LYS D 560 50.55 13.80 57.18
N GLU D 561 50.98 15.03 57.44
CA GLU D 561 51.35 15.45 58.79
C GLU D 561 50.18 15.40 59.79
N ASP D 562 48.99 15.77 59.36
CA ASP D 562 47.85 15.80 60.27
C ASP D 562 46.88 14.60 60.08
N ASN D 563 47.27 13.61 59.30
CA ASN D 563 46.51 12.43 59.12
C ASN D 563 45.06 12.73 58.83
N CYS D 564 44.78 13.26 57.65
CA CYS D 564 43.53 13.94 57.43
C CYS D 564 43.09 13.87 55.99
N CYS D 565 41.84 14.28 55.76
CA CYS D 565 41.18 14.03 54.52
C CYS D 565 40.75 15.28 53.78
N VAL D 566 40.35 16.31 54.54
CA VAL D 566 40.06 17.64 53.97
C VAL D 566 40.94 18.72 54.59
N ASN D 567 41.10 19.83 53.90
CA ASN D 567 41.83 20.99 54.45
C ASN D 567 40.85 21.99 55.08
N THR D 568 41.29 23.19 55.42
CA THR D 568 40.47 24.06 56.26
C THR D 568 39.31 24.72 55.49
N ASP D 569 39.25 24.47 54.18
CA ASP D 569 38.11 24.93 53.37
C ASP D 569 37.23 23.71 53.11
N SER D 570 37.60 22.58 53.70
CA SER D 570 36.84 21.34 53.60
C SER D 570 36.88 20.72 52.24
N ARG D 571 37.82 21.15 51.41
CA ARG D 571 38.10 20.51 50.16
C ARG D 571 38.90 19.21 50.42
N VAL D 572 38.49 18.11 49.78
CA VAL D 572 39.23 16.89 49.84
C VAL D 572 40.57 17.12 49.14
N PHE D 573 41.65 16.75 49.81
CA PHE D 573 43.01 16.95 49.25
C PHE D 573 43.21 16.39 47.83
N GLY D 574 43.88 17.18 47.01
CA GLY D 574 44.17 16.78 45.65
C GLY D 574 43.00 16.98 44.71
N PHE D 575 41.81 17.20 45.26
CA PHE D 575 40.60 17.40 44.39
C PHE D 575 40.08 18.83 44.33
N LYS D 576 39.85 19.34 43.12
CA LYS D 576 39.53 20.77 42.97
C LYS D 576 38.13 21.14 43.45
N ASN D 577 37.19 20.18 43.33
CA ASN D 577 35.77 20.51 43.38
C ASN D 577 34.90 19.58 44.25
N LEU D 578 35.54 18.93 45.23
CA LEU D 578 34.85 18.03 46.17
C LEU D 578 35.03 18.58 47.60
N PHE D 579 33.94 18.92 48.25
CA PHE D 579 33.98 19.34 49.64
C PHE D 579 33.10 18.41 50.50
N LEU D 580 33.55 18.17 51.74
CA LEU D 580 32.75 17.49 52.74
C LEU D 580 32.39 18.48 53.82
N GLY D 581 31.19 18.31 54.31
CA GLY D 581 30.69 18.97 55.49
C GLY D 581 30.11 17.97 56.46
N GLY D 582 30.26 18.28 57.74
CA GLY D 582 29.67 17.53 58.82
C GLY D 582 30.66 17.23 59.95
N CYS D 583 30.14 16.56 60.96
CA CYS D 583 30.91 16.26 62.15
C CYS D 583 32.14 15.41 61.83
N GLY D 584 32.06 14.66 60.73
CA GLY D 584 33.18 13.85 60.27
C GLY D 584 34.45 14.65 60.00
N ASN D 585 34.30 15.91 59.63
CA ASN D 585 35.41 16.85 59.54
C ASN D 585 36.19 17.16 60.83
N ILE D 586 35.54 17.11 61.99
CA ILE D 586 36.16 17.57 63.23
C ILE D 586 37.19 16.56 63.64
N PRO D 587 38.46 17.00 63.74
CA PRO D 587 39.60 16.11 63.97
C PRO D 587 39.95 16.06 65.45
N THR D 588 39.25 16.86 66.22
CA THR D 588 39.61 16.95 67.63
C THR D 588 38.78 16.07 68.53
N ALA D 589 39.23 16.09 69.78
CA ALA D 589 38.55 15.48 70.90
C ALA D 589 37.67 16.56 71.56
N TYR D 590 36.36 16.41 71.40
CA TYR D 590 35.46 17.43 71.88
C TYR D 590 34.35 16.75 72.73
N GLY D 591 33.88 17.49 73.72
CA GLY D 591 32.77 17.04 74.54
C GLY D 591 31.46 17.76 74.26
N ALA D 592 31.52 19.03 73.86
CA ALA D 592 30.32 19.75 73.53
C ALA D 592 29.67 19.27 72.22
N ASN D 593 28.41 19.66 71.98
CA ASN D 593 27.60 19.09 70.91
C ASN D 593 28.18 19.72 69.66
N PRO D 594 28.50 18.90 68.65
CA PRO D 594 29.32 19.30 67.55
C PRO D 594 28.68 20.07 66.35
N THR D 595 27.37 20.07 66.21
CA THR D 595 26.78 20.52 64.96
C THR D 595 27.10 21.95 64.62
N LEU D 596 27.07 22.81 65.62
CA LEU D 596 27.41 24.24 65.44
C LEU D 596 28.84 24.50 64.90
N THR D 597 29.81 23.76 65.46
CA THR D 597 31.20 23.77 65.04
C THR D 597 31.32 23.26 63.58
N ALA D 598 30.56 22.23 63.18
CA ALA D 598 30.49 21.75 61.78
C ALA D 598 29.88 22.75 60.77
N MET D 599 28.90 23.51 61.24
CA MET D 599 28.24 24.44 60.42
C MET D 599 29.25 25.58 60.20
N SER D 600 30.01 25.89 61.23
CA SER D 600 30.97 26.99 61.14
C SER D 600 32.02 26.61 60.08
N LEU D 601 32.52 25.36 60.13
CA LEU D 601 33.38 24.83 59.09
C LEU D 601 32.67 24.86 57.72
N ALA D 602 31.39 24.56 57.68
CA ALA D 602 30.65 24.63 56.44
C ALA D 602 30.57 26.07 55.94
N ILE D 603 30.37 27.05 56.83
CA ILE D 603 30.41 28.47 56.41
C ILE D 603 31.76 28.89 55.74
N LYS D 604 32.88 28.59 56.38
CA LYS D 604 34.20 28.82 55.79
C LYS D 604 34.38 28.09 54.42
N SER D 605 33.93 26.84 54.31
CA SER D 605 34.05 26.12 53.06
C SER D 605 33.32 26.85 51.90
N CYS D 606 32.13 27.42 52.19
CA CYS D 606 31.36 28.17 51.16
C CYS D 606 32.05 29.46 50.71
N GLU D 607 32.84 30.06 51.58
CA GLU D 607 33.61 31.22 51.19
C GLU D 607 34.64 30.84 50.18
N TYR D 608 35.30 29.69 50.35
CA TYR D 608 36.22 29.23 49.32
C TYR D 608 35.49 29.00 48.00
N ILE D 609 34.42 28.21 48.05
CA ILE D 609 33.69 27.96 46.85
C ILE D 609 33.41 29.26 46.05
N LYS D 610 32.99 30.30 46.76
CA LYS D 610 32.47 31.52 46.20
C LYS D 610 33.54 32.32 45.54
N GLN D 611 34.77 32.25 46.06
CA GLN D 611 35.93 32.92 45.43
C GLN D 611 36.54 32.06 44.30
N ASN D 612 36.18 30.79 44.17
CA ASN D 612 36.86 29.97 43.16
C ASN D 612 35.95 29.40 42.11
N PHE D 613 34.66 29.62 42.25
CA PHE D 613 33.75 29.06 41.27
C PHE D 613 32.70 30.10 40.96
N THR D 614 32.41 30.24 39.68
CA THR D 614 31.54 31.31 39.15
C THR D 614 30.16 30.79 38.85
N PRO D 615 29.10 31.38 39.42
CA PRO D 615 27.74 31.00 39.03
C PRO D 615 27.41 31.05 37.53
N SER D 616 26.72 30.04 37.06
CA SER D 616 26.18 30.09 35.74
C SER D 616 25.29 31.35 35.63
N PRO D 617 25.07 31.85 34.42
CA PRO D 617 24.15 32.98 34.35
C PRO D 617 22.68 32.57 34.37
N PHE D 618 21.87 33.38 35.04
CA PHE D 618 20.43 33.11 35.19
C PHE D 618 19.66 33.22 33.88
N THR D 619 19.48 32.08 33.23
CA THR D 619 18.68 32.03 32.00
C THR D 619 17.65 30.91 32.15
N MET E 43 -12.65 29.72 -129.83
CA MET E 43 -11.20 29.47 -129.54
C MET E 43 -10.34 29.63 -130.79
N ASP E 44 -10.18 30.88 -131.27
CA ASP E 44 -9.34 31.16 -132.45
C ASP E 44 -7.91 30.71 -132.14
N ILE E 45 -7.12 30.59 -133.19
CA ILE E 45 -5.85 29.94 -133.04
C ILE E 45 -4.79 30.83 -132.30
N LYS E 46 -5.02 32.17 -132.30
CA LYS E 46 -3.95 33.18 -132.09
C LYS E 46 -4.20 34.36 -131.14
N TYR E 47 -3.37 34.44 -130.08
CA TYR E 47 -3.47 35.47 -129.03
C TYR E 47 -2.14 36.18 -128.80
N ASP E 48 -2.16 37.39 -128.24
CA ASP E 48 -0.92 38.04 -127.79
C ASP E 48 -0.35 37.41 -126.55
N VAL E 49 -1.18 37.26 -125.49
CA VAL E 49 -0.83 36.51 -124.26
C VAL E 49 -1.78 35.30 -123.98
N VAL E 50 -1.22 34.11 -123.75
CA VAL E 50 -2.01 33.00 -123.18
C VAL E 50 -1.52 32.77 -121.79
N ILE E 51 -2.50 32.75 -120.87
CA ILE E 51 -2.29 32.39 -119.49
C ILE E 51 -2.81 31.00 -119.16
N VAL E 52 -1.93 30.16 -118.59
CA VAL E 52 -2.37 28.90 -118.03
C VAL E 52 -2.78 28.99 -116.54
N GLY E 53 -4.09 28.84 -116.31
CA GLY E 53 -4.67 28.79 -114.95
C GLY E 53 -5.34 30.10 -114.53
N SER E 54 -6.49 30.04 -113.87
CA SER E 54 -7.31 31.24 -113.56
C SER E 54 -7.35 31.57 -112.07
N GLY E 55 -6.30 31.17 -111.35
CA GLY E 55 -6.15 31.60 -109.97
C GLY E 55 -5.81 33.07 -109.80
N PRO E 56 -5.59 33.51 -108.56
CA PRO E 56 -5.30 34.91 -108.37
C PRO E 56 -4.02 35.36 -109.09
N ILE E 57 -3.06 34.46 -109.25
CA ILE E 57 -1.81 34.80 -109.83
C ILE E 57 -2.05 34.92 -111.34
N GLY E 58 -2.71 33.92 -111.92
CA GLY E 58 -3.08 33.96 -113.31
C GLY E 58 -3.87 35.20 -113.62
N CYS E 59 -4.65 35.68 -112.65
CA CYS E 59 -5.58 36.82 -112.82
C CYS E 59 -4.89 38.18 -112.58
N THR E 60 -3.78 38.15 -111.83
CA THR E 60 -2.90 39.29 -111.76
C THR E 60 -2.32 39.57 -113.14
N TYR E 61 -1.86 38.52 -113.83
CA TYR E 61 -1.37 38.65 -115.20
C TYR E 61 -2.51 39.16 -116.11
N ALA E 62 -3.73 38.65 -115.93
CA ALA E 62 -4.79 39.05 -116.80
C ALA E 62 -5.15 40.50 -116.52
N ARG E 63 -5.18 40.89 -115.26
CA ARG E 63 -5.57 42.23 -114.96
C ARG E 63 -4.55 43.24 -115.56
N GLU E 64 -3.28 42.93 -115.40
CA GLU E 64 -2.20 43.78 -115.88
C GLU E 64 -2.18 43.91 -117.39
N LEU E 65 -2.25 42.76 -118.08
CA LEU E 65 -2.03 42.64 -119.55
C LEU E 65 -3.27 42.93 -120.37
N VAL E 66 -4.45 42.50 -119.89
CA VAL E 66 -5.74 42.85 -120.51
C VAL E 66 -5.95 44.36 -120.35
N GLY E 67 -5.52 44.89 -119.19
CA GLY E 67 -5.61 46.35 -118.95
C GLY E 67 -4.79 47.12 -120.00
N ALA E 68 -3.60 46.62 -120.31
CA ALA E 68 -2.70 47.34 -121.21
C ALA E 68 -2.99 46.99 -122.67
N GLY E 69 -4.24 46.65 -122.99
CA GLY E 69 -4.63 46.31 -124.36
C GLY E 69 -4.11 45.03 -125.01
N TYR E 70 -3.43 44.12 -124.30
CA TYR E 70 -3.05 42.91 -125.01
C TYR E 70 -4.29 42.06 -125.26
N LYS E 71 -4.20 41.22 -126.29
CA LYS E 71 -5.21 40.23 -126.56
C LYS E 71 -4.91 38.94 -125.79
N VAL E 72 -5.70 38.71 -124.72
CA VAL E 72 -5.46 37.57 -123.78
C VAL E 72 -6.46 36.42 -123.90
N ALA E 73 -5.93 35.23 -123.70
CA ALA E 73 -6.70 34.01 -123.49
C ALA E 73 -6.15 33.32 -122.27
N MET E 74 -7.07 32.68 -121.57
CA MET E 74 -6.81 32.06 -120.31
C MET E 74 -7.50 30.72 -120.35
N PHE E 75 -6.74 29.67 -120.01
CA PHE E 75 -7.31 28.32 -119.95
C PHE E 75 -7.27 27.84 -118.51
N ASP E 76 -8.36 27.21 -118.05
CA ASP E 76 -8.33 26.50 -116.75
C ASP E 76 -8.95 25.13 -116.94
N ILE E 77 -8.29 24.15 -116.39
CA ILE E 77 -8.68 22.75 -116.48
C ILE E 77 -9.95 22.45 -115.64
N GLY E 78 -10.24 23.37 -114.72
CA GLY E 78 -11.48 23.33 -113.98
C GLY E 78 -12.60 24.17 -114.56
N GLU E 79 -13.72 24.15 -113.86
CA GLU E 79 -14.88 24.80 -114.38
C GLU E 79 -15.41 25.95 -113.55
N ILE E 80 -16.25 26.76 -114.21
CA ILE E 80 -16.90 27.85 -113.52
C ILE E 80 -17.77 27.28 -112.40
N ASP E 81 -17.41 27.66 -111.17
CA ASP E 81 -17.94 27.06 -109.96
C ASP E 81 -18.32 27.98 -108.76
N SER E 82 -18.56 29.29 -108.95
CA SER E 82 -18.98 30.16 -107.82
C SER E 82 -20.19 31.10 -108.13
N GLY E 83 -21.22 30.67 -108.84
CA GLY E 83 -22.29 31.61 -109.12
C GLY E 83 -21.86 32.65 -110.15
N LEU E 84 -22.67 33.69 -110.34
CA LEU E 84 -22.48 34.72 -111.41
C LEU E 84 -21.12 35.48 -111.42
N LYS E 85 -20.53 35.56 -110.25
CA LYS E 85 -19.24 36.16 -110.15
C LYS E 85 -18.20 35.09 -110.39
N ILE E 86 -17.62 35.09 -111.58
CA ILE E 86 -16.69 34.06 -111.98
C ILE E 86 -15.48 34.15 -111.09
N GLY E 87 -15.06 33.02 -110.55
CA GLY E 87 -13.83 32.94 -109.78
C GLY E 87 -13.89 33.47 -108.37
N ALA E 88 -15.07 33.82 -107.88
CA ALA E 88 -15.20 34.43 -106.54
C ALA E 88 -15.03 33.43 -105.42
N HIS E 89 -14.98 33.97 -104.20
CA HIS E 89 -14.85 33.16 -103.03
C HIS E 89 -16.17 32.51 -102.70
N LYS E 90 -16.13 31.18 -102.56
CA LYS E 90 -17.34 30.38 -102.29
C LYS E 90 -17.94 30.67 -100.96
N LYS E 91 -17.26 31.42 -100.11
CA LYS E 91 -17.81 31.60 -98.80
C LYS E 91 -18.55 32.92 -98.69
N ASN E 92 -18.69 33.59 -99.81
CA ASN E 92 -19.49 34.79 -99.82
C ASN E 92 -20.93 34.50 -100.17
N THR E 93 -21.50 33.47 -99.56
CA THR E 93 -22.93 33.36 -99.57
C THR E 93 -23.45 33.73 -98.19
N VAL E 94 -24.67 34.24 -98.17
CA VAL E 94 -25.28 34.52 -96.89
C VAL E 94 -25.34 33.22 -96.06
N GLU E 95 -25.54 32.11 -96.74
CA GLU E 95 -25.79 30.84 -96.08
C GLU E 95 -24.51 30.40 -95.33
N TYR E 96 -23.33 30.65 -95.90
CA TYR E 96 -22.07 30.29 -95.25
C TYR E 96 -21.68 31.26 -94.18
N GLN E 97 -22.02 32.52 -94.33
CA GLN E 97 -21.65 33.47 -93.30
C GLN E 97 -22.51 33.21 -92.10
N LYS E 98 -23.67 32.62 -92.28
CA LYS E 98 -24.46 32.18 -91.12
C LYS E 98 -24.05 30.81 -90.59
N ASN E 99 -23.43 29.97 -91.43
CA ASN E 99 -23.11 28.60 -90.99
C ASN E 99 -21.65 28.36 -91.28
N ILE E 100 -20.75 29.19 -90.76
CA ILE E 100 -19.38 29.24 -91.31
C ILE E 100 -18.61 27.89 -91.26
N ASP E 101 -18.96 27.08 -90.30
CA ASP E 101 -18.25 25.89 -90.05
C ASP E 101 -18.61 24.85 -91.12
N LYS E 102 -19.74 25.03 -91.80
CA LYS E 102 -20.03 24.13 -92.91
C LYS E 102 -19.06 24.33 -94.10
N PHE E 103 -18.39 25.48 -94.12
CA PHE E 103 -17.49 25.75 -95.21
C PHE E 103 -16.33 24.78 -95.29
N VAL E 104 -15.92 24.16 -94.18
CA VAL E 104 -14.86 23.15 -94.21
C VAL E 104 -15.10 22.14 -95.30
N ASN E 105 -16.36 21.80 -95.52
CA ASN E 105 -16.69 20.78 -96.49
C ASN E 105 -16.43 21.23 -97.90
N VAL E 106 -16.66 22.52 -98.17
CA VAL E 106 -16.37 23.08 -99.46
C VAL E 106 -14.88 22.99 -99.70
N ILE E 107 -14.07 23.31 -98.70
CA ILE E 107 -12.61 23.22 -98.88
C ILE E 107 -12.18 21.77 -99.15
N GLN E 108 -12.59 20.88 -98.26
CA GLN E 108 -12.22 19.47 -98.30
C GLN E 108 -12.58 18.92 -99.65
N GLY E 109 -13.64 19.49 -100.24
CA GLY E 109 -14.28 18.96 -101.42
C GLY E 109 -13.47 19.25 -102.67
N GLN E 110 -12.57 20.23 -102.57
CA GLN E 110 -11.81 20.61 -103.77
C GLN E 110 -10.31 20.61 -103.53
N LEU E 111 -9.89 19.77 -102.59
CA LEU E 111 -8.48 19.51 -102.36
C LEU E 111 -8.22 18.06 -102.75
N MET E 112 -7.61 17.87 -103.90
CA MET E 112 -7.30 16.53 -104.37
C MET E 112 -5.87 16.26 -104.06
N SER E 113 -5.64 15.16 -103.35
CA SER E 113 -4.30 14.88 -102.84
C SER E 113 -3.31 14.71 -103.99
N VAL E 114 -2.14 15.33 -103.87
CA VAL E 114 -1.11 15.21 -104.90
C VAL E 114 -0.46 13.81 -105.09
N SER E 115 0.07 13.20 -104.03
CA SER E 115 0.75 11.93 -104.17
C SER E 115 0.30 11.16 -103.01
N VAL E 116 -0.45 10.08 -103.24
CA VAL E 116 -0.94 9.24 -102.16
C VAL E 116 -0.16 7.93 -102.23
N PRO E 117 0.58 7.60 -101.16
CA PRO E 117 1.41 6.44 -101.26
C PRO E 117 0.60 5.15 -101.36
N VAL E 118 1.17 4.03 -101.77
CA VAL E 118 0.40 2.79 -101.75
C VAL E 118 0.02 2.39 -100.31
N ASN E 119 -1.23 1.98 -100.10
CA ASN E 119 -1.83 1.76 -98.77
C ASN E 119 -1.44 0.33 -98.28
N THR E 120 -0.96 0.19 -97.05
CA THR E 120 -0.53 -1.11 -96.53
C THR E 120 -1.28 -1.52 -95.23
N LEU E 121 -2.46 -0.95 -95.04
CA LEU E 121 -3.24 -1.26 -93.88
C LEU E 121 -3.83 -2.66 -94.04
N VAL E 122 -3.74 -3.43 -92.97
CA VAL E 122 -4.25 -4.81 -92.93
C VAL E 122 -5.76 -4.82 -92.62
N VAL E 123 -6.52 -5.47 -93.47
CA VAL E 123 -7.92 -5.72 -93.24
C VAL E 123 -8.03 -7.21 -93.29
N ASP E 124 -7.96 -7.81 -92.13
CA ASP E 124 -8.07 -9.29 -92.03
C ASP E 124 -9.41 -9.75 -91.48
N THR E 125 -10.41 -8.88 -91.46
CA THR E 125 -11.76 -9.23 -91.01
C THR E 125 -12.81 -9.24 -92.14
N LEU E 126 -12.38 -9.39 -93.40
CA LEU E 126 -13.33 -9.59 -94.49
C LEU E 126 -13.97 -10.97 -94.34
N SER E 127 -15.18 -11.15 -94.85
CA SER E 127 -15.73 -12.47 -94.97
C SER E 127 -14.84 -13.32 -95.82
N PRO E 128 -14.63 -14.59 -95.43
CA PRO E 128 -13.95 -15.52 -96.26
C PRO E 128 -14.43 -15.59 -97.67
N THR E 129 -15.68 -15.22 -97.98
CA THR E 129 -16.17 -15.30 -99.37
C THR E 129 -15.71 -14.20 -100.27
N SER E 130 -15.36 -13.08 -99.64
CA SER E 130 -14.90 -11.89 -100.31
C SER E 130 -13.54 -12.04 -100.97
N TRP E 131 -13.42 -11.44 -102.14
CA TRP E 131 -12.14 -11.35 -102.79
C TRP E 131 -11.12 -10.60 -101.93
N GLN E 132 -10.04 -11.31 -101.61
CA GLN E 132 -8.99 -10.79 -100.74
C GLN E 132 -7.69 -10.73 -101.47
N ALA E 133 -6.97 -9.67 -101.18
CA ALA E 133 -5.67 -9.37 -101.75
C ALA E 133 -4.58 -10.31 -101.29
N SER E 134 -3.68 -10.59 -102.21
CA SER E 134 -2.44 -11.30 -101.85
C SER E 134 -1.27 -10.34 -101.59
N THR E 135 -1.30 -9.19 -102.23
CA THR E 135 -0.27 -8.19 -102.02
C THR E 135 -0.97 -6.82 -101.81
N PHE E 136 -0.18 -5.84 -101.36
CA PHE E 136 -0.58 -4.45 -101.39
C PHE E 136 -0.32 -3.82 -102.77
N PHE E 137 -1.20 -4.16 -103.71
CA PHE E 137 -1.06 -3.66 -105.05
C PHE E 137 -1.60 -2.24 -105.20
N VAL E 138 -1.44 -1.75 -106.41
CA VAL E 138 -1.61 -0.39 -106.68
C VAL E 138 -3.08 -0.17 -106.89
N ARG E 139 -3.70 0.45 -105.90
CA ARG E 139 -5.12 0.51 -105.73
C ARG E 139 -5.65 1.94 -105.68
N ASN E 140 -6.86 2.15 -106.17
CA ASN E 140 -7.56 3.33 -105.78
C ASN E 140 -6.80 4.62 -106.03
N GLY E 141 -6.02 4.70 -107.11
CA GLY E 141 -5.36 5.95 -107.42
C GLY E 141 -4.01 6.17 -106.77
N SER E 142 -3.53 5.20 -106.01
CA SER E 142 -2.32 5.47 -105.28
C SER E 142 -1.14 5.54 -106.26
N ASN E 143 -0.11 6.27 -105.82
CA ASN E 143 1.20 6.39 -106.46
C ASN E 143 2.27 5.45 -105.93
N PRO E 144 2.68 4.44 -106.72
CA PRO E 144 3.72 3.51 -106.29
C PRO E 144 5.10 4.11 -106.27
N GLU E 145 5.33 5.25 -106.94
CA GLU E 145 6.67 5.96 -106.88
C GLU E 145 6.99 6.49 -105.46
N GLN E 146 5.94 6.73 -104.68
CA GLN E 146 5.98 7.54 -103.46
C GLN E 146 6.50 6.79 -102.27
N ASP E 147 7.61 7.28 -101.72
CA ASP E 147 8.02 6.88 -100.40
C ASP E 147 7.10 7.50 -99.34
N PRO E 148 6.29 6.69 -98.65
CA PRO E 148 5.38 7.32 -97.71
C PRO E 148 6.08 8.08 -96.57
N LEU E 149 7.35 7.78 -96.35
CA LEU E 149 8.07 8.37 -95.25
C LEU E 149 8.76 9.72 -95.61
N ARG E 150 8.72 10.06 -96.90
CA ARG E 150 9.35 11.27 -97.41
C ARG E 150 8.40 12.01 -98.36
N ASN E 151 7.15 12.17 -97.90
CA ASN E 151 6.11 12.75 -98.71
C ASN E 151 5.67 14.06 -98.10
N LEU E 152 4.87 14.80 -98.84
CA LEU E 152 4.11 15.86 -98.24
C LEU E 152 2.66 15.40 -98.36
N SER E 153 2.18 14.55 -97.46
CA SER E 153 0.94 13.80 -97.69
C SER E 153 -0.28 14.71 -97.76
N GLY E 154 -0.23 15.85 -97.08
CA GLY E 154 -1.35 16.77 -97.07
C GLY E 154 -1.43 17.67 -98.28
N GLN E 155 -0.49 17.52 -99.21
CA GLN E 155 -0.46 18.45 -100.33
C GLN E 155 -1.57 18.12 -101.24
N ALA E 156 -2.19 19.14 -101.80
CA ALA E 156 -3.41 18.91 -102.53
C ALA E 156 -3.49 20.04 -103.55
N VAL E 157 -4.27 19.87 -104.61
CA VAL E 157 -4.41 20.93 -105.60
C VAL E 157 -5.87 21.10 -105.81
N THR E 158 -6.24 22.23 -106.40
CA THR E 158 -7.66 22.58 -106.53
C THR E 158 -7.86 22.90 -108.00
N ARG E 159 -8.79 22.21 -108.65
CA ARG E 159 -9.11 22.41 -110.04
C ARG E 159 -10.52 22.95 -110.27
N VAL E 160 -10.63 24.25 -110.08
CA VAL E 160 -11.84 25.00 -110.35
C VAL E 160 -11.44 26.40 -110.79
N VAL E 161 -12.31 27.05 -111.57
CA VAL E 161 -12.00 28.37 -112.03
C VAL E 161 -11.84 29.24 -110.80
N GLY E 162 -10.74 29.98 -110.81
CA GLY E 162 -10.48 30.82 -109.65
C GLY E 162 -9.48 30.17 -108.71
N GLY E 163 -9.21 28.88 -108.92
CA GLY E 163 -8.20 28.18 -108.18
C GLY E 163 -8.49 28.12 -106.69
N MET E 164 -7.43 27.99 -105.87
CA MET E 164 -7.57 27.89 -104.41
C MET E 164 -8.13 29.16 -103.83
N SER E 165 -8.10 30.25 -104.60
CA SER E 165 -8.65 31.52 -104.13
C SER E 165 -10.17 31.52 -104.00
N THR E 166 -10.81 30.42 -104.42
CA THR E 166 -12.25 30.24 -104.18
C THR E 166 -12.55 29.80 -102.77
N HIS E 167 -11.50 29.43 -102.00
CA HIS E 167 -11.68 28.86 -100.68
C HIS E 167 -10.67 29.31 -99.60
N TRP E 168 -9.65 30.07 -99.94
CA TRP E 168 -8.54 30.44 -99.04
C TRP E 168 -8.94 31.29 -97.85
N THR E 169 -8.13 31.33 -96.80
CA THR E 169 -8.36 32.19 -95.59
C THR E 169 -8.12 33.73 -95.81
N CYS E 170 -7.46 34.07 -96.92
CA CYS E 170 -7.33 35.44 -97.37
C CYS E 170 -6.29 36.25 -96.60
N ALA E 171 -5.36 35.58 -95.91
CA ALA E 171 -4.34 36.18 -95.12
C ALA E 171 -3.19 36.56 -96.03
N THR E 172 -2.89 37.87 -96.09
CA THR E 172 -1.96 38.41 -97.03
C THR E 172 -0.96 39.35 -96.38
N PRO E 173 -0.08 38.78 -95.56
CA PRO E 173 0.98 39.50 -94.96
C PRO E 173 2.13 39.71 -95.93
N ARG E 174 2.90 40.77 -95.73
CA ARG E 174 4.12 41.00 -96.47
C ARG E 174 5.22 40.15 -95.84
N PHE E 175 6.27 39.92 -96.61
CA PHE E 175 7.49 39.35 -96.10
C PHE E 175 8.42 40.49 -95.72
N ASP E 176 9.02 40.39 -94.55
CA ASP E 176 10.16 41.22 -94.15
C ASP E 176 11.44 40.75 -94.87
N ARG E 177 12.50 41.54 -94.78
CA ARG E 177 13.68 41.26 -95.57
C ARG E 177 14.05 39.80 -95.47
N GLU E 178 14.10 39.31 -94.25
CA GLU E 178 14.71 38.03 -93.98
C GLU E 178 14.02 36.85 -94.66
N GLN E 179 12.75 36.99 -95.09
CA GLN E 179 12.01 35.86 -95.68
C GLN E 179 11.98 35.91 -97.19
N ARG E 180 12.56 36.98 -97.70
CA ARG E 180 12.19 37.52 -98.99
C ARG E 180 13.34 37.54 -100.01
N PRO E 181 13.09 36.98 -101.19
CA PRO E 181 14.12 37.10 -102.19
C PRO E 181 14.42 38.57 -102.52
N LEU E 182 15.70 38.85 -102.76
CA LEU E 182 16.18 40.14 -103.28
C LEU E 182 15.73 40.43 -104.72
N LEU E 183 15.27 41.67 -104.97
CA LEU E 183 14.95 42.08 -106.32
C LEU E 183 16.00 42.99 -106.98
N VAL E 184 16.58 43.90 -106.19
CA VAL E 184 17.79 44.57 -106.58
C VAL E 184 18.92 44.12 -105.66
N LYS E 185 19.98 43.55 -106.22
CA LYS E 185 21.11 43.18 -105.38
C LYS E 185 22.00 44.39 -105.05
N ASP E 186 22.82 44.21 -104.01
CA ASP E 186 23.73 45.24 -103.52
C ASP E 186 23.12 46.63 -103.23
N ASP E 187 21.87 46.70 -102.82
CA ASP E 187 21.25 48.01 -102.55
C ASP E 187 19.99 47.82 -101.71
N ALA E 188 20.15 47.70 -100.40
CA ALA E 188 18.98 47.37 -99.59
C ALA E 188 17.84 48.41 -99.69
N ASP E 189 18.15 49.70 -99.63
CA ASP E 189 17.12 50.73 -99.76
C ASP E 189 16.35 50.55 -101.08
N ALA E 190 17.07 50.20 -102.14
CA ALA E 190 16.44 50.07 -103.45
C ALA E 190 15.60 48.78 -103.51
N ASP E 191 15.99 47.78 -102.72
CA ASP E 191 15.30 46.52 -102.70
C ASP E 191 13.99 46.67 -101.95
N ASP E 192 14.00 47.45 -100.86
CA ASP E 192 12.80 47.73 -100.06
C ASP E 192 11.76 48.61 -100.77
N ALA E 193 12.24 49.59 -101.54
CA ALA E 193 11.38 50.52 -102.25
C ALA E 193 10.63 49.84 -103.39
N GLU E 194 11.28 48.89 -104.04
CA GLU E 194 10.66 48.14 -105.11
C GLU E 194 9.64 47.19 -104.52
N TRP E 195 10.03 46.52 -103.44
CA TRP E 195 9.12 45.60 -102.72
C TRP E 195 7.90 46.35 -102.19
N ASP E 196 8.11 47.54 -101.63
CA ASP E 196 6.97 48.26 -101.08
C ASP E 196 6.02 48.70 -102.20
N ARG E 197 6.60 49.07 -103.34
CA ARG E 197 5.84 49.47 -104.52
C ARG E 197 4.94 48.30 -104.96
N LEU E 198 5.55 47.18 -105.27
CA LEU E 198 4.79 46.02 -105.69
C LEU E 198 3.71 45.63 -104.67
N TYR E 199 4.12 45.23 -103.47
CA TYR E 199 3.20 44.85 -102.40
C TYR E 199 2.01 45.83 -102.30
N THR E 200 2.30 47.11 -102.25
CA THR E 200 1.23 48.08 -102.21
C THR E 200 0.26 47.85 -103.36
N LYS E 201 0.79 47.76 -104.58
CA LYS E 201 -0.09 47.51 -105.70
C LYS E 201 -0.79 46.14 -105.54
N ALA E 202 -0.09 45.13 -105.03
CA ALA E 202 -0.68 43.81 -104.84
C ALA E 202 -1.85 43.87 -103.86
N GLU E 203 -1.66 44.62 -102.78
CA GLU E 203 -2.64 44.78 -101.72
C GLU E 203 -3.87 45.47 -102.24
N SER E 204 -3.68 46.36 -103.20
CA SER E 204 -4.80 47.05 -103.78
C SER E 204 -5.65 46.17 -104.65
N TYR E 205 -5.00 45.28 -105.39
CA TYR E 205 -5.66 44.25 -106.20
C TYR E 205 -6.53 43.33 -105.34
N PHE E 206 -5.93 42.73 -104.31
CA PHE E 206 -6.62 41.80 -103.40
C PHE E 206 -7.54 42.47 -102.39
N GLN E 207 -7.53 43.80 -102.35
CA GLN E 207 -8.33 44.56 -101.40
C GLN E 207 -7.94 44.25 -99.91
N THR E 208 -6.64 44.01 -99.71
CA THR E 208 -6.03 43.78 -98.43
C THR E 208 -6.21 45.02 -97.51
N GLY E 209 -6.60 44.79 -96.25
CA GLY E 209 -6.71 45.78 -95.19
C GLY E 209 -6.39 45.10 -93.86
N THR E 210 -6.35 45.91 -92.80
CA THR E 210 -6.07 45.38 -91.46
C THR E 210 -7.13 45.95 -90.51
N ASP E 211 -8.28 46.35 -91.06
CA ASP E 211 -9.30 47.04 -90.28
C ASP E 211 -10.66 46.32 -90.17
N GLN E 212 -10.85 45.21 -90.88
CA GLN E 212 -12.17 44.64 -91.06
C GLN E 212 -12.71 43.98 -89.76
N PHE E 213 -11.86 43.79 -88.76
CA PHE E 213 -12.32 43.26 -87.50
C PHE E 213 -12.02 44.21 -86.34
N LYS E 214 -11.89 45.50 -86.62
CA LYS E 214 -11.39 46.43 -85.60
C LYS E 214 -12.33 46.46 -84.38
N GLU E 215 -13.60 46.09 -84.59
CA GLU E 215 -14.62 46.22 -83.57
C GLU E 215 -15.13 44.92 -82.96
N SER E 216 -14.47 43.81 -83.24
CA SER E 216 -14.83 42.58 -82.57
C SER E 216 -14.35 42.63 -81.13
N ILE E 217 -15.22 42.29 -80.21
CA ILE E 217 -14.84 42.11 -78.83
C ILE E 217 -13.78 41.05 -78.67
N ARG E 218 -14.03 39.85 -79.17
CA ARG E 218 -13.07 38.78 -78.96
C ARG E 218 -11.74 39.12 -79.60
N HIS E 219 -11.76 39.78 -80.76
CA HIS E 219 -10.51 40.20 -81.41
C HIS E 219 -9.70 41.12 -80.55
N ASN E 220 -10.35 42.09 -79.92
CA ASN E 220 -9.60 43.03 -79.11
C ASN E 220 -9.28 42.45 -77.74
N LEU E 221 -10.17 41.58 -77.25
CA LEU E 221 -9.95 40.84 -76.00
C LEU E 221 -8.57 40.17 -76.06
N VAL E 222 -8.27 39.60 -77.24
CA VAL E 222 -7.08 38.78 -77.51
C VAL E 222 -5.87 39.63 -77.84
N LEU E 223 -6.02 40.51 -78.82
CA LEU E 223 -5.00 41.52 -79.13
C LEU E 223 -4.58 42.32 -77.87
N ASN E 224 -5.52 42.88 -77.12
CA ASN E 224 -5.11 43.67 -75.97
C ASN E 224 -4.25 42.91 -74.96
N LYS E 225 -4.63 41.65 -74.68
CA LYS E 225 -3.93 40.82 -73.72
C LYS E 225 -2.49 40.47 -74.17
N LEU E 226 -2.30 40.28 -75.47
CA LEU E 226 -1.02 39.77 -75.94
C LEU E 226 -0.07 40.94 -76.10
N THR E 227 -0.58 42.03 -76.65
CA THR E 227 0.13 43.29 -76.54
C THR E 227 0.65 43.56 -75.12
N GLU E 228 -0.24 43.54 -74.15
CA GLU E 228 0.15 43.74 -72.76
C GLU E 228 1.15 42.70 -72.28
N GLU E 229 0.88 41.43 -72.54
CA GLU E 229 1.76 40.36 -72.05
C GLU E 229 3.15 40.44 -72.65
N TYR E 230 3.25 40.94 -73.89
CA TYR E 230 4.52 41.02 -74.58
C TYR E 230 5.03 42.48 -74.69
N LYS E 231 4.58 43.34 -73.77
CA LYS E 231 4.91 44.77 -73.85
C LYS E 231 6.39 44.94 -74.15
N GLY E 232 6.70 45.60 -75.28
CA GLY E 232 8.12 45.83 -75.66
C GLY E 232 8.96 44.57 -75.98
N GLN E 233 8.34 43.54 -76.52
CA GLN E 233 9.12 42.37 -76.91
C GLN E 233 8.65 41.98 -78.28
N ARG E 234 7.33 42.13 -78.50
CA ARG E 234 6.70 41.83 -79.80
C ARG E 234 5.44 42.67 -80.00
N ASP E 235 5.11 42.85 -81.26
CA ASP E 235 3.98 43.63 -81.67
C ASP E 235 2.92 42.69 -82.22
N PHE E 236 1.68 43.04 -81.93
CA PHE E 236 0.52 42.41 -82.48
C PHE E 236 -0.42 43.39 -83.20
N GLN E 237 -0.96 42.97 -84.34
CA GLN E 237 -1.99 43.70 -85.10
C GLN E 237 -2.99 42.70 -85.63
N GLN E 238 -3.99 43.20 -86.37
CA GLN E 238 -4.83 42.34 -87.13
C GLN E 238 -4.06 41.74 -88.28
N ILE E 239 -4.27 40.42 -88.47
CA ILE E 239 -3.85 39.73 -89.69
C ILE E 239 -4.30 40.54 -90.88
N PRO E 240 -3.37 40.89 -91.78
CA PRO E 240 -3.85 41.62 -92.92
C PRO E 240 -4.69 40.64 -93.65
N LEU E 241 -5.87 41.03 -94.08
CA LEU E 241 -6.73 40.11 -94.77
C LEU E 241 -7.21 40.72 -96.04
N ALA E 242 -7.38 39.89 -97.05
CA ALA E 242 -7.88 40.35 -98.35
C ALA E 242 -9.38 40.18 -98.29
N ALA E 243 -10.11 41.28 -98.09
CA ALA E 243 -11.54 41.24 -97.70
C ALA E 243 -12.08 42.64 -97.49
N THR E 244 -13.37 42.84 -97.77
CA THR E 244 -14.06 44.11 -97.46
C THR E 244 -15.30 43.79 -96.62
N ARG E 245 -15.45 44.41 -95.47
CA ARG E 245 -16.70 44.29 -94.73
C ARG E 245 -17.83 45.01 -95.45
N ARG E 246 -18.96 44.32 -95.62
CA ARG E 246 -20.17 44.91 -96.16
C ARG E 246 -21.17 45.33 -95.03
N SER E 247 -21.24 44.54 -93.96
CA SER E 247 -22.08 44.78 -92.79
C SER E 247 -21.47 44.10 -91.55
N PRO E 248 -22.04 44.34 -90.36
CA PRO E 248 -21.65 43.70 -89.10
C PRO E 248 -21.61 42.17 -89.11
N THR E 249 -22.35 41.54 -90.02
CA THR E 249 -22.41 40.07 -90.11
C THR E 249 -21.96 39.50 -91.49
N PHE E 250 -21.53 40.36 -92.41
CA PHE E 250 -21.08 39.90 -93.74
C PHE E 250 -19.77 40.51 -94.16
N VAL E 251 -18.84 39.63 -94.42
CA VAL E 251 -17.58 40.04 -94.94
C VAL E 251 -17.41 39.46 -96.35
N GLU E 252 -17.15 40.33 -97.33
CA GLU E 252 -16.92 39.86 -98.69
C GLU E 252 -15.45 39.52 -98.80
N TRP E 253 -15.18 38.25 -98.85
CA TRP E 253 -13.82 37.79 -98.92
C TRP E 253 -13.34 37.94 -100.36
N SER E 254 -12.08 38.35 -100.49
CA SER E 254 -11.43 38.50 -101.76
C SER E 254 -11.02 37.17 -102.41
N SER E 255 -10.74 37.24 -103.70
CA SER E 255 -10.47 36.08 -104.52
C SER E 255 -9.87 36.52 -105.88
N ALA E 256 -9.54 35.55 -106.74
CA ALA E 256 -9.19 35.80 -108.12
C ALA E 256 -10.18 36.77 -108.70
N ASN E 257 -11.45 36.55 -108.43
CA ASN E 257 -12.45 37.47 -109.04
C ASN E 257 -12.25 38.99 -108.67
N THR E 258 -11.70 39.24 -107.49
CA THR E 258 -11.50 40.59 -106.97
C THR E 258 -10.32 41.25 -107.71
N VAL E 259 -9.35 40.43 -108.14
CA VAL E 259 -8.20 40.83 -108.96
C VAL E 259 -8.53 41.06 -110.41
N PHE E 260 -9.46 40.26 -110.92
CA PHE E 260 -9.96 40.35 -112.29
C PHE E 260 -11.22 39.52 -112.34
N ASP E 261 -12.30 40.13 -112.76
CA ASP E 261 -13.63 39.56 -112.68
C ASP E 261 -13.90 38.47 -113.71
N LEU E 262 -12.93 38.25 -114.60
CA LEU E 262 -12.89 37.12 -115.52
C LEU E 262 -14.01 37.04 -116.56
N GLN E 263 -14.81 38.09 -116.74
CA GLN E 263 -15.80 38.13 -117.85
C GLN E 263 -15.13 38.33 -119.22
N ASN E 264 -15.70 37.72 -120.26
CA ASN E 264 -15.04 37.92 -121.55
C ASN E 264 -15.18 39.35 -121.99
N ARG E 265 -14.21 39.77 -122.74
CA ARG E 265 -14.15 41.09 -123.31
C ARG E 265 -13.73 41.00 -124.78
N PRO E 266 -14.18 41.96 -125.59
CA PRO E 266 -14.79 43.20 -125.11
C PRO E 266 -16.18 43.02 -124.52
N ASN E 267 -16.56 43.88 -123.59
CA ASN E 267 -17.92 43.87 -123.09
C ASN E 267 -18.39 45.31 -122.84
N THR E 268 -19.64 45.43 -122.42
CA THR E 268 -20.28 46.72 -122.33
C THR E 268 -19.51 47.67 -121.45
N ASP E 269 -18.75 47.12 -120.50
CA ASP E 269 -18.12 47.91 -119.48
C ASP E 269 -16.68 48.15 -119.83
N ALA E 270 -16.11 47.27 -120.64
CA ALA E 270 -14.72 47.41 -121.09
C ALA E 270 -14.61 46.98 -122.56
N PRO E 271 -15.15 47.83 -123.45
CA PRO E 271 -15.30 47.57 -124.89
C PRO E 271 -14.01 47.64 -125.68
N GLU E 272 -12.93 48.15 -125.08
CA GLU E 272 -11.66 48.19 -125.77
C GLU E 272 -10.66 47.16 -125.28
N GLU E 273 -11.02 46.24 -124.38
CA GLU E 273 -10.09 45.17 -123.98
C GLU E 273 -10.42 43.80 -124.57
N ARG E 274 -9.49 42.86 -124.43
CA ARG E 274 -9.66 41.56 -125.04
C ARG E 274 -9.29 40.42 -124.11
N PHE E 275 -10.29 39.63 -123.75
CA PHE E 275 -10.07 38.49 -122.91
C PHE E 275 -11.07 37.38 -123.21
N ASN E 276 -10.55 36.16 -123.30
CA ASN E 276 -11.37 34.97 -123.29
C ASN E 276 -10.89 34.01 -122.21
N LEU E 277 -11.83 33.57 -121.38
CA LEU E 277 -11.60 32.43 -120.44
C LEU E 277 -12.08 31.11 -121.04
N PHE E 278 -11.28 30.06 -121.01
CA PHE E 278 -11.73 28.74 -121.49
C PHE E 278 -11.62 27.74 -120.34
N PRO E 279 -12.74 27.47 -119.72
CA PRO E 279 -12.66 26.55 -118.65
C PRO E 279 -12.71 25.14 -119.23
N ALA E 280 -12.34 24.16 -118.43
CA ALA E 280 -12.47 22.78 -118.81
C ALA E 280 -11.52 22.51 -119.92
N VAL E 281 -10.35 23.11 -119.82
CA VAL E 281 -9.28 22.87 -120.81
C VAL E 281 -7.94 22.53 -120.15
N ALA E 282 -7.53 21.28 -120.29
CA ALA E 282 -6.25 20.85 -119.74
C ALA E 282 -5.05 21.23 -120.57
N CYS E 283 -4.23 22.17 -120.09
CA CYS E 283 -3.03 22.53 -120.82
C CYS E 283 -1.95 21.47 -120.45
N GLU E 284 -1.27 20.92 -121.46
CA GLU E 284 -0.40 19.75 -121.35
C GLU E 284 1.07 20.02 -121.61
N ARG E 285 1.37 20.84 -122.62
CA ARG E 285 2.75 21.25 -122.91
C ARG E 285 2.92 22.54 -123.68
N VAL E 286 4.09 23.15 -123.46
CA VAL E 286 4.60 24.22 -124.26
C VAL E 286 5.65 23.62 -125.15
N VAL E 287 5.53 23.92 -126.44
CA VAL E 287 6.46 23.44 -127.43
C VAL E 287 7.63 24.38 -127.52
N ARG E 288 8.80 23.80 -127.39
CA ARG E 288 10.04 24.53 -127.51
C ARG E 288 10.62 24.55 -128.94
N ASN E 289 11.20 25.68 -129.35
CA ASN E 289 12.04 25.68 -130.56
C ASN E 289 13.35 24.87 -130.34
N ALA E 290 13.94 24.47 -131.46
CA ALA E 290 15.24 23.79 -131.51
C ALA E 290 16.32 24.39 -130.60
N LEU E 291 16.44 25.72 -130.65
CA LEU E 291 17.42 26.47 -129.87
C LEU E 291 17.05 26.66 -128.42
N ASN E 292 15.80 26.30 -128.06
CA ASN E 292 15.36 26.47 -126.65
C ASN E 292 15.55 27.93 -126.23
N SER E 293 14.97 28.83 -127.00
CA SER E 293 15.09 30.25 -126.72
C SER E 293 13.68 30.80 -126.94
N GLU E 294 12.80 29.93 -127.41
CA GLU E 294 11.44 30.33 -127.59
C GLU E 294 10.43 29.17 -127.48
N ILE E 295 9.26 29.50 -126.91
CA ILE E 295 8.08 28.64 -126.97
C ILE E 295 7.25 28.95 -128.20
N GLU E 296 6.89 27.93 -128.94
CA GLU E 296 6.20 28.07 -130.21
C GLU E 296 4.67 27.82 -130.16
N SER E 297 4.21 26.97 -129.25
CA SER E 297 2.79 26.87 -129.05
C SER E 297 2.45 26.26 -127.70
N LEU E 298 1.15 26.30 -127.40
CA LEU E 298 0.61 25.65 -126.22
C LEU E 298 -0.25 24.44 -126.64
N HIS E 299 0.11 23.25 -126.19
CA HIS E 299 -0.70 22.10 -126.49
C HIS E 299 -1.75 21.85 -125.42
N ILE E 300 -3.02 21.90 -125.83
CA ILE E 300 -4.11 21.75 -124.89
C ILE E 300 -5.00 20.57 -125.22
N HIS E 301 -5.83 20.20 -124.25
CA HIS E 301 -6.76 19.12 -124.37
C HIS E 301 -8.10 19.70 -123.86
N ASP E 302 -9.07 19.77 -124.75
CA ASP E 302 -10.38 20.27 -124.38
C ASP E 302 -11.22 19.12 -123.77
N LEU E 303 -11.42 19.19 -122.46
CA LEU E 303 -12.04 18.12 -121.73
C LEU E 303 -13.45 17.86 -122.13
N ILE E 304 -14.18 18.85 -122.62
CA ILE E 304 -15.54 18.55 -122.98
C ILE E 304 -15.71 17.86 -124.36
N SER E 305 -15.14 18.40 -125.43
CA SER E 305 -15.20 17.70 -126.74
C SER E 305 -14.32 16.47 -126.78
N GLY E 306 -13.22 16.48 -126.01
CA GLY E 306 -12.20 15.45 -126.09
C GLY E 306 -11.04 15.88 -126.96
N ASP E 307 -11.15 17.03 -127.61
CA ASP E 307 -10.22 17.43 -128.67
C ASP E 307 -8.91 18.10 -128.24
N ARG E 308 -7.83 17.80 -128.94
CA ARG E 308 -6.53 18.39 -128.66
C ARG E 308 -6.22 19.48 -129.69
N PHE E 309 -5.48 20.51 -129.30
CA PHE E 309 -5.23 21.68 -130.15
C PHE E 309 -3.88 22.23 -129.80
N GLU E 310 -3.19 22.77 -130.77
CA GLU E 310 -2.01 23.53 -130.46
C GLU E 310 -2.45 25.00 -130.54
N ILE E 311 -2.07 25.78 -129.54
CA ILE E 311 -2.54 27.17 -129.38
C ILE E 311 -1.34 28.11 -129.38
N LYS E 312 -1.37 29.15 -130.20
CA LYS E 312 -0.19 29.99 -130.34
C LYS E 312 -0.45 31.40 -129.81
N ALA E 313 0.59 31.97 -129.19
CA ALA E 313 0.53 33.36 -128.71
C ALA E 313 1.93 33.91 -128.83
N ASP E 314 2.10 35.20 -128.60
CA ASP E 314 3.43 35.78 -128.55
C ASP E 314 4.05 35.46 -127.17
N VAL E 315 3.20 35.44 -126.16
CA VAL E 315 3.64 35.29 -124.77
C VAL E 315 2.88 34.19 -124.04
N TYR E 316 3.62 33.32 -123.32
CA TYR E 316 3.05 32.17 -122.66
C TYR E 316 3.28 32.34 -121.17
N VAL E 317 2.18 32.44 -120.44
CA VAL E 317 2.34 32.58 -119.03
C VAL E 317 1.81 31.36 -118.36
N LEU E 318 2.62 30.78 -117.50
CA LEU E 318 2.21 29.61 -116.73
C LEU E 318 1.90 29.88 -115.26
N THR E 319 0.60 29.81 -114.94
CA THR E 319 0.13 30.05 -113.58
C THR E 319 -0.75 28.90 -113.11
N ALA E 320 -0.22 27.69 -113.26
CA ALA E 320 -0.98 26.50 -112.93
C ALA E 320 -0.81 26.04 -111.48
N GLY E 321 -0.11 26.84 -110.66
CA GLY E 321 0.13 26.47 -109.24
C GLY E 321 1.48 25.80 -109.13
N ALA E 322 2.03 25.70 -107.93
CA ALA E 322 3.41 25.39 -107.82
C ALA E 322 3.69 23.99 -108.32
N VAL E 323 2.71 23.11 -108.13
CA VAL E 323 2.84 21.71 -108.45
C VAL E 323 2.65 21.51 -109.92
N HIS E 324 1.55 22.06 -110.44
CA HIS E 324 1.19 21.80 -111.82
C HIS E 324 1.99 22.63 -112.82
N ASN E 325 2.45 23.81 -112.43
CA ASN E 325 3.47 24.50 -113.21
C ASN E 325 4.59 23.54 -113.46
N THR E 326 5.06 22.91 -112.41
CA THR E 326 6.23 22.06 -112.54
C THR E 326 5.97 20.82 -113.42
N GLN E 327 4.87 20.12 -113.15
CA GLN E 327 4.34 19.08 -114.01
C GLN E 327 4.29 19.46 -115.51
N LEU E 328 3.76 20.62 -115.85
CA LEU E 328 3.56 20.95 -117.26
C LEU E 328 4.90 21.23 -117.94
N LEU E 329 5.75 21.99 -117.27
CA LEU E 329 7.09 22.22 -117.74
C LEU E 329 7.84 20.89 -117.95
N VAL E 330 7.71 19.97 -116.99
CA VAL E 330 8.41 18.71 -117.15
C VAL E 330 7.80 17.97 -118.31
N ASN E 331 6.50 18.14 -118.50
CA ASN E 331 5.83 17.49 -119.63
C ASN E 331 6.42 17.98 -120.93
N SER E 332 7.15 19.11 -120.87
CA SER E 332 7.47 19.89 -122.03
C SER E 332 8.94 19.74 -122.28
N GLY E 333 9.60 18.90 -121.48
CA GLY E 333 11.03 18.59 -121.65
C GLY E 333 11.98 19.48 -120.82
N PHE E 334 11.44 20.37 -119.99
CA PHE E 334 12.30 21.03 -119.04
C PHE E 334 12.60 20.05 -117.89
N GLY E 335 13.74 20.22 -117.24
CA GLY E 335 14.11 19.36 -116.11
C GLY E 335 14.39 17.93 -116.53
N GLN E 336 14.10 17.03 -115.62
CA GLN E 336 14.26 15.60 -115.83
C GLN E 336 12.97 14.91 -115.47
N LEU E 337 12.40 14.17 -116.40
CA LEU E 337 11.31 13.28 -116.13
C LEU E 337 11.81 12.05 -115.35
N GLY E 338 10.98 11.53 -114.48
CA GLY E 338 11.31 10.30 -113.75
C GLY E 338 12.12 10.50 -112.49
N ARG E 339 12.36 9.39 -111.81
CA ARG E 339 13.12 9.40 -110.59
C ARG E 339 14.43 10.16 -110.85
N PRO E 340 14.77 11.09 -109.98
CA PRO E 340 15.95 11.86 -110.24
C PRO E 340 17.14 10.97 -110.47
N ASN E 341 18.01 11.42 -111.36
CA ASN E 341 19.26 10.73 -111.62
C ASN E 341 20.36 11.70 -112.06
N PRO E 342 21.34 11.94 -111.17
CA PRO E 342 22.39 12.93 -111.46
C PRO E 342 23.34 12.41 -112.55
N ALA E 343 23.80 11.16 -112.42
CA ALA E 343 24.55 10.54 -113.51
C ALA E 343 24.05 11.08 -114.84
N ASN E 344 22.79 11.47 -114.92
CA ASN E 344 22.18 11.83 -116.21
C ASN E 344 21.43 13.16 -116.25
N PRO E 345 22.15 14.28 -116.08
CA PRO E 345 21.56 15.56 -115.66
C PRO E 345 20.81 16.18 -116.80
N PRO E 346 19.81 17.04 -116.55
CA PRO E 346 18.96 17.49 -117.63
C PRO E 346 19.61 18.55 -118.48
N GLU E 347 18.93 18.93 -119.55
CA GLU E 347 19.48 19.85 -120.49
C GLU E 347 18.93 21.22 -120.12
N LEU E 348 17.68 21.30 -119.73
CA LEU E 348 17.11 22.56 -119.36
C LEU E 348 16.70 22.60 -117.87
N LEU E 349 16.87 23.75 -117.27
CA LEU E 349 16.43 23.96 -115.92
C LEU E 349 16.77 22.84 -114.96
N PRO E 350 18.06 22.53 -114.75
CA PRO E 350 18.36 21.40 -113.85
C PRO E 350 17.92 21.63 -112.40
N SER E 351 17.51 22.86 -112.09
CA SER E 351 17.04 23.20 -110.75
C SER E 351 15.51 23.06 -110.62
N LEU E 352 14.82 22.90 -111.75
CA LEU E 352 13.40 22.54 -111.75
C LEU E 352 13.05 21.36 -110.80
N GLY E 353 12.16 21.65 -109.86
CA GLY E 353 11.64 20.67 -108.92
C GLY E 353 12.59 20.31 -107.82
N SER E 354 13.67 21.08 -107.62
CA SER E 354 14.54 20.88 -106.43
C SER E 354 14.49 22.16 -105.57
N TYR E 355 15.06 22.06 -104.34
CA TYR E 355 14.98 23.17 -103.39
C TYR E 355 13.53 23.51 -103.03
N ILE E 356 12.63 22.54 -103.08
CA ILE E 356 11.25 22.81 -102.73
C ILE E 356 11.09 23.06 -101.23
N THR E 357 10.13 23.94 -100.95
CA THR E 357 9.83 24.27 -99.56
C THR E 357 8.36 24.21 -99.30
N GLU E 358 8.13 23.71 -98.08
CA GLU E 358 6.83 23.68 -97.44
C GLU E 358 7.06 24.00 -95.99
N GLN E 359 6.13 24.76 -95.43
CA GLN E 359 6.24 25.20 -94.02
C GLN E 359 5.85 24.13 -93.06
N SER E 360 6.54 24.10 -91.91
CA SER E 360 6.02 23.35 -90.74
C SER E 360 4.80 24.09 -90.17
N LEU E 361 3.77 23.34 -89.80
CA LEU E 361 2.62 23.94 -89.25
C LEU E 361 2.23 23.30 -87.93
N VAL E 362 2.03 24.13 -86.90
CA VAL E 362 1.54 23.65 -85.61
C VAL E 362 0.26 24.36 -85.30
N PHE E 363 -0.64 23.66 -84.63
CA PHE E 363 -1.99 24.13 -84.49
C PHE E 363 -2.48 23.69 -83.17
N CYS E 364 -3.31 24.52 -82.56
CA CYS E 364 -4.12 24.05 -81.44
C CYS E 364 -5.27 25.02 -81.32
N GLN E 365 -6.23 24.70 -80.45
CA GLN E 365 -7.26 25.67 -80.10
C GLN E 365 -7.28 25.86 -78.62
N THR E 366 -7.86 26.99 -78.19
CA THR E 366 -7.98 27.34 -76.76
C THR E 366 -9.41 27.67 -76.32
N VAL E 367 -9.67 27.47 -75.05
CA VAL E 367 -10.96 27.92 -74.45
C VAL E 367 -10.62 29.15 -73.60
N MET E 368 -11.29 30.29 -73.83
CA MET E 368 -10.87 31.53 -73.18
C MET E 368 -10.77 31.46 -71.67
N SER E 369 -9.73 32.04 -71.06
CA SER E 369 -9.64 31.99 -69.58
C SER E 369 -10.81 32.65 -68.89
N THR E 370 -11.14 32.11 -67.73
CA THR E 370 -12.14 32.73 -66.89
C THR E 370 -11.77 34.22 -66.70
N GLU E 371 -10.51 34.50 -66.39
CA GLU E 371 -10.11 35.87 -66.13
C GLU E 371 -10.48 36.76 -67.30
N LEU E 372 -10.15 36.33 -68.50
CA LEU E 372 -10.40 37.19 -69.67
C LEU E 372 -11.88 37.37 -69.93
N ILE E 373 -12.64 36.30 -69.73
CA ILE E 373 -14.09 36.32 -69.97
C ILE E 373 -14.76 37.29 -69.02
N ASP E 374 -14.39 37.23 -67.76
CA ASP E 374 -14.95 38.17 -66.81
C ASP E 374 -14.58 39.57 -67.13
N SER E 375 -13.38 39.72 -67.71
CA SER E 375 -12.87 41.08 -68.02
C SER E 375 -13.73 41.74 -69.09
N VAL E 376 -14.54 40.96 -69.76
CA VAL E 376 -15.33 41.51 -70.84
C VAL E 376 -16.42 42.42 -70.28
N LYS E 377 -16.76 42.17 -69.03
CA LYS E 377 -17.88 42.82 -68.38
C LYS E 377 -17.44 43.59 -67.13
N SER E 378 -16.15 43.88 -67.03
CA SER E 378 -15.59 44.70 -65.96
C SER E 378 -16.17 46.14 -65.77
N ASP E 379 -16.68 46.79 -66.80
CA ASP E 379 -17.18 48.16 -66.62
C ASP E 379 -18.67 48.26 -66.26
N MET E 380 -19.33 47.11 -66.23
CA MET E 380 -20.75 47.02 -65.95
C MET E 380 -21.04 47.03 -64.47
N THR E 381 -22.22 47.53 -64.12
CA THR E 381 -22.81 47.32 -62.81
C THR E 381 -24.04 46.49 -63.03
N ILE E 382 -24.18 45.46 -62.22
CA ILE E 382 -25.34 44.59 -62.27
C ILE E 382 -26.16 44.85 -61.02
N ARG E 383 -27.44 45.06 -61.26
CA ARG E 383 -28.46 45.05 -60.25
C ARG E 383 -29.37 43.89 -60.62
N GLY E 384 -29.96 43.24 -59.61
CA GLY E 384 -30.96 42.19 -59.85
C GLY E 384 -30.34 40.85 -60.20
N THR E 385 -31.19 39.94 -60.66
CA THR E 385 -30.73 38.64 -61.09
C THR E 385 -31.40 38.38 -62.44
N PRO E 386 -30.67 37.70 -63.32
CA PRO E 386 -31.14 37.48 -64.66
C PRO E 386 -32.59 37.08 -64.67
N GLY E 387 -33.37 37.67 -65.57
CA GLY E 387 -34.74 37.22 -65.82
C GLY E 387 -35.84 38.04 -65.12
N GLU E 388 -35.58 38.41 -63.87
CA GLU E 388 -36.62 39.10 -63.11
C GLU E 388 -36.77 40.59 -63.55
N LEU E 389 -37.75 41.25 -62.94
CA LEU E 389 -38.17 42.59 -63.36
C LEU E 389 -37.03 43.60 -63.42
N THR E 390 -36.23 43.62 -62.37
CA THR E 390 -35.33 44.74 -62.18
C THR E 390 -33.92 44.46 -62.66
N TYR E 391 -33.67 43.29 -63.24
CA TYR E 391 -32.33 43.00 -63.78
C TYR E 391 -31.85 44.20 -64.60
N SER E 392 -30.86 44.91 -64.05
CA SER E 392 -30.20 45.99 -64.78
C SER E 392 -28.68 45.77 -64.97
N VAL E 393 -28.25 45.91 -66.21
CA VAL E 393 -26.83 46.07 -66.49
C VAL E 393 -26.61 47.49 -67.01
N THR E 394 -25.63 48.18 -66.45
CA THR E 394 -25.28 49.53 -66.96
C THR E 394 -23.79 49.81 -66.89
N TYR E 395 -23.37 50.77 -67.72
CA TYR E 395 -22.05 51.40 -67.63
C TYR E 395 -22.22 52.94 -67.79
N THR E 396 -21.29 53.66 -67.20
CA THR E 396 -21.10 55.09 -67.38
C THR E 396 -20.16 55.31 -68.59
N PRO E 397 -20.74 55.76 -69.73
CA PRO E 397 -19.97 56.03 -70.97
C PRO E 397 -19.01 57.19 -70.79
N GLY E 398 -17.73 56.97 -71.06
CA GLY E 398 -16.72 58.00 -70.77
C GLY E 398 -16.05 57.82 -69.40
N ALA E 399 -16.63 57.07 -68.48
CA ALA E 399 -15.93 56.90 -67.20
C ALA E 399 -14.45 56.59 -67.45
N SER E 400 -13.58 57.41 -66.86
CA SER E 400 -12.13 57.23 -66.94
C SER E 400 -11.66 55.89 -66.36
N THR E 401 -12.37 55.36 -65.39
CA THR E 401 -11.91 54.13 -64.78
C THR E 401 -12.46 52.83 -65.48
N ASN E 402 -13.21 53.04 -66.55
CA ASN E 402 -13.65 52.01 -67.50
C ASN E 402 -12.43 51.37 -68.17
N LYS E 403 -12.41 50.07 -68.40
CA LYS E 403 -11.29 49.51 -69.12
C LYS E 403 -11.55 49.29 -70.62
N HIS E 404 -12.80 49.47 -71.03
CA HIS E 404 -13.08 49.41 -72.45
C HIS E 404 -13.84 50.66 -72.97
N PRO E 405 -13.88 50.78 -74.29
CA PRO E 405 -14.49 51.83 -75.08
C PRO E 405 -16.03 51.71 -75.13
N ASP E 406 -16.71 52.84 -75.25
CA ASP E 406 -18.14 52.86 -75.16
C ASP E 406 -18.76 51.85 -76.09
N TRP E 407 -18.10 51.55 -77.19
CA TRP E 407 -18.77 50.77 -78.21
C TRP E 407 -18.77 49.32 -77.78
N TRP E 408 -17.74 48.97 -77.02
CA TRP E 408 -17.56 47.65 -76.49
C TRP E 408 -18.64 47.45 -75.42
N ASN E 409 -18.80 48.44 -74.56
CA ASN E 409 -19.70 48.28 -73.42
C ASN E 409 -21.14 48.29 -73.91
N GLU E 410 -21.45 49.17 -74.86
CA GLU E 410 -22.79 49.19 -75.45
C GLU E 410 -23.17 47.79 -75.96
N LYS E 411 -22.30 47.15 -76.75
CA LYS E 411 -22.60 45.82 -77.33
C LYS E 411 -22.71 44.80 -76.20
N VAL E 412 -21.87 44.94 -75.18
CA VAL E 412 -21.93 44.00 -74.07
C VAL E 412 -23.25 44.14 -73.31
N LYS E 413 -23.53 45.35 -72.85
CA LYS E 413 -24.77 45.71 -72.16
C LYS E 413 -25.99 45.21 -72.92
N ASN E 414 -25.99 45.28 -74.24
CA ASN E 414 -27.16 44.88 -74.99
C ASN E 414 -27.28 43.35 -75.07
N HIS E 415 -26.16 42.66 -75.19
CA HIS E 415 -26.24 41.23 -75.19
C HIS E 415 -26.80 40.69 -73.83
N MET E 416 -26.25 41.22 -72.73
CA MET E 416 -26.64 40.83 -71.40
C MET E 416 -28.06 41.23 -71.04
N MET E 417 -28.56 42.31 -71.61
CA MET E 417 -29.95 42.71 -71.33
C MET E 417 -30.90 41.90 -72.21
N GLN E 418 -30.53 41.69 -73.48
CA GLN E 418 -31.36 40.99 -74.45
C GLN E 418 -31.38 39.49 -74.20
N HIS E 419 -30.33 38.96 -73.57
CA HIS E 419 -30.26 37.50 -73.41
C HIS E 419 -29.86 37.14 -72.00
N GLN E 420 -30.78 37.29 -71.05
CA GLN E 420 -30.45 37.14 -69.68
C GLN E 420 -30.44 35.64 -69.32
N GLU E 421 -30.64 34.79 -70.32
CA GLU E 421 -30.49 33.36 -70.15
C GLU E 421 -29.05 32.93 -70.40
N ASP E 422 -28.26 33.80 -71.04
CA ASP E 422 -26.94 33.40 -71.51
C ASP E 422 -25.80 33.74 -70.55
N PRO E 423 -24.89 32.79 -70.34
CA PRO E 423 -23.95 33.01 -69.23
C PRO E 423 -22.70 33.83 -69.62
N LEU E 424 -22.58 34.18 -70.89
CA LEU E 424 -21.40 34.79 -71.46
C LEU E 424 -21.79 36.19 -71.87
N PRO E 425 -20.82 37.08 -71.81
CA PRO E 425 -20.94 38.49 -72.04
C PRO E 425 -20.55 38.92 -73.44
N ILE E 426 -20.01 37.97 -74.21
CA ILE E 426 -19.70 38.19 -75.58
C ILE E 426 -20.96 38.12 -76.40
N PRO E 427 -21.22 39.11 -77.26
CA PRO E 427 -22.40 38.98 -78.16
C PRO E 427 -22.40 37.78 -79.16
N PHE E 428 -23.58 37.26 -79.42
CA PHE E 428 -23.69 36.11 -80.32
C PHE E 428 -23.15 36.38 -81.68
N GLU E 429 -23.27 37.62 -82.16
CA GLU E 429 -22.91 37.95 -83.55
C GLU E 429 -21.59 38.73 -83.66
N ASP E 430 -20.75 38.64 -82.62
CA ASP E 430 -19.42 39.22 -82.57
C ASP E 430 -18.47 38.53 -83.52
N PRO E 431 -17.78 39.29 -84.39
CA PRO E 431 -16.89 38.67 -85.34
C PRO E 431 -15.65 38.04 -84.71
N GLU E 432 -14.98 37.21 -85.49
CA GLU E 432 -13.83 36.42 -85.06
C GLU E 432 -12.64 37.28 -84.70
N PRO E 433 -11.81 36.83 -83.75
CA PRO E 433 -10.44 37.33 -83.63
C PRO E 433 -9.66 37.04 -84.89
N GLN E 434 -8.74 37.96 -85.19
CA GLN E 434 -7.85 37.91 -86.33
C GLN E 434 -6.57 38.59 -85.95
N VAL E 435 -5.83 37.92 -85.10
CA VAL E 435 -4.63 38.47 -84.49
C VAL E 435 -3.34 37.77 -84.96
N THR E 436 -2.27 38.54 -85.04
CA THR E 436 -1.01 38.03 -85.46
C THR E 436 0.08 38.86 -84.78
N THR E 437 1.18 38.21 -84.42
CA THR E 437 2.43 38.89 -84.30
C THR E 437 3.29 38.39 -85.45
N LEU E 438 3.80 39.29 -86.30
CA LEU E 438 4.46 38.84 -87.52
C LEU E 438 5.87 38.30 -87.31
N PHE E 439 6.38 37.58 -88.30
CA PHE E 439 7.72 37.00 -88.23
C PHE E 439 8.78 38.08 -87.92
N GLN E 440 9.65 37.78 -86.97
CA GLN E 440 10.74 38.65 -86.59
C GLN E 440 11.83 37.67 -86.32
N PRO E 441 13.09 38.09 -86.41
CA PRO E 441 14.26 37.23 -86.14
C PRO E 441 14.27 36.48 -84.81
N SER E 442 13.75 37.09 -83.76
CA SER E 442 13.67 36.41 -82.47
C SER E 442 12.47 35.44 -82.37
N HIS E 443 11.52 35.58 -83.30
CA HIS E 443 10.41 34.61 -83.42
C HIS E 443 10.08 34.41 -84.91
N PRO E 444 10.95 33.66 -85.56
CA PRO E 444 10.96 33.44 -86.98
C PRO E 444 9.87 32.48 -87.38
N TRP E 445 8.62 32.89 -87.19
CA TRP E 445 7.48 32.10 -87.66
C TRP E 445 6.28 33.03 -87.86
N HIS E 446 5.39 32.71 -88.80
CA HIS E 446 4.17 33.50 -88.90
C HIS E 446 3.18 32.99 -87.87
N THR E 447 2.36 33.88 -87.31
CA THR E 447 1.32 33.50 -86.36
C THR E 447 -0.06 33.94 -86.84
N GLN E 448 -1.07 33.12 -86.55
CA GLN E 448 -2.49 33.46 -86.68
C GLN E 448 -3.25 32.89 -85.44
N ILE E 449 -3.94 33.79 -84.78
CA ILE E 449 -4.59 33.59 -83.52
C ILE E 449 -5.96 34.08 -83.80
N HIS E 450 -6.86 33.15 -84.12
CA HIS E 450 -8.00 33.51 -84.97
C HIS E 450 -9.10 32.42 -84.99
N ARG E 451 -10.02 32.52 -85.93
CA ARG E 451 -10.99 31.46 -86.18
C ARG E 451 -11.26 31.28 -87.67
N ASP E 452 -11.19 30.04 -88.07
CA ASP E 452 -11.32 29.63 -89.41
C ASP E 452 -12.42 28.60 -89.41
N ALA E 453 -13.15 28.44 -90.50
CA ALA E 453 -14.09 27.33 -90.49
C ALA E 453 -13.29 26.18 -89.88
N PHE E 454 -13.89 25.42 -88.95
CA PHE E 454 -13.29 24.21 -88.39
C PHE E 454 -14.38 23.17 -88.41
N SER E 455 -14.05 21.89 -88.61
CA SER E 455 -15.08 20.86 -88.33
C SER E 455 -14.90 20.24 -86.92
N TRP E 456 -15.88 20.49 -86.08
CA TRP E 456 -15.85 20.17 -84.67
C TRP E 456 -16.16 18.66 -84.39
N GLY E 457 -15.42 18.05 -83.46
CA GLY E 457 -15.87 16.79 -82.91
C GLY E 457 -17.15 17.13 -82.19
N ALA E 458 -18.01 16.15 -81.96
CA ALA E 458 -19.26 16.41 -81.21
C ALA E 458 -18.97 16.79 -79.76
N VAL E 459 -17.85 16.28 -79.26
CA VAL E 459 -17.38 16.58 -77.91
C VAL E 459 -16.87 18.00 -77.77
N GLN E 460 -16.21 18.49 -78.81
CA GLN E 460 -15.81 19.91 -78.88
C GLN E 460 -16.96 20.86 -79.16
N GLN E 461 -18.09 20.35 -79.65
CA GLN E 461 -19.30 21.14 -79.77
C GLN E 461 -19.97 21.39 -78.41
N SER E 462 -19.53 20.72 -77.36
CA SER E 462 -20.03 21.05 -76.03
C SER E 462 -19.47 22.39 -75.54
N ILE E 463 -18.33 22.78 -76.06
CA ILE E 463 -17.79 24.08 -75.67
C ILE E 463 -18.40 25.21 -76.52
N ASP E 464 -18.90 26.26 -75.85
CA ASP E 464 -19.49 27.44 -76.53
C ASP E 464 -18.48 27.92 -77.45
N SER E 465 -18.89 28.07 -78.69
CA SER E 465 -18.10 28.67 -79.75
C SER E 465 -17.36 29.99 -79.38
N ARG E 466 -18.02 30.89 -78.67
CA ARG E 466 -17.43 32.18 -78.46
C ARG E 466 -16.15 32.13 -77.58
N LEU E 467 -15.87 30.97 -76.97
CA LEU E 467 -14.78 30.79 -76.04
C LEU E 467 -13.53 30.34 -76.76
N ILE E 468 -13.70 29.85 -77.98
CA ILE E 468 -12.65 29.13 -78.68
C ILE E 468 -11.83 30.00 -79.62
N VAL E 469 -10.53 29.75 -79.65
CA VAL E 469 -9.62 30.48 -80.52
C VAL E 469 -8.65 29.46 -81.13
N ASP E 470 -8.46 29.59 -82.44
CA ASP E 470 -7.47 28.85 -83.22
C ASP E 470 -6.12 29.49 -83.15
N TRP E 471 -5.11 28.61 -82.98
CA TRP E 471 -3.74 28.98 -83.04
C TRP E 471 -3.03 28.26 -84.18
N ARG E 472 -2.39 29.04 -85.06
CA ARG E 472 -1.63 28.48 -86.16
C ARG E 472 -0.35 29.29 -86.27
N PHE E 473 0.79 28.60 -86.04
CA PHE E 473 2.12 29.14 -86.16
C PHE E 473 2.81 28.45 -87.37
N PHE E 474 3.28 29.24 -88.35
CA PHE E 474 3.85 28.69 -89.58
C PHE E 474 5.37 28.88 -89.62
N GLY E 475 6.12 27.78 -89.64
CA GLY E 475 7.57 27.84 -89.68
C GLY E 475 8.13 27.99 -91.10
N ARG E 476 9.38 28.45 -91.19
CA ARG E 476 9.97 28.62 -92.50
C ARG E 476 10.95 27.49 -92.77
N THR E 477 11.05 27.10 -94.03
CA THR E 477 11.89 25.96 -94.42
C THR E 477 13.07 26.29 -95.42
N GLU E 478 14.27 25.93 -94.95
CA GLU E 478 15.50 25.97 -95.74
C GLU E 478 15.35 25.22 -97.06
N PRO E 479 15.48 25.95 -98.18
CA PRO E 479 15.62 25.34 -99.51
C PRO E 479 16.83 24.41 -99.55
N LYS E 480 16.63 23.13 -99.80
CA LYS E 480 17.71 22.16 -99.95
C LYS E 480 17.52 21.45 -101.30
N GLU E 481 18.61 21.23 -102.00
CA GLU E 481 18.52 20.63 -103.27
C GLU E 481 17.91 19.24 -103.23
N GLU E 482 18.20 18.48 -102.16
CA GLU E 482 17.71 17.09 -102.05
C GLU E 482 16.18 17.00 -101.81
N ASN E 483 15.54 18.11 -101.44
CA ASN E 483 14.06 18.16 -101.35
C ASN E 483 13.41 18.37 -102.69
N LYS E 484 12.75 17.36 -103.25
CA LYS E 484 12.25 17.50 -104.60
C LYS E 484 10.80 17.11 -104.87
N LEU E 485 10.23 17.78 -105.85
CA LEU E 485 9.00 17.38 -106.54
C LEU E 485 9.42 16.93 -107.92
N TRP E 486 9.26 15.61 -108.18
CA TRP E 486 9.48 14.99 -109.51
C TRP E 486 8.25 14.24 -110.02
N PHE E 487 8.33 13.71 -111.25
CA PHE E 487 7.18 13.16 -111.91
C PHE E 487 7.56 11.86 -112.55
N SER E 488 6.70 10.86 -112.38
CA SER E 488 6.94 9.56 -112.98
C SER E 488 7.08 9.60 -114.48
N ASP E 489 7.92 8.75 -115.01
CA ASP E 489 7.85 8.41 -116.45
C ASP E 489 6.93 7.24 -116.74
N LYS E 490 6.21 6.75 -115.72
CA LYS E 490 5.31 5.59 -115.87
C LYS E 490 3.89 5.92 -115.35
N ILE E 491 3.78 6.16 -114.04
CA ILE E 491 2.51 6.46 -113.44
C ILE E 491 1.96 7.76 -114.04
N THR E 492 0.65 7.81 -114.22
CA THR E 492 0.00 9.01 -114.64
C THR E 492 -1.20 9.38 -113.79
N ASP E 493 -1.43 10.67 -113.59
CA ASP E 493 -2.49 11.18 -112.74
C ASP E 493 -3.79 11.20 -113.55
N ALA E 494 -4.86 11.73 -112.97
CA ALA E 494 -6.21 11.46 -113.48
C ALA E 494 -6.52 12.24 -114.78
N TYR E 495 -5.64 13.21 -115.11
CA TYR E 495 -5.67 13.91 -116.39
C TYR E 495 -4.58 13.37 -117.31
N ASN E 496 -4.19 12.16 -116.99
CA ASN E 496 -3.18 11.44 -117.74
C ASN E 496 -1.91 12.21 -117.97
N MET E 497 -1.46 12.94 -116.96
CA MET E 497 -0.15 13.57 -116.97
C MET E 497 0.85 12.88 -116.02
N PRO E 498 2.16 13.04 -116.24
CA PRO E 498 3.00 12.29 -115.30
C PRO E 498 2.68 12.62 -113.81
N GLN E 499 2.78 11.58 -112.98
CA GLN E 499 2.30 11.62 -111.59
C GLN E 499 3.28 12.31 -110.71
N PRO E 500 2.83 13.42 -110.07
CA PRO E 500 3.68 14.10 -109.14
C PRO E 500 4.14 13.17 -108.05
N THR E 501 5.39 13.28 -107.64
CA THR E 501 5.97 12.52 -106.54
C THR E 501 6.91 13.49 -105.76
N PHE E 502 6.80 13.53 -104.44
CA PHE E 502 7.68 14.25 -103.53
C PHE E 502 8.73 13.34 -102.92
N ASP E 503 9.88 13.95 -102.64
CA ASP E 503 10.93 13.38 -101.81
C ASP E 503 11.35 14.51 -100.94
N PHE E 504 10.76 14.55 -99.76
CA PHE E 504 10.85 15.70 -98.94
C PHE E 504 11.13 15.32 -97.51
N ARG E 505 11.97 16.14 -96.89
CA ARG E 505 12.09 16.14 -95.45
C ARG E 505 12.35 17.54 -94.95
N PHE E 506 11.78 17.85 -93.80
CA PHE E 506 12.16 19.06 -93.12
C PHE E 506 13.67 18.99 -92.80
N PRO E 507 14.44 19.90 -93.40
CA PRO E 507 15.88 19.89 -93.24
C PRO E 507 16.28 19.87 -91.76
N ALA E 508 17.31 19.12 -91.44
CA ALA E 508 17.93 19.24 -90.17
C ALA E 508 18.63 20.60 -90.09
N GLY E 509 19.11 20.90 -88.90
CA GLY E 509 19.66 22.19 -88.59
C GLY E 509 18.55 23.19 -88.26
N ARG E 510 18.64 24.36 -88.87
CA ARG E 510 17.84 25.43 -88.39
C ARG E 510 16.33 25.15 -88.52
N THR E 511 15.88 24.62 -89.66
CA THR E 511 14.43 24.42 -89.87
C THR E 511 13.82 23.60 -88.73
N SER E 512 14.50 22.53 -88.33
CA SER E 512 13.97 21.63 -87.30
C SER E 512 14.03 22.27 -85.90
N LYS E 513 15.14 22.93 -85.59
CA LYS E 513 15.24 23.60 -84.33
C LYS E 513 14.16 24.64 -84.26
N GLU E 514 13.90 25.37 -85.34
CA GLU E 514 12.90 26.46 -85.30
C GLU E 514 11.44 26.03 -85.19
N ALA E 515 11.10 24.91 -85.84
CA ALA E 515 9.80 24.26 -85.73
C ALA E 515 9.54 23.71 -84.32
N GLU E 516 10.52 23.08 -83.68
CA GLU E 516 10.29 22.69 -82.33
C GLU E 516 10.12 23.88 -81.42
N ASP E 517 10.97 24.89 -81.57
CA ASP E 517 10.90 26.11 -80.74
C ASP E 517 9.55 26.81 -81.00
N MET E 518 9.10 26.84 -82.26
CA MET E 518 7.84 27.41 -82.65
C MET E 518 6.64 26.76 -81.92
N MET E 519 6.67 25.44 -81.89
CA MET E 519 5.69 24.66 -81.18
C MET E 519 5.64 25.09 -79.69
N THR E 520 6.82 25.24 -79.10
CA THR E 520 6.92 25.64 -77.69
C THR E 520 6.34 27.04 -77.58
N ASP E 521 6.66 27.88 -78.56
CA ASP E 521 6.21 29.24 -78.52
C ASP E 521 4.68 29.34 -78.48
N MET E 522 4.04 28.42 -79.19
CA MET E 522 2.62 28.39 -79.27
C MET E 522 2.11 27.90 -77.95
N CYS E 523 2.77 26.93 -77.37
CA CYS E 523 2.34 26.49 -76.07
C CYS E 523 2.41 27.59 -75.01
N VAL E 524 3.52 28.30 -74.96
CA VAL E 524 3.64 29.44 -74.04
C VAL E 524 2.72 30.63 -74.40
N MET E 525 2.62 31.04 -75.64
CA MET E 525 1.72 32.15 -75.95
C MET E 525 0.25 31.80 -75.70
N SER E 526 -0.20 30.62 -76.15
CA SER E 526 -1.60 30.29 -76.03
C SER E 526 -2.05 30.24 -74.58
N ALA E 527 -1.25 29.69 -73.68
CA ALA E 527 -1.57 29.68 -72.24
C ALA E 527 -1.98 31.07 -71.69
N LYS E 528 -1.48 32.16 -72.26
CA LYS E 528 -1.77 33.52 -71.76
C LYS E 528 -3.22 33.87 -72.15
N ILE E 529 -3.82 33.11 -73.05
CA ILE E 529 -5.22 33.36 -73.40
C ILE E 529 -6.18 32.33 -72.81
N GLY E 530 -5.68 31.11 -72.63
CA GLY E 530 -6.54 30.03 -72.32
C GLY E 530 -5.89 28.69 -72.43
N GLY E 531 -6.53 27.70 -71.85
CA GLY E 531 -6.02 26.36 -71.94
C GLY E 531 -6.39 25.66 -73.22
N PHE E 532 -5.66 24.59 -73.52
CA PHE E 532 -5.96 23.83 -74.75
C PHE E 532 -7.39 23.28 -74.72
N LEU E 533 -8.05 23.25 -75.87
CA LEU E 533 -9.36 22.60 -76.04
C LEU E 533 -9.12 21.13 -76.29
N PRO E 534 -9.64 20.19 -75.41
CA PRO E 534 -9.47 18.77 -75.69
C PRO E 534 -9.92 18.42 -77.11
N GLY E 535 -9.15 17.60 -77.80
CA GLY E 535 -9.42 17.26 -79.15
C GLY E 535 -8.70 18.14 -80.13
N SER E 536 -8.22 19.30 -79.70
CA SER E 536 -7.37 20.16 -80.54
C SER E 536 -6.14 20.58 -79.75
N LEU E 537 -5.41 19.61 -79.27
CA LEU E 537 -4.11 19.81 -78.62
C LEU E 537 -2.97 20.18 -79.63
N PRO E 538 -1.87 20.75 -79.12
CA PRO E 538 -0.76 21.21 -79.96
C PRO E 538 -0.18 20.08 -80.76
N GLN E 539 -0.07 20.31 -82.07
CA GLN E 539 0.34 19.26 -82.98
C GLN E 539 0.91 19.85 -84.23
N PHE E 540 1.84 19.12 -84.82
CA PHE E 540 2.27 19.50 -86.17
C PHE E 540 1.20 18.90 -87.06
N MET E 541 0.87 19.60 -88.14
CA MET E 541 -0.20 19.15 -89.03
C MET E 541 0.44 18.30 -90.09
N GLU E 542 -0.33 17.42 -90.74
CA GLU E 542 0.16 16.58 -91.84
C GLU E 542 1.05 17.46 -92.77
N PRO E 543 2.23 16.97 -93.19
CA PRO E 543 3.13 17.76 -94.07
C PRO E 543 2.49 18.16 -95.40
N GLY E 544 2.44 19.45 -95.73
CA GLY E 544 1.71 19.89 -96.94
C GLY E 544 0.28 20.37 -96.77
N LEU E 545 -0.31 20.08 -95.61
CA LEU E 545 -1.72 20.45 -95.38
C LEU E 545 -1.78 21.96 -95.39
N VAL E 546 -0.69 22.55 -94.93
CA VAL E 546 -0.60 23.99 -94.87
C VAL E 546 -0.80 24.63 -96.24
N LEU E 547 -0.51 23.88 -97.30
CA LEU E 547 -0.52 24.42 -98.71
C LEU E 547 0.20 25.73 -99.01
N HIS E 548 1.46 25.78 -98.60
CA HIS E 548 2.30 26.94 -98.86
C HIS E 548 3.59 26.55 -99.64
N LEU E 549 3.52 25.46 -100.38
CA LEU E 549 4.64 24.94 -101.18
C LEU E 549 5.25 26.01 -102.09
N GLY E 550 6.58 26.07 -102.12
CA GLY E 550 7.29 27.08 -102.88
C GLY E 550 8.57 26.48 -103.39
N GLY E 551 9.31 27.24 -104.19
CA GLY E 551 10.64 26.78 -104.69
C GLY E 551 10.62 25.68 -105.75
N THR E 552 9.47 25.19 -106.17
CA THR E 552 9.40 24.18 -107.25
C THR E 552 9.92 24.68 -108.61
N HIS E 553 9.79 25.98 -108.87
CA HIS E 553 10.33 26.62 -110.08
C HIS E 553 10.88 28.03 -109.77
N ARG E 554 11.99 28.04 -109.03
CA ARG E 554 12.37 29.19 -108.19
C ARG E 554 13.19 30.29 -108.85
N MET E 555 12.89 31.53 -108.46
CA MET E 555 13.53 32.74 -109.00
C MET E 555 14.95 32.96 -108.47
N GLY E 556 15.70 33.78 -109.18
CA GLY E 556 17.05 34.13 -108.77
C GLY E 556 17.66 34.98 -109.86
N PHE E 557 18.85 35.55 -109.61
CA PHE E 557 19.53 36.40 -110.59
C PHE E 557 20.28 35.59 -111.63
N ASP E 558 20.92 34.54 -111.18
CA ASP E 558 21.69 33.79 -112.09
C ASP E 558 21.35 32.33 -112.00
N GLU E 559 20.85 31.80 -113.12
CA GLU E 559 20.50 30.41 -113.24
C GLU E 559 21.40 29.44 -112.48
N LYS E 560 22.70 29.57 -112.57
CA LYS E 560 23.56 28.51 -112.11
C LYS E 560 24.00 28.75 -110.69
N GLU E 561 24.32 30.01 -110.38
CA GLU E 561 24.80 30.38 -109.06
C GLU E 561 23.72 30.35 -107.97
N ASP E 562 22.54 30.82 -108.33
CA ASP E 562 21.38 30.91 -107.42
C ASP E 562 20.47 29.68 -107.59
N ASN E 563 20.93 28.76 -108.46
CA ASN E 563 20.31 27.44 -108.59
C ASN E 563 18.83 27.64 -108.90
N CYS E 564 18.53 28.13 -110.09
CA CYS E 564 17.16 28.56 -110.35
C CYS E 564 16.68 28.55 -111.78
N CYS E 565 15.42 28.93 -111.94
CA CYS E 565 14.62 28.52 -113.08
C CYS E 565 14.05 29.69 -113.83
N VAL E 566 13.69 30.75 -113.10
CA VAL E 566 13.31 32.03 -113.68
C VAL E 566 14.09 33.11 -113.01
N ASN E 567 14.00 34.31 -113.56
CA ASN E 567 14.81 35.43 -113.11
C ASN E 567 13.84 36.39 -112.47
N THR E 568 14.30 37.54 -112.09
CA THR E 568 13.47 38.45 -111.29
C THR E 568 12.27 39.01 -112.09
N ASP E 569 12.26 38.72 -113.40
CA ASP E 569 11.15 39.12 -114.27
C ASP E 569 10.25 37.93 -114.48
N SER E 570 10.59 36.84 -113.79
CA SER E 570 9.84 35.60 -113.83
C SER E 570 9.98 34.88 -115.15
N ARG E 571 10.89 35.36 -115.98
CA ARG E 571 11.15 34.73 -117.29
C ARG E 571 12.01 33.50 -117.05
N VAL E 572 11.64 32.41 -117.72
CA VAL E 572 12.44 31.20 -117.71
C VAL E 572 13.73 31.52 -118.50
N PHE E 573 14.88 31.14 -117.92
CA PHE E 573 16.19 31.43 -118.46
C PHE E 573 16.29 30.76 -119.81
N GLY E 574 16.96 31.45 -120.74
CA GLY E 574 17.12 30.99 -122.15
C GLY E 574 15.94 31.37 -123.05
N PHE E 575 14.79 31.65 -122.43
CA PHE E 575 13.53 31.67 -123.16
C PHE E 575 12.95 33.06 -123.23
N LYS E 576 12.75 33.56 -124.45
CA LYS E 576 12.30 34.94 -124.65
C LYS E 576 10.91 35.18 -124.04
N ASN E 577 10.02 34.21 -124.14
CA ASN E 577 8.61 34.55 -124.07
C ASN E 577 7.79 33.61 -123.17
N LEU E 578 8.48 33.01 -122.20
CA LEU E 578 7.89 32.08 -121.22
C LEU E 578 8.12 32.59 -119.80
N PHE E 579 7.00 32.78 -119.08
CA PHE E 579 6.96 33.24 -117.69
C PHE E 579 6.14 32.31 -116.81
N LEU E 580 6.65 32.13 -115.59
CA LEU E 580 5.99 31.47 -114.50
C LEU E 580 5.58 32.44 -113.38
N GLY E 581 4.35 32.25 -112.87
CA GLY E 581 3.89 32.98 -111.70
C GLY E 581 3.40 31.98 -110.66
N GLY E 582 3.51 32.37 -109.40
CA GLY E 582 3.03 31.53 -108.31
C GLY E 582 4.13 31.32 -107.29
N CYS E 583 3.81 30.52 -106.26
CA CYS E 583 4.60 30.39 -105.07
C CYS E 583 5.82 29.55 -105.39
N GLY E 584 5.68 28.81 -106.45
CA GLY E 584 6.82 28.09 -107.00
C GLY E 584 8.03 29.00 -107.31
N ASN E 585 7.81 30.27 -107.62
CA ASN E 585 8.91 31.26 -107.80
C ASN E 585 9.72 31.66 -106.55
N ILE E 586 9.14 31.46 -105.38
CA ILE E 586 9.74 31.93 -104.17
C ILE E 586 10.82 30.95 -103.81
N PRO E 587 12.08 31.45 -103.74
CA PRO E 587 13.32 30.70 -103.56
C PRO E 587 13.73 30.68 -102.11
N THR E 588 13.14 31.56 -101.31
CA THR E 588 13.56 31.70 -99.91
C THR E 588 12.82 30.82 -98.88
N ALA E 589 13.29 30.86 -97.65
CA ALA E 589 12.60 30.19 -96.54
C ALA E 589 11.66 31.25 -95.95
N TYR E 590 10.37 31.03 -96.04
CA TYR E 590 9.44 32.06 -95.60
C TYR E 590 8.45 31.36 -94.68
N GLY E 591 8.02 32.09 -93.66
CA GLY E 591 7.05 31.53 -92.72
C GLY E 591 5.62 32.00 -92.93
N ALA E 592 5.51 33.17 -93.54
CA ALA E 592 4.26 33.86 -93.78
C ALA E 592 3.56 33.40 -95.05
N ASN E 593 2.30 33.80 -95.20
CA ASN E 593 1.43 33.30 -96.26
C ASN E 593 1.92 33.89 -97.57
N PRO E 594 2.19 33.03 -98.55
CA PRO E 594 3.01 33.41 -99.67
C PRO E 594 2.30 34.16 -100.79
N THR E 595 0.96 34.11 -100.83
CA THR E 595 0.28 34.56 -102.06
C THR E 595 0.51 36.02 -102.43
N LEU E 596 0.48 36.90 -101.46
CA LEU E 596 0.76 38.29 -101.75
C LEU E 596 2.16 38.47 -102.40
N THR E 597 3.17 37.84 -101.81
CA THR E 597 4.50 37.89 -102.34
C THR E 597 4.53 37.43 -103.77
N ALA E 598 3.92 36.28 -104.03
CA ALA E 598 3.82 35.72 -105.35
C ALA E 598 3.07 36.68 -106.28
N MET E 599 1.98 37.26 -105.80
CA MET E 599 1.28 38.26 -106.56
C MET E 599 2.22 39.43 -106.99
N SER E 600 3.03 39.90 -106.07
CA SER E 600 3.85 41.02 -106.34
C SER E 600 4.94 40.63 -107.38
N LEU E 601 5.40 39.39 -107.43
CA LEU E 601 6.41 39.07 -108.44
C LEU E 601 5.74 39.07 -109.81
N ALA E 602 4.49 38.68 -109.84
CA ALA E 602 3.73 38.64 -111.10
C ALA E 602 3.59 40.05 -111.66
N ILE E 603 3.22 41.00 -110.79
CA ILE E 603 3.19 42.41 -111.15
C ILE E 603 4.53 42.89 -111.82
N LYS E 604 5.65 42.63 -111.16
CA LYS E 604 6.95 42.87 -111.74
C LYS E 604 7.09 42.17 -113.08
N SER E 605 6.66 40.91 -113.17
CA SER E 605 6.81 40.12 -114.39
C SER E 605 6.05 40.81 -115.51
N CYS E 606 4.86 41.32 -115.23
CA CYS E 606 4.07 42.05 -116.22
C CYS E 606 4.64 43.44 -116.64
N GLU E 607 5.38 44.09 -115.75
CA GLU E 607 5.89 45.41 -116.13
C GLU E 607 6.83 45.16 -117.25
N TYR E 608 7.55 44.06 -117.16
CA TYR E 608 8.53 43.67 -118.13
C TYR E 608 7.88 43.25 -119.45
N ILE E 609 6.72 42.59 -119.33
CA ILE E 609 6.03 42.11 -120.53
C ILE E 609 5.52 43.30 -121.25
N LYS E 610 5.00 44.26 -120.51
CA LYS E 610 4.50 45.44 -121.18
C LYS E 610 5.59 46.15 -122.00
N GLN E 611 6.83 45.93 -121.61
CA GLN E 611 7.96 46.67 -122.13
C GLN E 611 8.69 45.90 -123.22
N ASN E 612 8.28 44.65 -123.50
CA ASN E 612 9.03 43.86 -124.51
C ASN E 612 8.17 43.18 -125.58
N PHE E 613 6.88 43.42 -125.53
CA PHE E 613 5.92 42.80 -126.42
C PHE E 613 4.88 43.85 -126.70
N THR E 614 4.29 43.82 -127.88
CA THR E 614 3.36 44.87 -128.29
C THR E 614 2.00 44.28 -128.51
N PRO E 615 0.93 44.98 -128.10
CA PRO E 615 -0.38 44.39 -128.37
C PRO E 615 -0.75 44.40 -129.83
N SER E 616 -1.33 43.30 -130.32
CA SER E 616 -1.87 43.28 -131.67
C SER E 616 -2.87 44.43 -131.85
N PRO E 617 -3.06 44.91 -133.09
CA PRO E 617 -4.05 45.99 -133.31
C PRO E 617 -5.46 45.51 -132.99
N PHE E 618 -6.30 46.39 -132.44
CA PHE E 618 -7.62 45.95 -131.95
C PHE E 618 -8.49 45.13 -132.94
N LYS F 46 -45.97 43.39 -109.59
CA LYS F 46 -47.15 42.47 -109.82
C LYS F 46 -46.95 41.34 -110.83
N TYR F 47 -47.07 40.12 -110.32
CA TYR F 47 -46.85 38.91 -111.09
C TYR F 47 -48.13 38.13 -111.22
N ASP F 48 -48.22 37.28 -112.24
CA ASP F 48 -49.35 36.36 -112.30
C ASP F 48 -49.14 35.27 -111.21
N VAL F 49 -47.94 34.71 -111.17
CA VAL F 49 -47.69 33.57 -110.34
C VAL F 49 -46.39 33.87 -109.67
N VAL F 50 -46.33 33.66 -108.34
CA VAL F 50 -45.07 33.65 -107.60
C VAL F 50 -44.86 32.27 -106.97
N ILE F 51 -43.61 31.82 -107.02
CA ILE F 51 -43.24 30.49 -106.58
C ILE F 51 -42.20 30.73 -105.51
N VAL F 52 -42.46 30.19 -104.33
CA VAL F 52 -41.41 30.17 -103.32
C VAL F 52 -40.57 28.85 -103.33
N GLY F 53 -39.29 29.01 -103.64
CA GLY F 53 -38.33 27.87 -103.78
C GLY F 53 -37.98 27.53 -105.22
N SER F 54 -36.73 27.25 -105.46
CA SER F 54 -36.30 26.90 -106.78
C SER F 54 -35.69 25.46 -106.86
N GLY F 55 -36.17 24.59 -106.00
CA GLY F 55 -35.89 23.17 -106.15
C GLY F 55 -36.53 22.60 -107.39
N PRO F 56 -36.58 21.27 -107.53
CA PRO F 56 -37.14 20.68 -108.71
C PRO F 56 -38.65 20.84 -108.79
N ILE F 57 -39.32 21.10 -107.65
CA ILE F 57 -40.79 21.20 -107.67
C ILE F 57 -41.30 22.60 -108.05
N GLY F 58 -40.67 23.63 -107.48
CA GLY F 58 -40.86 25.00 -107.92
C GLY F 58 -40.52 25.12 -109.41
N CYS F 59 -39.49 24.42 -109.84
CA CYS F 59 -39.11 24.45 -111.26
C CYS F 59 -40.10 23.70 -112.15
N THR F 60 -40.81 22.72 -111.56
CA THR F 60 -41.92 22.08 -112.24
C THR F 60 -43.02 23.15 -112.51
N TYR F 61 -43.45 23.83 -111.45
CA TYR F 61 -44.45 24.89 -111.60
C TYR F 61 -43.96 25.96 -112.60
N ALA F 62 -42.68 26.33 -112.58
CA ALA F 62 -42.18 27.31 -113.55
C ALA F 62 -42.26 26.78 -114.98
N ARG F 63 -41.63 25.64 -115.26
CA ARG F 63 -41.76 25.03 -116.58
C ARG F 63 -43.21 24.97 -117.06
N GLU F 64 -44.10 24.40 -116.25
CA GLU F 64 -45.51 24.28 -116.61
C GLU F 64 -46.14 25.66 -116.89
N LEU F 65 -45.81 26.64 -116.08
CA LEU F 65 -46.53 27.90 -116.06
C LEU F 65 -45.88 29.02 -116.86
N VAL F 66 -44.55 29.16 -116.74
CA VAL F 66 -43.82 30.02 -117.68
C VAL F 66 -44.15 29.61 -119.11
N GLY F 67 -44.34 28.30 -119.34
CA GLY F 67 -44.53 27.78 -120.72
C GLY F 67 -45.92 27.97 -121.30
N ALA F 68 -46.89 28.19 -120.43
CA ALA F 68 -48.27 28.51 -120.82
C ALA F 68 -48.51 30.00 -120.84
N GLY F 69 -47.46 30.76 -120.57
CA GLY F 69 -47.47 32.20 -120.85
C GLY F 69 -47.74 33.08 -119.66
N TYR F 70 -47.57 32.52 -118.47
CA TYR F 70 -47.83 33.24 -117.25
C TYR F 70 -46.61 34.06 -116.87
N LYS F 71 -46.85 35.18 -116.19
CA LYS F 71 -45.76 35.99 -115.73
C LYS F 71 -45.42 35.50 -114.34
N VAL F 72 -44.24 34.90 -114.22
CA VAL F 72 -43.91 34.18 -113.03
C VAL F 72 -42.78 34.83 -112.26
N ALA F 73 -42.94 35.03 -110.95
CA ALA F 73 -41.80 35.39 -110.07
C ALA F 73 -41.36 34.18 -109.28
N MET F 74 -40.05 33.95 -109.17
CA MET F 74 -39.55 32.94 -108.28
C MET F 74 -38.46 33.42 -107.35
N PHE F 75 -38.64 33.08 -106.07
CA PHE F 75 -37.70 33.47 -105.02
C PHE F 75 -37.00 32.27 -104.39
N ASP F 76 -35.71 32.38 -104.13
CA ASP F 76 -35.02 31.45 -103.24
C ASP F 76 -34.22 32.14 -102.18
N ILE F 77 -34.37 31.69 -100.96
CA ILE F 77 -33.52 32.15 -99.84
C ILE F 77 -31.99 31.99 -100.09
N GLY F 78 -31.59 31.04 -100.96
CA GLY F 78 -30.18 30.79 -101.29
C GLY F 78 -29.74 31.44 -102.59
N GLU F 79 -28.54 31.12 -103.08
CA GLU F 79 -28.01 31.87 -104.21
C GLU F 79 -27.45 30.95 -105.29
N ILE F 80 -26.94 31.57 -106.37
CA ILE F 80 -26.47 30.79 -107.52
C ILE F 80 -25.01 30.50 -107.27
N ASP F 81 -24.62 29.24 -107.39
CA ASP F 81 -23.20 28.85 -107.10
C ASP F 81 -22.65 27.57 -107.81
N SER F 82 -23.51 26.75 -108.46
CA SER F 82 -23.09 25.63 -109.37
C SER F 82 -22.82 25.94 -110.89
N GLY F 83 -22.15 27.04 -111.23
CA GLY F 83 -21.73 27.26 -112.61
C GLY F 83 -22.73 28.06 -113.44
N LEU F 84 -22.52 28.16 -114.74
CA LEU F 84 -23.38 29.01 -115.59
C LEU F 84 -24.75 28.44 -115.88
N LYS F 85 -24.91 27.14 -115.70
CA LYS F 85 -26.22 26.48 -115.72
C LYS F 85 -26.83 26.54 -114.35
N ILE F 86 -27.89 27.31 -114.24
CA ILE F 86 -28.43 27.67 -112.97
C ILE F 86 -29.28 26.55 -112.46
N GLY F 87 -29.03 26.22 -111.19
CA GLY F 87 -29.71 25.13 -110.51
C GLY F 87 -29.24 23.73 -110.89
N ALA F 88 -28.04 23.61 -111.46
CA ALA F 88 -27.64 22.35 -111.99
C ALA F 88 -26.95 21.52 -110.94
N HIS F 89 -26.73 20.24 -111.30
CA HIS F 89 -26.06 19.28 -110.48
C HIS F 89 -24.58 19.53 -110.36
N LYS F 90 -24.14 19.63 -109.12
CA LYS F 90 -22.76 19.96 -108.87
C LYS F 90 -21.82 18.80 -109.07
N LYS F 91 -22.37 17.62 -109.30
CA LYS F 91 -21.61 16.40 -109.59
C LYS F 91 -21.19 16.36 -111.08
N ASN F 92 -21.78 17.25 -111.89
CA ASN F 92 -21.52 17.28 -113.35
C ASN F 92 -20.28 18.09 -113.76
N THR F 93 -19.20 18.04 -113.00
CA THR F 93 -17.99 18.63 -113.47
C THR F 93 -17.07 17.48 -113.75
N VAL F 94 -16.10 17.76 -114.60
CA VAL F 94 -15.18 16.74 -115.00
C VAL F 94 -14.41 16.32 -113.76
N GLU F 95 -14.05 17.31 -112.93
CA GLU F 95 -13.24 17.09 -111.73
C GLU F 95 -13.93 16.15 -110.76
N TYR F 96 -15.22 16.34 -110.52
CA TYR F 96 -15.96 15.34 -109.71
C TYR F 96 -16.19 13.98 -110.39
N GLN F 97 -16.51 13.91 -111.67
CA GLN F 97 -16.64 12.56 -112.23
C GLN F 97 -15.29 11.85 -112.20
N LYS F 98 -14.18 12.57 -112.09
CA LYS F 98 -12.90 11.89 -111.97
C LYS F 98 -12.57 11.56 -110.49
N ASN F 99 -13.25 12.22 -109.55
CA ASN F 99 -12.90 12.12 -108.15
C ASN F 99 -14.19 12.10 -107.38
N ILE F 100 -15.06 11.16 -107.74
CA ILE F 100 -16.44 11.21 -107.32
C ILE F 100 -16.60 10.97 -105.80
N ASP F 101 -15.57 10.44 -105.15
CA ASP F 101 -15.73 10.32 -103.73
C ASP F 101 -15.65 11.65 -102.97
N LYS F 102 -14.96 12.61 -103.55
CA LYS F 102 -14.88 13.93 -103.00
C LYS F 102 -16.23 14.67 -102.95
N PHE F 103 -17.22 14.22 -103.72
CA PHE F 103 -18.49 14.93 -103.79
C PHE F 103 -19.28 14.88 -102.49
N VAL F 104 -18.97 13.88 -101.67
CA VAL F 104 -19.56 13.76 -100.35
C VAL F 104 -19.53 15.07 -99.58
N ASN F 105 -18.39 15.74 -99.70
CA ASN F 105 -18.12 17.00 -99.04
C ASN F 105 -19.02 18.07 -99.53
N VAL F 106 -19.26 18.11 -100.84
CA VAL F 106 -20.18 19.09 -101.36
C VAL F 106 -21.51 18.92 -100.65
N ILE F 107 -21.98 17.68 -100.58
CA ILE F 107 -23.26 17.35 -99.99
C ILE F 107 -23.29 17.82 -98.55
N GLN F 108 -22.34 17.34 -97.75
CA GLN F 108 -22.23 17.78 -96.36
C GLN F 108 -22.18 19.30 -96.17
N GLY F 109 -21.52 20.00 -97.08
CA GLY F 109 -21.38 21.46 -96.99
C GLY F 109 -22.68 22.23 -97.22
N GLN F 110 -23.71 21.58 -97.73
CA GLN F 110 -24.96 22.27 -97.95
C GLN F 110 -26.15 21.54 -97.31
N LEU F 111 -25.88 20.70 -96.29
CA LEU F 111 -26.90 20.12 -95.44
C LEU F 111 -26.86 20.74 -94.07
N MET F 112 -27.83 21.61 -93.77
CA MET F 112 -27.84 22.32 -92.45
C MET F 112 -28.92 21.72 -91.57
N SER F 113 -28.47 21.14 -90.48
CA SER F 113 -29.33 20.39 -89.59
C SER F 113 -30.56 21.18 -89.26
N VAL F 114 -31.72 20.52 -89.24
CA VAL F 114 -32.99 21.15 -88.90
C VAL F 114 -33.10 21.42 -87.42
N SER F 115 -32.74 20.44 -86.59
CA SER F 115 -32.95 20.61 -85.15
C SER F 115 -31.93 19.88 -84.35
N VAL F 116 -31.07 20.66 -83.71
CA VAL F 116 -30.00 20.10 -82.89
C VAL F 116 -30.35 20.31 -81.42
N PRO F 117 -30.50 19.22 -80.65
CA PRO F 117 -30.83 19.37 -79.24
C PRO F 117 -29.63 19.96 -78.49
N VAL F 118 -29.87 20.47 -77.30
CA VAL F 118 -28.81 20.98 -76.43
C VAL F 118 -27.79 19.88 -76.20
N ASN F 119 -26.50 20.19 -76.28
CA ASN F 119 -25.46 19.21 -76.18
C ASN F 119 -25.14 19.03 -74.75
N THR F 120 -25.08 17.78 -74.31
CA THR F 120 -24.86 17.50 -72.94
C THR F 120 -23.57 16.68 -72.71
N LEU F 121 -22.64 16.67 -73.67
CA LEU F 121 -21.41 15.93 -73.48
C LEU F 121 -20.54 16.60 -72.45
N VAL F 122 -20.04 15.77 -71.56
CA VAL F 122 -19.10 16.18 -70.51
C VAL F 122 -17.68 16.33 -71.02
N VAL F 123 -17.14 17.53 -70.94
CA VAL F 123 -15.74 17.72 -71.16
C VAL F 123 -15.15 18.09 -69.82
N ASP F 124 -14.37 17.20 -69.22
CA ASP F 124 -13.85 17.51 -67.90
C ASP F 124 -12.34 17.51 -67.86
N THR F 125 -11.70 17.71 -68.99
CA THR F 125 -10.23 17.75 -69.08
C THR F 125 -9.75 19.10 -69.56
N LEU F 126 -10.63 20.10 -69.51
CA LEU F 126 -10.21 21.51 -69.63
C LEU F 126 -9.23 21.88 -68.51
N SER F 127 -8.36 22.82 -68.83
CA SER F 127 -7.48 23.44 -67.86
C SER F 127 -8.32 24.17 -66.85
N PRO F 128 -7.95 24.05 -65.59
CA PRO F 128 -8.56 24.84 -64.54
C PRO F 128 -8.63 26.36 -64.84
N THR F 129 -7.82 26.92 -65.75
CA THR F 129 -7.92 28.37 -66.00
C THR F 129 -8.99 28.76 -67.01
N SER F 130 -9.49 27.79 -67.75
CA SER F 130 -10.39 28.08 -68.89
C SER F 130 -11.74 28.29 -68.32
N TRP F 131 -12.52 29.18 -68.97
CA TRP F 131 -13.88 29.40 -68.52
C TRP F 131 -14.72 28.14 -68.74
N GLN F 132 -15.55 27.79 -67.75
CA GLN F 132 -16.45 26.60 -67.77
C GLN F 132 -17.85 26.96 -67.13
N ALA F 133 -18.94 26.86 -67.89
CA ALA F 133 -20.27 27.14 -67.31
C ALA F 133 -20.64 25.92 -66.48
N SER F 134 -21.65 26.10 -65.67
CA SER F 134 -22.02 25.18 -64.62
C SER F 134 -23.16 24.28 -65.06
N THR F 135 -23.69 24.58 -66.24
CA THR F 135 -24.84 23.90 -66.82
C THR F 135 -24.59 23.63 -68.30
N PHE F 136 -25.32 22.67 -68.82
CA PHE F 136 -25.44 22.52 -70.26
C PHE F 136 -26.39 23.55 -70.85
N PHE F 137 -25.96 24.78 -70.99
CA PHE F 137 -26.88 25.85 -71.42
C PHE F 137 -27.03 25.87 -72.91
N VAL F 138 -28.01 26.63 -73.36
CA VAL F 138 -28.30 26.73 -74.76
C VAL F 138 -27.14 27.36 -75.52
N ARG F 139 -26.46 26.58 -76.34
CA ARG F 139 -25.21 26.94 -76.91
C ARG F 139 -25.29 26.67 -78.42
N ASN F 140 -24.55 27.45 -79.21
CA ASN F 140 -24.05 27.01 -80.54
C ASN F 140 -25.18 26.72 -81.52
N GLY F 141 -26.29 27.41 -81.39
CA GLY F 141 -27.42 27.16 -82.26
C GLY F 141 -28.36 26.06 -81.82
N SER F 142 -28.10 25.44 -80.68
CA SER F 142 -28.87 24.28 -80.32
C SER F 142 -30.34 24.70 -80.02
N ASN F 143 -31.26 23.76 -80.17
CA ASN F 143 -32.68 24.00 -79.99
C ASN F 143 -33.21 23.46 -78.69
N PRO F 144 -33.40 24.34 -77.68
CA PRO F 144 -33.76 23.85 -76.35
C PRO F 144 -35.16 23.24 -76.33
N GLU F 145 -35.95 23.48 -77.39
CA GLU F 145 -37.27 22.86 -77.49
C GLU F 145 -37.20 21.33 -77.73
N GLN F 146 -36.10 20.86 -78.31
CA GLN F 146 -36.05 19.54 -78.92
C GLN F 146 -35.68 18.36 -77.94
N ASP F 147 -36.55 17.36 -77.82
CA ASP F 147 -36.23 16.17 -77.06
C ASP F 147 -35.22 15.41 -77.84
N PRO F 148 -34.02 15.19 -77.26
CA PRO F 148 -33.08 14.50 -78.13
C PRO F 148 -33.48 13.06 -78.45
N LEU F 149 -34.37 12.42 -77.69
CA LEU F 149 -34.77 11.01 -77.98
C LEU F 149 -36.01 10.88 -78.86
N ARG F 150 -36.44 12.01 -79.43
CA ARG F 150 -37.66 12.06 -80.26
C ARG F 150 -37.45 12.99 -81.47
N ASN F 151 -36.29 12.85 -82.08
CA ASN F 151 -35.84 13.74 -83.12
C ASN F 151 -35.64 13.04 -84.43
N LEU F 152 -35.50 13.85 -85.47
CA LEU F 152 -34.95 13.39 -86.72
C LEU F 152 -33.59 14.07 -86.84
N SER F 153 -32.61 13.58 -86.06
CA SER F 153 -31.34 14.32 -85.86
C SER F 153 -30.68 14.46 -87.20
N GLY F 154 -30.86 13.47 -88.06
CA GLY F 154 -30.24 13.61 -89.37
C GLY F 154 -30.96 14.48 -90.38
N GLN F 155 -32.18 14.88 -90.11
CA GLN F 155 -32.84 15.79 -91.02
C GLN F 155 -32.07 17.05 -91.19
N ALA F 156 -31.88 17.48 -92.44
CA ALA F 156 -31.12 18.69 -92.76
C ALA F 156 -31.83 19.38 -93.93
N VAL F 157 -31.49 20.62 -94.19
CA VAL F 157 -32.05 21.36 -95.37
C VAL F 157 -30.94 22.01 -96.18
N THR F 158 -31.24 22.38 -97.43
CA THR F 158 -30.32 23.02 -98.33
C THR F 158 -30.86 24.36 -98.92
N ARG F 159 -30.06 25.42 -98.85
CA ARG F 159 -30.52 26.73 -99.32
C ARG F 159 -29.51 27.22 -100.33
N VAL F 160 -29.67 26.71 -101.56
CA VAL F 160 -28.95 27.14 -102.73
C VAL F 160 -29.97 27.06 -103.86
N VAL F 161 -29.76 27.83 -104.92
CA VAL F 161 -30.63 27.72 -106.06
C VAL F 161 -30.50 26.32 -106.66
N GLY F 162 -31.65 25.73 -106.95
CA GLY F 162 -31.77 24.34 -107.39
C GLY F 162 -32.18 23.38 -106.27
N GLY F 163 -32.11 23.89 -105.04
CA GLY F 163 -32.27 23.09 -103.83
C GLY F 163 -31.36 21.87 -103.71
N MET F 164 -31.93 20.83 -103.15
CA MET F 164 -31.27 19.57 -102.94
C MET F 164 -30.99 18.81 -104.23
N SER F 165 -31.60 19.26 -105.35
CA SER F 165 -31.34 18.67 -106.67
C SER F 165 -30.00 19.07 -107.30
N THR F 166 -29.27 19.94 -106.60
CA THR F 166 -27.86 20.24 -106.91
C THR F 166 -26.92 19.18 -106.32
N HIS F 167 -27.44 18.25 -105.48
CA HIS F 167 -26.57 17.21 -104.86
C HIS F 167 -27.13 15.77 -104.82
N TRP F 168 -28.41 15.62 -105.20
CA TRP F 168 -29.15 14.37 -105.00
C TRP F 168 -28.61 13.25 -105.86
N THR F 169 -29.01 12.02 -105.51
CA THR F 169 -28.59 10.83 -106.21
C THR F 169 -29.37 10.55 -107.49
N CYS F 170 -30.52 11.22 -107.66
CA CYS F 170 -31.28 11.16 -108.93
C CYS F 170 -32.04 9.87 -109.16
N ALA F 171 -32.28 9.09 -108.11
CA ALA F 171 -33.09 7.91 -108.25
C ALA F 171 -34.55 8.30 -108.18
N THR F 172 -35.27 7.94 -109.24
CA THR F 172 -36.64 8.34 -109.48
C THR F 172 -37.59 7.19 -109.85
N PRO F 173 -37.83 6.27 -108.90
CA PRO F 173 -38.88 5.27 -109.08
C PRO F 173 -40.32 5.77 -108.89
N ARG F 174 -41.26 5.05 -109.50
CA ARG F 174 -42.65 5.33 -109.31
C ARG F 174 -43.08 4.57 -108.12
N PHE F 175 -44.07 5.09 -107.44
CA PHE F 175 -44.70 4.40 -106.36
C PHE F 175 -45.63 3.41 -107.07
N ASP F 176 -45.67 2.16 -106.60
CA ASP F 176 -46.81 1.20 -106.84
C ASP F 176 -48.01 1.60 -105.97
N ARG F 177 -49.14 0.95 -106.19
CA ARG F 177 -50.39 1.45 -105.65
C ARG F 177 -50.33 1.58 -104.14
N GLU F 178 -49.82 0.53 -103.48
CA GLU F 178 -49.65 0.47 -102.02
C GLU F 178 -49.05 1.71 -101.44
N GLN F 179 -48.14 2.37 -102.16
CA GLN F 179 -47.41 3.46 -101.59
C GLN F 179 -48.06 4.77 -101.95
N ARG F 180 -48.99 4.69 -102.88
CA ARG F 180 -49.34 5.88 -103.62
C ARG F 180 -50.62 6.39 -103.09
N PRO F 181 -50.74 7.71 -103.01
CA PRO F 181 -51.96 8.44 -102.68
C PRO F 181 -53.00 8.27 -103.79
N LEU F 182 -54.27 8.22 -103.44
CA LEU F 182 -55.32 8.11 -104.42
C LEU F 182 -55.57 9.49 -105.04
N LEU F 183 -55.62 9.57 -106.36
CA LEU F 183 -56.03 10.79 -107.04
C LEU F 183 -57.48 10.70 -107.54
N VAL F 184 -57.91 9.54 -107.99
CA VAL F 184 -59.32 9.35 -108.31
C VAL F 184 -60.00 8.35 -107.38
N LYS F 185 -61.15 8.72 -106.82
CA LYS F 185 -61.79 7.85 -105.80
C LYS F 185 -62.71 6.75 -106.34
N ASP F 186 -62.53 5.54 -105.81
CA ASP F 186 -63.36 4.37 -106.18
C ASP F 186 -63.36 4.04 -107.67
N ASP F 187 -62.20 4.18 -108.30
CA ASP F 187 -62.01 3.86 -109.70
C ASP F 187 -60.51 3.57 -109.99
N ALA F 188 -60.12 2.36 -109.65
CA ALA F 188 -58.71 1.97 -109.60
C ALA F 188 -58.03 2.14 -110.95
N ASP F 189 -58.78 1.91 -112.01
CA ASP F 189 -58.24 2.06 -113.36
C ASP F 189 -58.03 3.52 -113.73
N ALA F 190 -59.03 4.34 -113.48
CA ALA F 190 -58.97 5.73 -113.83
C ALA F 190 -57.81 6.31 -113.01
N ASP F 191 -57.69 5.89 -111.74
CA ASP F 191 -56.56 6.29 -110.85
C ASP F 191 -55.20 5.87 -111.41
N ASP F 192 -55.05 4.59 -111.73
CA ASP F 192 -53.88 4.07 -112.38
C ASP F 192 -53.50 4.93 -113.59
N ALA F 193 -54.48 5.22 -114.46
CA ALA F 193 -54.23 5.92 -115.73
C ALA F 193 -53.70 7.34 -115.57
N GLU F 194 -54.27 8.02 -114.59
CA GLU F 194 -53.91 9.34 -114.20
C GLU F 194 -52.49 9.34 -113.60
N TRP F 195 -52.17 8.39 -112.73
CA TRP F 195 -50.80 8.33 -112.22
C TRP F 195 -49.79 8.04 -113.33
N ASP F 196 -50.17 7.19 -114.28
CA ASP F 196 -49.21 6.87 -115.35
C ASP F 196 -48.97 8.09 -116.29
N ARG F 197 -50.02 8.85 -116.59
CA ARG F 197 -49.92 10.10 -117.34
C ARG F 197 -49.00 11.10 -116.67
N LEU F 198 -49.27 11.37 -115.40
CA LEU F 198 -48.45 12.21 -114.56
C LEU F 198 -46.95 11.76 -114.40
N TYR F 199 -46.72 10.52 -113.99
CA TYR F 199 -45.38 9.98 -113.98
C TYR F 199 -44.67 10.05 -115.34
N THR F 200 -45.34 9.79 -116.45
CA THR F 200 -44.67 9.83 -117.75
C THR F 200 -44.16 11.28 -118.10
N LYS F 201 -45.03 12.27 -117.92
CA LYS F 201 -44.64 13.68 -118.01
C LYS F 201 -43.44 14.02 -117.10
N ALA F 202 -43.48 13.56 -115.84
CA ALA F 202 -42.46 13.95 -114.89
C ALA F 202 -41.08 13.32 -115.17
N GLU F 203 -41.10 12.07 -115.67
CA GLU F 203 -39.91 11.35 -116.06
C GLU F 203 -39.27 12.01 -117.24
N SER F 204 -40.08 12.54 -118.16
CA SER F 204 -39.51 13.21 -119.28
C SER F 204 -38.90 14.55 -118.78
N TYR F 205 -39.61 15.26 -117.91
CA TYR F 205 -39.00 16.40 -117.25
C TYR F 205 -37.60 16.10 -116.63
N PHE F 206 -37.45 14.99 -115.89
CA PHE F 206 -36.19 14.74 -115.19
C PHE F 206 -35.26 13.97 -116.04
N GLN F 207 -35.79 13.57 -117.18
CA GLN F 207 -35.11 12.72 -118.11
C GLN F 207 -34.76 11.40 -117.43
N THR F 208 -35.72 10.86 -116.69
CA THR F 208 -35.60 9.53 -116.10
C THR F 208 -35.45 8.46 -117.19
N GLY F 209 -34.42 7.60 -117.06
CA GLY F 209 -34.36 6.31 -117.78
C GLY F 209 -33.81 5.20 -116.89
N THR F 210 -33.90 3.95 -117.36
CA THR F 210 -33.32 2.77 -116.71
C THR F 210 -32.31 2.03 -117.58
N ASP F 211 -31.61 2.78 -118.44
CA ASP F 211 -30.70 2.17 -119.39
C ASP F 211 -29.31 2.77 -119.42
N GLN F 212 -29.04 3.81 -118.62
CA GLN F 212 -27.70 4.47 -118.61
C GLN F 212 -26.57 3.60 -118.09
N PHE F 213 -26.85 2.42 -117.61
CA PHE F 213 -25.79 1.60 -117.03
C PHE F 213 -25.72 0.24 -117.67
N LYS F 214 -26.29 0.18 -118.85
CA LYS F 214 -26.53 -1.05 -119.59
C LYS F 214 -25.24 -1.81 -119.83
N GLU F 215 -24.14 -1.09 -120.04
CA GLU F 215 -22.89 -1.77 -120.33
C GLU F 215 -21.83 -1.62 -119.21
N SER F 216 -22.30 -1.57 -117.98
CA SER F 216 -21.38 -1.69 -116.86
C SER F 216 -21.22 -3.17 -116.57
N ILE F 217 -19.99 -3.64 -116.64
CA ILE F 217 -19.64 -4.96 -116.15
C ILE F 217 -20.15 -5.14 -114.71
N ARG F 218 -19.80 -4.20 -113.83
CA ARG F 218 -20.16 -4.42 -112.43
C ARG F 218 -21.69 -4.48 -112.24
N HIS F 219 -22.39 -3.60 -112.94
CA HIS F 219 -23.85 -3.48 -112.82
C HIS F 219 -24.50 -4.83 -113.18
N ASN F 220 -24.05 -5.32 -114.32
CA ASN F 220 -24.52 -6.56 -114.86
C ASN F 220 -24.10 -7.79 -114.04
N LEU F 221 -22.88 -7.79 -113.52
CA LEU F 221 -22.44 -8.86 -112.68
C LEU F 221 -23.43 -9.04 -111.48
N VAL F 222 -23.70 -7.95 -110.80
CA VAL F 222 -24.61 -7.90 -109.68
C VAL F 222 -26.05 -8.16 -110.10
N LEU F 223 -26.51 -7.44 -111.12
CA LEU F 223 -27.87 -7.61 -111.54
C LEU F 223 -28.09 -9.06 -111.92
N ASN F 224 -27.15 -9.66 -112.62
CA ASN F 224 -27.43 -10.99 -113.13
C ASN F 224 -27.43 -11.99 -112.00
N LYS F 225 -26.55 -11.81 -111.00
CA LYS F 225 -26.45 -12.78 -109.93
C LYS F 225 -27.74 -12.83 -109.12
N LEU F 226 -28.25 -11.65 -108.82
CA LEU F 226 -29.49 -11.46 -108.07
C LEU F 226 -30.71 -11.88 -108.82
N THR F 227 -30.77 -11.61 -110.10
CA THR F 227 -31.86 -12.13 -110.90
C THR F 227 -31.94 -13.66 -110.73
N GLU F 228 -30.82 -14.32 -110.91
CA GLU F 228 -30.70 -15.77 -110.82
C GLU F 228 -31.13 -16.24 -109.44
N GLU F 229 -30.57 -15.67 -108.39
CA GLU F 229 -30.80 -16.15 -107.05
C GLU F 229 -32.28 -15.95 -106.65
N TYR F 230 -32.93 -14.96 -107.27
CA TYR F 230 -34.33 -14.62 -106.96
C TYR F 230 -35.35 -15.05 -108.04
N LYS F 231 -34.90 -15.94 -108.96
CA LYS F 231 -35.73 -16.41 -110.01
C LYS F 231 -37.09 -16.87 -109.47
N GLY F 232 -38.11 -16.13 -109.95
CA GLY F 232 -39.50 -16.40 -109.67
C GLY F 232 -40.06 -15.82 -108.39
N GLN F 233 -39.30 -14.94 -107.74
CA GLN F 233 -39.74 -14.44 -106.48
C GLN F 233 -39.64 -12.93 -106.43
N ARG F 234 -38.62 -12.38 -107.08
CA ARG F 234 -38.50 -10.93 -107.24
C ARG F 234 -37.79 -10.59 -108.54
N ASP F 235 -38.10 -9.39 -109.06
CA ASP F 235 -37.50 -8.83 -110.25
C ASP F 235 -36.57 -7.68 -109.95
N PHE F 236 -35.45 -7.70 -110.62
CA PHE F 236 -34.42 -6.73 -110.44
C PHE F 236 -34.29 -6.02 -111.75
N GLN F 237 -33.81 -4.79 -111.69
CA GLN F 237 -33.66 -3.95 -112.86
C GLN F 237 -32.71 -2.83 -112.46
N GLN F 238 -32.51 -1.89 -113.36
CA GLN F 238 -31.68 -0.72 -113.03
C GLN F 238 -32.50 0.26 -112.26
N ILE F 239 -31.89 0.95 -111.28
CA ILE F 239 -32.56 1.97 -110.53
C ILE F 239 -33.05 2.97 -111.59
N PRO F 240 -34.30 3.40 -111.54
CA PRO F 240 -34.59 4.46 -112.53
C PRO F 240 -33.83 5.73 -112.16
N LEU F 241 -33.06 6.27 -113.06
CA LEU F 241 -32.22 7.38 -112.69
C LEU F 241 -32.54 8.59 -113.59
N ALA F 242 -32.58 9.79 -113.00
CA ALA F 242 -32.67 11.04 -113.76
C ALA F 242 -31.28 11.52 -114.20
N ALA F 243 -30.94 11.24 -115.45
CA ALA F 243 -29.57 11.25 -115.85
C ALA F 243 -29.50 10.96 -117.31
N THR F 244 -28.56 11.57 -117.98
CA THR F 244 -28.33 11.30 -119.38
C THR F 244 -26.87 11.01 -119.60
N ARG F 245 -26.56 9.81 -120.11
CA ARG F 245 -25.15 9.45 -120.31
C ARG F 245 -24.57 10.12 -121.55
N ARG F 246 -23.42 10.79 -121.36
CA ARG F 246 -22.78 11.56 -122.44
C ARG F 246 -21.65 10.77 -123.12
N SER F 247 -20.93 10.00 -122.31
CA SER F 247 -19.79 9.24 -122.74
C SER F 247 -19.76 8.01 -121.84
N PRO F 248 -18.84 7.08 -122.10
CA PRO F 248 -18.65 5.99 -121.17
C PRO F 248 -18.07 6.40 -119.80
N THR F 249 -17.52 7.60 -119.69
CA THR F 249 -16.95 8.05 -118.42
C THR F 249 -17.65 9.29 -117.87
N PHE F 250 -18.64 9.82 -118.58
CA PHE F 250 -19.32 10.97 -118.03
C PHE F 250 -20.83 10.86 -118.14
N VAL F 251 -21.49 10.96 -116.98
CA VAL F 251 -22.94 11.08 -116.91
C VAL F 251 -23.41 12.48 -116.56
N GLU F 252 -24.43 12.95 -117.25
CA GLU F 252 -25.02 14.24 -116.92
C GLU F 252 -26.21 14.04 -116.02
N TRP F 253 -26.01 14.25 -114.73
CA TRP F 253 -27.06 13.95 -113.71
C TRP F 253 -28.08 15.01 -113.83
N SER F 254 -29.35 14.66 -113.67
CA SER F 254 -30.37 15.71 -113.79
C SER F 254 -30.55 16.52 -112.52
N SER F 255 -31.43 17.50 -112.56
CA SER F 255 -31.51 18.56 -111.51
C SER F 255 -32.69 19.44 -111.82
N ALA F 256 -33.03 20.35 -110.91
CA ALA F 256 -33.97 21.41 -111.22
C ALA F 256 -33.63 22.10 -112.57
N ASN F 257 -32.35 22.25 -112.85
CA ASN F 257 -31.95 22.87 -114.11
C ASN F 257 -32.55 22.14 -115.33
N THR F 258 -32.43 20.81 -115.35
CA THR F 258 -33.03 19.93 -116.34
C THR F 258 -34.51 20.24 -116.55
N VAL F 259 -35.21 20.47 -115.45
CA VAL F 259 -36.67 20.72 -115.50
C VAL F 259 -37.03 22.10 -116.07
N PHE F 260 -36.21 23.07 -115.70
CA PHE F 260 -36.42 24.45 -116.12
C PHE F 260 -35.10 25.15 -115.83
N ASP F 261 -34.60 25.86 -116.82
CA ASP F 261 -33.24 26.30 -116.84
C ASP F 261 -32.97 27.57 -116.05
N LEU F 262 -34.03 28.16 -115.48
CA LEU F 262 -33.92 29.21 -114.47
C LEU F 262 -33.37 30.55 -115.03
N GLN F 263 -33.12 30.60 -116.34
CA GLN F 263 -32.75 31.85 -117.03
C GLN F 263 -33.94 32.82 -117.16
N ASN F 264 -33.73 34.06 -116.75
CA ASN F 264 -34.74 35.11 -116.84
C ASN F 264 -35.35 35.22 -118.26
N ARG F 265 -36.67 35.43 -118.31
CA ARG F 265 -37.39 35.60 -119.58
C ARG F 265 -38.27 36.85 -119.55
N PRO F 266 -38.44 37.51 -120.71
CA PRO F 266 -38.01 37.17 -122.08
C PRO F 266 -36.51 37.00 -122.30
N ASN F 267 -36.14 36.01 -123.13
CA ASN F 267 -34.79 35.94 -123.78
C ASN F 267 -34.91 35.46 -125.25
N THR F 268 -33.84 35.50 -126.04
CA THR F 268 -33.88 35.07 -127.45
C THR F 268 -34.47 33.65 -127.68
N ASP F 269 -34.04 32.68 -126.88
CA ASP F 269 -34.54 31.29 -126.97
C ASP F 269 -36.05 31.24 -126.70
N ALA F 270 -36.54 32.13 -125.85
CA ALA F 270 -37.96 32.14 -125.54
C ALA F 270 -38.50 33.55 -125.42
N PRO F 271 -38.71 34.23 -126.56
CA PRO F 271 -38.99 35.64 -126.43
C PRO F 271 -40.40 35.94 -125.94
N GLU F 272 -41.29 34.95 -125.90
CA GLU F 272 -42.70 35.19 -125.53
C GLU F 272 -43.00 34.88 -124.06
N GLU F 273 -41.97 34.48 -123.33
CA GLU F 273 -42.16 33.99 -121.99
C GLU F 273 -41.76 35.03 -120.97
N ARG F 274 -42.20 34.80 -119.73
CA ARG F 274 -41.96 35.76 -118.65
C ARG F 274 -41.54 35.11 -117.29
N PHE F 275 -40.25 35.12 -117.00
CA PHE F 275 -39.76 34.55 -115.75
C PHE F 275 -38.70 35.45 -115.12
N ASN F 276 -38.77 35.58 -113.80
CA ASN F 276 -37.68 36.21 -113.03
C ASN F 276 -37.33 35.39 -111.80
N LEU F 277 -36.05 35.13 -111.64
CA LEU F 277 -35.54 34.47 -110.45
C LEU F 277 -34.95 35.53 -109.55
N PHE F 278 -35.36 35.57 -108.29
CA PHE F 278 -34.74 36.47 -107.33
C PHE F 278 -34.10 35.64 -106.23
N PRO F 279 -32.79 35.43 -106.36
CA PRO F 279 -32.09 34.64 -105.34
C PRO F 279 -31.75 35.50 -104.17
N ALA F 280 -31.37 34.85 -103.06
CA ALA F 280 -31.06 35.55 -101.82
C ALA F 280 -32.26 36.29 -101.25
N VAL F 281 -33.43 35.70 -101.32
CA VAL F 281 -34.61 36.36 -100.75
C VAL F 281 -35.32 35.38 -99.87
N ALA F 282 -35.46 35.75 -98.60
CA ALA F 282 -36.17 34.92 -97.65
C ALA F 282 -37.67 35.25 -97.72
N CYS F 283 -38.49 34.26 -98.05
CA CYS F 283 -39.94 34.44 -98.02
C CYS F 283 -40.43 34.08 -96.64
N GLU F 284 -41.29 34.92 -96.07
CA GLU F 284 -41.57 34.77 -94.64
C GLU F 284 -43.04 34.49 -94.30
N ARG F 285 -43.97 35.13 -95.00
CA ARG F 285 -45.37 34.90 -94.72
C ARG F 285 -46.19 35.16 -95.96
N VAL F 286 -47.29 34.42 -96.05
CA VAL F 286 -48.31 34.76 -97.00
C VAL F 286 -49.37 35.43 -96.17
N VAL F 287 -49.87 36.56 -96.65
CA VAL F 287 -50.89 37.30 -95.93
C VAL F 287 -52.27 36.76 -96.28
N ARG F 288 -53.03 36.40 -95.27
CA ARG F 288 -54.37 35.87 -95.43
C ARG F 288 -55.40 36.98 -95.41
N ASN F 289 -56.33 36.93 -96.35
CA ASN F 289 -57.47 37.86 -96.33
C ASN F 289 -58.26 37.64 -95.06
N ALA F 290 -59.36 38.36 -94.89
CA ALA F 290 -60.03 38.42 -93.57
C ALA F 290 -60.92 37.22 -93.32
N LEU F 291 -61.54 36.77 -94.42
CA LEU F 291 -62.41 35.62 -94.39
C LEU F 291 -61.67 34.33 -94.79
N ASN F 292 -60.35 34.33 -94.59
CA ASN F 292 -59.44 33.24 -94.94
C ASN F 292 -59.76 32.47 -96.20
N SER F 293 -60.09 33.15 -97.28
CA SER F 293 -60.45 32.43 -98.51
C SER F 293 -59.51 32.83 -99.62
N GLU F 294 -58.64 33.78 -99.34
CA GLU F 294 -57.64 34.16 -100.33
C GLU F 294 -56.34 34.57 -99.68
N ILE F 295 -55.26 34.53 -100.46
CA ILE F 295 -53.95 35.12 -100.07
C ILE F 295 -53.73 36.53 -100.73
N GLU F 296 -53.49 37.54 -99.88
CA GLU F 296 -53.28 38.95 -100.31
C GLU F 296 -51.93 39.17 -100.93
N SER F 297 -50.90 38.50 -100.39
CA SER F 297 -49.54 38.83 -100.76
C SER F 297 -48.50 37.95 -100.11
N LEU F 298 -47.27 38.07 -100.59
CA LEU F 298 -46.11 37.38 -100.03
C LEU F 298 -45.08 38.36 -99.43
N HIS F 299 -44.74 38.15 -98.15
CA HIS F 299 -43.79 39.03 -97.49
C HIS F 299 -42.38 38.45 -97.52
N ILE F 300 -41.46 39.22 -98.15
CA ILE F 300 -40.08 38.80 -98.44
C ILE F 300 -39.04 39.68 -97.80
N HIS F 301 -37.88 39.10 -97.55
CA HIS F 301 -36.80 39.81 -96.92
C HIS F 301 -35.66 39.64 -97.83
N ASP F 302 -35.34 40.68 -98.60
CA ASP F 302 -34.22 40.63 -99.54
C ASP F 302 -32.94 40.70 -98.74
N LEU F 303 -32.20 39.60 -98.68
CA LEU F 303 -31.04 39.46 -97.80
C LEU F 303 -29.83 40.34 -98.11
N ILE F 304 -29.65 40.70 -99.38
CA ILE F 304 -28.51 41.46 -99.79
C ILE F 304 -28.74 42.94 -99.46
N SER F 305 -29.96 43.41 -99.72
CA SER F 305 -30.34 44.79 -99.42
C SER F 305 -30.82 45.01 -97.99
N GLY F 306 -31.47 44.01 -97.38
CA GLY F 306 -32.06 44.17 -96.03
C GLY F 306 -33.54 44.54 -96.09
N ASP F 307 -33.98 44.99 -97.23
CA ASP F 307 -35.34 45.49 -97.39
C ASP F 307 -36.35 44.35 -97.27
N ARG F 308 -37.56 44.69 -96.83
CA ARG F 308 -38.62 43.74 -96.70
C ARG F 308 -39.71 44.25 -97.60
N PHE F 309 -40.25 43.43 -98.49
CA PHE F 309 -41.30 43.94 -99.36
C PHE F 309 -42.57 43.18 -99.16
N GLU F 310 -43.60 43.61 -99.84
CA GLU F 310 -44.77 42.78 -99.91
C GLU F 310 -45.01 42.52 -101.40
N ILE F 311 -45.06 41.27 -101.80
CA ILE F 311 -45.07 40.93 -103.22
C ILE F 311 -46.45 40.47 -103.64
N LYS F 312 -46.88 40.91 -104.80
CA LYS F 312 -48.26 40.68 -105.12
C LYS F 312 -48.43 39.78 -106.35
N ALA F 313 -49.33 38.81 -106.26
CA ALA F 313 -49.58 37.90 -107.37
C ALA F 313 -50.98 37.33 -107.33
N ASP F 314 -51.42 36.84 -108.48
CA ASP F 314 -52.69 36.14 -108.62
C ASP F 314 -52.63 34.77 -107.92
N VAL F 315 -51.50 34.09 -108.07
CA VAL F 315 -51.30 32.72 -107.62
C VAL F 315 -50.00 32.61 -106.80
N TYR F 316 -50.07 31.94 -105.64
CA TYR F 316 -48.92 31.74 -104.79
C TYR F 316 -48.60 30.27 -104.55
N VAL F 317 -47.38 29.88 -104.90
CA VAL F 317 -47.00 28.50 -104.88
C VAL F 317 -45.79 28.32 -103.93
N LEU F 318 -45.98 27.52 -102.89
CA LEU F 318 -44.95 27.27 -101.92
C LEU F 318 -44.27 25.95 -102.22
N THR F 319 -43.02 26.02 -102.63
CA THR F 319 -42.23 24.81 -102.86
C THR F 319 -40.86 24.90 -102.15
N ALA F 320 -40.87 25.21 -100.86
CA ALA F 320 -39.62 25.51 -100.14
C ALA F 320 -39.08 24.23 -99.41
N GLY F 321 -39.56 23.05 -99.79
CA GLY F 321 -39.29 21.82 -99.05
C GLY F 321 -40.32 21.53 -97.96
N ALA F 322 -40.25 20.31 -97.45
CA ALA F 322 -41.20 19.76 -96.49
C ALA F 322 -41.13 20.47 -95.13
N VAL F 323 -39.93 20.82 -94.70
CA VAL F 323 -39.79 21.51 -93.42
C VAL F 323 -40.21 22.97 -93.67
N HIS F 324 -39.54 23.62 -94.61
CA HIS F 324 -39.76 25.06 -94.82
C HIS F 324 -41.11 25.51 -95.32
N ASN F 325 -41.86 24.66 -96.00
CA ASN F 325 -43.20 25.06 -96.46
C ASN F 325 -44.02 25.16 -95.20
N THR F 326 -43.83 24.17 -94.32
CA THR F 326 -44.52 24.10 -93.05
C THR F 326 -44.21 25.29 -92.16
N GLN F 327 -42.97 25.74 -92.18
CA GLN F 327 -42.58 26.87 -91.34
C GLN F 327 -43.16 28.18 -91.86
N LEU F 328 -43.07 28.38 -93.16
CA LEU F 328 -43.67 29.53 -93.82
C LEU F 328 -45.17 29.59 -93.54
N LEU F 329 -45.85 28.45 -93.61
CA LEU F 329 -47.30 28.34 -93.37
C LEU F 329 -47.66 28.69 -91.94
N VAL F 330 -46.97 28.07 -90.99
CA VAL F 330 -47.17 28.36 -89.58
C VAL F 330 -46.76 29.84 -89.27
N ASN F 331 -45.82 30.40 -90.02
CA ASN F 331 -45.44 31.78 -89.71
C ASN F 331 -46.53 32.71 -90.21
N SER F 332 -47.47 32.19 -91.01
CA SER F 332 -48.58 32.95 -91.55
C SER F 332 -49.89 32.73 -90.79
N GLY F 333 -49.90 31.89 -89.76
CA GLY F 333 -51.14 31.68 -89.00
C GLY F 333 -51.96 30.46 -89.44
N PHE F 334 -51.35 29.58 -90.23
CA PHE F 334 -51.94 28.24 -90.44
C PHE F 334 -51.42 27.30 -89.38
N GLY F 335 -52.21 26.30 -89.00
CA GLY F 335 -51.71 25.35 -88.05
C GLY F 335 -51.60 26.03 -86.70
N GLN F 336 -50.74 25.51 -85.84
CA GLN F 336 -50.53 26.04 -84.48
C GLN F 336 -49.06 26.42 -84.40
N LEU F 337 -48.77 27.59 -83.91
CA LEU F 337 -47.44 27.97 -83.63
C LEU F 337 -47.15 27.53 -82.19
N GLY F 338 -45.94 27.11 -81.88
CA GLY F 338 -45.62 26.73 -80.51
C GLY F 338 -45.77 25.23 -80.27
N ARG F 339 -45.41 24.81 -79.06
CA ARG F 339 -45.59 23.44 -78.64
C ARG F 339 -47.08 23.09 -78.76
N PRO F 340 -47.38 21.90 -79.29
CA PRO F 340 -48.71 21.37 -79.53
C PRO F 340 -49.60 21.42 -78.32
N ASN F 341 -50.63 22.24 -78.41
CA ASN F 341 -51.63 22.35 -77.38
C ASN F 341 -52.99 21.94 -77.90
N PRO F 342 -53.38 20.68 -77.63
CA PRO F 342 -54.67 20.05 -78.00
C PRO F 342 -55.87 20.76 -77.39
N ALA F 343 -55.69 21.36 -76.21
CA ALA F 343 -56.77 22.13 -75.56
C ALA F 343 -56.93 23.48 -76.24
N ASN F 344 -56.73 23.51 -77.54
CA ASN F 344 -56.48 24.79 -78.16
C ASN F 344 -56.24 24.55 -79.64
N PRO F 345 -57.20 23.89 -80.30
CA PRO F 345 -57.04 23.49 -81.70
C PRO F 345 -56.99 24.72 -82.59
N PRO F 346 -56.20 24.68 -83.65
CA PRO F 346 -55.95 25.86 -84.46
C PRO F 346 -57.10 26.21 -85.37
N GLU F 347 -57.21 27.48 -85.68
CA GLU F 347 -58.17 27.94 -86.64
C GLU F 347 -58.09 27.24 -88.01
N LEU F 348 -56.94 27.27 -88.67
CA LEU F 348 -56.83 26.79 -90.06
C LEU F 348 -55.95 25.53 -90.10
N LEU F 349 -56.30 24.55 -90.94
CA LEU F 349 -55.38 23.45 -91.20
C LEU F 349 -54.80 22.81 -89.92
N PRO F 350 -55.67 22.20 -89.08
CA PRO F 350 -55.21 21.57 -87.86
C PRO F 350 -54.25 20.39 -88.08
N SER F 351 -54.20 19.87 -89.31
CA SER F 351 -53.38 18.70 -89.59
C SER F 351 -51.96 19.03 -90.03
N LEU F 352 -51.67 20.34 -90.20
CA LEU F 352 -50.35 20.83 -90.62
C LEU F 352 -49.22 20.40 -89.68
N GLY F 353 -48.18 19.80 -90.23
CA GLY F 353 -47.10 19.32 -89.39
C GLY F 353 -47.44 18.09 -88.55
N SER F 354 -48.63 17.56 -88.73
CA SER F 354 -48.93 16.23 -88.14
C SER F 354 -48.92 15.09 -89.18
N TYR F 355 -48.89 13.85 -88.71
CA TYR F 355 -48.83 12.68 -89.60
C TYR F 355 -47.54 12.72 -90.37
N ILE F 356 -46.51 13.36 -89.82
CA ILE F 356 -45.27 13.35 -90.58
C ILE F 356 -44.67 11.92 -90.72
N THR F 357 -44.07 11.70 -91.86
CA THR F 357 -43.40 10.46 -92.15
C THR F 357 -41.96 10.71 -92.59
N GLU F 358 -41.09 9.82 -92.13
CA GLU F 358 -39.76 9.72 -92.64
C GLU F 358 -39.37 8.23 -92.65
N GLN F 359 -38.69 7.84 -93.70
CA GLN F 359 -38.30 6.47 -93.85
C GLN F 359 -37.16 6.00 -92.96
N SER F 360 -37.31 4.76 -92.48
CA SER F 360 -36.18 3.95 -91.99
C SER F 360 -35.25 3.62 -93.15
N LEU F 361 -33.95 3.72 -92.85
CA LEU F 361 -32.87 3.54 -93.78
C LEU F 361 -31.84 2.64 -93.10
N VAL F 362 -31.65 1.46 -93.68
CA VAL F 362 -30.52 0.64 -93.33
C VAL F 362 -29.51 0.61 -94.51
N PHE F 363 -28.25 0.46 -94.20
CA PHE F 363 -27.14 0.61 -95.14
C PHE F 363 -26.08 -0.38 -94.74
N CYS F 364 -25.31 -0.86 -95.70
CA CYS F 364 -24.03 -1.53 -95.46
C CYS F 364 -23.23 -1.51 -96.73
N GLN F 365 -21.96 -1.84 -96.67
CA GLN F 365 -21.25 -2.09 -97.94
C GLN F 365 -20.78 -3.51 -97.99
N THR F 366 -20.59 -4.00 -99.21
CA THR F 366 -20.04 -5.38 -99.34
C THR F 366 -18.84 -5.35 -100.20
N VAL F 367 -17.99 -6.37 -100.03
CA VAL F 367 -16.78 -6.56 -100.79
C VAL F 367 -17.04 -7.76 -101.69
N MET F 368 -16.89 -7.56 -103.00
CA MET F 368 -17.33 -8.52 -103.99
C MET F 368 -16.71 -9.87 -103.83
N SER F 369 -17.53 -10.91 -103.89
CA SER F 369 -17.03 -12.26 -103.61
C SER F 369 -16.04 -12.73 -104.64
N THR F 370 -15.15 -13.59 -104.21
CA THR F 370 -14.18 -14.26 -105.08
C THR F 370 -14.88 -14.91 -106.28
N GLU F 371 -15.89 -15.75 -106.02
CA GLU F 371 -16.65 -16.36 -107.11
C GLU F 371 -17.12 -15.31 -108.13
N LEU F 372 -17.77 -14.23 -107.71
CA LEU F 372 -18.21 -13.27 -108.73
C LEU F 372 -17.02 -12.68 -109.52
N ILE F 373 -15.94 -12.37 -108.84
CA ILE F 373 -14.83 -11.74 -109.50
C ILE F 373 -14.25 -12.70 -110.54
N ASP F 374 -14.12 -13.96 -110.18
CA ASP F 374 -13.63 -14.95 -111.11
C ASP F 374 -14.61 -15.08 -112.33
N SER F 375 -15.92 -15.08 -112.09
CA SER F 375 -16.84 -15.09 -113.20
C SER F 375 -16.53 -14.01 -114.21
N VAL F 376 -16.21 -12.80 -113.76
CA VAL F 376 -15.98 -11.73 -114.70
C VAL F 376 -15.03 -12.20 -115.83
N LYS F 377 -14.12 -13.10 -115.50
CA LYS F 377 -13.13 -13.48 -116.48
C LYS F 377 -13.22 -14.96 -116.85
N SER F 378 -14.41 -15.57 -116.72
CA SER F 378 -14.62 -17.02 -116.96
C SER F 378 -14.44 -17.49 -118.42
N ASP F 379 -14.66 -16.57 -119.37
CA ASP F 379 -14.56 -16.82 -120.80
C ASP F 379 -13.15 -16.52 -121.33
N MET F 380 -12.22 -16.10 -120.46
CA MET F 380 -10.84 -15.85 -120.88
C MET F 380 -10.00 -17.11 -120.98
N THR F 381 -9.13 -17.13 -121.97
CA THR F 381 -8.04 -18.08 -121.99
C THR F 381 -6.73 -17.36 -121.72
N ILE F 382 -5.97 -17.93 -120.82
CA ILE F 382 -4.89 -17.26 -120.15
C ILE F 382 -3.64 -18.15 -120.21
N ARG F 383 -2.55 -17.56 -120.69
CA ARG F 383 -1.34 -18.30 -120.89
C ARG F 383 -0.21 -17.41 -120.45
N GLY F 384 0.56 -17.88 -119.47
CA GLY F 384 1.81 -17.20 -119.05
C GLY F 384 1.74 -16.48 -117.70
N THR F 385 2.89 -15.93 -117.29
CA THR F 385 2.94 -15.05 -116.12
C THR F 385 2.59 -13.61 -116.49
N PRO F 386 1.67 -12.98 -115.73
CA PRO F 386 1.43 -11.56 -115.96
C PRO F 386 2.74 -10.77 -115.86
N GLY F 387 3.09 -10.01 -116.90
CA GLY F 387 4.34 -9.27 -116.87
C GLY F 387 5.36 -9.66 -117.93
N GLU F 388 5.51 -10.96 -118.19
CA GLU F 388 6.37 -11.43 -119.28
C GLU F 388 5.69 -11.18 -120.64
N LEU F 389 6.46 -11.18 -121.73
CA LEU F 389 5.94 -10.84 -123.07
C LEU F 389 5.17 -12.00 -123.70
N THR F 390 5.25 -13.18 -123.06
CA THR F 390 4.51 -14.35 -123.49
C THR F 390 3.11 -14.41 -122.86
N TYR F 391 2.78 -13.46 -121.98
CA TYR F 391 1.47 -13.44 -121.33
C TYR F 391 0.41 -13.04 -122.34
N SER F 392 -0.65 -13.83 -122.35
CA SER F 392 -1.73 -13.69 -123.32
C SER F 392 -3.07 -14.04 -122.70
N VAL F 393 -4.02 -13.14 -122.93
CA VAL F 393 -5.41 -13.27 -122.49
C VAL F 393 -6.26 -13.15 -123.74
N THR F 394 -7.03 -14.17 -124.06
CA THR F 394 -7.82 -14.14 -125.28
C THR F 394 -9.21 -14.68 -125.00
N TYR F 395 -10.12 -14.42 -125.94
CA TYR F 395 -11.44 -15.02 -125.95
C TYR F 395 -11.90 -15.10 -127.39
N THR F 396 -12.85 -15.99 -127.65
CA THR F 396 -13.34 -16.26 -128.98
C THR F 396 -14.72 -15.67 -129.14
N PRO F 397 -14.81 -14.53 -129.85
CA PRO F 397 -16.08 -13.82 -129.82
C PRO F 397 -17.23 -14.70 -130.35
N GLY F 398 -18.37 -14.73 -129.68
CA GLY F 398 -19.49 -15.54 -130.14
C GLY F 398 -19.48 -16.98 -129.64
N ALA F 399 -18.35 -17.41 -129.07
CA ALA F 399 -18.26 -18.84 -128.72
C ALA F 399 -19.57 -19.21 -128.04
N SER F 400 -20.14 -20.35 -128.40
CA SER F 400 -21.39 -20.78 -127.77
C SER F 400 -21.23 -20.90 -126.26
N THR F 401 -20.04 -21.27 -125.78
CA THR F 401 -19.87 -21.59 -124.35
C THR F 401 -19.57 -20.34 -123.53
N ASN F 402 -19.35 -19.21 -124.19
CA ASN F 402 -19.09 -17.95 -123.48
C ASN F 402 -20.18 -17.64 -122.44
N LYS F 403 -19.81 -17.11 -121.28
CA LYS F 403 -20.81 -16.79 -120.28
C LYS F 403 -21.29 -15.35 -120.40
N HIS F 404 -20.47 -14.48 -120.97
CA HIS F 404 -20.87 -13.09 -121.09
C HIS F 404 -20.76 -12.61 -122.53
N PRO F 405 -21.39 -11.45 -122.83
CA PRO F 405 -21.39 -10.90 -124.17
C PRO F 405 -20.00 -10.44 -124.62
N ASP F 406 -19.82 -10.31 -125.94
CA ASP F 406 -18.52 -9.89 -126.52
C ASP F 406 -18.07 -8.52 -125.95
N TRP F 407 -19.01 -7.59 -125.77
CA TRP F 407 -18.65 -6.21 -125.34
C TRP F 407 -17.90 -6.29 -124.03
N TRP F 408 -18.28 -7.29 -123.25
CA TRP F 408 -17.86 -7.48 -121.88
C TRP F 408 -16.50 -8.15 -121.89
N ASN F 409 -16.36 -9.28 -122.59
CA ASN F 409 -15.09 -9.97 -122.68
C ASN F 409 -14.01 -9.18 -123.40
N GLU F 410 -14.40 -8.30 -124.30
CA GLU F 410 -13.45 -7.38 -124.94
C GLU F 410 -12.94 -6.36 -123.91
N LYS F 411 -13.82 -5.90 -123.03
CA LYS F 411 -13.42 -4.95 -122.04
C LYS F 411 -12.46 -5.60 -121.02
N VAL F 412 -12.76 -6.83 -120.65
CA VAL F 412 -11.95 -7.63 -119.74
C VAL F 412 -10.57 -7.98 -120.29
N LYS F 413 -10.54 -8.39 -121.54
CA LYS F 413 -9.30 -8.77 -122.21
C LYS F 413 -8.37 -7.59 -122.29
N ASN F 414 -8.90 -6.46 -122.73
CA ASN F 414 -8.07 -5.27 -122.85
C ASN F 414 -7.56 -4.81 -121.48
N HIS F 415 -8.36 -4.97 -120.42
CA HIS F 415 -7.91 -4.50 -119.13
C HIS F 415 -6.80 -5.42 -118.66
N MET F 416 -7.02 -6.71 -118.80
CA MET F 416 -6.08 -7.65 -118.26
C MET F 416 -4.76 -7.56 -119.01
N MET F 417 -4.81 -7.26 -120.31
CA MET F 417 -3.59 -7.18 -121.14
C MET F 417 -2.89 -5.88 -120.84
N GLN F 418 -3.66 -4.81 -120.83
CA GLN F 418 -3.10 -3.48 -120.74
C GLN F 418 -2.60 -3.19 -119.34
N HIS F 419 -3.04 -3.97 -118.37
CA HIS F 419 -2.62 -3.74 -116.97
C HIS F 419 -2.27 -4.99 -116.20
N GLN F 420 -1.16 -5.63 -116.55
CA GLN F 420 -0.90 -7.00 -116.15
C GLN F 420 -0.35 -7.02 -114.77
N GLU F 421 -0.23 -5.83 -114.21
CA GLU F 421 0.20 -5.70 -112.84
C GLU F 421 -1.00 -5.67 -111.90
N ASP F 422 -2.20 -5.57 -112.46
CA ASP F 422 -3.44 -5.47 -111.69
C ASP F 422 -4.12 -6.83 -111.51
N PRO F 423 -4.52 -7.15 -110.29
CA PRO F 423 -4.99 -8.51 -109.99
C PRO F 423 -6.49 -8.65 -110.16
N LEU F 424 -7.13 -7.63 -110.73
CA LEU F 424 -8.54 -7.68 -110.93
C LEU F 424 -8.86 -7.55 -112.42
N PRO F 425 -9.94 -8.24 -112.85
CA PRO F 425 -10.58 -8.31 -114.18
C PRO F 425 -11.48 -7.15 -114.60
N ILE F 426 -11.85 -6.33 -113.62
CA ILE F 426 -12.75 -5.26 -113.88
C ILE F 426 -11.92 -4.07 -114.35
N PRO F 427 -12.28 -3.47 -115.48
CA PRO F 427 -11.59 -2.23 -115.90
C PRO F 427 -11.70 -1.02 -114.97
N PHE F 428 -10.60 -0.32 -114.83
CA PHE F 428 -10.56 0.81 -113.96
C PHE F 428 -11.72 1.75 -114.19
N GLU F 429 -12.12 2.00 -115.43
CA GLU F 429 -13.18 2.96 -115.64
C GLU F 429 -14.56 2.37 -115.81
N ASP F 430 -14.76 1.12 -115.38
CA ASP F 430 -16.10 0.49 -115.38
C ASP F 430 -17.13 1.28 -114.57
N PRO F 431 -18.27 1.63 -115.19
CA PRO F 431 -19.24 2.34 -114.40
C PRO F 431 -19.85 1.53 -113.23
N GLU F 432 -20.36 2.28 -112.26
CA GLU F 432 -20.99 1.83 -111.02
C GLU F 432 -22.23 0.89 -111.28
N PRO F 433 -22.43 -0.15 -110.44
CA PRO F 433 -23.74 -0.77 -110.42
C PRO F 433 -24.85 0.18 -109.95
N GLN F 434 -26.05 -0.07 -110.46
CA GLN F 434 -27.23 0.73 -110.23
C GLN F 434 -28.47 -0.18 -110.26
N VAL F 435 -28.58 -1.05 -109.27
CA VAL F 435 -29.55 -2.17 -109.21
C VAL F 435 -30.61 -1.93 -108.12
N THR F 436 -31.84 -2.37 -108.36
CA THR F 436 -32.92 -2.32 -107.42
C THR F 436 -33.89 -3.46 -107.66
N THR F 437 -34.47 -3.99 -106.58
CA THR F 437 -35.73 -4.65 -106.72
C THR F 437 -36.71 -3.76 -106.06
N LEU F 438 -37.66 -3.27 -106.85
CA LEU F 438 -38.62 -2.30 -106.32
C LEU F 438 -39.55 -2.90 -105.28
N PHE F 439 -40.07 -2.02 -104.42
CA PHE F 439 -41.07 -2.30 -103.38
C PHE F 439 -42.23 -3.20 -103.88
N GLN F 440 -42.59 -4.22 -103.10
CA GLN F 440 -43.69 -5.18 -103.36
C GLN F 440 -44.27 -5.60 -102.03
N PRO F 441 -45.53 -6.06 -102.01
CA PRO F 441 -46.10 -6.56 -100.72
C PRO F 441 -45.25 -7.54 -99.91
N SER F 442 -44.59 -8.44 -100.61
CA SER F 442 -43.73 -9.43 -100.01
C SER F 442 -42.34 -8.89 -99.61
N HIS F 443 -41.96 -7.75 -100.16
CA HIS F 443 -40.78 -7.07 -99.70
C HIS F 443 -41.02 -5.57 -99.70
N PRO F 444 -41.82 -5.08 -98.72
CA PRO F 444 -42.29 -3.71 -98.60
C PRO F 444 -41.17 -2.68 -98.28
N TRP F 445 -40.16 -2.59 -99.12
CA TRP F 445 -39.10 -1.59 -98.95
C TRP F 445 -38.49 -1.37 -100.31
N HIS F 446 -37.93 -0.18 -100.53
CA HIS F 446 -37.19 0.16 -101.73
C HIS F 446 -35.76 -0.23 -101.48
N THR F 447 -35.06 -0.54 -102.57
CA THR F 447 -33.72 -1.07 -102.50
C THR F 447 -32.87 -0.35 -103.51
N GLN F 448 -31.65 -0.07 -103.10
CA GLN F 448 -30.65 0.40 -104.00
C GLN F 448 -29.35 -0.35 -103.67
N ILE F 449 -28.75 -0.89 -104.72
CA ILE F 449 -27.62 -1.80 -104.69
C ILE F 449 -26.71 -1.16 -105.73
N HIS F 450 -25.77 -0.36 -105.25
CA HIS F 450 -25.19 0.70 -106.10
C HIS F 450 -23.91 1.31 -105.57
N ARG F 451 -23.56 2.48 -106.11
CA ARG F 451 -22.51 3.30 -105.49
C ARG F 451 -22.86 4.75 -105.48
N ASP F 452 -22.93 5.29 -104.26
CA ASP F 452 -23.09 6.70 -104.02
C ASP F 452 -21.73 7.31 -103.67
N ALA F 453 -21.58 8.63 -103.84
CA ALA F 453 -20.38 9.28 -103.36
C ALA F 453 -20.21 8.87 -101.89
N PHE F 454 -19.01 8.38 -101.53
CA PHE F 454 -18.76 7.91 -100.16
C PHE F 454 -17.47 8.48 -99.47
N SER F 455 -17.55 8.66 -98.15
CA SER F 455 -16.40 9.05 -97.33
C SER F 455 -15.64 7.82 -96.76
N TRP F 456 -14.51 7.44 -97.33
CA TRP F 456 -13.82 6.22 -96.85
C TRP F 456 -12.95 6.41 -95.61
N GLY F 457 -13.10 5.50 -94.65
CA GLY F 457 -12.14 5.38 -93.59
C GLY F 457 -10.81 5.09 -94.24
N ALA F 458 -9.73 5.58 -93.63
CA ALA F 458 -8.39 5.28 -94.12
C ALA F 458 -8.27 3.75 -94.31
N VAL F 459 -8.94 2.98 -93.46
CA VAL F 459 -8.81 1.53 -93.52
C VAL F 459 -9.59 0.95 -94.70
N GLN F 460 -10.79 1.43 -94.91
CA GLN F 460 -11.56 0.99 -96.06
C GLN F 460 -10.87 1.37 -97.41
N GLN F 461 -10.00 2.39 -97.41
CA GLN F 461 -9.20 2.71 -98.61
C GLN F 461 -8.27 1.53 -98.95
N SER F 462 -8.12 0.59 -98.06
CA SER F 462 -7.26 -0.55 -98.33
C SER F 462 -7.89 -1.49 -99.37
N ILE F 463 -9.20 -1.36 -99.56
CA ILE F 463 -9.98 -2.20 -100.44
C ILE F 463 -10.21 -1.51 -101.82
N ASP F 464 -9.98 -2.26 -102.89
CA ASP F 464 -10.07 -1.71 -104.19
C ASP F 464 -11.53 -1.29 -104.42
N SER F 465 -11.77 -0.03 -104.77
CA SER F 465 -13.19 0.42 -104.84
C SER F 465 -14.04 -0.37 -105.86
N ARG F 466 -13.39 -1.08 -106.78
CA ARG F 466 -14.18 -1.86 -107.72
C ARG F 466 -14.92 -3.07 -107.06
N LEU F 467 -14.44 -3.49 -105.89
CA LEU F 467 -15.04 -4.58 -105.14
C LEU F 467 -16.23 -4.20 -104.30
N ILE F 468 -16.41 -2.92 -104.13
CA ILE F 468 -17.30 -2.45 -103.15
C ILE F 468 -18.65 -2.10 -103.72
N VAL F 469 -19.70 -2.53 -103.03
CA VAL F 469 -21.07 -2.19 -103.45
C VAL F 469 -21.80 -1.69 -102.21
N ASP F 470 -22.45 -0.56 -102.37
CA ASP F 470 -23.30 0.01 -101.33
C ASP F 470 -24.68 -0.61 -101.38
N TRP F 471 -25.26 -0.79 -100.21
CA TRP F 471 -26.62 -1.27 -100.11
C TRP F 471 -27.42 -0.38 -99.22
N ARG F 472 -28.54 0.08 -99.75
CA ARG F 472 -29.49 0.87 -98.99
C ARG F 472 -30.90 0.33 -99.23
N PHE F 473 -31.60 0.04 -98.14
CA PHE F 473 -32.97 -0.41 -98.19
C PHE F 473 -33.73 0.66 -97.41
N PHE F 474 -34.87 1.09 -97.94
CA PHE F 474 -35.61 2.22 -97.39
C PHE F 474 -37.01 1.70 -96.99
N GLY F 475 -37.41 1.92 -95.75
CA GLY F 475 -38.74 1.55 -95.25
C GLY F 475 -39.86 2.54 -95.46
N ARG F 476 -41.11 2.04 -95.39
CA ARG F 476 -42.27 2.92 -95.33
C ARG F 476 -42.71 3.13 -93.88
N THR F 477 -43.10 4.35 -93.60
CA THR F 477 -43.45 4.74 -92.28
C THR F 477 -44.91 5.16 -92.29
N GLU F 478 -45.67 4.54 -91.39
CA GLU F 478 -47.09 4.83 -91.20
C GLU F 478 -47.30 6.25 -90.70
N PRO F 479 -48.17 7.00 -91.37
CA PRO F 479 -48.49 8.32 -90.88
C PRO F 479 -49.29 8.18 -89.59
N LYS F 480 -48.81 8.78 -88.50
CA LYS F 480 -49.44 8.80 -87.21
C LYS F 480 -49.55 10.27 -86.79
N GLU F 481 -50.72 10.63 -86.24
CA GLU F 481 -51.00 11.98 -85.81
C GLU F 481 -49.96 12.50 -84.81
N GLU F 482 -49.55 11.63 -83.91
CA GLU F 482 -48.60 12.01 -82.87
C GLU F 482 -47.16 12.37 -83.38
N ASN F 483 -46.84 12.05 -84.64
CA ASN F 483 -45.53 12.35 -85.20
C ASN F 483 -45.63 13.69 -85.87
N LYS F 484 -44.80 14.61 -85.43
CA LYS F 484 -44.99 16.01 -85.68
C LYS F 484 -43.72 16.79 -86.01
N LEU F 485 -43.94 17.82 -86.84
CA LEU F 485 -43.00 18.87 -87.05
C LEU F 485 -43.67 20.15 -86.55
N TRP F 486 -43.15 20.76 -85.48
CA TRP F 486 -43.74 21.99 -84.97
C TRP F 486 -42.72 23.15 -84.83
N PHE F 487 -43.23 24.36 -84.66
CA PHE F 487 -42.40 25.57 -84.73
C PHE F 487 -42.47 26.33 -83.42
N SER F 488 -41.30 26.67 -82.85
CA SER F 488 -41.23 27.30 -81.53
C SER F 488 -41.90 28.66 -81.59
N ASP F 489 -42.42 29.16 -80.47
CA ASP F 489 -42.98 30.52 -80.50
C ASP F 489 -41.97 31.50 -79.90
N LYS F 490 -40.92 30.94 -79.33
CA LYS F 490 -39.79 31.66 -78.75
C LYS F 490 -38.48 31.55 -79.57
N ILE F 491 -38.04 30.34 -79.87
CA ILE F 491 -36.68 30.13 -80.39
C ILE F 491 -36.76 30.34 -81.88
N THR F 492 -35.77 31.01 -82.47
CA THR F 492 -35.83 31.28 -83.91
C THR F 492 -34.59 30.74 -84.59
N ASP F 493 -34.67 30.50 -85.88
CA ASP F 493 -33.48 29.97 -86.56
C ASP F 493 -32.62 31.08 -87.15
N ALA F 494 -31.69 30.69 -88.02
CA ALA F 494 -30.67 31.64 -88.42
C ALA F 494 -31.26 32.67 -89.39
N TYR F 495 -32.51 32.49 -89.79
CA TYR F 495 -33.17 33.48 -90.61
C TYR F 495 -34.31 34.13 -89.88
N ASN F 496 -34.23 34.07 -88.55
CA ASN F 496 -35.23 34.72 -87.67
C ASN F 496 -36.61 34.19 -87.98
N MET F 497 -36.68 32.91 -88.33
CA MET F 497 -37.97 32.22 -88.39
C MET F 497 -38.15 31.25 -87.22
N PRO F 498 -39.41 31.02 -86.87
CA PRO F 498 -39.70 30.05 -85.79
C PRO F 498 -38.87 28.77 -85.94
N GLN F 499 -38.18 28.36 -84.86
CA GLN F 499 -37.23 27.22 -84.93
C GLN F 499 -38.00 25.90 -85.06
N PRO F 500 -37.72 25.12 -86.10
CA PRO F 500 -38.36 23.84 -86.27
C PRO F 500 -37.92 22.80 -85.22
N THR F 501 -38.88 21.99 -84.85
CA THR F 501 -38.74 21.07 -83.77
C THR F 501 -39.48 19.79 -84.17
N PHE F 502 -38.83 18.63 -84.00
CA PHE F 502 -39.48 17.37 -84.31
C PHE F 502 -39.94 16.66 -83.06
N ASP F 503 -41.12 16.03 -83.14
CA ASP F 503 -41.54 15.05 -82.17
C ASP F 503 -41.94 13.78 -82.93
N PHE F 504 -41.05 12.81 -82.94
CA PHE F 504 -41.15 11.74 -83.88
C PHE F 504 -40.56 10.44 -83.38
N ARG F 505 -41.33 9.35 -83.51
CA ARG F 505 -40.81 7.99 -83.34
C ARG F 505 -41.33 7.13 -84.46
N PHE F 506 -40.55 6.13 -84.85
CA PHE F 506 -41.04 5.19 -85.80
C PHE F 506 -42.20 4.46 -85.22
N PRO F 507 -43.33 4.49 -85.89
CA PRO F 507 -44.44 3.91 -85.13
C PRO F 507 -44.24 2.46 -84.78
N ALA F 508 -44.79 2.05 -83.64
CA ALA F 508 -44.69 0.67 -83.26
C ALA F 508 -45.59 -0.14 -84.22
N GLY F 509 -45.46 -1.44 -84.27
CA GLY F 509 -46.36 -2.18 -85.15
C GLY F 509 -45.70 -2.44 -86.51
N ARG F 510 -46.49 -2.31 -87.57
CA ARG F 510 -46.03 -2.65 -88.88
C ARG F 510 -44.75 -1.88 -89.27
N THR F 511 -44.71 -0.57 -89.07
CA THR F 511 -43.54 0.15 -89.51
C THR F 511 -42.28 -0.45 -88.88
N SER F 512 -42.35 -0.73 -87.58
CA SER F 512 -41.18 -1.25 -86.86
C SER F 512 -40.83 -2.65 -87.27
N LYS F 513 -41.83 -3.52 -87.35
CA LYS F 513 -41.62 -4.87 -87.84
C LYS F 513 -41.09 -4.89 -89.26
N GLU F 514 -41.62 -4.09 -90.14
CA GLU F 514 -41.05 -4.02 -91.48
C GLU F 514 -39.59 -3.51 -91.46
N ALA F 515 -39.28 -2.52 -90.66
CA ALA F 515 -37.95 -1.97 -90.71
C ALA F 515 -36.86 -2.98 -90.27
N GLU F 516 -37.18 -3.77 -89.25
CA GLU F 516 -36.28 -4.86 -88.85
C GLU F 516 -36.28 -6.00 -89.87
N ASP F 517 -37.42 -6.27 -90.53
CA ASP F 517 -37.44 -7.33 -91.56
C ASP F 517 -36.61 -6.88 -92.74
N MET F 518 -36.52 -5.57 -92.89
CA MET F 518 -35.90 -4.99 -94.03
C MET F 518 -34.41 -5.09 -93.83
N MET F 519 -33.94 -4.78 -92.62
CA MET F 519 -32.57 -5.12 -92.23
C MET F 519 -32.18 -6.58 -92.46
N THR F 520 -32.98 -7.52 -92.01
CA THR F 520 -32.66 -8.95 -92.23
C THR F 520 -32.50 -9.24 -93.76
N ASP F 521 -33.39 -8.64 -94.55
CA ASP F 521 -33.41 -8.87 -95.97
C ASP F 521 -32.11 -8.41 -96.62
N MET F 522 -31.63 -7.25 -96.20
CA MET F 522 -30.41 -6.70 -96.68
C MET F 522 -29.27 -7.64 -96.33
N CYS F 523 -29.28 -8.10 -95.07
CA CYS F 523 -28.23 -9.01 -94.63
C CYS F 523 -28.26 -10.24 -95.50
N VAL F 524 -29.45 -10.77 -95.72
CA VAL F 524 -29.56 -11.98 -96.53
C VAL F 524 -29.22 -11.78 -98.00
N MET F 525 -29.76 -10.73 -98.62
CA MET F 525 -29.53 -10.48 -100.04
C MET F 525 -28.09 -10.03 -100.35
N SER F 526 -27.54 -9.18 -99.48
CA SER F 526 -26.14 -8.72 -99.68
C SER F 526 -25.17 -9.89 -99.66
N ALA F 527 -25.47 -10.92 -98.89
CA ALA F 527 -24.50 -12.04 -98.71
C ALA F 527 -24.28 -12.77 -100.03
N LYS F 528 -25.14 -12.49 -101.01
CA LYS F 528 -25.04 -13.30 -102.20
C LYS F 528 -24.05 -12.65 -103.12
N ILE F 529 -23.67 -11.43 -102.75
CA ILE F 529 -22.81 -10.63 -103.60
C ILE F 529 -21.40 -10.58 -103.01
N GLY F 530 -21.34 -10.54 -101.67
CA GLY F 530 -20.10 -10.49 -100.92
C GLY F 530 -20.38 -10.36 -99.43
N GLY F 531 -19.35 -10.58 -98.61
CA GLY F 531 -19.38 -10.29 -97.16
C GLY F 531 -19.37 -8.78 -96.88
N PHE F 532 -19.65 -8.38 -95.64
CA PHE F 532 -19.64 -6.95 -95.36
C PHE F 532 -18.22 -6.40 -95.43
N LEU F 533 -18.12 -5.13 -95.79
CA LEU F 533 -16.87 -4.35 -95.68
C LEU F 533 -16.70 -3.85 -94.25
N PRO F 534 -15.54 -4.18 -93.66
CA PRO F 534 -15.35 -3.68 -92.29
C PRO F 534 -15.42 -2.17 -92.31
N GLY F 535 -16.01 -1.63 -91.25
CA GLY F 535 -16.33 -0.19 -91.13
C GLY F 535 -17.66 0.17 -91.78
N SER F 536 -18.34 -0.78 -92.44
CA SER F 536 -19.59 -0.45 -93.17
C SER F 536 -20.59 -1.55 -92.97
N LEU F 537 -20.66 -1.93 -91.72
CA LEU F 537 -21.46 -3.02 -91.30
C LEU F 537 -22.94 -2.54 -91.28
N PRO F 538 -23.85 -3.51 -91.41
CA PRO F 538 -25.28 -3.30 -91.48
C PRO F 538 -25.79 -2.49 -90.30
N GLN F 539 -26.52 -1.43 -90.55
CA GLN F 539 -26.87 -0.48 -89.51
C GLN F 539 -28.00 0.39 -90.02
N PHE F 540 -28.86 0.83 -89.08
CA PHE F 540 -29.82 1.87 -89.39
C PHE F 540 -29.04 3.15 -89.36
N MET F 541 -29.38 4.05 -90.28
CA MET F 541 -28.79 5.35 -90.34
C MET F 541 -29.55 6.33 -89.40
N GLU F 542 -28.96 7.50 -89.13
CA GLU F 542 -29.50 8.54 -88.22
C GLU F 542 -30.89 8.94 -88.75
N PRO F 543 -31.87 9.02 -87.85
CA PRO F 543 -33.22 9.22 -88.33
C PRO F 543 -33.33 10.55 -89.12
N GLY F 544 -33.84 10.45 -90.33
CA GLY F 544 -33.87 11.61 -91.25
C GLY F 544 -32.65 11.90 -92.10
N LEU F 545 -31.56 11.21 -91.85
CA LEU F 545 -30.44 11.32 -92.73
C LEU F 545 -30.91 11.04 -94.19
N VAL F 546 -31.90 10.18 -94.32
CA VAL F 546 -32.30 9.74 -95.62
C VAL F 546 -33.03 10.91 -96.42
N LEU F 547 -33.64 11.85 -95.69
CA LEU F 547 -34.10 13.08 -96.35
C LEU F 547 -35.22 12.81 -97.34
N HIS F 548 -36.12 11.96 -96.89
CA HIS F 548 -37.32 11.54 -97.58
C HIS F 548 -38.60 11.90 -96.79
N LEU F 549 -38.53 12.98 -96.02
CA LEU F 549 -39.64 13.49 -95.20
C LEU F 549 -40.87 13.85 -96.03
N GLY F 550 -42.01 13.45 -95.52
CA GLY F 550 -43.24 13.82 -96.13
C GLY F 550 -44.36 13.95 -95.13
N GLY F 551 -45.51 14.32 -95.66
CA GLY F 551 -46.75 14.40 -94.91
C GLY F 551 -46.86 15.60 -93.97
N THR F 552 -45.89 16.52 -94.09
CA THR F 552 -45.87 17.74 -93.27
C THR F 552 -46.95 18.76 -93.67
N HIS F 553 -47.51 18.61 -94.88
CA HIS F 553 -48.62 19.44 -95.32
C HIS F 553 -49.41 18.65 -96.37
N ARG F 554 -49.95 17.52 -95.95
CA ARG F 554 -50.31 16.36 -96.80
C ARG F 554 -51.64 16.50 -97.50
N MET F 555 -51.73 15.77 -98.62
CA MET F 555 -52.87 15.80 -99.52
C MET F 555 -53.88 14.76 -99.10
N GLY F 556 -55.12 15.02 -99.51
CA GLY F 556 -56.25 14.25 -99.15
C GLY F 556 -57.46 14.81 -99.90
N PHE F 557 -58.55 14.04 -99.88
CA PHE F 557 -59.76 14.40 -100.59
C PHE F 557 -60.58 15.40 -99.83
N ASP F 558 -60.55 15.28 -98.51
CA ASP F 558 -61.32 16.12 -97.60
C ASP F 558 -60.46 16.45 -96.37
N GLU F 559 -60.32 17.74 -96.09
CA GLU F 559 -59.60 18.24 -94.90
C GLU F 559 -59.83 17.46 -93.58
N LYS F 560 -61.07 17.38 -93.14
CA LYS F 560 -61.37 16.75 -91.86
C LYS F 560 -61.27 15.22 -91.93
N GLU F 561 -61.98 14.65 -92.87
CA GLU F 561 -62.16 13.21 -92.85
C GLU F 561 -60.85 12.52 -93.32
N ASP F 562 -59.97 13.22 -94.03
CA ASP F 562 -58.66 12.63 -94.34
C ASP F 562 -57.47 13.38 -93.66
N ASN F 563 -57.72 14.12 -92.58
CA ASN F 563 -56.69 14.80 -91.81
C ASN F 563 -55.58 15.40 -92.68
N CYS F 564 -55.94 16.39 -93.53
CA CYS F 564 -55.03 16.92 -94.52
C CYS F 564 -55.15 18.44 -94.77
N CYS F 565 -54.25 18.96 -95.62
CA CYS F 565 -54.00 20.39 -95.72
C CYS F 565 -54.25 20.93 -97.16
N VAL F 566 -54.04 20.07 -98.16
CA VAL F 566 -54.24 20.46 -99.53
C VAL F 566 -55.09 19.39 -100.19
N ASN F 567 -55.92 19.73 -101.18
CA ASN F 567 -56.58 18.68 -101.96
C ASN F 567 -55.71 18.16 -103.08
N THR F 568 -56.33 17.41 -103.96
CA THR F 568 -55.57 16.72 -105.01
C THR F 568 -55.06 17.64 -106.11
N ASP F 569 -55.44 18.92 -106.07
CA ASP F 569 -54.80 19.92 -106.93
C ASP F 569 -53.70 20.65 -106.20
N SER F 570 -53.30 20.09 -105.06
CA SER F 570 -52.34 20.73 -104.15
C SER F 570 -52.78 22.15 -103.80
N ARG F 571 -54.10 22.34 -103.74
CA ARG F 571 -54.68 23.56 -103.20
C ARG F 571 -54.91 23.46 -101.68
N VAL F 572 -54.43 24.46 -100.94
CA VAL F 572 -54.77 24.62 -99.53
C VAL F 572 -56.27 24.86 -99.36
N PHE F 573 -56.90 24.09 -98.48
CA PHE F 573 -58.34 24.08 -98.39
C PHE F 573 -58.88 25.45 -98.02
N GLY F 574 -59.85 25.92 -98.80
CA GLY F 574 -60.55 27.12 -98.40
C GLY F 574 -59.85 28.36 -98.85
N PHE F 575 -58.79 28.20 -99.64
CA PHE F 575 -58.07 29.34 -100.24
C PHE F 575 -58.01 29.20 -101.75
N LYS F 576 -58.44 30.24 -102.49
CA LYS F 576 -58.55 30.10 -103.93
C LYS F 576 -57.21 29.94 -104.57
N ASN F 577 -56.17 30.55 -103.99
CA ASN F 577 -54.95 30.84 -104.79
C ASN F 577 -53.59 30.62 -104.11
N LEU F 578 -53.58 29.62 -103.23
CA LEU F 578 -52.40 29.12 -102.57
C LEU F 578 -52.21 27.64 -102.82
N PHE F 579 -51.01 27.24 -103.22
CA PHE F 579 -50.73 25.85 -103.61
C PHE F 579 -49.43 25.44 -102.96
N LEU F 580 -49.30 24.15 -102.65
CA LEU F 580 -48.09 23.58 -102.06
C LEU F 580 -47.53 22.49 -102.92
N GLY F 581 -46.24 22.55 -103.17
CA GLY F 581 -45.61 21.49 -103.90
C GLY F 581 -44.51 20.87 -103.09
N GLY F 582 -44.41 19.54 -103.17
CA GLY F 582 -43.30 18.82 -102.52
C GLY F 582 -43.71 17.55 -101.76
N CYS F 583 -42.70 16.83 -101.33
CA CYS F 583 -42.90 15.58 -100.55
C CYS F 583 -43.76 15.77 -99.30
N GLY F 584 -43.85 16.97 -98.79
CA GLY F 584 -44.75 17.23 -97.68
C GLY F 584 -46.20 16.94 -98.00
N ASN F 585 -46.54 16.93 -99.30
CA ASN F 585 -47.89 16.60 -99.78
C ASN F 585 -48.25 15.10 -99.68
N ILE F 586 -47.26 14.24 -99.79
CA ILE F 586 -47.53 12.85 -99.82
C ILE F 586 -48.05 12.42 -98.41
N PRO F 587 -49.30 11.92 -98.35
CA PRO F 587 -49.99 11.46 -97.16
C PRO F 587 -49.73 9.97 -96.81
N THR F 588 -49.18 9.23 -97.75
CA THR F 588 -48.99 7.80 -97.55
C THR F 588 -47.63 7.36 -96.94
N ALA F 589 -47.59 6.07 -96.67
CA ALA F 589 -46.42 5.35 -96.26
C ALA F 589 -45.66 4.85 -97.49
N TYR F 590 -44.47 5.41 -97.73
CA TYR F 590 -43.75 5.08 -98.93
C TYR F 590 -42.29 4.78 -98.59
N GLY F 591 -41.77 3.73 -99.24
CA GLY F 591 -40.36 3.39 -99.16
C GLY F 591 -39.51 3.99 -100.26
N ALA F 592 -40.04 3.97 -101.49
CA ALA F 592 -39.34 4.49 -102.63
C ALA F 592 -39.00 5.98 -102.50
N ASN F 593 -38.01 6.44 -103.26
CA ASN F 593 -37.67 7.87 -103.28
C ASN F 593 -38.81 8.74 -103.86
N PRO F 594 -39.19 9.84 -103.16
CA PRO F 594 -40.48 10.46 -103.42
C PRO F 594 -40.49 11.67 -104.34
N THR F 595 -39.36 12.14 -104.82
CA THR F 595 -39.37 13.34 -105.59
C THR F 595 -40.16 13.20 -106.90
N LEU F 596 -40.04 12.06 -107.58
CA LEU F 596 -40.78 11.88 -108.82
C LEU F 596 -42.26 11.96 -108.50
N THR F 597 -42.67 11.39 -107.36
CA THR F 597 -44.07 11.48 -106.98
C THR F 597 -44.45 12.92 -106.72
N ALA F 598 -43.63 13.63 -105.98
CA ALA F 598 -43.92 15.05 -105.69
C ALA F 598 -44.03 15.86 -106.97
N MET F 599 -43.24 15.51 -107.96
CA MET F 599 -43.27 16.26 -109.17
C MET F 599 -44.55 15.93 -109.91
N SER F 600 -44.90 14.65 -109.94
CA SER F 600 -46.13 14.27 -110.57
C SER F 600 -47.30 15.06 -110.03
N LEU F 601 -47.29 15.31 -108.72
CA LEU F 601 -48.44 15.98 -108.08
C LEU F 601 -48.39 17.47 -108.51
N ALA F 602 -47.20 18.06 -108.51
CA ALA F 602 -47.04 19.42 -109.00
C ALA F 602 -47.53 19.58 -110.39
N ILE F 603 -47.53 18.52 -111.17
CA ILE F 603 -47.94 18.64 -112.51
C ILE F 603 -49.43 18.71 -112.56
N LYS F 604 -50.06 17.88 -111.74
CA LYS F 604 -51.48 17.91 -111.70
C LYS F 604 -51.90 19.30 -111.28
N SER F 605 -51.11 19.94 -110.44
CA SER F 605 -51.57 21.13 -109.78
C SER F 605 -51.49 22.25 -110.76
N CYS F 606 -50.47 22.22 -111.60
CA CYS F 606 -50.33 23.20 -112.69
C CYS F 606 -51.48 23.09 -113.67
N GLU F 607 -52.01 21.88 -113.82
CA GLU F 607 -53.14 21.67 -114.69
C GLU F 607 -54.38 22.37 -114.16
N TYR F 608 -54.53 22.35 -112.83
CA TYR F 608 -55.58 23.12 -112.19
C TYR F 608 -55.31 24.62 -112.31
N ILE F 609 -54.08 25.03 -112.03
CA ILE F 609 -53.72 26.43 -112.09
C ILE F 609 -54.07 26.95 -113.47
N LYS F 610 -53.78 26.15 -114.50
CA LYS F 610 -53.84 26.57 -115.89
C LYS F 610 -55.26 26.84 -116.32
N GLN F 611 -56.23 26.35 -115.56
CA GLN F 611 -57.62 26.43 -115.97
C GLN F 611 -58.47 27.25 -115.05
N ASN F 612 -57.82 28.10 -114.27
CA ASN F 612 -58.55 28.79 -113.26
C ASN F 612 -57.93 30.12 -113.03
N PHE F 613 -56.82 30.38 -113.72
CA PHE F 613 -56.12 31.67 -113.69
C PHE F 613 -55.62 31.96 -115.10
N THR F 614 -55.62 33.24 -115.48
CA THR F 614 -55.36 33.66 -116.84
C THR F 614 -54.06 34.43 -116.98
N PRO F 615 -53.20 34.05 -117.92
CA PRO F 615 -52.03 34.91 -118.05
C PRO F 615 -52.44 36.35 -118.26
N SER F 616 -51.52 37.24 -117.85
CA SER F 616 -51.68 38.64 -118.06
C SER F 616 -51.26 39.08 -119.49
N PRO F 617 -52.00 40.06 -120.02
CA PRO F 617 -51.57 40.65 -121.28
C PRO F 617 -50.07 40.91 -121.18
N PHE F 618 -49.33 40.46 -122.19
CA PHE F 618 -47.86 40.63 -122.26
C PHE F 618 -47.43 42.09 -122.48
N LYS G 46 -11.94 -12.79 -30.03
CA LYS G 46 -11.51 -11.41 -29.70
C LYS G 46 -10.07 -11.23 -30.11
N TYR G 47 -9.71 -10.03 -30.61
CA TYR G 47 -8.32 -9.67 -30.95
C TYR G 47 -7.86 -8.47 -30.16
N ASP G 48 -6.54 -8.24 -30.09
CA ASP G 48 -6.03 -6.98 -29.59
C ASP G 48 -6.26 -5.84 -30.57
N VAL G 49 -5.99 -6.09 -31.84
CA VAL G 49 -6.10 -5.04 -32.87
C VAL G 49 -6.79 -5.55 -34.12
N VAL G 50 -7.75 -4.79 -34.65
CA VAL G 50 -8.28 -5.10 -35.97
C VAL G 50 -7.94 -4.04 -37.01
N ILE G 51 -7.54 -4.49 -38.18
CA ILE G 51 -7.15 -3.58 -39.26
C ILE G 51 -8.06 -3.80 -40.47
N VAL G 52 -8.79 -2.78 -40.84
CA VAL G 52 -9.63 -2.88 -42.01
C VAL G 52 -8.83 -2.41 -43.20
N GLY G 53 -8.61 -3.33 -44.14
CA GLY G 53 -7.76 -3.10 -45.29
C GLY G 53 -6.35 -3.67 -45.20
N SER G 54 -5.91 -4.31 -46.31
CA SER G 54 -4.64 -5.02 -46.43
C SER G 54 -3.73 -4.27 -47.39
N GLY G 55 -4.00 -2.99 -47.57
CA GLY G 55 -3.15 -2.15 -48.43
C GLY G 55 -1.85 -1.84 -47.68
N PRO G 56 -1.00 -1.00 -48.28
CA PRO G 56 0.30 -0.82 -47.69
C PRO G 56 0.25 -0.04 -46.37
N ILE G 57 -0.80 0.75 -46.17
CA ILE G 57 -0.96 1.43 -44.93
C ILE G 57 -1.47 0.46 -43.86
N GLY G 58 -2.47 -0.34 -44.19
CA GLY G 58 -2.89 -1.31 -43.26
C GLY G 58 -1.66 -2.07 -42.86
N CYS G 59 -0.77 -2.27 -43.83
CA CYS G 59 0.23 -3.28 -43.66
C CYS G 59 1.39 -2.76 -42.82
N THR G 60 1.58 -1.45 -42.84
CA THR G 60 2.43 -0.71 -41.91
C THR G 60 1.95 -0.91 -40.42
N TYR G 61 0.68 -0.71 -40.14
CA TYR G 61 0.16 -0.98 -38.83
C TYR G 61 0.49 -2.44 -38.47
N ALA G 62 0.28 -3.34 -39.43
CA ALA G 62 0.46 -4.74 -39.13
C ALA G 62 1.91 -5.07 -38.79
N ARG G 63 2.85 -4.59 -39.60
CA ARG G 63 4.25 -4.83 -39.33
C ARG G 63 4.60 -4.34 -37.88
N GLU G 64 4.29 -3.06 -37.62
CA GLU G 64 4.55 -2.43 -36.32
C GLU G 64 3.94 -3.15 -35.11
N LEU G 65 2.70 -3.64 -35.25
CA LEU G 65 1.92 -4.17 -34.12
C LEU G 65 2.06 -5.64 -33.94
N VAL G 66 1.98 -6.38 -35.03
CA VAL G 66 2.30 -7.79 -35.00
C VAL G 66 3.75 -7.94 -34.46
N GLY G 67 4.62 -7.04 -34.88
CA GLY G 67 6.05 -7.11 -34.47
C GLY G 67 6.29 -6.76 -33.02
N ALA G 68 5.36 -6.04 -32.46
CA ALA G 68 5.35 -5.73 -31.07
C ALA G 68 4.46 -6.68 -30.26
N GLY G 69 4.14 -7.87 -30.73
CA GLY G 69 3.36 -8.82 -29.91
C GLY G 69 1.84 -8.65 -29.78
N TYR G 70 1.23 -7.70 -30.50
CA TYR G 70 -0.21 -7.55 -30.47
C TYR G 70 -0.83 -8.67 -31.28
N LYS G 71 -2.00 -9.12 -30.83
CA LYS G 71 -2.65 -10.19 -31.52
C LYS G 71 -3.60 -9.54 -32.48
N VAL G 72 -3.30 -9.67 -33.76
CA VAL G 72 -3.85 -8.80 -34.76
C VAL G 72 -4.67 -9.54 -35.81
N ALA G 73 -5.76 -8.89 -36.25
CA ALA G 73 -6.61 -9.42 -37.35
C ALA G 73 -6.73 -8.37 -38.39
N MET G 74 -6.71 -8.79 -39.63
CA MET G 74 -6.90 -7.85 -40.70
C MET G 74 -7.96 -8.34 -41.61
N PHE G 75 -8.82 -7.43 -42.09
CA PHE G 75 -9.96 -7.78 -42.93
C PHE G 75 -9.78 -7.16 -44.28
N ASP G 76 -10.02 -7.90 -45.37
CA ASP G 76 -10.03 -7.21 -46.65
C ASP G 76 -11.23 -7.65 -47.42
N ILE G 77 -11.87 -6.68 -48.05
CA ILE G 77 -13.07 -6.92 -48.79
C ILE G 77 -12.69 -7.74 -50.06
N GLY G 78 -11.44 -7.61 -50.46
CA GLY G 78 -10.93 -8.27 -51.67
C GLY G 78 -10.19 -9.54 -51.27
N GLU G 79 -9.59 -10.20 -52.25
CA GLU G 79 -9.18 -11.58 -52.09
C GLU G 79 -7.73 -11.78 -52.54
N ILE G 80 -7.14 -12.89 -52.14
CA ILE G 80 -5.74 -13.17 -52.45
C ILE G 80 -5.79 -13.66 -53.88
N ASP G 81 -5.19 -12.96 -54.82
CA ASP G 81 -5.44 -13.31 -56.23
C ASP G 81 -4.23 -13.44 -57.15
N SER G 82 -3.00 -13.58 -56.62
CA SER G 82 -1.75 -13.79 -57.43
C SER G 82 -1.27 -15.21 -57.30
N GLY G 83 -0.02 -15.52 -56.88
CA GLY G 83 0.87 -14.67 -56.16
C GLY G 83 0.93 -15.52 -54.91
N LEU G 84 1.91 -16.43 -54.81
CA LEU G 84 2.21 -17.07 -53.49
C LEU G 84 2.64 -16.04 -52.46
N LYS G 85 3.14 -14.91 -52.95
CA LYS G 85 3.45 -13.81 -52.08
C LYS G 85 2.22 -12.93 -51.91
N ILE G 86 1.55 -13.06 -50.78
CA ILE G 86 0.34 -12.31 -50.55
C ILE G 86 0.53 -10.78 -50.64
N GLY G 87 -0.38 -10.11 -51.38
CA GLY G 87 -0.43 -8.68 -51.59
C GLY G 87 0.79 -8.06 -52.28
N ALA G 88 1.54 -8.90 -52.99
CA ALA G 88 2.71 -8.47 -53.72
C ALA G 88 2.33 -7.79 -55.04
N HIS G 89 3.35 -7.28 -55.69
CA HIS G 89 3.16 -6.54 -56.89
C HIS G 89 2.96 -7.52 -58.01
N LYS G 90 1.83 -7.43 -58.69
CA LYS G 90 1.53 -8.31 -59.81
C LYS G 90 2.43 -8.02 -61.04
N LYS G 91 3.12 -6.91 -61.06
CA LYS G 91 4.12 -6.71 -62.13
C LYS G 91 5.40 -7.57 -61.92
N ASN G 92 5.57 -8.20 -60.76
CA ASN G 92 6.82 -8.98 -60.54
C ASN G 92 6.74 -10.37 -61.17
N THR G 93 6.34 -10.45 -62.42
CA THR G 93 6.36 -11.78 -62.98
C THR G 93 7.27 -11.76 -64.19
N VAL G 94 7.91 -12.90 -64.47
CA VAL G 94 8.75 -12.97 -65.65
C VAL G 94 7.97 -12.49 -66.94
N GLU G 95 6.76 -13.01 -67.20
CA GLU G 95 5.90 -12.56 -68.33
C GLU G 95 5.71 -11.07 -68.40
N TYR G 96 5.42 -10.45 -67.25
CA TYR G 96 5.13 -9.01 -67.32
C TYR G 96 6.39 -8.24 -67.50
N GLN G 97 7.49 -8.68 -66.89
CA GLN G 97 8.74 -7.92 -67.09
C GLN G 97 9.22 -8.09 -68.52
N LYS G 98 8.81 -9.17 -69.18
CA LYS G 98 9.11 -9.35 -70.61
C LYS G 98 8.05 -8.76 -71.55
N ASN G 99 6.89 -8.37 -71.04
CA ASN G 99 5.84 -7.82 -71.90
C ASN G 99 5.22 -6.72 -71.06
N ILE G 100 5.99 -5.69 -70.76
CA ILE G 100 5.59 -4.77 -69.73
C ILE G 100 4.40 -3.89 -70.15
N ASP G 101 4.20 -3.67 -71.44
CA ASP G 101 3.04 -2.87 -71.82
C ASP G 101 1.67 -3.54 -71.56
N LYS G 102 1.63 -4.86 -71.58
CA LYS G 102 0.43 -5.60 -71.14
C LYS G 102 -0.04 -5.31 -69.72
N PHE G 103 0.84 -4.75 -68.87
CA PHE G 103 0.45 -4.60 -67.49
C PHE G 103 -0.65 -3.54 -67.35
N VAL G 104 -0.77 -2.64 -68.31
CA VAL G 104 -1.85 -1.67 -68.30
C VAL G 104 -3.20 -2.39 -67.99
N ASN G 105 -3.38 -3.58 -68.53
CA ASN G 105 -4.64 -4.28 -68.41
C ASN G 105 -4.94 -4.75 -66.99
N VAL G 106 -3.91 -5.22 -66.28
CA VAL G 106 -4.09 -5.52 -64.91
C VAL G 106 -4.59 -4.31 -64.16
N ILE G 107 -4.02 -3.17 -64.42
CA ILE G 107 -4.46 -1.95 -63.76
C ILE G 107 -5.91 -1.60 -64.03
N GLN G 108 -6.30 -1.56 -65.31
CA GLN G 108 -7.66 -1.19 -65.72
C GLN G 108 -8.64 -2.14 -65.07
N GLY G 109 -8.28 -3.42 -64.97
CA GLY G 109 -9.14 -4.45 -64.43
C GLY G 109 -9.32 -4.41 -62.91
N GLN G 110 -8.70 -3.50 -62.20
CA GLN G 110 -8.93 -3.45 -60.73
C GLN G 110 -9.03 -1.98 -60.31
N LEU G 111 -9.34 -1.16 -61.28
CA LEU G 111 -9.71 0.20 -61.01
C LEU G 111 -11.20 0.29 -61.28
N MET G 112 -11.98 0.31 -60.21
CA MET G 112 -13.45 0.44 -60.28
C MET G 112 -13.94 1.86 -59.94
N SER G 113 -14.62 2.48 -60.88
CA SER G 113 -14.97 3.90 -60.77
C SER G 113 -15.70 4.19 -59.49
N VAL G 114 -15.36 5.30 -58.83
CA VAL G 114 -16.03 5.66 -57.62
C VAL G 114 -17.47 6.11 -57.86
N SER G 115 -17.68 7.05 -58.78
CA SER G 115 -18.99 7.66 -58.99
C SER G 115 -19.15 8.03 -60.46
N VAL G 116 -20.10 7.41 -61.13
CA VAL G 116 -20.28 7.54 -62.57
C VAL G 116 -21.61 8.20 -62.75
N PRO G 117 -21.61 9.40 -63.33
CA PRO G 117 -22.86 10.13 -63.47
C PRO G 117 -23.83 9.42 -64.44
N VAL G 118 -25.07 9.88 -64.45
CA VAL G 118 -26.07 9.32 -65.32
C VAL G 118 -25.67 9.68 -66.73
N ASN G 119 -25.81 8.72 -67.63
CA ASN G 119 -25.33 8.84 -69.02
C ASN G 119 -26.43 9.48 -69.90
N THR G 120 -26.03 10.48 -70.67
CA THR G 120 -26.93 11.22 -71.48
C THR G 120 -26.49 11.17 -72.97
N LEU G 121 -25.69 10.17 -73.34
CA LEU G 121 -25.27 10.00 -74.74
C LEU G 121 -26.48 9.52 -75.55
N VAL G 122 -26.70 10.09 -76.74
CA VAL G 122 -27.88 9.74 -77.53
C VAL G 122 -27.61 8.59 -78.50
N VAL G 123 -28.34 7.50 -78.41
CA VAL G 123 -28.22 6.44 -79.39
C VAL G 123 -29.53 6.40 -80.14
N ASP G 124 -29.57 7.02 -81.31
CA ASP G 124 -30.77 7.04 -82.08
C ASP G 124 -30.62 6.15 -83.33
N THR G 125 -29.75 5.14 -83.29
CA THR G 125 -29.70 4.23 -84.40
C THR G 125 -29.98 2.78 -84.02
N LEU G 126 -30.70 2.61 -82.93
CA LEU G 126 -31.34 1.36 -82.65
C LEU G 126 -32.35 0.99 -83.75
N SER G 127 -32.58 -0.33 -83.91
CA SER G 127 -33.68 -0.85 -84.71
C SER G 127 -34.93 -0.33 -84.02
N PRO G 128 -35.94 0.08 -84.78
CA PRO G 128 -37.23 0.39 -84.32
C PRO G 128 -37.85 -0.73 -83.56
N THR G 129 -37.48 -1.99 -83.82
CA THR G 129 -38.00 -3.04 -82.92
C THR G 129 -37.37 -3.06 -81.54
N SER G 130 -36.14 -2.52 -81.35
CA SER G 130 -35.44 -2.77 -80.07
C SER G 130 -36.06 -1.92 -78.99
N TRP G 131 -36.02 -2.32 -77.72
CA TRP G 131 -36.64 -1.53 -76.67
C TRP G 131 -35.81 -0.28 -76.48
N GLN G 132 -36.48 0.88 -76.34
CA GLN G 132 -35.78 2.18 -76.43
C GLN G 132 -36.29 3.19 -75.39
N ALA G 133 -35.38 3.98 -74.87
CA ALA G 133 -35.64 4.74 -73.64
C ALA G 133 -36.38 5.99 -73.92
N SER G 134 -37.21 6.43 -72.98
CA SER G 134 -37.88 7.71 -73.11
C SER G 134 -37.16 8.79 -72.36
N THR G 135 -36.25 8.37 -71.48
CA THR G 135 -35.50 9.25 -70.62
C THR G 135 -34.14 8.62 -70.31
N PHE G 136 -33.25 9.45 -69.82
CA PHE G 136 -31.92 9.06 -69.47
C PHE G 136 -32.03 8.69 -67.99
N PHE G 137 -32.47 7.47 -67.75
CA PHE G 137 -32.74 7.01 -66.42
C PHE G 137 -31.46 6.36 -65.86
N VAL G 138 -31.50 6.06 -64.58
CA VAL G 138 -30.42 5.48 -63.87
C VAL G 138 -30.18 4.08 -64.34
N ARG G 139 -29.13 3.92 -65.13
CA ARG G 139 -28.69 2.66 -65.70
C ARG G 139 -27.25 2.25 -65.30
N ASN G 140 -26.99 1.00 -65.49
CA ASN G 140 -25.62 0.45 -65.44
C ASN G 140 -24.79 0.89 -64.22
N GLY G 141 -25.42 1.07 -63.10
CA GLY G 141 -24.69 1.39 -61.88
C GLY G 141 -24.38 2.88 -61.73
N SER G 142 -24.98 3.71 -62.57
CA SER G 142 -24.62 5.12 -62.55
C SER G 142 -25.20 5.69 -61.28
N ASN G 143 -24.64 6.83 -60.89
CA ASN G 143 -25.07 7.48 -59.62
C ASN G 143 -25.86 8.76 -59.89
N PRO G 144 -27.20 8.69 -59.71
CA PRO G 144 -28.08 9.82 -59.98
C PRO G 144 -27.72 11.07 -59.15
N GLU G 145 -26.94 10.91 -58.08
CA GLU G 145 -26.61 12.05 -57.19
C GLU G 145 -25.47 12.97 -57.72
N GLN G 146 -24.63 12.42 -58.60
CA GLN G 146 -23.44 13.06 -59.12
C GLN G 146 -23.72 14.09 -60.23
N ASP G 147 -23.38 15.35 -59.92
CA ASP G 147 -23.27 16.37 -60.93
C ASP G 147 -22.09 15.98 -61.88
N PRO G 148 -22.40 15.74 -63.16
CA PRO G 148 -21.28 15.27 -64.00
C PRO G 148 -20.19 16.32 -64.15
N LEU G 149 -20.47 17.57 -63.84
CA LEU G 149 -19.48 18.62 -64.02
C LEU G 149 -18.74 19.04 -62.74
N ARG G 150 -18.94 18.31 -61.66
CA ARG G 150 -18.30 18.61 -60.37
C ARG G 150 -17.89 17.27 -59.82
N ASN G 151 -17.39 16.39 -60.71
CA ASN G 151 -16.99 15.03 -60.32
C ASN G 151 -15.49 14.85 -60.30
N LEU G 152 -15.05 13.76 -59.69
CA LEU G 152 -13.72 13.26 -59.98
C LEU G 152 -13.93 11.94 -60.78
N SER G 153 -14.18 12.13 -62.08
CA SER G 153 -14.75 11.11 -62.91
C SER G 153 -13.78 9.98 -62.99
N GLY G 154 -12.49 10.31 -63.04
CA GLY G 154 -11.46 9.28 -63.07
C GLY G 154 -11.08 8.61 -61.76
N GLN G 155 -11.72 9.01 -60.67
CA GLN G 155 -11.44 8.36 -59.36
C GLN G 155 -11.94 6.90 -59.36
N ALA G 156 -11.13 6.00 -58.87
CA ALA G 156 -11.50 4.61 -58.83
C ALA G 156 -10.92 3.97 -57.58
N VAL G 157 -11.39 2.77 -57.27
CA VAL G 157 -10.95 2.07 -56.10
C VAL G 157 -10.55 0.66 -56.55
N THR G 158 -9.69 0.09 -55.75
CA THR G 158 -9.16 -1.24 -56.01
C THR G 158 -9.45 -2.14 -54.81
N ARG G 159 -10.12 -3.26 -55.04
CA ARG G 159 -10.41 -4.23 -54.02
C ARG G 159 -9.80 -5.61 -54.26
N VAL G 160 -8.55 -5.73 -53.81
CA VAL G 160 -7.84 -6.95 -53.75
C VAL G 160 -6.91 -6.90 -52.54
N VAL G 161 -6.50 -8.07 -52.07
CA VAL G 161 -5.49 -8.07 -51.01
C VAL G 161 -4.19 -7.35 -51.49
N GLY G 162 -3.73 -6.37 -50.69
CA GLY G 162 -2.64 -5.52 -51.07
C GLY G 162 -3.10 -4.22 -51.68
N GLY G 163 -4.40 -4.11 -51.94
CA GLY G 163 -4.91 -2.84 -52.46
C GLY G 163 -4.24 -2.43 -53.75
N MET G 164 -4.10 -1.11 -53.90
CA MET G 164 -3.51 -0.49 -55.09
C MET G 164 -1.98 -0.77 -55.25
N SER G 165 -1.35 -1.11 -54.16
CA SER G 165 0.06 -1.36 -54.20
C SER G 165 0.35 -2.69 -54.91
N THR G 166 -0.69 -3.40 -55.33
CA THR G 166 -0.45 -4.57 -56.20
C THR G 166 -0.26 -4.08 -57.66
N HIS G 167 -0.49 -2.81 -57.92
CA HIS G 167 -0.33 -2.33 -59.25
C HIS G 167 0.37 -1.04 -59.36
N TRP G 168 0.70 -0.42 -58.21
CA TRP G 168 1.22 0.94 -58.22
C TRP G 168 2.59 1.23 -58.96
N THR G 169 2.89 2.50 -59.22
CA THR G 169 4.12 2.85 -59.98
C THR G 169 5.37 2.87 -59.06
N CYS G 170 5.14 2.89 -57.75
CA CYS G 170 6.12 2.71 -56.66
C CYS G 170 6.97 3.96 -56.39
N ALA G 171 6.54 5.12 -56.92
CA ALA G 171 7.22 6.38 -56.71
C ALA G 171 7.01 6.91 -55.28
N THR G 172 8.10 7.07 -54.54
CA THR G 172 7.97 7.41 -53.14
C THR G 172 8.83 8.56 -52.73
N PRO G 173 8.44 9.74 -53.19
CA PRO G 173 9.15 10.92 -52.76
C PRO G 173 8.62 11.48 -51.45
N ARG G 174 9.46 12.25 -50.83
CA ARG G 174 9.13 12.92 -49.59
C ARG G 174 8.52 14.25 -49.99
N PHE G 175 7.65 14.73 -49.11
CA PHE G 175 7.19 16.08 -49.23
C PHE G 175 8.25 17.03 -48.62
N ASP G 176 8.63 18.11 -49.30
CA ASP G 176 9.30 19.19 -48.61
C ASP G 176 8.28 19.93 -47.73
N ARG G 177 8.76 20.92 -46.96
CA ARG G 177 7.94 21.51 -45.89
C ARG G 177 6.67 22.14 -46.44
N GLU G 178 6.81 22.86 -47.54
CA GLU G 178 5.68 23.52 -48.22
C GLU G 178 4.48 22.62 -48.46
N GLN G 179 4.69 21.32 -48.68
CA GLN G 179 3.59 20.38 -49.01
C GLN G 179 3.11 19.58 -47.78
N ARG G 180 3.80 19.77 -46.68
CA ARG G 180 3.77 18.81 -45.60
C ARG G 180 3.03 19.30 -44.38
N PRO G 181 2.21 18.43 -43.76
CA PRO G 181 1.53 18.76 -42.48
C PRO G 181 2.51 18.88 -41.34
N LEU G 182 2.25 19.78 -40.41
CA LEU G 182 3.10 19.92 -39.25
C LEU G 182 2.85 18.77 -38.35
N LEU G 183 3.88 18.25 -37.74
CA LEU G 183 3.66 17.20 -36.76
C LEU G 183 4.01 17.78 -35.43
N VAL G 184 4.78 18.88 -35.48
CA VAL G 184 5.21 19.60 -34.28
C VAL G 184 5.00 21.10 -34.43
N LYS G 185 4.22 21.65 -33.50
CA LYS G 185 3.86 23.04 -33.56
C LYS G 185 5.03 23.94 -33.14
N ASP G 186 5.14 25.09 -33.80
CA ASP G 186 6.05 26.16 -33.37
C ASP G 186 7.46 25.71 -33.01
N ASP G 187 7.97 24.67 -33.66
CA ASP G 187 9.39 24.29 -33.48
C ASP G 187 9.82 23.59 -34.77
N ALA G 188 10.23 24.39 -35.74
CA ALA G 188 10.27 23.89 -37.09
C ALA G 188 11.33 22.82 -37.28
N ASP G 189 12.37 22.90 -36.45
CA ASP G 189 13.55 22.05 -36.63
C ASP G 189 13.24 20.70 -35.99
N ALA G 190 12.49 20.70 -34.90
CA ALA G 190 12.02 19.45 -34.31
C ALA G 190 11.04 18.70 -35.26
N ASP G 191 10.28 19.47 -36.02
CA ASP G 191 9.31 18.97 -37.02
C ASP G 191 10.05 18.24 -38.13
N ASP G 192 11.11 18.87 -38.65
CA ASP G 192 11.91 18.22 -39.67
C ASP G 192 12.47 16.95 -39.15
N ALA G 193 12.82 16.91 -37.88
CA ALA G 193 13.60 15.79 -37.40
C ALA G 193 12.64 14.61 -37.22
N GLU G 194 11.43 14.92 -36.75
CA GLU G 194 10.41 13.95 -36.63
C GLU G 194 10.09 13.43 -38.04
N TRP G 195 9.87 14.30 -39.03
CA TRP G 195 9.60 13.80 -40.42
C TRP G 195 10.76 13.04 -41.07
N ASP G 196 11.99 13.45 -40.81
CA ASP G 196 13.13 12.74 -41.34
C ASP G 196 13.19 11.36 -40.69
N ARG G 197 12.85 11.26 -39.44
CA ARG G 197 12.88 9.97 -38.78
C ARG G 197 11.84 9.00 -39.32
N LEU G 198 10.64 9.53 -39.55
CA LEU G 198 9.52 8.74 -40.04
C LEU G 198 9.70 8.35 -41.50
N TYR G 199 10.12 9.30 -42.30
CA TYR G 199 10.29 9.03 -43.69
C TYR G 199 11.34 7.97 -43.83
N THR G 200 12.36 8.10 -42.99
CA THR G 200 13.48 7.17 -43.01
C THR G 200 13.00 5.74 -42.75
N LYS G 201 12.18 5.52 -41.75
CA LYS G 201 11.65 4.18 -41.48
C LYS G 201 10.70 3.74 -42.63
N ALA G 202 9.84 4.63 -43.08
CA ALA G 202 8.96 4.29 -44.19
C ALA G 202 9.75 3.81 -45.43
N GLU G 203 10.72 4.64 -45.83
CA GLU G 203 11.71 4.27 -46.88
C GLU G 203 12.30 2.90 -46.69
N SER G 204 12.69 2.52 -45.47
CA SER G 204 13.10 1.12 -45.33
C SER G 204 11.97 0.06 -45.38
N TYR G 205 10.76 0.39 -44.96
CA TYR G 205 9.66 -0.55 -45.07
C TYR G 205 9.30 -0.86 -46.54
N PHE G 206 9.41 0.18 -47.37
CA PHE G 206 9.20 0.11 -48.81
C PHE G 206 10.39 -0.27 -49.69
N GLN G 207 11.60 -0.20 -49.11
CA GLN G 207 12.82 -0.45 -49.82
C GLN G 207 12.97 0.54 -50.96
N THR G 208 12.59 1.79 -50.68
CA THR G 208 12.84 2.96 -51.58
C THR G 208 14.34 3.13 -51.81
N GLY G 209 14.70 3.47 -53.05
CA GLY G 209 16.07 3.70 -53.42
C GLY G 209 16.07 4.61 -54.63
N THR G 210 17.23 5.11 -54.99
CA THR G 210 17.35 6.04 -56.11
C THR G 210 18.49 5.60 -57.06
N ASP G 211 18.89 4.34 -56.96
CA ASP G 211 19.97 3.80 -57.74
C ASP G 211 19.60 2.59 -58.62
N GLN G 212 18.33 2.18 -58.66
CA GLN G 212 17.97 0.97 -59.37
C GLN G 212 18.00 1.13 -60.89
N PHE G 213 18.06 2.38 -61.41
CA PHE G 213 18.11 2.66 -62.88
C PHE G 213 19.39 3.28 -63.39
N LYS G 214 20.42 3.18 -62.58
CA LYS G 214 21.56 4.08 -62.77
C LYS G 214 22.31 3.77 -64.02
N GLU G 215 22.18 2.54 -64.52
CA GLU G 215 22.96 2.18 -65.72
C GLU G 215 22.14 2.17 -66.97
N SER G 216 21.00 2.84 -66.90
CA SER G 216 20.14 2.93 -68.06
C SER G 216 20.61 4.04 -68.92
N ILE G 217 20.88 3.66 -70.14
CA ILE G 217 21.25 4.62 -71.14
C ILE G 217 20.10 5.60 -71.34
N ARG G 218 18.85 5.12 -71.35
CA ARG G 218 17.81 6.14 -71.66
C ARG G 218 17.66 7.07 -70.47
N HIS G 219 17.83 6.53 -69.26
CA HIS G 219 17.72 7.35 -68.02
C HIS G 219 18.78 8.41 -67.94
N ASN G 220 19.98 8.06 -68.32
CA ASN G 220 21.08 9.00 -68.26
C ASN G 220 21.10 9.99 -69.40
N LEU G 221 20.63 9.57 -70.56
CA LEU G 221 20.51 10.46 -71.67
C LEU G 221 19.63 11.62 -71.28
N VAL G 222 18.48 11.25 -70.77
CA VAL G 222 17.47 12.26 -70.32
C VAL G 222 17.91 13.07 -69.10
N LEU G 223 18.34 12.35 -68.05
CA LEU G 223 18.90 12.95 -66.83
C LEU G 223 19.97 13.99 -67.14
N ASN G 224 21.00 13.60 -67.92
CA ASN G 224 22.06 14.53 -68.25
C ASN G 224 21.58 15.70 -69.09
N LYS G 225 20.71 15.46 -70.04
CA LYS G 225 20.36 16.57 -70.91
C LYS G 225 19.66 17.65 -70.11
N LEU G 226 18.75 17.26 -69.24
CA LEU G 226 17.92 18.19 -68.50
C LEU G 226 18.70 18.87 -67.37
N THR G 227 19.54 18.09 -66.72
CA THR G 227 20.48 18.60 -65.72
C THR G 227 21.25 19.76 -66.31
N GLU G 228 21.64 19.61 -67.57
CA GLU G 228 22.45 20.63 -68.21
C GLU G 228 21.58 21.83 -68.64
N GLU G 229 20.37 21.56 -69.16
CA GLU G 229 19.51 22.64 -69.64
C GLU G 229 19.11 23.50 -68.48
N TYR G 230 19.04 22.92 -67.31
CA TYR G 230 18.57 23.62 -66.15
C TYR G 230 19.74 23.90 -65.14
N LYS G 231 20.96 24.00 -65.64
CA LYS G 231 22.09 24.10 -64.71
C LYS G 231 21.97 25.40 -63.92
N GLY G 232 22.15 25.27 -62.61
CA GLY G 232 21.89 26.37 -61.66
C GLY G 232 20.44 26.84 -61.53
N GLN G 233 19.46 26.11 -62.05
CA GLN G 233 18.04 26.52 -61.89
C GLN G 233 17.22 25.38 -61.20
N ARG G 234 17.39 24.13 -61.63
CA ARG G 234 16.66 22.99 -61.10
C ARG G 234 17.57 21.77 -61.00
N ASP G 235 17.36 20.94 -59.99
CA ASP G 235 18.05 19.66 -59.81
C ASP G 235 17.15 18.50 -60.24
N PHE G 236 17.77 17.57 -60.94
CA PHE G 236 17.13 16.37 -61.44
C PHE G 236 17.83 15.14 -60.87
N GLN G 237 17.09 14.07 -60.61
CA GLN G 237 17.65 12.89 -59.97
C GLN G 237 16.73 11.77 -60.34
N GLN G 238 17.10 10.55 -59.96
CA GLN G 238 16.18 9.47 -60.16
C GLN G 238 14.88 9.65 -59.37
N ILE G 239 13.74 9.26 -59.95
CA ILE G 239 12.57 9.10 -59.12
C ILE G 239 12.87 8.10 -57.98
N PRO G 240 12.61 8.45 -56.72
CA PRO G 240 12.74 7.48 -55.70
C PRO G 240 11.67 6.38 -55.88
N LEU G 241 12.09 5.13 -55.85
CA LEU G 241 11.26 4.08 -56.28
C LEU G 241 11.33 2.99 -55.27
N ALA G 242 10.16 2.46 -54.88
CA ALA G 242 10.14 1.37 -53.91
C ALA G 242 10.28 0.16 -54.76
N ALA G 243 11.51 -0.34 -54.81
CA ALA G 243 11.92 -1.31 -55.83
C ALA G 243 13.32 -1.81 -55.49
N THR G 244 13.55 -3.10 -55.69
CA THR G 244 14.87 -3.63 -55.55
C THR G 244 15.31 -4.34 -56.82
N ARG G 245 16.33 -3.85 -57.48
CA ARG G 245 16.73 -4.50 -58.71
C ARG G 245 17.30 -5.86 -58.38
N ARG G 246 16.96 -6.84 -59.22
CA ARG G 246 17.40 -8.23 -58.98
C ARG G 246 18.34 -8.79 -60.02
N SER G 247 18.25 -8.32 -61.27
CA SER G 247 19.08 -8.72 -62.42
C SER G 247 18.95 -7.54 -63.35
N PRO G 248 19.75 -7.49 -64.43
CA PRO G 248 19.66 -6.42 -65.42
C PRO G 248 18.32 -6.32 -66.12
N THR G 249 17.49 -7.33 -66.06
CA THR G 249 16.19 -7.21 -66.72
C THR G 249 15.03 -7.46 -65.73
N PHE G 250 15.33 -7.56 -64.45
CA PHE G 250 14.22 -7.87 -63.55
C PHE G 250 14.25 -7.00 -62.32
N VAL G 251 13.16 -6.27 -62.09
CA VAL G 251 13.03 -5.43 -60.89
C VAL G 251 11.96 -6.00 -59.98
N GLU G 252 12.33 -6.41 -58.77
CA GLU G 252 11.29 -6.68 -57.78
C GLU G 252 10.72 -5.35 -57.27
N TRP G 253 9.50 -5.04 -57.75
CA TRP G 253 8.83 -3.81 -57.34
C TRP G 253 8.20 -4.06 -56.03
N SER G 254 8.24 -3.03 -55.16
CA SER G 254 7.68 -3.08 -53.84
C SER G 254 6.13 -3.02 -53.78
N SER G 255 5.57 -3.55 -52.70
CA SER G 255 4.12 -3.49 -52.46
C SER G 255 3.76 -3.66 -50.96
N ALA G 256 2.48 -3.89 -50.65
CA ALA G 256 2.08 -4.25 -49.30
C ALA G 256 2.95 -5.39 -48.78
N ASN G 257 3.14 -6.38 -49.64
CA ASN G 257 3.88 -7.55 -49.27
C ASN G 257 5.28 -7.21 -48.73
N THR G 258 5.93 -6.27 -49.33
CA THR G 258 7.26 -5.88 -48.86
C THR G 258 7.15 -5.38 -47.44
N VAL G 259 6.12 -4.57 -47.24
CA VAL G 259 5.92 -3.94 -45.98
C VAL G 259 5.62 -5.01 -44.92
N PHE G 260 4.77 -5.97 -45.26
CA PHE G 260 4.47 -7.07 -44.37
C PHE G 260 3.87 -8.23 -45.20
N ASP G 261 4.30 -9.45 -44.96
CA ASP G 261 4.08 -10.54 -45.91
C ASP G 261 2.75 -11.20 -45.83
N LEU G 262 1.94 -10.81 -44.87
CA LEU G 262 0.53 -11.20 -44.79
C LEU G 262 0.26 -12.69 -44.54
N GLN G 263 1.31 -13.44 -44.21
CA GLN G 263 1.14 -14.83 -43.77
C GLN G 263 0.56 -14.89 -42.36
N ASN G 264 -0.32 -15.87 -42.13
CA ASN G 264 -0.84 -16.03 -40.81
C ASN G 264 0.24 -16.53 -39.82
N ARG G 265 0.08 -16.12 -38.58
CA ARG G 265 1.07 -16.21 -37.57
C ARG G 265 0.27 -16.54 -36.37
N PRO G 266 0.78 -17.42 -35.51
CA PRO G 266 2.22 -17.82 -35.45
C PRO G 266 2.69 -18.77 -36.52
N ASN G 267 3.95 -18.62 -36.94
CA ASN G 267 4.55 -19.57 -37.90
C ASN G 267 6.05 -19.91 -37.64
N THR G 268 6.53 -20.92 -38.37
CA THR G 268 7.94 -21.30 -38.30
C THR G 268 8.88 -20.11 -38.17
N ASP G 269 8.73 -19.12 -39.03
CA ASP G 269 9.66 -17.99 -39.05
C ASP G 269 9.38 -17.00 -37.92
N ALA G 270 8.13 -17.00 -37.45
CA ALA G 270 7.71 -16.09 -36.40
C ALA G 270 6.76 -16.79 -35.44
N PRO G 271 7.30 -17.66 -34.58
CA PRO G 271 6.41 -18.50 -33.78
C PRO G 271 5.80 -17.76 -32.59
N GLU G 272 6.31 -16.56 -32.30
CA GLU G 272 5.80 -15.79 -31.18
C GLU G 272 4.89 -14.65 -31.64
N GLU G 273 4.51 -14.64 -32.91
CA GLU G 273 3.71 -13.54 -33.42
C GLU G 273 2.27 -13.99 -33.74
N ARG G 274 1.35 -13.04 -33.81
CA ARG G 274 -0.05 -13.41 -33.89
C ARG G 274 -0.76 -12.53 -34.90
N PHE G 275 -1.15 -13.14 -36.02
CA PHE G 275 -1.76 -12.44 -37.15
C PHE G 275 -2.69 -13.35 -37.93
N ASN G 276 -3.87 -12.83 -38.29
CA ASN G 276 -4.76 -13.49 -39.19
C ASN G 276 -5.32 -12.50 -40.21
N LEU G 277 -5.25 -12.89 -41.47
CA LEU G 277 -5.85 -12.15 -42.56
C LEU G 277 -7.12 -12.84 -43.00
N PHE G 278 -8.23 -12.10 -43.04
CA PHE G 278 -9.47 -12.68 -43.52
C PHE G 278 -9.95 -11.91 -44.75
N PRO G 279 -9.68 -12.42 -45.98
CA PRO G 279 -10.13 -11.80 -47.22
C PRO G 279 -11.56 -12.10 -47.51
N ALA G 280 -12.12 -11.37 -48.44
CA ALA G 280 -13.51 -11.50 -48.78
C ALA G 280 -14.43 -11.18 -47.61
N VAL G 281 -14.11 -10.14 -46.87
CA VAL G 281 -14.91 -9.69 -45.73
C VAL G 281 -15.13 -8.21 -45.84
N ALA G 282 -16.37 -7.81 -46.18
CA ALA G 282 -16.78 -6.42 -46.31
C ALA G 282 -17.01 -5.88 -44.92
N CYS G 283 -16.18 -4.94 -44.49
CA CYS G 283 -16.34 -4.28 -43.23
C CYS G 283 -17.30 -3.07 -43.44
N GLU G 284 -18.29 -2.97 -42.56
CA GLU G 284 -19.44 -2.09 -42.76
C GLU G 284 -19.63 -0.93 -41.81
N ARG G 285 -19.25 -1.10 -40.54
CA ARG G 285 -19.54 -0.10 -39.49
C ARG G 285 -18.63 -0.37 -38.29
N VAL G 286 -18.16 0.71 -37.70
CA VAL G 286 -17.59 0.62 -36.40
C VAL G 286 -18.74 1.05 -35.48
N VAL G 287 -18.98 0.28 -34.44
CA VAL G 287 -20.08 0.59 -33.50
C VAL G 287 -19.64 1.57 -32.38
N ARG G 288 -20.27 2.72 -32.36
CA ARG G 288 -19.92 3.74 -31.35
C ARG G 288 -20.60 3.38 -30.03
N ASN G 289 -19.95 3.61 -28.90
CA ASN G 289 -20.72 3.45 -27.65
C ASN G 289 -21.66 4.62 -27.52
N ALA G 290 -22.65 4.53 -26.65
CA ALA G 290 -23.63 5.61 -26.55
C ALA G 290 -22.98 6.90 -26.15
N LEU G 291 -21.83 6.82 -25.51
CA LEU G 291 -21.11 8.04 -25.14
C LEU G 291 -20.25 8.64 -26.25
N ASN G 292 -19.93 7.89 -27.30
CA ASN G 292 -19.04 8.43 -28.31
C ASN G 292 -17.66 8.73 -27.78
N SER G 293 -17.10 7.76 -27.10
CA SER G 293 -15.78 7.91 -26.59
C SER G 293 -14.98 6.64 -26.90
N GLU G 294 -15.62 5.70 -27.56
CA GLU G 294 -14.98 4.44 -27.79
C GLU G 294 -15.69 3.64 -28.81
N ILE G 295 -14.95 2.95 -29.66
CA ILE G 295 -15.62 2.01 -30.49
C ILE G 295 -15.82 0.65 -29.80
N GLU G 296 -17.00 0.07 -29.87
CA GLU G 296 -17.29 -1.22 -29.20
C GLU G 296 -17.16 -2.52 -29.99
N SER G 297 -17.27 -2.45 -31.30
CA SER G 297 -17.05 -3.65 -32.12
C SER G 297 -16.89 -3.29 -33.56
N LEU G 298 -16.60 -4.29 -34.38
CA LEU G 298 -16.59 -4.06 -35.83
C LEU G 298 -17.60 -4.98 -36.51
N HIS G 299 -18.45 -4.37 -37.30
CA HIS G 299 -19.48 -5.11 -38.00
C HIS G 299 -19.08 -5.44 -39.42
N ILE G 300 -18.97 -6.74 -39.70
CA ILE G 300 -18.46 -7.26 -40.97
C ILE G 300 -19.49 -8.12 -41.69
N HIS G 301 -19.18 -8.40 -42.94
CA HIS G 301 -20.07 -9.25 -43.71
C HIS G 301 -19.17 -10.23 -44.41
N ASP G 302 -19.34 -11.51 -44.09
CA ASP G 302 -18.51 -12.46 -44.74
C ASP G 302 -19.06 -12.75 -46.13
N LEU G 303 -18.30 -12.33 -47.13
CA LEU G 303 -18.83 -12.40 -48.49
C LEU G 303 -19.04 -13.83 -49.04
N ILE G 304 -18.28 -14.80 -48.56
CA ILE G 304 -18.35 -16.12 -49.07
C ILE G 304 -19.53 -16.83 -48.40
N SER G 305 -19.48 -16.99 -47.09
CA SER G 305 -20.61 -17.56 -46.32
C SER G 305 -21.85 -16.69 -46.49
N GLY G 306 -21.67 -15.37 -46.59
CA GLY G 306 -22.83 -14.47 -46.71
C GLY G 306 -23.31 -13.84 -45.40
N ASP G 307 -22.83 -14.37 -44.26
CA ASP G 307 -23.36 -13.94 -42.97
C ASP G 307 -22.66 -12.70 -42.47
N ARG G 308 -23.32 -11.98 -41.57
CA ARG G 308 -22.72 -10.87 -40.85
C ARG G 308 -22.21 -11.29 -39.45
N PHE G 309 -21.29 -10.54 -38.87
CA PHE G 309 -20.72 -10.89 -37.57
C PHE G 309 -20.30 -9.60 -36.91
N GLU G 310 -20.19 -9.63 -35.59
CA GLU G 310 -19.49 -8.54 -34.92
C GLU G 310 -18.12 -9.07 -34.51
N ILE G 311 -17.11 -8.20 -34.55
CA ILE G 311 -15.78 -8.60 -34.14
C ILE G 311 -15.34 -7.64 -33.07
N LYS G 312 -14.73 -8.13 -31.98
CA LYS G 312 -14.21 -7.23 -30.97
C LYS G 312 -12.67 -7.15 -30.91
N ALA G 313 -12.19 -5.97 -30.53
CA ALA G 313 -10.76 -5.68 -30.44
C ALA G 313 -10.53 -4.52 -29.46
N ASP G 314 -9.31 -4.40 -28.98
CA ASP G 314 -8.96 -3.30 -28.12
C ASP G 314 -8.78 -2.11 -28.94
N VAL G 315 -8.29 -2.30 -30.18
CA VAL G 315 -8.00 -1.18 -31.13
C VAL G 315 -8.51 -1.43 -32.53
N TYR G 316 -9.09 -0.38 -33.12
CA TYR G 316 -9.73 -0.43 -34.42
C TYR G 316 -9.01 0.53 -35.32
N VAL G 317 -8.41 -0.02 -36.40
CA VAL G 317 -7.64 0.79 -37.33
C VAL G 317 -8.27 0.66 -38.70
N LEU G 318 -8.56 1.82 -39.29
CA LEU G 318 -9.16 1.89 -40.63
C LEU G 318 -8.16 2.36 -41.70
N THR G 319 -7.96 1.50 -42.69
CA THR G 319 -6.99 1.71 -43.72
C THR G 319 -7.60 1.16 -44.99
N ALA G 320 -8.82 1.63 -45.24
CA ALA G 320 -9.62 1.14 -46.33
C ALA G 320 -9.47 2.04 -47.54
N GLY G 321 -8.60 3.00 -47.47
CA GLY G 321 -8.45 3.88 -48.60
C GLY G 321 -9.13 5.19 -48.28
N ALA G 322 -8.83 6.23 -49.05
CA ALA G 322 -9.32 7.54 -48.74
C ALA G 322 -10.80 7.61 -48.94
N VAL G 323 -11.33 6.93 -49.95
CA VAL G 323 -12.72 6.97 -50.21
C VAL G 323 -13.49 6.05 -49.28
N HIS G 324 -12.93 4.88 -49.00
CA HIS G 324 -13.68 3.83 -48.27
C HIS G 324 -13.65 3.85 -46.71
N ASN G 325 -12.60 4.43 -46.15
CA ASN G 325 -12.51 4.79 -44.74
C ASN G 325 -13.64 5.74 -44.41
N THR G 326 -13.92 6.67 -45.34
CA THR G 326 -14.88 7.71 -45.10
C THR G 326 -16.28 7.14 -45.24
N GLN G 327 -16.52 6.44 -46.31
CA GLN G 327 -17.76 5.70 -46.43
C GLN G 327 -18.04 4.90 -45.14
N LEU G 328 -17.02 4.23 -44.65
CA LEU G 328 -17.19 3.36 -43.52
C LEU G 328 -17.51 4.20 -42.31
N LEU G 329 -16.71 5.21 -42.08
CA LEU G 329 -17.03 6.17 -41.01
C LEU G 329 -18.44 6.75 -41.10
N VAL G 330 -18.81 7.27 -42.27
CA VAL G 330 -20.14 7.83 -42.43
C VAL G 330 -21.20 6.76 -42.20
N ASN G 331 -21.05 5.54 -42.72
CA ASN G 331 -21.99 4.45 -42.41
C ASN G 331 -22.05 4.13 -40.90
N SER G 332 -21.18 4.75 -40.10
CA SER G 332 -21.02 4.43 -38.71
C SER G 332 -21.53 5.57 -37.84
N GLY G 333 -21.92 6.66 -38.50
CA GLY G 333 -22.52 7.82 -37.81
C GLY G 333 -21.61 9.01 -37.55
N PHE G 334 -20.45 9.03 -38.16
CA PHE G 334 -19.56 10.19 -38.16
C PHE G 334 -19.92 11.09 -39.32
N GLY G 335 -19.69 12.37 -39.20
CA GLY G 335 -20.03 13.23 -40.31
C GLY G 335 -21.50 13.17 -40.67
N GLN G 336 -21.86 13.48 -41.92
CA GLN G 336 -23.29 13.65 -42.34
C GLN G 336 -23.64 12.67 -43.47
N LEU G 337 -24.58 11.77 -43.28
CA LEU G 337 -25.06 10.97 -44.36
C LEU G 337 -25.93 11.86 -45.28
N GLY G 338 -25.80 11.72 -46.59
CA GLY G 338 -26.71 12.36 -47.56
C GLY G 338 -26.23 13.69 -48.09
N ARG G 339 -27.01 14.28 -48.97
CA ARG G 339 -26.55 15.50 -49.59
C ARG G 339 -26.16 16.51 -48.49
N PRO G 340 -24.99 17.15 -48.62
CA PRO G 340 -24.53 18.13 -47.63
C PRO G 340 -25.58 19.22 -47.31
N ASN G 341 -25.88 19.36 -46.02
CA ASN G 341 -26.92 20.28 -45.58
C ASN G 341 -26.46 20.96 -44.30
N PRO G 342 -25.95 22.21 -44.42
CA PRO G 342 -25.42 23.05 -43.33
C PRO G 342 -26.44 23.33 -42.21
N ALA G 343 -27.73 23.35 -42.56
CA ALA G 343 -28.77 23.54 -41.54
C ALA G 343 -28.83 22.41 -40.48
N ASN G 344 -28.27 21.26 -40.80
CA ASN G 344 -28.21 20.15 -39.85
C ASN G 344 -26.76 19.65 -39.69
N PRO G 345 -25.86 20.52 -39.19
CA PRO G 345 -24.50 20.03 -38.98
C PRO G 345 -24.47 18.77 -38.10
N PRO G 346 -23.42 17.97 -38.28
CA PRO G 346 -23.48 16.65 -37.72
C PRO G 346 -22.99 16.65 -36.32
N GLU G 347 -23.39 15.66 -35.56
CA GLU G 347 -22.92 15.53 -34.22
C GLU G 347 -21.41 15.27 -34.17
N LEU G 348 -20.89 14.40 -35.02
CA LEU G 348 -19.46 14.00 -34.91
C LEU G 348 -18.67 14.18 -36.18
N LEU G 349 -17.44 14.66 -36.04
CA LEU G 349 -16.54 14.90 -37.18
C LEU G 349 -17.17 15.72 -38.30
N PRO G 350 -17.55 16.97 -38.03
CA PRO G 350 -18.08 17.82 -39.06
C PRO G 350 -17.18 18.05 -40.28
N SER G 351 -15.87 17.84 -40.17
CA SER G 351 -14.99 18.03 -41.33
C SER G 351 -14.79 16.73 -42.16
N LEU G 352 -15.40 15.63 -41.76
CA LEU G 352 -15.26 14.43 -42.55
C LEU G 352 -15.86 14.68 -43.96
N GLY G 353 -15.04 14.44 -44.99
CA GLY G 353 -15.51 14.44 -46.34
C GLY G 353 -15.46 15.82 -46.93
N SER G 354 -15.01 16.78 -46.14
CA SER G 354 -14.75 18.07 -46.63
C SER G 354 -13.23 18.36 -46.80
N TYR G 355 -12.97 19.43 -47.54
CA TYR G 355 -11.59 19.84 -47.77
C TYR G 355 -10.81 18.74 -48.58
N ILE G 356 -11.52 17.85 -49.27
CA ILE G 356 -10.80 16.91 -50.13
C ILE G 356 -9.88 17.57 -51.21
N THR G 357 -8.76 16.92 -51.45
CA THR G 357 -7.81 17.39 -52.40
C THR G 357 -7.53 16.25 -53.36
N GLU G 358 -7.40 16.65 -54.62
CA GLU G 358 -6.88 15.79 -55.68
C GLU G 358 -6.06 16.67 -56.59
N GLN G 359 -5.08 16.05 -57.21
CA GLN G 359 -4.07 16.84 -57.91
C GLN G 359 -4.45 16.98 -59.32
N SER G 360 -4.25 18.16 -59.90
CA SER G 360 -4.21 18.30 -61.38
C SER G 360 -3.14 17.36 -61.93
N LEU G 361 -3.42 16.59 -62.99
CA LEU G 361 -2.37 15.88 -63.73
C LEU G 361 -2.30 16.23 -65.23
N VAL G 362 -1.11 16.62 -65.70
CA VAL G 362 -0.85 16.78 -67.13
C VAL G 362 0.11 15.70 -67.67
N PHE G 363 -0.08 15.41 -68.96
CA PHE G 363 0.51 14.24 -69.56
C PHE G 363 0.79 14.45 -71.01
N CYS G 364 1.97 13.96 -71.39
CA CYS G 364 2.28 13.73 -72.78
C CYS G 364 3.35 12.69 -72.87
N GLN G 365 3.62 12.26 -74.10
CA GLN G 365 4.84 11.51 -74.42
C GLN G 365 5.60 12.22 -75.51
N THR G 366 6.90 11.92 -75.60
CA THR G 366 7.75 12.54 -76.59
C THR G 366 8.46 11.44 -77.31
N VAL G 367 8.94 11.82 -78.48
CA VAL G 367 9.75 10.94 -79.32
C VAL G 367 11.17 11.50 -79.35
N MET G 368 12.12 10.69 -78.92
CA MET G 368 13.44 11.21 -78.62
C MET G 368 14.02 11.99 -79.81
N SER G 369 14.64 13.15 -79.52
CA SER G 369 15.27 14.00 -80.56
C SER G 369 16.33 13.25 -81.30
N THR G 370 16.52 13.61 -82.56
CA THR G 370 17.59 13.09 -83.37
C THR G 370 18.92 13.33 -82.67
N GLU G 371 19.13 14.56 -82.20
CA GLU G 371 20.37 14.98 -81.53
C GLU G 371 20.71 14.07 -80.39
N LEU G 372 19.74 13.86 -79.51
CA LEU G 372 19.97 13.04 -78.39
C LEU G 372 20.32 11.65 -78.79
N ILE G 373 19.59 11.06 -79.74
CA ILE G 373 19.85 9.70 -80.22
C ILE G 373 21.29 9.60 -80.80
N ASP G 374 21.70 10.53 -81.64
CA ASP G 374 23.09 10.53 -82.07
C ASP G 374 24.11 10.60 -80.93
N SER G 375 23.79 11.32 -79.84
CA SER G 375 24.84 11.60 -78.87
C SER G 375 25.10 10.34 -78.11
N VAL G 376 24.10 9.46 -78.09
CA VAL G 376 24.26 8.13 -77.56
C VAL G 376 25.55 7.52 -78.13
N LYS G 377 25.82 7.75 -79.39
CA LYS G 377 26.90 7.06 -80.01
C LYS G 377 28.01 8.02 -80.42
N SER G 378 28.13 9.12 -79.70
CA SER G 378 29.13 10.14 -79.95
C SER G 378 30.58 9.61 -79.94
N ASP G 379 30.84 8.60 -79.13
CA ASP G 379 32.20 8.15 -78.87
C ASP G 379 32.67 7.07 -79.84
N MET G 380 31.71 6.39 -80.49
CA MET G 380 31.99 5.33 -81.46
C MET G 380 32.71 5.76 -82.74
N THR G 381 33.65 4.93 -83.18
CA THR G 381 34.11 5.03 -84.56
C THR G 381 33.41 3.98 -85.40
N ILE G 382 32.80 4.48 -86.46
CA ILE G 382 32.06 3.66 -87.39
C ILE G 382 32.85 3.44 -88.68
N ARG G 383 32.87 2.23 -89.22
CA ARG G 383 33.33 2.00 -90.60
C ARG G 383 32.66 0.80 -91.22
N GLY G 384 32.48 0.87 -92.54
CA GLY G 384 31.85 -0.19 -93.30
C GLY G 384 30.35 0.01 -93.33
N THR G 385 29.68 -0.79 -94.15
CA THR G 385 28.23 -0.74 -94.18
C THR G 385 27.74 -1.77 -93.18
N PRO G 386 26.69 -1.41 -92.43
CA PRO G 386 26.16 -2.43 -91.55
C PRO G 386 25.67 -3.61 -92.40
N GLY G 387 25.87 -4.83 -91.90
CA GLY G 387 25.40 -6.03 -92.58
C GLY G 387 26.53 -6.96 -93.02
N GLU G 388 27.57 -6.36 -93.61
CA GLU G 388 28.67 -7.17 -94.10
C GLU G 388 29.75 -7.24 -93.02
N LEU G 389 30.67 -8.18 -93.25
CA LEU G 389 31.73 -8.55 -92.33
C LEU G 389 32.90 -7.54 -92.26
N THR G 390 32.65 -6.32 -92.77
CA THR G 390 33.63 -5.21 -92.79
C THR G 390 33.15 -4.03 -91.88
N TYR G 391 31.88 -4.08 -91.51
CA TYR G 391 31.30 -3.18 -90.52
C TYR G 391 32.06 -3.24 -89.18
N SER G 392 32.67 -2.10 -88.83
CA SER G 392 33.23 -1.94 -87.48
C SER G 392 32.69 -0.82 -86.56
N VAL G 393 32.41 -1.19 -85.33
CA VAL G 393 32.13 -0.20 -84.29
C VAL G 393 33.00 -0.52 -83.10
N THR G 394 33.74 0.50 -82.72
CA THR G 394 34.75 0.47 -81.67
C THR G 394 34.70 1.80 -80.92
N TYR G 395 35.12 1.78 -79.67
CA TYR G 395 35.45 3.00 -78.92
C TYR G 395 36.75 2.72 -78.15
N THR G 396 37.41 3.84 -77.78
CA THR G 396 38.67 3.83 -77.04
C THR G 396 38.33 3.99 -75.55
N PRO G 397 38.38 2.87 -74.79
CA PRO G 397 38.19 2.89 -73.33
C PRO G 397 39.08 3.94 -72.56
N GLY G 398 38.41 4.83 -71.83
CA GLY G 398 39.10 5.87 -71.03
C GLY G 398 39.59 7.10 -71.79
N ALA G 399 39.41 7.14 -73.10
CA ALA G 399 39.76 8.35 -73.84
C ALA G 399 38.97 9.52 -73.24
N SER G 400 39.58 10.70 -73.28
CA SER G 400 39.10 11.81 -72.43
C SER G 400 38.20 12.69 -73.23
N THR G 401 38.28 12.56 -74.57
CA THR G 401 37.35 13.25 -75.46
C THR G 401 36.06 12.44 -75.51
N ASN G 402 35.99 11.34 -74.73
CA ASN G 402 34.78 10.53 -74.61
C ASN G 402 33.74 11.24 -73.75
N LYS G 403 32.52 11.37 -74.29
CA LYS G 403 31.42 12.06 -73.67
C LYS G 403 30.69 11.19 -72.66
N HIS G 404 30.74 9.88 -72.84
CA HIS G 404 30.10 8.93 -71.98
C HIS G 404 31.16 8.03 -71.32
N PRO G 405 30.79 7.32 -70.25
CA PRO G 405 31.54 6.32 -69.47
C PRO G 405 31.61 5.00 -70.18
N ASP G 406 32.52 4.13 -69.78
CA ASP G 406 32.79 2.94 -70.57
C ASP G 406 31.70 1.91 -70.52
N TRP G 407 30.97 1.77 -69.42
CA TRP G 407 29.91 0.78 -69.38
C TRP G 407 28.86 1.18 -70.46
N TRP G 408 28.66 2.47 -70.64
CA TRP G 408 27.78 2.98 -71.66
C TRP G 408 28.25 2.65 -73.09
N ASN G 409 29.48 2.96 -73.38
CA ASN G 409 30.03 2.80 -74.69
C ASN G 409 30.11 1.31 -75.05
N GLU G 410 30.25 0.49 -74.03
CA GLU G 410 30.35 -0.95 -74.22
C GLU G 410 29.04 -1.57 -74.65
N LYS G 411 27.96 -1.16 -73.98
CA LYS G 411 26.62 -1.63 -74.27
C LYS G 411 26.21 -1.19 -75.67
N VAL G 412 26.53 0.06 -76.04
CA VAL G 412 26.26 0.58 -77.41
C VAL G 412 27.02 -0.17 -78.51
N LYS G 413 28.34 -0.29 -78.38
CA LYS G 413 29.14 -1.00 -79.36
C LYS G 413 28.53 -2.37 -79.57
N ASN G 414 28.34 -3.08 -78.46
CA ASN G 414 27.83 -4.45 -78.52
C ASN G 414 26.53 -4.41 -79.23
N HIS G 415 25.59 -3.66 -78.69
CA HIS G 415 24.31 -3.57 -79.38
C HIS G 415 24.43 -3.35 -80.90
N MET G 416 25.22 -2.37 -81.29
CA MET G 416 25.36 -1.98 -82.70
C MET G 416 25.98 -3.06 -83.56
N MET G 417 26.83 -3.89 -82.94
CA MET G 417 27.50 -4.98 -83.62
C MET G 417 26.69 -6.27 -83.63
N GLN G 418 25.90 -6.51 -82.60
CA GLN G 418 25.16 -7.78 -82.48
C GLN G 418 23.83 -7.73 -83.21
N HIS G 419 23.48 -6.52 -83.68
CA HIS G 419 22.16 -6.18 -84.27
C HIS G 419 22.35 -5.06 -85.29
N GLN G 420 23.10 -5.37 -86.33
CA GLN G 420 23.41 -4.44 -87.38
C GLN G 420 22.23 -4.10 -88.26
N GLU G 421 21.16 -4.82 -88.06
CA GLU G 421 19.96 -4.54 -88.81
C GLU G 421 19.17 -3.39 -88.11
N ASP G 422 19.51 -3.13 -86.83
CA ASP G 422 18.77 -2.15 -86.02
C ASP G 422 19.39 -0.76 -86.12
N PRO G 423 18.57 0.23 -86.52
CA PRO G 423 19.11 1.58 -86.84
C PRO G 423 19.31 2.49 -85.64
N LEU G 424 19.18 1.95 -84.44
CA LEU G 424 19.29 2.71 -83.19
C LEU G 424 20.37 2.13 -82.30
N PRO G 425 20.93 2.98 -81.45
CA PRO G 425 22.10 2.70 -80.70
C PRO G 425 21.79 2.26 -79.29
N ILE G 426 20.58 2.48 -78.84
CA ILE G 426 20.13 2.01 -77.53
C ILE G 426 19.88 0.50 -77.53
N PRO G 427 20.48 -0.25 -76.58
CA PRO G 427 20.14 -1.66 -76.47
C PRO G 427 18.66 -2.02 -76.25
N PHE G 428 18.31 -3.17 -76.78
CA PHE G 428 16.96 -3.64 -76.65
C PHE G 428 16.58 -3.84 -75.21
N GLU G 429 17.51 -4.05 -74.29
CA GLU G 429 17.01 -4.34 -72.94
C GLU G 429 17.35 -3.23 -71.98
N ASP G 430 17.58 -2.06 -72.51
CA ASP G 430 17.96 -0.92 -71.72
C ASP G 430 16.80 -0.45 -70.89
N PRO G 431 16.97 -0.40 -69.55
CA PRO G 431 15.81 -0.06 -68.73
C PRO G 431 15.30 1.32 -68.98
N GLU G 432 14.09 1.55 -68.46
CA GLU G 432 13.38 2.78 -68.70
C GLU G 432 13.99 3.97 -67.93
N PRO G 433 13.77 5.17 -68.44
CA PRO G 433 14.11 6.36 -67.73
C PRO G 433 13.21 6.53 -66.49
N GLN G 434 13.79 7.05 -65.42
CA GLN G 434 13.09 7.23 -64.16
C GLN G 434 13.56 8.56 -63.55
N VAL G 435 13.21 9.64 -64.24
CA VAL G 435 13.73 10.99 -63.91
C VAL G 435 12.73 11.93 -63.25
N THR G 436 13.17 12.70 -62.22
CA THR G 436 12.36 13.76 -61.64
C THR G 436 13.14 15.02 -61.28
N THR G 437 12.49 16.19 -61.38
CA THR G 437 12.93 17.35 -60.62
C THR G 437 11.87 17.62 -59.58
N LEU G 438 12.21 17.41 -58.34
CA LEU G 438 11.28 17.52 -57.29
C LEU G 438 10.64 18.89 -57.20
N PHE G 439 9.43 18.88 -56.67
CA PHE G 439 8.72 20.05 -56.25
C PHE G 439 9.55 21.12 -55.59
N GLN G 440 9.48 22.36 -56.13
CA GLN G 440 10.13 23.56 -55.50
C GLN G 440 9.22 24.77 -55.62
N PRO G 441 9.46 25.78 -54.76
CA PRO G 441 8.53 26.92 -54.81
C PRO G 441 8.39 27.52 -56.17
N SER G 442 9.46 27.51 -56.97
CA SER G 442 9.45 28.18 -58.25
C SER G 442 9.00 27.22 -59.38
N HIS G 443 8.73 25.95 -59.00
CA HIS G 443 8.04 25.00 -59.83
C HIS G 443 7.30 24.02 -58.87
N PRO G 444 6.14 24.45 -58.41
CA PRO G 444 5.33 23.85 -57.38
C PRO G 444 4.50 22.68 -57.91
N TRP G 445 5.20 21.73 -58.54
CA TRP G 445 4.59 20.50 -59.05
C TRP G 445 5.62 19.39 -58.98
N HIS G 446 5.15 18.16 -58.77
CA HIS G 446 6.00 16.96 -58.84
C HIS G 446 6.14 16.58 -60.30
N THR G 447 7.25 15.93 -60.67
CA THR G 447 7.49 15.66 -62.10
C THR G 447 7.95 14.23 -62.23
N GLN G 448 7.45 13.51 -63.25
CA GLN G 448 8.01 12.23 -63.63
C GLN G 448 8.25 12.22 -65.15
N ILE G 449 9.47 11.84 -65.53
CA ILE G 449 9.93 11.76 -66.91
C ILE G 449 10.50 10.33 -66.99
N HIS G 450 9.64 9.40 -67.46
CA HIS G 450 9.82 7.97 -67.20
C HIS G 450 8.99 7.15 -68.15
N ARG G 451 8.91 5.85 -67.90
CA ARG G 451 7.99 4.99 -68.63
C ARG G 451 7.06 4.18 -67.73
N ASP G 452 5.78 4.38 -67.93
CA ASP G 452 4.79 3.70 -67.14
C ASP G 452 4.06 2.71 -68.03
N ALA G 453 3.80 1.52 -67.50
CA ALA G 453 3.00 0.55 -68.25
C ALA G 453 1.96 1.36 -69.00
N PHE G 454 1.93 1.24 -70.33
CA PHE G 454 1.05 2.08 -71.18
C PHE G 454 0.26 1.39 -72.33
N SER G 455 -0.90 1.97 -72.64
CA SER G 455 -1.84 1.42 -73.65
C SER G 455 -1.59 1.98 -75.06
N TRP G 456 -0.88 1.22 -75.88
CA TRP G 456 -0.47 1.73 -77.19
C TRP G 456 -1.57 1.73 -78.25
N GLY G 457 -1.92 2.92 -78.73
CA GLY G 457 -2.73 2.99 -79.93
C GLY G 457 -1.98 2.35 -81.09
N ALA G 458 -2.69 2.12 -82.19
CA ALA G 458 -2.11 1.42 -83.33
C ALA G 458 -0.90 2.16 -83.87
N VAL G 459 -1.10 3.43 -84.16
CA VAL G 459 -0.07 4.28 -84.76
C VAL G 459 1.13 4.37 -83.79
N GLN G 460 0.86 4.76 -82.57
CA GLN G 460 1.92 4.82 -81.57
C GLN G 460 2.81 3.54 -81.57
N GLN G 461 2.21 2.34 -81.70
CA GLN G 461 2.97 1.06 -81.79
C GLN G 461 3.92 1.05 -82.98
N SER G 462 3.72 2.01 -83.89
CA SER G 462 4.61 2.26 -85.02
C SER G 462 5.92 2.93 -84.61
N ILE G 463 5.97 3.55 -83.45
CA ILE G 463 7.18 4.24 -83.00
C ILE G 463 7.98 3.31 -82.07
N ASP G 464 9.29 3.21 -82.29
CA ASP G 464 10.08 2.23 -81.56
C ASP G 464 10.02 2.68 -80.12
N SER G 465 9.78 1.77 -79.21
CA SER G 465 9.45 2.24 -77.90
C SER G 465 10.68 2.83 -77.20
N ARG G 466 11.87 2.53 -77.72
CA ARG G 466 13.07 3.06 -77.06
C ARG G 466 13.15 4.57 -77.20
N LEU G 467 12.36 5.10 -78.11
CA LEU G 467 12.33 6.52 -78.41
C LEU G 467 11.43 7.32 -77.48
N ILE G 468 10.57 6.64 -76.72
CA ILE G 468 9.41 7.28 -76.16
C ILE G 468 9.58 7.55 -74.68
N VAL G 469 9.27 8.77 -74.25
CA VAL G 469 9.37 9.12 -72.84
C VAL G 469 8.02 9.70 -72.41
N ASP G 470 7.60 9.31 -71.18
CA ASP G 470 6.39 9.81 -70.55
C ASP G 470 6.71 11.00 -69.68
N TRP G 471 5.78 11.94 -69.68
CA TRP G 471 5.91 13.12 -68.91
C TRP G 471 4.63 13.25 -68.12
N ARG G 472 4.78 13.32 -66.80
CA ARG G 472 3.67 13.55 -65.92
C ARG G 472 4.06 14.61 -64.92
N PHE G 473 3.27 15.66 -64.83
CA PHE G 473 3.54 16.72 -63.90
C PHE G 473 2.29 16.73 -63.01
N PHE G 474 2.49 16.74 -61.70
CA PHE G 474 1.39 16.66 -60.69
C PHE G 474 1.34 17.95 -59.89
N GLY G 475 0.14 18.53 -59.85
CA GLY G 475 -0.10 19.80 -59.17
C GLY G 475 -0.67 19.59 -57.78
N ARG G 476 -0.57 20.63 -56.95
CA ARG G 476 -1.16 20.61 -55.60
C ARG G 476 -2.44 21.37 -55.62
N THR G 477 -3.39 20.86 -54.84
CA THR G 477 -4.71 21.48 -54.74
C THR G 477 -4.91 21.98 -53.32
N GLU G 478 -5.28 23.24 -53.20
CA GLU G 478 -5.61 23.79 -51.87
C GLU G 478 -6.89 23.15 -51.30
N PRO G 479 -6.87 22.82 -50.01
CA PRO G 479 -8.02 22.26 -49.35
C PRO G 479 -9.04 23.34 -49.19
N LYS G 480 -10.24 23.11 -49.73
CA LYS G 480 -11.33 24.06 -49.68
C LYS G 480 -12.51 23.31 -49.12
N GLU G 481 -13.23 23.94 -48.18
CA GLU G 481 -14.31 23.29 -47.48
C GLU G 481 -15.40 22.77 -48.38
N GLU G 482 -15.60 23.45 -49.49
CA GLU G 482 -16.73 23.11 -50.34
C GLU G 482 -16.38 21.93 -51.26
N ASN G 483 -15.11 21.55 -51.33
CA ASN G 483 -14.73 20.37 -52.08
C ASN G 483 -15.01 19.12 -51.23
N LYS G 484 -16.00 18.34 -51.67
CA LYS G 484 -16.57 17.30 -50.83
C LYS G 484 -16.58 15.90 -51.45
N LEU G 485 -16.56 14.90 -50.56
CA LEU G 485 -16.91 13.53 -50.86
C LEU G 485 -18.01 13.15 -49.89
N TRP G 486 -19.18 12.89 -50.38
CA TRP G 486 -20.27 12.59 -49.47
C TRP G 486 -20.94 11.30 -49.95
N PHE G 487 -21.87 10.77 -49.15
CA PHE G 487 -22.44 9.45 -49.38
C PHE G 487 -23.94 9.59 -49.41
N SER G 488 -24.57 9.04 -50.45
CA SER G 488 -26.00 9.06 -50.60
C SER G 488 -26.72 8.30 -49.48
N ASP G 489 -27.83 8.86 -49.01
CA ASP G 489 -28.70 8.15 -48.09
C ASP G 489 -29.69 7.29 -48.82
N LYS G 490 -29.68 7.25 -50.15
CA LYS G 490 -30.58 6.30 -50.81
C LYS G 490 -29.88 5.38 -51.82
N ILE G 491 -28.99 5.91 -52.61
CA ILE G 491 -28.25 5.09 -53.54
C ILE G 491 -27.17 4.31 -52.83
N THR G 492 -27.07 3.00 -53.12
CA THR G 492 -25.98 2.17 -52.59
C THR G 492 -25.08 1.62 -53.69
N ASP G 493 -23.87 1.21 -53.31
CA ASP G 493 -22.93 0.71 -54.28
C ASP G 493 -23.04 -0.81 -54.33
N ALA G 494 -22.13 -1.43 -55.08
CA ALA G 494 -22.17 -2.88 -55.32
C ALA G 494 -22.02 -3.70 -54.07
N TYR G 495 -21.64 -3.09 -52.94
CA TYR G 495 -21.57 -3.81 -51.65
C TYR G 495 -22.59 -3.34 -50.66
N ASN G 496 -23.54 -2.56 -51.18
CA ASN G 496 -24.66 -2.19 -50.38
C ASN G 496 -24.30 -1.16 -49.36
N MET G 497 -23.31 -0.37 -49.69
CA MET G 497 -22.93 0.69 -48.83
C MET G 497 -23.36 2.03 -49.47
N PRO G 498 -23.47 3.08 -48.63
CA PRO G 498 -23.87 4.38 -49.18
C PRO G 498 -22.98 4.72 -50.35
N GLN G 499 -23.59 5.13 -51.45
CA GLN G 499 -22.91 5.53 -52.69
C GLN G 499 -22.18 6.86 -52.59
N PRO G 500 -20.87 6.86 -52.88
CA PRO G 500 -20.03 8.03 -52.84
C PRO G 500 -20.30 8.98 -53.99
N THR G 501 -20.16 10.24 -53.70
CA THR G 501 -20.54 11.29 -54.61
C THR G 501 -19.54 12.34 -54.32
N PHE G 502 -18.99 12.87 -55.38
CA PHE G 502 -18.06 13.90 -55.21
C PHE G 502 -18.77 15.22 -55.49
N ASP G 503 -18.34 16.26 -54.79
CA ASP G 503 -18.65 17.65 -55.18
C ASP G 503 -17.37 18.43 -55.23
N PHE G 504 -16.75 18.44 -56.40
CA PHE G 504 -15.36 18.89 -56.53
C PHE G 504 -15.10 19.77 -57.72
N ARG G 505 -14.42 20.90 -57.48
CA ARG G 505 -13.81 21.68 -58.58
C ARG G 505 -12.42 22.14 -58.15
N PHE G 506 -11.50 22.18 -59.08
CA PHE G 506 -10.20 22.70 -58.77
C PHE G 506 -10.34 24.15 -58.34
N PRO G 507 -9.81 24.47 -57.17
CA PRO G 507 -10.08 25.83 -56.70
C PRO G 507 -9.49 26.90 -57.61
N ALA G 508 -10.20 27.99 -57.72
CA ALA G 508 -9.70 29.09 -58.50
C ALA G 508 -8.63 29.79 -57.61
N GLY G 509 -7.84 30.65 -58.25
CA GLY G 509 -6.66 31.25 -57.58
C GLY G 509 -5.44 30.36 -57.84
N ARG G 510 -4.65 30.14 -56.79
CA ARG G 510 -3.35 29.53 -56.93
C ARG G 510 -3.44 28.19 -57.61
N THR G 511 -4.44 27.39 -57.26
CA THR G 511 -4.53 26.01 -57.75
C THR G 511 -4.67 25.98 -59.26
N SER G 512 -5.53 26.86 -59.81
CA SER G 512 -5.77 26.87 -61.25
C SER G 512 -4.63 27.49 -61.98
N LYS G 513 -4.06 28.56 -61.44
CA LYS G 513 -3.01 29.28 -62.14
C LYS G 513 -1.80 28.37 -62.17
N GLU G 514 -1.52 27.70 -61.05
CA GLU G 514 -0.40 26.75 -61.00
C GLU G 514 -0.68 25.59 -61.98
N ALA G 515 -1.95 25.14 -62.12
CA ALA G 515 -2.28 24.02 -63.00
C ALA G 515 -1.86 24.27 -64.44
N GLU G 516 -2.22 25.45 -64.96
CA GLU G 516 -1.91 25.91 -66.30
C GLU G 516 -0.43 26.32 -66.46
N ASP G 517 0.15 26.98 -65.48
CA ASP G 517 1.59 27.13 -65.46
C ASP G 517 2.30 25.76 -65.53
N MET G 518 1.75 24.75 -64.90
CA MET G 518 2.37 23.42 -64.88
C MET G 518 2.39 22.81 -66.28
N MET G 519 1.27 22.91 -66.96
CA MET G 519 1.09 22.40 -68.31
C MET G 519 2.09 23.08 -69.23
N THR G 520 2.30 24.39 -69.08
CA THR G 520 3.22 25.13 -69.93
C THR G 520 4.64 24.66 -69.62
N ASP G 521 4.90 24.37 -68.34
CA ASP G 521 6.22 23.90 -67.91
C ASP G 521 6.53 22.58 -68.53
N MET G 522 5.58 21.65 -68.54
CA MET G 522 5.76 20.36 -69.22
C MET G 522 6.10 20.55 -70.67
N CYS G 523 5.38 21.48 -71.35
CA CYS G 523 5.60 21.71 -72.79
C CYS G 523 6.99 22.18 -73.06
N VAL G 524 7.43 23.20 -72.31
CA VAL G 524 8.77 23.75 -72.40
C VAL G 524 9.84 22.72 -72.04
N MET G 525 9.68 22.01 -70.93
CA MET G 525 10.71 21.02 -70.58
C MET G 525 10.82 19.85 -71.56
N SER G 526 9.70 19.21 -71.82
CA SER G 526 9.68 18.05 -72.66
C SER G 526 10.26 18.36 -74.04
N ALA G 527 10.13 19.60 -74.48
CA ALA G 527 10.66 19.98 -75.81
C ALA G 527 12.16 19.93 -75.92
N LYS G 528 12.85 19.83 -74.79
CA LYS G 528 14.29 19.74 -74.79
C LYS G 528 14.78 18.28 -75.05
N ILE G 529 13.84 17.33 -74.95
CA ILE G 529 14.09 15.89 -75.16
C ILE G 529 13.62 15.37 -76.53
N GLY G 530 12.45 15.87 -76.97
CA GLY G 530 11.83 15.41 -78.15
C GLY G 530 10.60 16.23 -78.32
N GLY G 531 10.00 16.14 -79.52
CA GLY G 531 8.60 16.54 -79.78
C GLY G 531 7.57 15.50 -79.31
N PHE G 532 6.32 15.95 -79.16
CA PHE G 532 5.19 15.12 -78.73
C PHE G 532 4.95 13.96 -79.67
N LEU G 533 4.78 12.79 -79.07
CA LEU G 533 4.22 11.65 -79.81
C LEU G 533 2.77 11.92 -80.20
N PRO G 534 2.44 12.02 -81.51
CA PRO G 534 1.01 12.09 -81.85
C PRO G 534 0.22 11.00 -81.15
N GLY G 535 -0.96 11.35 -80.64
CA GLY G 535 -1.79 10.44 -79.82
C GLY G 535 -1.55 10.62 -78.31
N SER G 536 -0.39 11.19 -77.95
CA SER G 536 -0.08 11.45 -76.58
C SER G 536 0.35 12.93 -76.37
N LEU G 537 -0.46 13.80 -76.96
CA LEU G 537 -0.28 15.24 -76.92
C LEU G 537 -0.60 15.81 -75.55
N PRO G 538 -0.04 16.99 -75.24
CA PRO G 538 -0.17 17.58 -73.93
C PRO G 538 -1.61 17.82 -73.51
N GLN G 539 -1.93 17.32 -72.33
CA GLN G 539 -3.32 17.25 -71.94
C GLN G 539 -3.50 17.16 -70.43
N PHE G 540 -4.64 17.68 -69.95
CA PHE G 540 -5.05 17.36 -68.57
C PHE G 540 -5.74 15.98 -68.53
N MET G 541 -5.35 15.15 -67.58
CA MET G 541 -5.92 13.85 -67.42
C MET G 541 -7.26 14.04 -66.68
N GLU G 542 -8.20 13.12 -66.87
CA GLU G 542 -9.53 13.18 -66.27
C GLU G 542 -9.44 13.36 -64.79
N PRO G 543 -10.30 14.24 -64.27
CA PRO G 543 -10.01 14.58 -62.89
C PRO G 543 -10.08 13.34 -62.04
N GLY G 544 -8.99 13.06 -61.30
CA GLY G 544 -8.95 12.00 -60.32
C GLY G 544 -8.36 10.68 -60.79
N LEU G 545 -8.08 10.56 -62.10
CA LEU G 545 -7.40 9.37 -62.66
C LEU G 545 -6.05 9.25 -61.96
N VAL G 546 -5.60 10.36 -61.43
CA VAL G 546 -4.25 10.37 -60.85
C VAL G 546 -4.21 9.57 -59.50
N LEU G 547 -5.36 9.36 -58.91
CA LEU G 547 -5.51 8.53 -57.70
C LEU G 547 -4.59 8.99 -56.54
N HIS G 548 -4.54 10.31 -56.39
CA HIS G 548 -3.88 10.93 -55.29
C HIS G 548 -4.81 11.67 -54.38
N LEU G 549 -6.04 11.19 -54.18
CA LEU G 549 -6.98 11.84 -53.26
C LEU G 549 -6.46 11.90 -51.82
N GLY G 550 -6.50 13.11 -51.25
CA GLY G 550 -6.28 13.31 -49.84
C GLY G 550 -7.33 14.14 -49.14
N GLY G 551 -7.23 14.23 -47.82
CA GLY G 551 -8.00 15.21 -47.08
C GLY G 551 -9.41 14.80 -46.66
N THR G 552 -9.82 13.60 -47.07
CA THR G 552 -11.18 13.13 -46.84
C THR G 552 -11.45 12.87 -45.33
N HIS G 553 -10.41 12.59 -44.55
CA HIS G 553 -10.56 12.40 -43.10
C HIS G 553 -9.33 13.01 -42.43
N ARG G 554 -9.17 14.31 -42.58
CA ARG G 554 -7.89 14.95 -42.46
C ARG G 554 -7.31 15.13 -41.03
N MET G 555 -6.00 15.06 -40.96
CA MET G 555 -5.28 15.23 -39.73
C MET G 555 -5.09 16.67 -39.34
N GLY G 556 -5.02 16.90 -38.02
CA GLY G 556 -4.64 18.20 -37.46
C GLY G 556 -4.50 18.18 -35.94
N PHE G 557 -4.07 19.30 -35.39
CA PHE G 557 -3.90 19.44 -33.92
C PHE G 557 -5.19 19.60 -33.17
N ASP G 558 -6.05 20.49 -33.64
CA ASP G 558 -7.30 20.84 -32.94
C ASP G 558 -8.46 20.58 -33.90
N GLU G 559 -9.44 19.78 -33.49
CA GLU G 559 -10.53 19.37 -34.40
C GLU G 559 -11.23 20.54 -35.05
N LYS G 560 -11.49 21.56 -34.23
CA LYS G 560 -12.22 22.71 -34.68
C LYS G 560 -11.36 23.75 -35.41
N GLU G 561 -10.24 24.15 -34.82
CA GLU G 561 -9.41 25.19 -35.44
C GLU G 561 -8.82 24.69 -36.74
N ASP G 562 -8.45 23.41 -36.80
CA ASP G 562 -7.83 22.87 -38.02
C ASP G 562 -8.80 22.10 -38.93
N ASN G 563 -10.10 22.33 -38.74
CA ASN G 563 -11.10 21.68 -39.53
C ASN G 563 -10.70 20.25 -39.87
N CYS G 564 -10.71 19.36 -38.87
CA CYS G 564 -10.08 18.04 -39.04
C CYS G 564 -10.75 16.93 -38.27
N CYS G 565 -10.32 15.70 -38.53
CA CYS G 565 -10.94 14.50 -38.02
C CYS G 565 -10.08 13.62 -37.11
N VAL G 566 -8.79 13.60 -37.36
CA VAL G 566 -7.91 12.80 -36.54
C VAL G 566 -6.78 13.72 -36.10
N ASN G 567 -6.13 13.36 -34.98
CA ASN G 567 -4.99 14.12 -34.48
C ASN G 567 -3.65 13.58 -35.05
N THR G 568 -2.53 14.07 -34.55
CA THR G 568 -1.27 13.68 -35.14
C THR G 568 -0.84 12.27 -34.78
N ASP G 569 -1.60 11.62 -33.88
CA ASP G 569 -1.47 10.18 -33.68
C ASP G 569 -2.46 9.43 -34.58
N SER G 570 -3.17 10.15 -35.45
CA SER G 570 -4.17 9.56 -36.34
C SER G 570 -5.37 8.99 -35.61
N ARG G 571 -5.52 9.43 -34.37
CA ARG G 571 -6.63 8.97 -33.58
C ARG G 571 -7.83 9.89 -33.83
N VAL G 572 -9.00 9.26 -34.02
CA VAL G 572 -10.25 10.02 -34.17
C VAL G 572 -10.61 10.73 -32.85
N PHE G 573 -10.83 12.05 -32.95
CA PHE G 573 -11.17 12.88 -31.82
C PHE G 573 -12.30 12.32 -31.03
N GLY G 574 -12.09 12.30 -29.71
CA GLY G 574 -13.08 11.83 -28.77
C GLY G 574 -13.08 10.35 -28.57
N PHE G 575 -12.37 9.60 -29.44
CA PHE G 575 -12.45 8.14 -29.36
C PHE G 575 -11.15 7.46 -28.88
N LYS G 576 -11.16 6.74 -27.78
CA LYS G 576 -9.89 6.20 -27.30
C LYS G 576 -9.17 5.33 -28.33
N ASN G 577 -9.93 4.59 -29.12
CA ASN G 577 -9.36 3.40 -29.69
C ASN G 577 -9.62 3.27 -31.17
N LEU G 578 -9.89 4.38 -31.84
CA LEU G 578 -10.16 4.37 -33.25
C LEU G 578 -9.04 5.11 -33.97
N PHE G 579 -8.38 4.48 -34.93
CA PHE G 579 -7.37 5.14 -35.72
C PHE G 579 -7.66 5.07 -37.19
N LEU G 580 -7.23 6.10 -37.91
CA LEU G 580 -7.34 6.13 -39.36
C LEU G 580 -5.97 6.17 -39.94
N GLY G 581 -5.70 5.33 -40.94
CA GLY G 581 -4.49 5.56 -41.79
C GLY G 581 -4.77 5.73 -43.28
N GLY G 582 -3.91 6.44 -43.99
CA GLY G 582 -4.02 6.57 -45.49
C GLY G 582 -3.88 8.02 -45.92
N CYS G 583 -4.01 8.26 -47.22
CA CYS G 583 -3.86 9.58 -47.73
C CYS G 583 -5.02 10.45 -47.30
N GLY G 584 -6.14 9.85 -46.93
CA GLY G 584 -7.23 10.65 -46.38
C GLY G 584 -6.80 11.58 -45.22
N ASN G 585 -5.79 11.16 -44.45
CA ASN G 585 -5.26 11.91 -43.33
C ASN G 585 -4.54 13.22 -43.75
N ILE G 586 -4.13 13.32 -45.01
CA ILE G 586 -3.22 14.40 -45.40
C ILE G 586 -4.08 15.60 -45.62
N PRO G 587 -3.82 16.72 -44.90
CA PRO G 587 -4.63 17.98 -44.96
C PRO G 587 -4.02 19.07 -45.82
N THR G 588 -2.85 18.80 -46.36
CA THR G 588 -2.16 19.83 -47.13
C THR G 588 -2.39 19.73 -48.62
N ALA G 589 -2.00 20.79 -49.29
CA ALA G 589 -1.91 20.83 -50.74
C ALA G 589 -0.59 20.26 -51.12
N TYR G 590 -0.59 19.08 -51.69
CA TYR G 590 0.68 18.44 -52.12
C TYR G 590 0.65 18.02 -53.57
N GLY G 591 1.83 18.09 -54.22
CA GLY G 591 2.01 17.57 -55.59
C GLY G 591 2.67 16.19 -55.74
N ALA G 592 3.47 15.82 -54.77
CA ALA G 592 4.26 14.62 -54.81
C ALA G 592 3.34 13.46 -54.56
N ASN G 593 3.80 12.23 -54.80
CA ASN G 593 2.95 11.07 -54.64
C ASN G 593 2.88 10.75 -53.15
N PRO G 594 1.64 10.53 -52.64
CA PRO G 594 1.37 10.68 -51.17
C PRO G 594 1.61 9.46 -50.28
N THR G 595 1.92 8.32 -50.83
CA THR G 595 1.78 7.11 -50.06
C THR G 595 2.88 7.02 -49.00
N LEU G 596 4.10 7.47 -49.36
CA LEU G 596 5.25 7.43 -48.40
C LEU G 596 4.88 8.27 -47.21
N THR G 597 4.25 9.40 -47.48
CA THR G 597 3.85 10.32 -46.45
C THR G 597 2.80 9.70 -45.55
N ALA G 598 1.75 9.18 -46.16
CA ALA G 598 0.76 8.38 -45.41
C ALA G 598 1.42 7.29 -44.56
N MET G 599 2.39 6.57 -45.12
CA MET G 599 3.03 5.51 -44.35
C MET G 599 3.72 6.08 -43.10
N SER G 600 4.33 7.24 -43.28
CA SER G 600 5.06 7.85 -42.19
C SER G 600 4.11 8.19 -41.10
N LEU G 601 2.92 8.64 -41.47
CA LEU G 601 1.97 9.03 -40.46
C LEU G 601 1.49 7.81 -39.69
N ALA G 602 1.28 6.68 -40.40
CA ALA G 602 0.90 5.40 -39.76
C ALA G 602 1.95 4.87 -38.77
N ILE G 603 3.24 5.03 -39.15
CA ILE G 603 4.33 4.77 -38.25
C ILE G 603 4.13 5.55 -36.94
N LYS G 604 3.99 6.85 -37.00
CA LYS G 604 3.70 7.67 -35.85
C LYS G 604 2.48 7.16 -35.06
N SER G 605 1.43 6.81 -35.76
CA SER G 605 0.18 6.39 -35.10
C SER G 605 0.45 5.09 -34.29
N CYS G 606 1.29 4.22 -34.81
CA CYS G 606 1.63 2.98 -34.13
C CYS G 606 2.50 3.22 -32.91
N GLU G 607 3.25 4.30 -32.91
CA GLU G 607 3.98 4.68 -31.70
C GLU G 607 3.06 4.95 -30.51
N TYR G 608 1.96 5.62 -30.79
CA TYR G 608 0.99 5.98 -29.79
C TYR G 608 0.25 4.74 -29.29
N ILE G 609 0.00 3.82 -30.23
CA ILE G 609 -0.78 2.64 -29.91
C ILE G 609 0.05 1.76 -28.96
N LYS G 610 1.34 1.67 -29.22
CA LYS G 610 2.26 0.85 -28.46
C LYS G 610 2.45 1.32 -27.04
N GLN G 611 2.16 2.59 -26.75
CA GLN G 611 2.29 3.11 -25.38
C GLN G 611 1.00 2.95 -24.61
N ASN G 612 -0.10 2.82 -25.34
CA ASN G 612 -1.39 3.08 -24.76
C ASN G 612 -2.28 1.86 -24.70
N PHE G 613 -1.77 0.73 -25.17
CA PHE G 613 -2.55 -0.49 -25.28
C PHE G 613 -1.61 -1.63 -25.01
N THR G 614 -2.09 -2.70 -24.40
CA THR G 614 -1.18 -3.76 -23.99
C THR G 614 -1.47 -5.02 -24.77
N PRO G 615 -0.47 -5.56 -25.45
CA PRO G 615 -0.71 -6.85 -26.12
C PRO G 615 -1.27 -7.81 -25.09
N SER G 616 -2.18 -8.70 -25.48
CA SER G 616 -2.62 -9.75 -24.57
C SER G 616 -1.55 -10.81 -24.39
N PRO G 617 -1.71 -11.61 -23.35
CA PRO G 617 -0.90 -12.75 -23.03
C PRO G 617 -1.14 -13.87 -24.03
N PHE G 618 -0.07 -14.28 -24.68
CA PHE G 618 -0.15 -15.29 -25.70
C PHE G 618 -1.23 -16.35 -25.41
N LYS H 46 14.82 -37.64 -61.21
CA LYS H 46 14.12 -38.76 -61.91
C LYS H 46 12.66 -38.81 -61.52
N TYR H 47 11.75 -38.63 -62.50
CA TYR H 47 10.31 -38.70 -62.27
C TYR H 47 9.83 -39.87 -63.13
N ASP H 48 8.70 -40.49 -62.82
CA ASP H 48 8.07 -41.42 -63.78
C ASP H 48 7.48 -40.66 -64.99
N VAL H 49 6.88 -39.51 -64.69
CA VAL H 49 6.21 -38.71 -65.67
C VAL H 49 6.56 -37.24 -65.43
N VAL H 50 7.03 -36.58 -66.48
CA VAL H 50 6.99 -35.11 -66.57
C VAL H 50 5.99 -34.65 -67.63
N ILE H 51 5.21 -33.65 -67.23
CA ILE H 51 4.22 -32.97 -68.03
C ILE H 51 4.67 -31.53 -68.21
N VAL H 52 4.63 -31.03 -69.44
CA VAL H 52 4.99 -29.66 -69.75
C VAL H 52 3.69 -28.85 -70.00
N GLY H 53 3.40 -27.93 -69.06
CA GLY H 53 2.15 -27.16 -69.04
C GLY H 53 1.20 -27.60 -67.91
N SER H 54 0.67 -26.61 -67.15
CA SER H 54 -0.34 -26.81 -66.07
C SER H 54 -1.71 -26.28 -66.47
N GLY H 55 -2.05 -26.35 -67.76
CA GLY H 55 -3.38 -26.01 -68.19
C GLY H 55 -4.30 -27.17 -67.90
N PRO H 56 -5.54 -27.04 -68.30
CA PRO H 56 -6.46 -28.03 -67.99
C PRO H 56 -6.12 -29.40 -68.61
N ILE H 57 -5.38 -29.42 -69.72
CA ILE H 57 -5.10 -30.69 -70.43
C ILE H 57 -3.98 -31.38 -69.70
N GLY H 58 -3.03 -30.58 -69.26
CA GLY H 58 -1.93 -31.09 -68.45
C GLY H 58 -2.43 -31.54 -67.12
N CYS H 59 -3.43 -30.84 -66.55
CA CYS H 59 -3.94 -31.27 -65.24
C CYS H 59 -4.81 -32.52 -65.43
N THR H 60 -5.21 -32.80 -66.66
CA THR H 60 -5.90 -34.04 -66.91
C THR H 60 -4.91 -35.26 -66.81
N TYR H 61 -3.73 -35.14 -67.41
CA TYR H 61 -2.66 -36.13 -67.21
C TYR H 61 -2.34 -36.28 -65.71
N ALA H 62 -2.24 -35.16 -65.00
CA ALA H 62 -1.87 -35.16 -63.60
C ALA H 62 -2.92 -35.85 -62.78
N ARG H 63 -4.16 -35.50 -63.02
CA ARG H 63 -5.27 -36.07 -62.20
C ARG H 63 -5.26 -37.64 -62.24
N GLU H 64 -5.25 -38.18 -63.46
CA GLU H 64 -5.20 -39.60 -63.77
C GLU H 64 -3.91 -40.25 -63.27
N LEU H 65 -2.77 -39.72 -63.72
CA LEU H 65 -1.49 -40.33 -63.40
C LEU H 65 -1.09 -40.18 -61.92
N VAL H 66 -1.21 -38.99 -61.34
CA VAL H 66 -1.00 -38.89 -59.88
C VAL H 66 -1.90 -39.81 -59.09
N GLY H 67 -3.17 -39.81 -59.43
CA GLY H 67 -4.14 -40.73 -58.75
C GLY H 67 -3.69 -42.16 -58.95
N ALA H 68 -3.18 -42.47 -60.13
CA ALA H 68 -2.85 -43.85 -60.44
C ALA H 68 -1.64 -44.36 -59.66
N GLY H 69 -0.85 -43.47 -59.07
CA GLY H 69 0.36 -43.85 -58.28
C GLY H 69 1.67 -43.37 -58.89
N TYR H 70 1.62 -42.75 -60.05
CA TYR H 70 2.84 -42.35 -60.72
C TYR H 70 3.44 -41.16 -60.00
N LYS H 71 4.73 -40.98 -60.18
CA LYS H 71 5.40 -39.90 -59.52
C LYS H 71 5.65 -38.81 -60.53
N VAL H 72 5.00 -37.66 -60.33
CA VAL H 72 4.82 -36.72 -61.41
C VAL H 72 5.47 -35.39 -61.17
N ALA H 73 6.12 -34.89 -62.21
CA ALA H 73 6.58 -33.53 -62.17
C ALA H 73 5.90 -32.73 -63.22
N MET H 74 5.55 -31.50 -62.89
CA MET H 74 4.90 -30.64 -63.88
C MET H 74 5.66 -29.33 -63.96
N PHE H 75 6.05 -28.93 -65.15
CA PHE H 75 6.81 -27.67 -65.31
C PHE H 75 5.93 -26.68 -66.05
N ASP H 76 5.98 -25.38 -65.68
CA ASP H 76 5.28 -24.35 -66.45
C ASP H 76 6.14 -23.10 -66.54
N ILE H 77 6.06 -22.43 -67.67
CA ILE H 77 6.90 -21.33 -67.94
C ILE H 77 6.40 -20.10 -67.16
N GLY H 78 5.11 -20.09 -66.87
CA GLY H 78 4.49 -18.98 -66.17
C GLY H 78 4.40 -19.23 -64.66
N GLU H 79 3.70 -18.34 -63.98
CA GLU H 79 3.73 -18.42 -62.52
C GLU H 79 2.33 -18.51 -61.92
N ILE H 80 2.30 -19.00 -60.70
CA ILE H 80 1.11 -18.93 -59.87
C ILE H 80 0.65 -17.48 -59.60
N ASP H 81 -0.46 -17.07 -60.25
CA ASP H 81 -1.27 -15.89 -59.81
C ASP H 81 -2.79 -16.12 -60.06
N SER H 82 -3.42 -16.93 -59.22
CA SER H 82 -4.88 -16.98 -59.13
C SER H 82 -5.25 -17.00 -57.65
N GLY H 83 -4.34 -16.63 -56.76
CA GLY H 83 -4.60 -16.84 -55.34
C GLY H 83 -4.15 -18.21 -54.86
N LEU H 84 -4.71 -18.61 -53.71
CA LEU H 84 -4.34 -19.85 -53.00
C LEU H 84 -4.77 -21.07 -53.72
N LYS H 85 -5.85 -21.01 -54.48
CA LYS H 85 -6.20 -22.15 -55.30
C LYS H 85 -5.34 -22.14 -56.58
N ILE H 86 -4.39 -23.05 -56.65
CA ILE H 86 -3.39 -22.94 -57.66
C ILE H 86 -4.05 -23.29 -59.00
N GLY H 87 -3.87 -22.42 -59.97
CA GLY H 87 -4.46 -22.68 -61.28
C GLY H 87 -5.96 -22.42 -61.43
N ALA H 88 -6.58 -21.77 -60.46
CA ALA H 88 -8.03 -21.53 -60.43
C ALA H 88 -8.48 -20.40 -61.36
N HIS H 89 -9.80 -20.25 -61.54
CA HIS H 89 -10.30 -19.28 -62.45
C HIS H 89 -10.22 -17.89 -61.83
N LYS H 90 -9.63 -16.96 -62.52
CA LYS H 90 -9.45 -15.63 -61.93
C LYS H 90 -10.74 -14.83 -61.84
N LYS H 91 -11.78 -15.32 -62.44
CA LYS H 91 -13.04 -14.64 -62.47
C LYS H 91 -13.82 -15.00 -61.23
N ASN H 92 -13.28 -15.89 -60.39
CA ASN H 92 -14.00 -16.31 -59.19
C ASN H 92 -13.68 -15.40 -57.99
N THR H 93 -13.62 -14.12 -58.23
CA THR H 93 -13.61 -13.22 -57.08
C THR H 93 -14.98 -12.48 -57.05
N VAL H 94 -15.42 -12.22 -55.83
CA VAL H 94 -16.70 -11.63 -55.60
C VAL H 94 -16.74 -10.36 -56.31
N GLU H 95 -15.57 -9.69 -56.31
CA GLU H 95 -15.36 -8.41 -56.98
C GLU H 95 -15.44 -8.49 -58.51
N TYR H 96 -14.89 -9.53 -59.15
CA TYR H 96 -15.17 -9.70 -60.58
C TYR H 96 -16.64 -9.94 -60.83
N GLN H 97 -17.26 -10.78 -60.02
CA GLN H 97 -18.64 -11.15 -60.33
C GLN H 97 -19.64 -10.05 -60.05
N LYS H 98 -19.23 -8.99 -59.37
CA LYS H 98 -20.04 -7.78 -59.30
C LYS H 98 -19.61 -6.73 -60.29
N ASN H 99 -18.53 -6.96 -61.01
CA ASN H 99 -18.01 -5.96 -61.93
C ASN H 99 -17.56 -6.75 -63.13
N ILE H 100 -18.43 -7.61 -63.62
CA ILE H 100 -18.03 -8.59 -64.61
C ILE H 100 -17.27 -8.02 -65.84
N ASP H 101 -17.60 -6.83 -66.14
CA ASP H 101 -17.01 -6.29 -67.37
C ASP H 101 -15.60 -5.76 -67.23
N LYS H 102 -15.13 -5.74 -66.01
CA LYS H 102 -13.74 -5.39 -65.78
C LYS H 102 -12.83 -6.56 -66.07
N PHE H 103 -13.39 -7.76 -66.22
CA PHE H 103 -12.60 -8.95 -66.38
C PHE H 103 -12.06 -9.08 -67.82
N VAL H 104 -12.64 -8.33 -68.75
CA VAL H 104 -12.08 -8.27 -70.05
C VAL H 104 -10.63 -7.84 -69.99
N ASN H 105 -10.28 -7.05 -68.97
CA ASN H 105 -8.95 -6.55 -68.88
C ASN H 105 -8.05 -7.66 -68.42
N VAL H 106 -8.56 -8.53 -67.58
CA VAL H 106 -7.71 -9.60 -67.09
C VAL H 106 -7.33 -10.44 -68.30
N ILE H 107 -8.32 -10.73 -69.12
CA ILE H 107 -8.04 -11.53 -70.30
C ILE H 107 -6.99 -10.88 -71.24
N GLN H 108 -7.19 -9.60 -71.58
CA GLN H 108 -6.29 -8.89 -72.48
C GLN H 108 -4.89 -8.92 -71.92
N GLY H 109 -4.78 -8.80 -70.60
CA GLY H 109 -3.48 -8.74 -69.91
C GLY H 109 -2.68 -10.02 -69.91
N GLN H 110 -3.29 -11.15 -70.21
CA GLN H 110 -2.50 -12.39 -70.24
C GLN H 110 -2.67 -13.12 -71.57
N LEU H 111 -3.02 -12.35 -72.62
CA LEU H 111 -3.00 -12.83 -74.00
C LEU H 111 -1.86 -12.16 -74.80
N MET H 112 -0.78 -12.91 -75.05
CA MET H 112 0.37 -12.36 -75.76
C MET H 112 0.34 -12.80 -77.23
N SER H 113 0.34 -11.87 -78.17
CA SER H 113 0.15 -12.26 -79.54
C SER H 113 1.22 -13.24 -80.01
N VAL H 114 0.84 -14.21 -80.81
CA VAL H 114 1.77 -15.22 -81.33
C VAL H 114 2.72 -14.64 -82.37
N SER H 115 2.18 -13.86 -83.30
CA SER H 115 2.96 -13.37 -84.42
C SER H 115 2.40 -12.06 -84.90
N VAL H 116 3.17 -10.97 -84.66
CA VAL H 116 2.86 -9.61 -85.04
C VAL H 116 3.78 -9.21 -86.19
N PRO H 117 3.23 -9.02 -87.38
CA PRO H 117 3.97 -8.69 -88.53
C PRO H 117 4.51 -7.31 -88.35
N VAL H 118 5.51 -6.93 -89.14
CA VAL H 118 6.16 -5.64 -89.05
C VAL H 118 5.18 -4.52 -89.35
N ASN H 119 5.24 -3.47 -88.53
CA ASN H 119 4.26 -2.38 -88.61
C ASN H 119 4.60 -1.44 -89.77
N THR H 120 3.62 -1.08 -90.56
CA THR H 120 3.92 -0.21 -91.65
C THR H 120 3.01 1.05 -91.63
N LEU H 121 2.50 1.40 -90.44
CA LEU H 121 1.76 2.66 -90.26
C LEU H 121 2.63 3.86 -90.36
N VAL H 122 2.03 4.86 -90.98
CA VAL H 122 2.71 6.09 -91.24
C VAL H 122 2.29 7.16 -90.22
N VAL H 123 3.24 7.54 -89.39
CA VAL H 123 3.11 8.69 -88.54
C VAL H 123 3.98 9.77 -89.15
N ASP H 124 3.34 10.82 -89.66
CA ASP H 124 4.06 11.82 -90.40
C ASP H 124 3.81 13.21 -89.82
N THR H 125 3.33 13.23 -88.58
CA THR H 125 3.23 14.44 -87.81
C THR H 125 4.13 14.46 -86.55
N LEU H 126 5.15 13.65 -86.53
CA LEU H 126 6.22 13.88 -85.56
C LEU H 126 6.82 15.30 -85.74
N SER H 127 7.33 15.86 -84.65
CA SER H 127 8.13 17.08 -84.78
C SER H 127 9.43 16.78 -85.53
N PRO H 128 9.77 17.70 -86.40
CA PRO H 128 11.04 17.65 -87.08
C PRO H 128 12.25 17.35 -86.18
N THR H 129 12.22 17.67 -84.90
CA THR H 129 13.45 17.35 -84.08
C THR H 129 13.48 15.91 -83.59
N SER H 130 12.36 15.19 -83.68
CA SER H 130 12.31 13.85 -83.17
C SER H 130 12.93 12.86 -84.11
N TRP H 131 13.56 11.84 -83.56
CA TRP H 131 14.28 10.93 -84.41
C TRP H 131 13.23 10.17 -85.16
N GLN H 132 13.47 9.90 -86.44
CA GLN H 132 12.50 9.26 -87.31
C GLN H 132 13.14 8.21 -88.17
N ALA H 133 12.38 7.18 -88.46
CA ALA H 133 12.84 6.11 -89.33
C ALA H 133 12.78 6.49 -90.82
N SER H 134 13.76 5.99 -91.56
CA SER H 134 13.69 6.01 -93.02
C SER H 134 13.02 4.77 -93.61
N THR H 135 12.87 3.73 -92.78
CA THR H 135 12.22 2.46 -93.14
C THR H 135 11.37 1.87 -92.00
N PHE H 136 10.38 1.07 -92.41
CA PHE H 136 9.64 0.26 -91.47
C PHE H 136 10.49 -0.92 -91.03
N PHE H 137 11.41 -0.65 -90.14
CA PHE H 137 12.29 -1.68 -89.60
C PHE H 137 11.67 -2.58 -88.53
N VAL H 138 12.36 -3.67 -88.24
CA VAL H 138 11.88 -4.64 -87.27
C VAL H 138 11.90 -4.04 -85.88
N ARG H 139 10.70 -3.81 -85.33
CA ARG H 139 10.50 -3.02 -84.12
C ARG H 139 9.54 -3.71 -83.19
N ASN H 140 9.65 -3.35 -81.91
CA ASN H 140 8.67 -3.71 -80.85
C ASN H 140 8.13 -5.12 -80.90
N GLY H 141 9.00 -6.13 -80.87
CA GLY H 141 8.57 -7.53 -80.83
C GLY H 141 8.15 -8.22 -82.16
N SER H 142 8.14 -7.47 -83.25
CA SER H 142 7.40 -7.91 -84.42
C SER H 142 8.23 -8.93 -85.22
N ASN H 143 7.52 -9.85 -85.84
CA ASN H 143 8.04 -10.93 -86.65
C ASN H 143 8.18 -10.53 -88.17
N PRO H 144 9.41 -10.23 -88.62
CA PRO H 144 9.63 -9.96 -90.05
C PRO H 144 9.34 -11.17 -90.94
N GLU H 145 9.17 -12.36 -90.37
CA GLU H 145 8.84 -13.54 -91.19
C GLU H 145 7.38 -13.50 -91.62
N GLN H 146 6.53 -12.78 -90.86
CA GLN H 146 5.11 -12.90 -91.00
C GLN H 146 4.52 -12.10 -92.12
N ASP H 147 3.87 -12.81 -93.03
CA ASP H 147 3.07 -12.18 -94.06
C ASP H 147 1.81 -11.72 -93.32
N PRO H 148 1.59 -10.41 -93.26
CA PRO H 148 0.45 -9.88 -92.54
C PRO H 148 -0.88 -10.29 -93.14
N LEU H 149 -0.90 -10.59 -94.45
CA LEU H 149 -2.12 -11.01 -95.12
C LEU H 149 -2.40 -12.56 -95.06
N ARG H 150 -1.51 -13.32 -94.46
CA ARG H 150 -1.72 -14.73 -94.31
C ARG H 150 -1.51 -15.13 -92.84
N ASN H 151 -1.96 -14.29 -91.92
CA ASN H 151 -1.76 -14.49 -90.49
C ASN H 151 -3.04 -14.97 -89.76
N LEU H 152 -2.88 -15.40 -88.52
CA LEU H 152 -3.92 -15.37 -87.53
C LEU H 152 -3.51 -14.29 -86.55
N SER H 153 -3.73 -13.02 -86.92
CA SER H 153 -3.27 -11.90 -86.13
C SER H 153 -3.83 -11.96 -84.71
N GLY H 154 -4.95 -12.64 -84.54
CA GLY H 154 -5.67 -12.69 -83.28
C GLY H 154 -5.12 -13.79 -82.41
N GLN H 155 -4.29 -14.66 -82.96
CA GLN H 155 -3.82 -15.77 -82.16
C GLN H 155 -2.91 -15.16 -81.12
N ALA H 156 -3.08 -15.64 -79.90
CA ALA H 156 -2.32 -15.16 -78.77
C ALA H 156 -2.14 -16.32 -77.87
N VAL H 157 -1.17 -16.25 -76.96
CA VAL H 157 -0.93 -17.31 -75.97
C VAL H 157 -0.93 -16.74 -74.55
N THR H 158 -1.06 -17.65 -73.58
CA THR H 158 -1.16 -17.28 -72.18
C THR H 158 -0.22 -18.11 -71.34
N ARG H 159 0.54 -17.44 -70.45
CA ARG H 159 1.63 -18.09 -69.71
C ARG H 159 1.54 -17.82 -68.18
N VAL H 160 0.73 -18.65 -67.50
CA VAL H 160 0.39 -18.53 -66.11
C VAL H 160 0.06 -19.96 -65.73
N VAL H 161 0.13 -20.30 -64.43
CA VAL H 161 -0.26 -21.62 -63.98
C VAL H 161 -1.77 -21.79 -64.16
N GLY H 162 -2.20 -22.96 -64.63
CA GLY H 162 -3.55 -23.20 -65.07
C GLY H 162 -3.87 -22.78 -66.54
N GLY H 163 -2.91 -22.08 -67.17
CA GLY H 163 -3.03 -21.59 -68.53
C GLY H 163 -4.22 -20.69 -68.83
N MET H 164 -4.77 -20.86 -70.03
CA MET H 164 -5.97 -20.12 -70.46
C MET H 164 -7.22 -20.51 -69.66
N SER H 165 -7.23 -21.64 -68.95
CA SER H 165 -8.37 -21.98 -68.09
C SER H 165 -8.50 -21.07 -66.85
N THR H 166 -7.54 -20.17 -66.64
CA THR H 166 -7.63 -19.15 -65.61
C THR H 166 -8.55 -17.97 -66.11
N HIS H 167 -8.90 -17.98 -67.38
CA HIS H 167 -9.75 -16.89 -67.93
C HIS H 167 -10.83 -17.29 -68.86
N TRP H 168 -10.97 -18.56 -69.22
CA TRP H 168 -11.81 -18.99 -70.34
C TRP H 168 -13.29 -18.85 -69.99
N THR H 169 -14.14 -18.90 -71.03
CA THR H 169 -15.59 -18.77 -70.87
C THR H 169 -16.23 -20.07 -70.35
N CYS H 170 -15.49 -21.15 -70.32
CA CYS H 170 -15.98 -22.40 -69.70
C CYS H 170 -17.04 -23.17 -70.47
N ALA H 171 -17.28 -22.81 -71.75
CA ALA H 171 -18.23 -23.55 -72.57
C ALA H 171 -17.59 -24.87 -73.01
N THR H 172 -18.21 -25.99 -72.57
CA THR H 172 -17.68 -27.30 -72.79
C THR H 172 -18.66 -28.24 -73.53
N PRO H 173 -18.97 -27.96 -74.81
CA PRO H 173 -19.90 -28.84 -75.48
C PRO H 173 -19.17 -30.07 -76.04
N ARG H 174 -19.88 -31.18 -76.20
CA ARG H 174 -19.38 -32.31 -77.01
C ARG H 174 -19.46 -32.01 -78.52
N PHE H 175 -18.58 -32.61 -79.31
CA PHE H 175 -18.71 -32.61 -80.75
C PHE H 175 -19.63 -33.81 -81.14
N ASP H 176 -20.54 -33.60 -82.08
CA ASP H 176 -21.19 -34.72 -82.76
C ASP H 176 -20.20 -35.37 -83.76
N ARG H 177 -20.59 -36.50 -84.32
CA ARG H 177 -19.72 -37.27 -85.23
C ARG H 177 -19.04 -36.45 -86.31
N GLU H 178 -19.86 -35.68 -87.01
CA GLU H 178 -19.45 -34.84 -88.13
C GLU H 178 -18.15 -34.04 -87.75
N GLN H 179 -18.06 -33.58 -86.51
CA GLN H 179 -16.96 -32.73 -86.08
C GLN H 179 -15.86 -33.52 -85.45
N ARG H 180 -16.09 -34.81 -85.22
CA ARG H 180 -15.33 -35.57 -84.23
C ARG H 180 -14.31 -36.55 -84.83
N PRO H 181 -13.09 -36.57 -84.31
CA PRO H 181 -12.23 -37.62 -84.83
C PRO H 181 -12.74 -39.00 -84.43
N LEU H 182 -12.47 -40.00 -85.24
CA LEU H 182 -12.79 -41.39 -84.99
C LEU H 182 -11.73 -41.95 -84.07
N LEU H 183 -12.18 -42.63 -83.00
CA LEU H 183 -11.32 -43.42 -82.11
C LEU H 183 -11.38 -44.94 -82.41
N VAL H 184 -12.44 -45.34 -83.10
CA VAL H 184 -12.66 -46.71 -83.56
C VAL H 184 -13.05 -46.74 -85.05
N LYS H 185 -12.33 -47.53 -85.85
CA LYS H 185 -12.55 -47.53 -87.32
C LYS H 185 -13.58 -48.56 -87.76
N ASP H 186 -14.48 -48.16 -88.65
CA ASP H 186 -15.38 -49.12 -89.31
C ASP H 186 -16.27 -49.80 -88.26
N ASP H 187 -16.81 -48.99 -87.35
CA ASP H 187 -17.71 -49.48 -86.33
C ASP H 187 -18.37 -48.35 -85.52
N ALA H 188 -19.16 -47.54 -86.22
CA ALA H 188 -19.73 -46.30 -85.66
C ALA H 188 -20.18 -46.40 -84.21
N ASP H 189 -20.80 -47.52 -83.85
CA ASP H 189 -21.48 -47.62 -82.56
C ASP H 189 -20.48 -47.76 -81.42
N ALA H 190 -19.40 -48.49 -81.64
CA ALA H 190 -18.38 -48.58 -80.64
C ALA H 190 -17.58 -47.26 -80.61
N ASP H 191 -17.49 -46.54 -81.73
CA ASP H 191 -16.90 -45.20 -81.71
C ASP H 191 -17.72 -44.26 -80.81
N ASP H 192 -19.03 -44.33 -80.93
CA ASP H 192 -19.89 -43.49 -80.13
C ASP H 192 -19.74 -43.82 -78.68
N ALA H 193 -19.67 -45.12 -78.36
CA ALA H 193 -19.60 -45.57 -76.98
C ALA H 193 -18.30 -45.12 -76.26
N GLU H 194 -17.18 -45.23 -76.96
CA GLU H 194 -15.86 -44.69 -76.51
C GLU H 194 -15.92 -43.16 -76.32
N TRP H 195 -16.56 -42.44 -77.26
CA TRP H 195 -16.68 -40.97 -77.05
C TRP H 195 -17.62 -40.61 -75.89
N ASP H 196 -18.70 -41.38 -75.70
CA ASP H 196 -19.60 -41.04 -74.63
C ASP H 196 -18.94 -41.33 -73.30
N ARG H 197 -18.17 -42.39 -73.23
CA ARG H 197 -17.54 -42.75 -71.95
C ARG H 197 -16.48 -41.74 -71.64
N LEU H 198 -15.68 -41.37 -72.64
CA LEU H 198 -14.60 -40.34 -72.43
C LEU H 198 -15.11 -38.93 -72.09
N TYR H 199 -16.11 -38.46 -72.85
CA TYR H 199 -16.75 -37.18 -72.61
C TYR H 199 -17.42 -37.12 -71.23
N THR H 200 -18.04 -38.23 -70.81
CA THR H 200 -18.64 -38.29 -69.47
C THR H 200 -17.60 -38.13 -68.38
N LYS H 201 -16.42 -38.70 -68.55
CA LYS H 201 -15.43 -38.49 -67.51
C LYS H 201 -14.87 -37.02 -67.51
N ALA H 202 -14.65 -36.50 -68.71
CA ALA H 202 -14.15 -35.18 -68.83
C ALA H 202 -15.19 -34.22 -68.27
N GLU H 203 -16.48 -34.50 -68.48
CA GLU H 203 -17.50 -33.60 -67.99
C GLU H 203 -17.51 -33.59 -66.45
N SER H 204 -17.20 -34.73 -65.87
CA SER H 204 -17.11 -34.81 -64.42
C SER H 204 -15.88 -34.02 -63.92
N TYR H 205 -14.79 -34.00 -64.69
CA TYR H 205 -13.55 -33.39 -64.20
C TYR H 205 -13.72 -31.87 -64.23
N PHE H 206 -14.37 -31.39 -65.29
CA PHE H 206 -14.68 -29.96 -65.47
C PHE H 206 -15.93 -29.48 -64.69
N GLN H 207 -16.76 -30.39 -64.22
CA GLN H 207 -18.02 -30.03 -63.54
C GLN H 207 -18.96 -29.32 -64.50
N THR H 208 -18.92 -29.83 -65.72
CA THR H 208 -19.91 -29.48 -66.73
C THR H 208 -21.38 -29.74 -66.37
N GLY H 209 -22.25 -28.78 -66.73
CA GLY H 209 -23.67 -28.92 -66.54
C GLY H 209 -24.41 -27.93 -67.40
N THR H 210 -25.75 -28.09 -67.44
CA THR H 210 -26.64 -27.26 -68.26
C THR H 210 -27.74 -26.62 -67.40
N ASP H 211 -27.44 -26.35 -66.14
CA ASP H 211 -28.49 -26.03 -65.16
C ASP H 211 -28.18 -24.78 -64.37
N GLN H 212 -26.97 -24.30 -64.51
CA GLN H 212 -26.50 -23.24 -63.65
C GLN H 212 -27.22 -21.92 -63.96
N PHE H 213 -27.84 -21.77 -65.12
CA PHE H 213 -28.58 -20.51 -65.36
C PHE H 213 -30.09 -20.66 -65.56
N LYS H 214 -30.64 -21.74 -65.01
CA LYS H 214 -31.97 -22.13 -65.43
C LYS H 214 -33.08 -21.19 -65.00
N GLU H 215 -32.83 -20.42 -63.92
CA GLU H 215 -33.79 -19.41 -63.43
C GLU H 215 -33.45 -17.98 -63.83
N SER H 216 -32.55 -17.81 -64.76
CA SER H 216 -32.33 -16.48 -65.30
C SER H 216 -33.57 -16.12 -66.15
N ILE H 217 -34.18 -14.98 -65.86
CA ILE H 217 -35.24 -14.46 -66.76
C ILE H 217 -34.70 -14.21 -68.14
N ARG H 218 -33.60 -13.52 -68.24
CA ARG H 218 -33.06 -13.21 -69.58
C ARG H 218 -32.69 -14.44 -70.35
N HIS H 219 -32.20 -15.44 -69.64
CA HIS H 219 -31.82 -16.67 -70.29
C HIS H 219 -33.07 -17.30 -70.87
N ASN H 220 -34.09 -17.49 -70.03
CA ASN H 220 -35.34 -18.15 -70.42
C ASN H 220 -36.16 -17.35 -71.43
N LEU H 221 -36.10 -16.01 -71.34
CA LEU H 221 -36.76 -15.13 -72.36
C LEU H 221 -36.25 -15.37 -73.78
N VAL H 222 -34.93 -15.31 -73.95
CA VAL H 222 -34.21 -15.77 -75.15
C VAL H 222 -34.42 -17.24 -75.48
N LEU H 223 -34.09 -18.16 -74.57
CA LEU H 223 -34.36 -19.58 -74.84
C LEU H 223 -35.80 -19.77 -75.36
N ASN H 224 -36.81 -19.30 -74.62
CA ASN H 224 -38.16 -19.67 -74.99
C ASN H 224 -38.51 -19.08 -76.39
N LYS H 225 -38.03 -17.89 -76.68
CA LYS H 225 -38.43 -17.22 -77.88
C LYS H 225 -37.87 -17.93 -79.12
N LEU H 226 -36.60 -18.27 -79.11
CA LEU H 226 -35.99 -19.01 -80.20
C LEU H 226 -36.59 -20.42 -80.36
N THR H 227 -36.83 -21.11 -79.25
CA THR H 227 -37.36 -22.45 -79.30
C THR H 227 -38.67 -22.36 -80.04
N GLU H 228 -39.43 -21.34 -79.70
CA GLU H 228 -40.72 -21.08 -80.36
C GLU H 228 -40.53 -20.72 -81.83
N GLU H 229 -39.66 -19.76 -82.13
CA GLU H 229 -39.47 -19.28 -83.52
C GLU H 229 -39.17 -20.42 -84.45
N TYR H 230 -38.33 -21.34 -84.00
CA TYR H 230 -37.86 -22.35 -84.91
C TYR H 230 -38.71 -23.62 -84.96
N LYS H 231 -39.96 -23.57 -84.54
CA LYS H 231 -40.82 -24.79 -84.46
C LYS H 231 -40.03 -25.97 -83.93
N GLY H 232 -39.77 -26.95 -84.72
CA GLY H 232 -38.80 -27.91 -84.18
C GLY H 232 -37.58 -27.99 -85.07
N GLN H 233 -37.48 -27.11 -86.06
CA GLN H 233 -36.36 -27.14 -86.99
C GLN H 233 -35.04 -27.23 -86.19
N ARG H 234 -34.92 -26.52 -85.09
CA ARG H 234 -33.70 -26.56 -84.28
C ARG H 234 -33.98 -26.57 -82.78
N ASP H 235 -33.15 -27.29 -82.03
CA ASP H 235 -33.19 -27.25 -80.60
C ASP H 235 -32.27 -26.25 -79.93
N PHE H 236 -32.79 -25.58 -78.92
CA PHE H 236 -32.03 -24.66 -78.10
C PHE H 236 -31.96 -25.17 -76.71
N GLN H 237 -30.84 -24.93 -76.00
CA GLN H 237 -30.59 -25.37 -74.62
C GLN H 237 -29.56 -24.44 -74.01
N GLN H 238 -29.20 -24.69 -72.75
CA GLN H 238 -28.10 -23.90 -72.16
C GLN H 238 -26.80 -24.38 -72.71
N ILE H 239 -25.88 -23.46 -72.88
CA ILE H 239 -24.52 -23.87 -73.16
C ILE H 239 -24.09 -24.75 -72.00
N PRO H 240 -23.53 -25.89 -72.31
CA PRO H 240 -22.89 -26.63 -71.24
C PRO H 240 -21.69 -25.85 -70.68
N LEU H 241 -21.75 -25.54 -69.40
CA LEU H 241 -20.74 -24.75 -68.80
C LEU H 241 -20.01 -25.57 -67.73
N ALA H 242 -18.71 -25.40 -67.65
CA ALA H 242 -17.95 -26.01 -66.55
C ALA H 242 -17.95 -25.00 -65.42
N ALA H 243 -18.90 -25.10 -64.53
CA ALA H 243 -19.11 -24.18 -63.47
C ALA H 243 -20.05 -24.87 -62.52
N THR H 244 -20.05 -24.38 -61.31
CA THR H 244 -21.00 -24.77 -60.25
C THR H 244 -21.51 -23.48 -59.61
N ARG H 245 -22.82 -23.34 -59.48
CA ARG H 245 -23.36 -22.12 -58.92
C ARG H 245 -23.24 -22.23 -57.41
N ARG H 246 -22.84 -21.16 -56.73
CA ARG H 246 -22.73 -21.18 -55.28
C ARG H 246 -23.84 -20.34 -54.69
N SER H 247 -24.42 -19.45 -55.47
CA SER H 247 -25.45 -18.60 -54.95
C SER H 247 -26.11 -17.96 -56.11
N PRO H 248 -27.19 -17.23 -55.88
CA PRO H 248 -27.82 -16.51 -56.99
C PRO H 248 -26.93 -15.41 -57.60
N THR H 249 -25.83 -15.07 -56.94
CA THR H 249 -24.99 -13.99 -57.45
C THR H 249 -23.60 -14.44 -57.74
N PHE H 250 -23.29 -15.68 -57.36
CA PHE H 250 -21.94 -16.22 -57.56
C PHE H 250 -21.82 -17.63 -58.18
N VAL H 251 -20.97 -17.70 -59.21
CA VAL H 251 -20.74 -18.93 -59.94
C VAL H 251 -19.29 -19.25 -59.87
N GLU H 252 -19.03 -20.43 -59.36
CA GLU H 252 -17.70 -20.81 -59.26
C GLU H 252 -17.33 -21.44 -60.62
N TRP H 253 -16.59 -20.69 -61.43
CA TRP H 253 -16.22 -21.14 -62.76
C TRP H 253 -15.10 -22.14 -62.68
N SER H 254 -15.14 -23.14 -63.53
CA SER H 254 -14.14 -24.17 -63.56
C SER H 254 -12.82 -23.85 -64.27
N SER H 255 -11.82 -24.65 -63.93
CA SER H 255 -10.50 -24.42 -64.39
C SER H 255 -9.64 -25.69 -64.29
N ALA H 256 -8.36 -25.55 -64.62
CA ALA H 256 -7.33 -26.58 -64.37
C ALA H 256 -7.43 -26.99 -62.92
N ASN H 257 -7.48 -25.99 -62.04
CA ASN H 257 -7.67 -26.25 -60.62
C ASN H 257 -8.78 -27.21 -60.23
N THR H 258 -9.91 -27.11 -60.91
CA THR H 258 -11.03 -27.93 -60.67
C THR H 258 -10.64 -29.35 -61.06
N VAL H 259 -9.81 -29.45 -62.08
CA VAL H 259 -9.45 -30.72 -62.64
C VAL H 259 -8.43 -31.40 -61.71
N PHE H 260 -7.54 -30.60 -61.13
CA PHE H 260 -6.49 -31.09 -60.25
C PHE H 260 -5.95 -29.92 -59.47
N ASP H 261 -5.98 -29.98 -58.14
CA ASP H 261 -5.69 -28.78 -57.32
C ASP H 261 -4.26 -28.27 -57.36
N LEU H 262 -3.37 -29.02 -58.01
CA LEU H 262 -1.97 -28.61 -58.21
C LEU H 262 -1.12 -28.36 -56.96
N GLN H 263 -1.62 -28.76 -55.78
CA GLN H 263 -0.77 -28.83 -54.58
C GLN H 263 0.25 -29.97 -54.73
N ASN H 264 1.45 -29.76 -54.18
CA ASN H 264 2.49 -30.79 -54.15
C ASN H 264 2.03 -31.95 -53.25
N ARG H 265 2.30 -33.16 -53.65
CA ARG H 265 2.02 -34.28 -52.80
C ARG H 265 3.32 -35.05 -52.64
N PRO H 266 3.45 -35.83 -51.56
CA PRO H 266 2.43 -36.15 -50.54
C PRO H 266 1.95 -34.96 -49.73
N ASN H 267 0.67 -34.96 -49.34
CA ASN H 267 0.14 -34.09 -48.25
C ASN H 267 -0.88 -34.85 -47.44
N THR H 268 -1.51 -34.24 -46.44
CA THR H 268 -2.36 -35.00 -45.53
C THR H 268 -3.57 -35.54 -46.25
N ASP H 269 -4.05 -34.79 -47.21
CA ASP H 269 -5.23 -35.18 -47.96
C ASP H 269 -4.92 -36.26 -48.96
N ALA H 270 -3.70 -36.26 -49.47
CA ALA H 270 -3.26 -37.30 -50.39
C ALA H 270 -1.85 -37.78 -49.98
N PRO H 271 -1.78 -38.54 -48.89
CA PRO H 271 -0.52 -38.83 -48.18
C PRO H 271 0.40 -39.84 -48.91
N GLU H 272 -0.14 -40.47 -49.95
CA GLU H 272 0.60 -41.45 -50.74
C GLU H 272 0.71 -41.14 -52.24
N GLU H 273 0.55 -39.88 -52.63
CA GLU H 273 0.57 -39.54 -54.06
C GLU H 273 1.73 -38.61 -54.22
N ARG H 274 2.24 -38.52 -55.43
CA ARG H 274 3.46 -37.78 -55.59
C ARG H 274 3.37 -36.79 -56.73
N PHE H 275 3.42 -35.49 -56.42
CA PHE H 275 3.33 -34.47 -57.44
C PHE H 275 4.13 -33.26 -57.06
N ASN H 276 4.90 -32.73 -57.99
CA ASN H 276 5.57 -31.44 -57.78
C ASN H 276 5.33 -30.55 -58.96
N LEU H 277 5.12 -29.26 -58.68
CA LEU H 277 4.91 -28.29 -59.75
C LEU H 277 5.94 -27.24 -59.67
N PHE H 278 6.55 -26.94 -60.82
CA PHE H 278 7.67 -26.00 -60.91
C PHE H 278 7.33 -24.86 -61.87
N PRO H 279 6.92 -23.72 -61.33
CA PRO H 279 6.51 -22.66 -62.22
C PRO H 279 7.75 -21.91 -62.55
N ALA H 280 7.63 -20.93 -63.42
CA ALA H 280 8.75 -20.26 -63.98
C ALA H 280 9.82 -21.29 -64.36
N VAL H 281 9.41 -22.29 -65.11
CA VAL H 281 10.36 -23.19 -65.78
C VAL H 281 10.01 -23.32 -67.25
N ALA H 282 10.81 -22.68 -68.07
CA ALA H 282 10.73 -22.75 -69.52
C ALA H 282 11.32 -24.04 -70.02
N CYS H 283 10.46 -24.92 -70.51
CA CYS H 283 10.90 -26.18 -71.09
C CYS H 283 11.17 -25.93 -72.55
N GLU H 284 12.28 -26.41 -73.04
CA GLU H 284 12.85 -25.98 -74.33
C GLU H 284 12.99 -27.03 -75.42
N ARG H 285 13.33 -28.27 -75.04
CA ARG H 285 13.51 -29.38 -75.97
C ARG H 285 13.37 -30.70 -75.24
N VAL H 286 12.86 -31.67 -75.96
CA VAL H 286 12.96 -33.02 -75.56
C VAL H 286 14.07 -33.62 -76.43
N VAL H 287 14.88 -34.49 -75.82
CA VAL H 287 16.07 -35.06 -76.42
C VAL H 287 15.76 -36.48 -76.96
N ARG H 288 16.03 -36.64 -78.25
CA ARG H 288 15.75 -37.88 -78.99
C ARG H 288 16.93 -38.80 -78.93
N ASN H 289 16.76 -40.10 -78.60
CA ASN H 289 17.83 -41.12 -78.87
C ASN H 289 18.13 -41.14 -80.38
N ALA H 290 19.22 -41.77 -80.72
CA ALA H 290 19.62 -41.83 -82.12
C ALA H 290 18.60 -42.57 -82.98
N LEU H 291 17.99 -43.63 -82.44
CA LEU H 291 17.00 -44.41 -83.21
C LEU H 291 15.68 -43.66 -83.45
N ASN H 292 15.61 -42.43 -82.95
CA ASN H 292 14.34 -41.76 -82.91
C ASN H 292 13.26 -42.68 -82.46
N SER H 293 13.49 -43.43 -81.41
CA SER H 293 12.42 -44.28 -80.86
C SER H 293 12.06 -43.98 -79.37
N GLU H 294 12.77 -43.07 -78.71
CA GLU H 294 12.55 -42.84 -77.28
C GLU H 294 13.01 -41.39 -76.98
N ILE H 295 12.34 -40.76 -76.00
CA ILE H 295 12.82 -39.52 -75.41
C ILE H 295 13.70 -39.80 -74.21
N GLU H 296 14.83 -39.14 -74.14
CA GLU H 296 15.86 -39.37 -73.13
C GLU H 296 15.86 -38.33 -72.00
N SER H 297 15.38 -37.14 -72.29
CA SER H 297 15.34 -36.14 -71.27
C SER H 297 14.58 -34.93 -71.78
N LEU H 298 14.21 -34.10 -70.83
CA LEU H 298 13.58 -32.83 -71.11
C LEU H 298 14.52 -31.75 -70.60
N HIS H 299 14.92 -30.86 -71.50
CA HIS H 299 15.81 -29.76 -71.20
C HIS H 299 15.00 -28.53 -70.77
N ILE H 300 15.33 -27.99 -69.61
CA ILE H 300 14.57 -26.91 -69.08
C ILE H 300 15.49 -25.80 -68.68
N HIS H 301 14.90 -24.62 -68.68
CA HIS H 301 15.56 -23.40 -68.26
C HIS H 301 14.76 -22.89 -67.09
N ASP H 302 15.30 -23.06 -65.89
CA ASP H 302 14.66 -22.44 -64.72
C ASP H 302 14.83 -20.90 -64.76
N LEU H 303 13.73 -20.16 -64.92
CA LEU H 303 13.76 -18.72 -65.16
C LEU H 303 14.09 -17.87 -63.94
N ILE H 304 13.90 -18.38 -62.74
CA ILE H 304 14.29 -17.60 -61.57
C ILE H 304 15.80 -17.75 -61.26
N SER H 305 16.28 -19.00 -61.11
CA SER H 305 17.70 -19.27 -60.84
C SER H 305 18.59 -18.98 -62.04
N GLY H 306 18.04 -19.16 -63.24
CA GLY H 306 18.80 -18.94 -64.46
C GLY H 306 19.45 -20.24 -64.95
N ASP H 307 19.29 -21.32 -64.20
CA ASP H 307 19.95 -22.59 -64.49
C ASP H 307 19.27 -23.48 -65.55
N ARG H 308 20.08 -24.26 -66.25
CA ARG H 308 19.59 -25.20 -67.22
C ARG H 308 19.73 -26.64 -66.66
N PHE H 309 18.72 -27.49 -66.86
CA PHE H 309 18.85 -28.86 -66.43
C PHE H 309 18.34 -29.79 -67.50
N GLU H 310 18.62 -31.06 -67.28
CA GLU H 310 18.05 -32.14 -68.08
C GLU H 310 17.31 -32.99 -67.06
N ILE H 311 15.99 -33.06 -67.23
CA ILE H 311 15.15 -33.87 -66.34
C ILE H 311 14.92 -35.21 -67.02
N LYS H 312 15.05 -36.31 -66.26
CA LYS H 312 14.77 -37.63 -66.77
C LYS H 312 13.43 -38.07 -66.22
N ALA H 313 12.66 -38.71 -67.10
CA ALA H 313 11.38 -39.34 -66.75
C ALA H 313 11.20 -40.56 -67.64
N ASP H 314 10.37 -41.49 -67.19
CA ASP H 314 9.94 -42.59 -68.05
C ASP H 314 9.01 -42.03 -69.12
N VAL H 315 8.04 -41.22 -68.69
CA VAL H 315 7.01 -40.73 -69.64
C VAL H 315 7.05 -39.24 -69.86
N TYR H 316 7.05 -38.80 -71.10
CA TYR H 316 7.09 -37.38 -71.36
C TYR H 316 5.78 -36.90 -72.04
N VAL H 317 5.08 -35.98 -71.37
CA VAL H 317 3.83 -35.42 -71.86
C VAL H 317 3.99 -33.92 -72.11
N LEU H 318 3.63 -33.54 -73.31
CA LEU H 318 3.65 -32.16 -73.74
C LEU H 318 2.20 -31.67 -73.85
N THR H 319 1.86 -30.66 -73.06
CA THR H 319 0.55 -30.04 -73.08
C THR H 319 0.75 -28.52 -72.84
N ALA H 320 1.56 -27.93 -73.71
CA ALA H 320 1.88 -26.52 -73.68
C ALA H 320 1.00 -25.62 -74.63
N GLY H 321 -0.13 -26.14 -75.11
CA GLY H 321 -1.00 -25.40 -76.03
C GLY H 321 -0.70 -25.70 -77.47
N ALA H 322 -1.64 -25.41 -78.34
CA ALA H 322 -1.45 -25.82 -79.73
C ALA H 322 -0.24 -25.19 -80.39
N VAL H 323 0.16 -24.01 -79.93
CA VAL H 323 1.29 -23.29 -80.52
C VAL H 323 2.61 -23.70 -79.90
N HIS H 324 2.66 -23.78 -78.58
CA HIS H 324 3.92 -24.17 -77.92
C HIS H 324 4.27 -25.65 -77.85
N ASN H 325 3.31 -26.56 -77.94
CA ASN H 325 3.68 -27.95 -78.26
C ASN H 325 4.49 -28.04 -79.56
N THR H 326 3.97 -27.38 -80.56
CA THR H 326 4.56 -27.47 -81.83
C THR H 326 5.91 -26.81 -81.75
N GLN H 327 6.03 -25.69 -81.05
CA GLN H 327 7.32 -25.00 -80.99
C GLN H 327 8.37 -25.89 -80.33
N LEU H 328 8.01 -26.55 -79.25
CA LEU H 328 8.97 -27.32 -78.51
C LEU H 328 9.45 -28.53 -79.37
N LEU H 329 8.51 -29.22 -79.99
CA LEU H 329 8.83 -30.26 -80.94
C LEU H 329 9.83 -29.84 -82.03
N VAL H 330 9.57 -28.71 -82.66
CA VAL H 330 10.39 -28.29 -83.76
C VAL H 330 11.77 -27.90 -83.20
N ASN H 331 11.78 -27.35 -81.99
CA ASN H 331 13.04 -27.02 -81.35
C ASN H 331 13.76 -28.31 -80.95
N SER H 332 13.14 -29.47 -81.13
CA SER H 332 13.78 -30.73 -80.68
C SER H 332 14.21 -31.66 -81.82
N GLY H 333 14.08 -31.22 -83.07
CA GLY H 333 14.35 -32.08 -84.18
C GLY H 333 13.15 -32.58 -84.96
N PHE H 334 11.96 -32.46 -84.40
CA PHE H 334 10.83 -33.00 -85.09
C PHE H 334 10.38 -32.02 -86.14
N GLY H 335 9.70 -32.50 -87.15
CA GLY H 335 9.27 -31.61 -88.20
C GLY H 335 10.42 -30.88 -88.78
N GLN H 336 10.18 -29.69 -89.28
CA GLN H 336 11.17 -28.96 -90.03
C GLN H 336 11.33 -27.54 -89.50
N LEU H 337 12.49 -27.14 -89.03
CA LEU H 337 12.66 -25.76 -88.59
C LEU H 337 12.77 -24.84 -89.82
N GLY H 338 12.34 -23.59 -89.67
CA GLY H 338 12.49 -22.54 -90.69
C GLY H 338 11.39 -22.57 -91.74
N ARG H 339 11.38 -21.60 -92.63
CA ARG H 339 10.38 -21.48 -93.67
C ARG H 339 10.18 -22.80 -94.37
N PRO H 340 8.92 -23.25 -94.50
CA PRO H 340 8.69 -24.58 -95.09
C PRO H 340 9.40 -24.70 -96.43
N ASN H 341 9.97 -25.87 -96.68
CA ASN H 341 10.56 -26.16 -97.96
C ASN H 341 10.24 -27.59 -98.30
N PRO H 342 9.18 -27.81 -99.09
CA PRO H 342 8.56 -29.12 -99.29
C PRO H 342 9.41 -30.02 -100.19
N ALA H 343 10.42 -29.46 -100.85
CA ALA H 343 11.34 -30.29 -101.59
C ALA H 343 12.57 -30.56 -100.72
N ASN H 344 12.34 -30.62 -99.41
CA ASN H 344 13.39 -30.96 -98.45
C ASN H 344 12.84 -31.53 -97.15
N PRO H 345 12.21 -32.70 -97.24
CA PRO H 345 11.19 -33.17 -96.31
C PRO H 345 11.73 -33.51 -94.92
N PRO H 346 11.00 -33.11 -93.89
CA PRO H 346 11.46 -33.37 -92.55
C PRO H 346 11.70 -34.84 -92.31
N GLU H 347 12.72 -35.15 -91.52
CA GLU H 347 12.96 -36.52 -91.22
C GLU H 347 11.81 -37.10 -90.40
N LEU H 348 11.36 -36.37 -89.38
CA LEU H 348 10.40 -36.93 -88.49
C LEU H 348 9.11 -36.11 -88.53
N LEU H 349 7.95 -36.76 -88.43
CA LEU H 349 6.70 -36.00 -88.29
C LEU H 349 6.50 -34.89 -89.34
N PRO H 350 6.44 -35.26 -90.64
CA PRO H 350 6.40 -34.21 -91.67
C PRO H 350 5.04 -33.49 -91.74
N SER H 351 4.05 -33.94 -90.99
CA SER H 351 2.75 -33.24 -90.90
C SER H 351 2.63 -32.21 -89.78
N LEU H 352 3.69 -32.12 -88.97
CA LEU H 352 3.69 -31.25 -87.83
C LEU H 352 3.59 -29.84 -88.37
N GLY H 353 2.58 -29.11 -87.91
CA GLY H 353 2.58 -27.70 -88.13
C GLY H 353 1.87 -27.46 -89.42
N SER H 354 1.40 -28.55 -90.02
CA SER H 354 0.54 -28.48 -91.19
C SER H 354 -0.91 -28.92 -90.89
N TYR H 355 -1.83 -28.64 -91.81
CA TYR H 355 -3.24 -28.93 -91.60
C TYR H 355 -3.78 -28.21 -90.33
N ILE H 356 -3.23 -27.04 -90.02
CA ILE H 356 -3.78 -26.28 -88.90
C ILE H 356 -5.15 -25.69 -89.26
N THR H 357 -6.02 -25.71 -88.26
CA THR H 357 -7.35 -25.16 -88.32
C THR H 357 -7.49 -24.03 -87.26
N GLU H 358 -8.24 -23.04 -87.64
CA GLU H 358 -8.76 -22.05 -86.74
C GLU H 358 -10.18 -21.66 -87.27
N GLN H 359 -11.07 -21.45 -86.34
CA GLN H 359 -12.46 -21.22 -86.67
C GLN H 359 -12.75 -19.78 -87.15
N SER H 360 -13.60 -19.66 -88.14
CA SER H 360 -14.24 -18.36 -88.36
C SER H 360 -15.13 -17.96 -87.17
N LEU H 361 -15.05 -16.70 -86.76
CA LEU H 361 -15.94 -16.22 -85.69
C LEU H 361 -16.68 -14.98 -86.11
N VAL H 362 -18.02 -15.06 -86.11
CA VAL H 362 -18.82 -13.85 -86.23
C VAL H 362 -19.44 -13.43 -84.87
N PHE H 363 -19.74 -12.14 -84.78
CA PHE H 363 -20.13 -11.53 -83.55
C PHE H 363 -21.03 -10.32 -83.80
N CYS H 364 -22.01 -10.17 -82.89
CA CYS H 364 -22.77 -8.98 -82.72
C CYS H 364 -23.40 -8.94 -81.33
N GLN H 365 -23.98 -7.80 -80.97
CA GLN H 365 -24.87 -7.71 -79.85
C GLN H 365 -26.16 -7.18 -80.33
N THR H 366 -27.20 -7.51 -79.60
CA THR H 366 -28.55 -7.07 -79.90
C THR H 366 -29.15 -6.39 -78.68
N VAL H 367 -30.10 -5.49 -78.92
CA VAL H 367 -30.81 -4.77 -77.83
C VAL H 367 -32.21 -5.33 -77.89
N MET H 368 -32.61 -6.00 -76.80
CA MET H 368 -33.87 -6.72 -76.70
C MET H 368 -35.06 -5.90 -77.23
N SER H 369 -35.94 -6.58 -77.95
CA SER H 369 -37.11 -5.95 -78.55
C SER H 369 -38.08 -5.59 -77.45
N THR H 370 -38.80 -4.50 -77.69
CA THR H 370 -39.83 -3.93 -76.89
C THR H 370 -40.81 -5.04 -76.61
N GLU H 371 -40.99 -5.86 -77.62
CA GLU H 371 -41.97 -6.90 -77.53
C GLU H 371 -41.61 -7.93 -76.48
N LEU H 372 -40.34 -8.34 -76.48
CA LEU H 372 -39.84 -9.28 -75.49
C LEU H 372 -39.86 -8.67 -74.12
N ILE H 373 -39.49 -7.40 -74.01
CA ILE H 373 -39.39 -6.79 -72.67
C ILE H 373 -40.77 -6.70 -72.11
N ASP H 374 -41.72 -6.20 -72.88
CA ASP H 374 -43.10 -6.24 -72.46
C ASP H 374 -43.58 -7.59 -71.97
N SER H 375 -43.08 -8.69 -72.57
CA SER H 375 -43.60 -10.03 -72.28
C SER H 375 -43.11 -10.47 -70.92
N VAL H 376 -42.06 -9.79 -70.48
CA VAL H 376 -41.43 -10.17 -69.25
C VAL H 376 -42.46 -9.95 -68.14
N LYS H 377 -43.27 -8.94 -68.34
CA LYS H 377 -44.29 -8.62 -67.36
C LYS H 377 -45.76 -8.88 -67.81
N SER H 378 -45.97 -9.79 -68.75
CA SER H 378 -47.32 -10.08 -69.32
C SER H 378 -48.34 -10.62 -68.29
N ASP H 379 -47.87 -11.28 -67.24
CA ASP H 379 -48.72 -11.86 -66.26
C ASP H 379 -49.09 -10.83 -65.17
N MET H 380 -48.54 -9.61 -65.22
CA MET H 380 -48.73 -8.68 -64.10
C MET H 380 -49.96 -7.84 -64.29
N THR H 381 -50.59 -7.50 -63.18
CA THR H 381 -51.60 -6.50 -63.21
C THR H 381 -51.01 -5.26 -62.51
N ILE H 382 -51.04 -4.14 -63.22
CA ILE H 382 -50.39 -2.94 -62.74
C ILE H 382 -51.41 -1.85 -62.49
N ARG H 383 -51.40 -1.30 -61.29
CA ARG H 383 -52.38 -0.25 -60.93
C ARG H 383 -51.71 0.96 -60.30
N GLY H 384 -52.22 2.14 -60.66
CA GLY H 384 -51.74 3.41 -60.15
C GLY H 384 -50.52 3.88 -60.86
N THR H 385 -49.79 4.78 -60.24
CA THR H 385 -48.63 5.34 -60.91
C THR H 385 -47.30 5.08 -60.15
N PRO H 386 -46.24 4.73 -60.91
CA PRO H 386 -44.99 4.35 -60.24
C PRO H 386 -44.44 5.50 -59.37
N GLY H 387 -43.86 5.15 -58.22
CA GLY H 387 -43.28 6.12 -57.30
C GLY H 387 -44.30 6.66 -56.35
N GLU H 388 -45.55 6.23 -56.48
CA GLU H 388 -46.56 6.61 -55.50
C GLU H 388 -46.95 5.46 -54.60
N LEU H 389 -47.45 5.82 -53.44
CA LEU H 389 -48.01 4.88 -52.46
C LEU H 389 -49.11 4.02 -53.04
N THR H 390 -49.78 4.52 -54.08
CA THR H 390 -50.88 3.79 -54.70
C THR H 390 -50.42 2.70 -55.61
N TYR H 391 -49.16 2.71 -55.99
CA TYR H 391 -48.72 1.83 -57.09
C TYR H 391 -48.69 0.38 -56.72
N SER H 392 -49.27 -0.43 -57.58
CA SER H 392 -49.44 -1.80 -57.28
C SER H 392 -49.14 -2.68 -58.47
N VAL H 393 -48.26 -3.66 -58.24
CA VAL H 393 -47.95 -4.68 -59.24
C VAL H 393 -48.25 -6.06 -58.66
N THR H 394 -49.18 -6.78 -59.26
CA THR H 394 -49.52 -8.09 -58.75
C THR H 394 -49.69 -9.09 -59.86
N TYR H 395 -49.68 -10.37 -59.52
CA TYR H 395 -50.03 -11.45 -60.43
C TYR H 395 -50.79 -12.52 -59.67
N THR H 396 -51.40 -13.49 -60.36
CA THR H 396 -52.00 -14.65 -59.67
C THR H 396 -51.07 -15.88 -59.68
N PRO H 397 -50.61 -16.32 -58.51
CA PRO H 397 -49.72 -17.51 -58.54
C PRO H 397 -50.38 -18.83 -58.92
N GLY H 398 -49.91 -19.52 -59.92
CA GLY H 398 -50.46 -20.80 -60.21
C GLY H 398 -51.39 -20.82 -61.41
N ALA H 399 -51.76 -19.64 -61.90
CA ALA H 399 -52.77 -19.51 -62.93
C ALA H 399 -52.27 -20.02 -64.24
N SER H 400 -53.07 -20.85 -64.90
CA SER H 400 -52.61 -21.46 -66.10
C SER H 400 -52.66 -20.47 -67.26
N THR H 401 -53.35 -19.34 -67.12
CA THR H 401 -53.22 -18.33 -68.15
C THR H 401 -51.89 -17.53 -68.10
N ASN H 402 -51.15 -17.67 -67.00
CA ASN H 402 -49.80 -17.08 -66.88
C ASN H 402 -48.84 -17.69 -67.90
N LYS H 403 -48.12 -16.82 -68.61
CA LYS H 403 -47.08 -17.28 -69.50
C LYS H 403 -45.76 -17.63 -68.80
N HIS H 404 -45.66 -17.31 -67.50
CA HIS H 404 -44.41 -17.58 -66.77
C HIS H 404 -44.58 -18.30 -65.42
N PRO H 405 -43.52 -18.96 -64.99
CA PRO H 405 -43.65 -19.67 -63.70
C PRO H 405 -43.73 -18.71 -62.51
N ASP H 406 -44.21 -19.13 -61.35
CA ASP H 406 -44.21 -18.29 -60.19
C ASP H 406 -42.82 -17.68 -59.81
N TRP H 407 -41.72 -18.43 -59.93
CA TRP H 407 -40.41 -17.84 -59.56
C TRP H 407 -40.09 -16.61 -60.45
N TRP H 408 -40.45 -16.69 -61.72
CA TRP H 408 -40.27 -15.54 -62.61
C TRP H 408 -41.11 -14.37 -62.21
N ASN H 409 -42.43 -14.56 -62.08
CA ASN H 409 -43.33 -13.46 -61.70
C ASN H 409 -43.04 -12.83 -60.32
N GLU H 410 -42.66 -13.64 -59.33
CA GLU H 410 -42.18 -13.11 -58.04
C GLU H 410 -41.02 -12.15 -58.13
N LYS H 411 -40.02 -12.54 -58.92
CA LYS H 411 -38.81 -11.74 -59.07
C LYS H 411 -39.17 -10.46 -59.77
N VAL H 412 -40.06 -10.53 -60.79
CA VAL H 412 -40.45 -9.35 -61.58
C VAL H 412 -41.30 -8.41 -60.75
N LYS H 413 -42.25 -8.99 -60.00
CA LYS H 413 -43.11 -8.18 -59.13
C LYS H 413 -42.30 -7.36 -58.16
N ASN H 414 -41.33 -7.99 -57.50
CA ASN H 414 -40.49 -7.36 -56.50
C ASN H 414 -39.57 -6.31 -57.06
N HIS H 415 -38.87 -6.64 -58.15
CA HIS H 415 -38.19 -5.66 -58.94
C HIS H 415 -39.05 -4.44 -59.25
N MET H 416 -40.21 -4.66 -59.85
CA MET H 416 -41.10 -3.54 -60.14
C MET H 416 -41.62 -2.77 -58.90
N MET H 417 -41.87 -3.44 -57.77
CA MET H 417 -42.37 -2.73 -56.60
C MET H 417 -41.26 -1.95 -55.89
N GLN H 418 -40.05 -2.49 -55.98
CA GLN H 418 -38.88 -2.04 -55.25
C GLN H 418 -38.15 -0.91 -55.92
N HIS H 419 -38.18 -0.90 -57.25
CA HIS H 419 -37.43 0.07 -58.00
C HIS H 419 -38.43 0.73 -58.91
N GLN H 420 -39.27 1.58 -58.33
CA GLN H 420 -40.33 2.14 -59.14
C GLN H 420 -39.91 3.22 -60.13
N GLU H 421 -38.67 3.63 -60.03
CA GLU H 421 -38.13 4.59 -60.98
C GLU H 421 -37.51 3.86 -62.18
N ASP H 422 -37.38 2.53 -62.12
CA ASP H 422 -36.70 1.81 -63.20
C ASP H 422 -37.69 1.39 -64.25
N PRO H 423 -37.53 1.80 -65.52
CA PRO H 423 -38.55 1.51 -66.55
C PRO H 423 -38.55 0.06 -67.10
N LEU H 424 -37.70 -0.80 -66.57
CA LEU H 424 -37.61 -2.16 -67.07
C LEU H 424 -38.00 -3.18 -66.02
N PRO H 425 -38.58 -4.30 -66.47
CA PRO H 425 -39.10 -5.34 -65.60
C PRO H 425 -38.10 -6.42 -65.16
N ILE H 426 -36.87 -6.33 -65.64
CA ILE H 426 -35.88 -7.33 -65.39
C ILE H 426 -35.08 -6.98 -64.19
N PRO H 427 -34.97 -7.93 -63.28
CA PRO H 427 -34.27 -7.58 -62.06
C PRO H 427 -32.81 -7.22 -62.31
N PHE H 428 -32.28 -6.29 -61.54
CA PHE H 428 -30.91 -5.89 -61.68
C PHE H 428 -29.92 -7.08 -61.53
N GLU H 429 -30.10 -7.97 -60.56
CA GLU H 429 -29.15 -9.10 -60.36
C GLU H 429 -29.50 -10.40 -61.15
N ASP H 430 -30.43 -10.29 -62.08
CA ASP H 430 -30.80 -11.40 -62.95
C ASP H 430 -29.60 -11.87 -63.77
N PRO H 431 -29.17 -13.09 -63.56
CA PRO H 431 -28.06 -13.61 -64.35
C PRO H 431 -28.29 -13.54 -65.86
N GLU H 432 -27.19 -13.75 -66.55
CA GLU H 432 -27.13 -13.60 -67.97
C GLU H 432 -27.65 -14.81 -68.68
N PRO H 433 -28.07 -14.60 -69.90
CA PRO H 433 -28.47 -15.68 -70.77
C PRO H 433 -27.24 -16.52 -71.14
N GLN H 434 -27.45 -17.83 -71.36
CA GLN H 434 -26.42 -18.70 -71.86
C GLN H 434 -27.01 -19.76 -72.81
N VAL H 435 -27.40 -19.31 -74.00
CA VAL H 435 -28.18 -20.14 -74.89
C VAL H 435 -27.35 -20.63 -76.04
N THR H 436 -27.62 -21.86 -76.47
CA THR H 436 -27.06 -22.36 -77.69
C THR H 436 -28.02 -23.24 -78.48
N THR H 437 -27.88 -23.22 -79.80
CA THR H 437 -28.25 -24.38 -80.59
C THR H 437 -26.97 -24.99 -81.15
N LEU H 438 -26.71 -26.22 -80.75
CA LEU H 438 -25.50 -26.91 -81.09
C LEU H 438 -25.43 -27.21 -82.58
N PHE H 439 -24.21 -27.38 -83.06
CA PHE H 439 -23.88 -27.64 -84.45
C PHE H 439 -24.74 -28.78 -85.01
N GLN H 440 -25.31 -28.62 -86.21
CA GLN H 440 -25.99 -29.72 -86.89
C GLN H 440 -25.67 -29.67 -88.38
N PRO H 441 -25.98 -30.74 -89.11
CA PRO H 441 -25.71 -30.61 -90.56
C PRO H 441 -26.38 -29.41 -91.25
N SER H 442 -27.62 -29.07 -90.93
CA SER H 442 -28.31 -28.06 -91.64
C SER H 442 -27.89 -26.69 -91.10
N HIS H 443 -27.12 -26.68 -90.01
CA HIS H 443 -26.45 -25.49 -89.52
C HIS H 443 -25.13 -25.84 -88.82
N PRO H 444 -24.11 -25.98 -89.62
CA PRO H 444 -22.79 -26.42 -89.22
C PRO H 444 -21.91 -25.30 -88.66
N TRP H 445 -22.33 -24.74 -87.54
CA TRP H 445 -21.57 -23.81 -86.73
C TRP H 445 -22.02 -23.98 -85.27
N HIS H 446 -21.17 -23.61 -84.32
CA HIS H 446 -21.53 -23.62 -82.95
C HIS H 446 -22.15 -22.26 -82.72
N THR H 447 -22.99 -22.14 -81.72
CA THR H 447 -23.60 -20.86 -81.40
C THR H 447 -23.58 -20.64 -79.89
N GLN H 448 -23.47 -19.39 -79.51
CA GLN H 448 -23.52 -19.00 -78.12
C GLN H 448 -24.29 -17.71 -78.10
N ILE H 449 -25.37 -17.71 -77.32
CA ILE H 449 -26.29 -16.59 -77.23
C ILE H 449 -26.36 -16.21 -75.72
N HIS H 450 -25.51 -15.26 -75.34
CA HIS H 450 -24.95 -15.21 -74.00
C HIS H 450 -24.42 -13.81 -73.63
N ARG H 451 -23.81 -13.72 -72.46
CA ARG H 451 -23.10 -12.51 -72.04
C ARG H 451 -21.73 -12.87 -71.51
N ASP H 452 -20.73 -12.50 -72.26
CA ASP H 452 -19.35 -12.68 -71.87
C ASP H 452 -18.89 -11.30 -71.42
N ALA H 453 -17.82 -11.25 -70.63
CA ALA H 453 -17.16 -9.98 -70.38
C ALA H 453 -16.92 -9.17 -71.70
N PHE H 454 -17.24 -7.89 -71.65
CA PHE H 454 -17.15 -7.02 -72.82
C PHE H 454 -16.57 -5.65 -72.44
N SER H 455 -15.73 -5.09 -73.30
CA SER H 455 -15.34 -3.68 -73.12
C SER H 455 -16.23 -2.74 -73.97
N TRP H 456 -17.24 -2.16 -73.31
CA TRP H 456 -18.22 -1.27 -73.98
C TRP H 456 -17.62 0.02 -74.49
N GLY H 457 -18.09 0.47 -75.64
CA GLY H 457 -17.88 1.87 -76.08
C GLY H 457 -18.63 2.90 -75.22
N ALA H 458 -18.17 4.14 -75.28
CA ALA H 458 -18.84 5.26 -74.60
C ALA H 458 -20.32 5.27 -74.92
N VAL H 459 -20.61 5.03 -76.20
CA VAL H 459 -21.95 5.18 -76.75
C VAL H 459 -22.85 4.01 -76.31
N GLN H 460 -22.22 2.84 -76.15
CA GLN H 460 -22.93 1.61 -75.80
C GLN H 460 -23.25 1.55 -74.31
N GLN H 461 -22.58 2.39 -73.53
CA GLN H 461 -22.89 2.41 -72.11
C GLN H 461 -24.18 3.18 -71.89
N SER H 462 -24.70 3.80 -72.94
CA SER H 462 -25.94 4.48 -72.82
C SER H 462 -27.15 3.52 -72.90
N ILE H 463 -26.90 2.28 -73.35
CA ILE H 463 -27.92 1.23 -73.43
C ILE H 463 -27.85 0.34 -72.17
N ASP H 464 -28.93 0.21 -71.44
CA ASP H 464 -29.03 -0.66 -70.28
C ASP H 464 -28.59 -2.10 -70.54
N SER H 465 -27.70 -2.61 -69.72
CA SER H 465 -27.01 -3.83 -70.07
C SER H 465 -27.96 -5.01 -70.06
N ARG H 466 -29.04 -4.91 -69.31
CA ARG H 466 -29.97 -6.03 -69.22
C ARG H 466 -30.66 -6.33 -70.54
N LEU H 467 -30.65 -5.36 -71.44
CA LEU H 467 -31.19 -5.49 -72.75
C LEU H 467 -30.24 -6.17 -73.77
N ILE H 468 -28.97 -6.26 -73.44
CA ILE H 468 -27.94 -6.61 -74.42
C ILE H 468 -27.63 -8.09 -74.34
N VAL H 469 -27.58 -8.75 -75.50
CA VAL H 469 -27.17 -10.12 -75.59
C VAL H 469 -26.06 -10.19 -76.64
N ASP H 470 -25.04 -11.03 -76.41
CA ASP H 470 -23.95 -11.29 -77.29
C ASP H 470 -24.34 -12.43 -78.23
N TRP H 471 -24.02 -12.29 -79.52
CA TRP H 471 -24.11 -13.42 -80.39
C TRP H 471 -22.71 -13.83 -80.96
N ARG H 472 -22.30 -15.10 -80.77
CA ARG H 472 -21.04 -15.60 -81.34
C ARG H 472 -21.35 -16.89 -82.09
N PHE H 473 -21.13 -16.96 -83.41
CA PHE H 473 -21.33 -18.22 -84.12
C PHE H 473 -19.95 -18.58 -84.57
N PHE H 474 -19.61 -19.86 -84.44
CA PHE H 474 -18.27 -20.34 -84.73
C PHE H 474 -18.28 -21.32 -85.87
N GLY H 475 -17.41 -21.07 -86.84
CA GLY H 475 -17.34 -21.89 -88.05
C GLY H 475 -16.32 -23.04 -87.98
N ARG H 476 -16.60 -24.16 -88.63
CA ARG H 476 -15.63 -25.24 -88.74
C ARG H 476 -14.75 -25.08 -90.00
N THR H 477 -13.45 -25.29 -89.83
CA THR H 477 -12.50 -25.00 -90.90
C THR H 477 -11.85 -26.29 -91.40
N GLU H 478 -11.91 -26.52 -92.69
CA GLU H 478 -11.34 -27.74 -93.22
C GLU H 478 -9.81 -27.73 -93.19
N PRO H 479 -9.27 -28.85 -92.73
CA PRO H 479 -7.85 -28.98 -92.64
C PRO H 479 -7.22 -29.11 -94.01
N LYS H 480 -6.25 -28.26 -94.29
CA LYS H 480 -5.53 -28.20 -95.54
C LYS H 480 -4.05 -28.11 -95.20
N GLU H 481 -3.26 -28.89 -95.92
CA GLU H 481 -1.83 -29.00 -95.71
C GLU H 481 -1.08 -27.67 -95.92
N GLU H 482 -1.60 -26.80 -96.76
CA GLU H 482 -0.96 -25.52 -97.01
C GLU H 482 -1.16 -24.48 -95.86
N ASN H 483 -2.05 -24.80 -94.94
CA ASN H 483 -2.26 -24.00 -93.72
C ASN H 483 -1.28 -24.42 -92.60
N LYS H 484 -0.37 -23.53 -92.28
CA LYS H 484 0.81 -23.88 -91.54
C LYS H 484 1.09 -22.98 -90.37
N LEU H 485 1.65 -23.59 -89.34
CA LEU H 485 2.34 -22.95 -88.23
C LEU H 485 3.74 -23.46 -88.30
N TRP H 486 4.66 -22.57 -88.69
CA TRP H 486 6.07 -22.91 -88.70
C TRP H 486 6.86 -21.92 -87.82
N PHE H 487 8.14 -22.23 -87.59
CA PHE H 487 9.00 -21.49 -86.69
C PHE H 487 10.30 -21.06 -87.38
N SER H 488 10.69 -19.80 -87.18
CA SER H 488 11.86 -19.23 -87.81
C SER H 488 13.13 -19.89 -87.32
N ASP H 489 14.12 -20.01 -88.21
CA ASP H 489 15.45 -20.51 -87.83
C ASP H 489 16.36 -19.35 -87.41
N LYS H 490 15.89 -18.11 -87.52
CA LYS H 490 16.73 -16.95 -87.26
C LYS H 490 16.08 -15.99 -86.26
N ILE H 491 14.76 -15.84 -86.27
CA ILE H 491 14.11 -14.94 -85.35
C ILE H 491 13.67 -15.71 -84.12
N THR H 492 13.73 -15.08 -82.94
CA THR H 492 13.39 -15.76 -81.67
C THR H 492 12.40 -14.94 -80.84
N ASP H 493 11.59 -15.61 -80.04
CA ASP H 493 10.55 -14.95 -79.24
C ASP H 493 11.18 -14.52 -77.88
N ALA H 494 10.39 -14.13 -76.90
CA ALA H 494 10.96 -13.44 -75.75
C ALA H 494 11.47 -14.44 -74.74
N TYR H 495 11.32 -15.75 -75.02
CA TYR H 495 11.96 -16.79 -74.24
C TYR H 495 13.02 -17.46 -75.10
N ASN H 496 13.50 -16.69 -76.05
CA ASN H 496 14.54 -17.07 -76.98
C ASN H 496 14.36 -18.44 -77.67
N MET H 497 13.13 -18.72 -78.07
CA MET H 497 12.78 -19.93 -78.79
C MET H 497 12.39 -19.51 -80.17
N PRO H 498 12.38 -20.46 -81.11
CA PRO H 498 12.08 -20.02 -82.50
C PRO H 498 10.65 -19.43 -82.64
N GLN H 499 10.62 -18.34 -83.37
CA GLN H 499 9.46 -17.47 -83.42
C GLN H 499 8.37 -18.08 -84.27
N PRO H 500 7.19 -18.28 -83.69
CA PRO H 500 6.15 -18.90 -84.46
C PRO H 500 5.70 -17.99 -85.62
N THR H 501 5.36 -18.60 -86.74
CA THR H 501 4.91 -17.84 -87.90
C THR H 501 3.74 -18.60 -88.53
N PHE H 502 2.68 -17.87 -88.91
CA PHE H 502 1.47 -18.49 -89.49
C PHE H 502 1.51 -18.28 -90.99
N ASP H 503 1.03 -19.28 -91.71
CA ASP H 503 0.74 -19.11 -93.13
C ASP H 503 -0.65 -19.70 -93.32
N PHE H 504 -1.69 -18.86 -93.25
CA PHE H 504 -3.06 -19.33 -93.16
C PHE H 504 -4.02 -18.49 -93.99
N ARG H 505 -5.03 -19.13 -94.55
CA ARG H 505 -6.20 -18.51 -95.20
C ARG H 505 -7.31 -19.46 -95.00
N PHE H 506 -8.53 -18.99 -94.66
CA PHE H 506 -9.64 -19.90 -94.62
C PHE H 506 -9.78 -20.54 -96.02
N PRO H 507 -9.74 -21.89 -96.09
CA PRO H 507 -9.86 -22.59 -97.36
C PRO H 507 -11.07 -22.12 -98.13
N ALA H 508 -10.88 -21.94 -99.41
CA ALA H 508 -11.99 -21.73 -100.31
C ALA H 508 -12.87 -23.03 -100.35
N GLY H 509 -14.06 -22.87 -100.85
CA GLY H 509 -15.04 -23.98 -100.86
C GLY H 509 -15.91 -23.98 -99.61
N ARG H 510 -16.19 -25.17 -99.10
CA ARG H 510 -17.00 -25.35 -97.93
C ARG H 510 -16.70 -24.41 -96.73
N THR H 511 -15.44 -24.28 -96.35
CA THR H 511 -15.14 -23.48 -95.23
C THR H 511 -15.62 -22.08 -95.43
N SER H 512 -15.43 -21.54 -96.62
CA SER H 512 -15.78 -20.13 -96.83
C SER H 512 -17.28 -19.95 -97.04
N LYS H 513 -17.89 -20.86 -97.82
CA LYS H 513 -19.32 -20.84 -98.03
C LYS H 513 -20.04 -20.97 -96.67
N GLU H 514 -19.58 -21.82 -95.78
CA GLU H 514 -20.24 -21.97 -94.48
C GLU H 514 -20.08 -20.74 -93.62
N ALA H 515 -18.88 -20.19 -93.67
CA ALA H 515 -18.58 -19.05 -92.89
C ALA H 515 -19.52 -17.91 -93.29
N GLU H 516 -19.82 -17.72 -94.57
CA GLU H 516 -20.71 -16.58 -94.90
C GLU H 516 -22.13 -16.95 -94.55
N ASP H 517 -22.49 -18.19 -94.82
CA ASP H 517 -23.81 -18.63 -94.51
C ASP H 517 -24.02 -18.52 -92.97
N MET H 518 -22.93 -18.61 -92.23
CA MET H 518 -22.99 -18.54 -90.80
C MET H 518 -23.31 -17.11 -90.41
N MET H 519 -22.58 -16.15 -90.98
CA MET H 519 -22.89 -14.73 -90.73
C MET H 519 -24.39 -14.51 -90.99
N THR H 520 -24.88 -15.00 -92.11
CA THR H 520 -26.29 -14.72 -92.45
C THR H 520 -27.19 -15.33 -91.40
N ASP H 521 -26.88 -16.56 -90.95
CA ASP H 521 -27.77 -17.20 -89.99
C ASP H 521 -27.84 -16.33 -88.72
N MET H 522 -26.72 -15.80 -88.30
CA MET H 522 -26.67 -14.96 -87.10
C MET H 522 -27.47 -13.69 -87.34
N CYS H 523 -27.36 -13.13 -88.52
CA CYS H 523 -28.22 -11.97 -88.84
C CYS H 523 -29.69 -12.29 -88.73
N VAL H 524 -30.10 -13.52 -89.09
CA VAL H 524 -31.50 -13.90 -89.19
C VAL H 524 -32.02 -14.28 -87.80
N MET H 525 -31.25 -15.07 -87.08
CA MET H 525 -31.62 -15.49 -85.75
C MET H 525 -31.66 -14.32 -84.77
N SER H 526 -30.58 -13.51 -84.74
CA SER H 526 -30.52 -12.42 -83.86
C SER H 526 -31.72 -11.48 -84.03
N ALA H 527 -32.14 -11.23 -85.28
CA ALA H 527 -33.31 -10.35 -85.52
C ALA H 527 -34.56 -10.78 -84.68
N LYS H 528 -34.62 -12.03 -84.24
CA LYS H 528 -35.85 -12.51 -83.58
C LYS H 528 -35.88 -12.05 -82.15
N ILE H 529 -34.77 -11.50 -81.72
CA ILE H 529 -34.60 -11.10 -80.33
C ILE H 529 -34.54 -9.59 -80.21
N GLY H 530 -33.84 -8.96 -81.12
CA GLY H 530 -33.65 -7.51 -81.01
C GLY H 530 -32.88 -7.08 -82.21
N GLY H 531 -32.95 -5.81 -82.55
CA GLY H 531 -32.02 -5.20 -83.50
C GLY H 531 -30.60 -5.19 -82.96
N PHE H 532 -29.63 -5.04 -83.84
CA PHE H 532 -28.27 -5.00 -83.41
C PHE H 532 -28.01 -3.77 -82.51
N LEU H 533 -27.02 -3.90 -81.66
CA LEU H 533 -26.55 -2.76 -80.90
C LEU H 533 -25.47 -1.96 -81.62
N PRO H 534 -25.73 -0.66 -81.91
CA PRO H 534 -24.71 0.22 -82.53
C PRO H 534 -23.35 0.09 -81.93
N GLY H 535 -22.34 -0.02 -82.78
CA GLY H 535 -20.99 -0.26 -82.27
C GLY H 535 -20.68 -1.76 -82.00
N SER H 536 -21.66 -2.62 -82.17
CA SER H 536 -21.47 -4.09 -82.15
C SER H 536 -22.29 -4.73 -83.26
N LEU H 537 -22.14 -4.20 -84.47
CA LEU H 537 -22.86 -4.65 -85.62
C LEU H 537 -22.17 -5.93 -86.08
N PRO H 538 -22.89 -6.78 -86.83
CA PRO H 538 -22.32 -8.09 -87.15
C PRO H 538 -21.00 -8.04 -87.98
N GLN H 539 -20.03 -8.88 -87.58
CA GLN H 539 -18.68 -8.83 -88.10
C GLN H 539 -17.96 -10.16 -87.91
N PHE H 540 -17.04 -10.42 -88.80
CA PHE H 540 -16.03 -11.45 -88.64
C PHE H 540 -14.97 -10.91 -87.74
N MET H 541 -14.63 -11.62 -86.67
CA MET H 541 -13.59 -11.18 -85.72
C MET H 541 -12.19 -11.50 -86.21
N GLU H 542 -11.19 -10.81 -85.72
CA GLU H 542 -9.81 -11.01 -86.28
C GLU H 542 -9.38 -12.49 -86.15
N PRO H 543 -8.87 -13.05 -87.24
CA PRO H 543 -8.61 -14.46 -87.26
C PRO H 543 -7.73 -14.91 -86.14
N GLY H 544 -8.10 -16.01 -85.52
CA GLY H 544 -7.39 -16.48 -84.39
C GLY H 544 -7.85 -15.82 -83.12
N LEU H 545 -8.53 -14.69 -83.24
CA LEU H 545 -8.96 -13.99 -82.03
C LEU H 545 -9.71 -15.05 -81.25
N VAL H 546 -10.32 -15.98 -81.95
CA VAL H 546 -11.20 -16.92 -81.28
C VAL H 546 -10.48 -17.93 -80.39
N LEU H 547 -9.21 -18.20 -80.60
CA LEU H 547 -8.44 -19.12 -79.72
C LEU H 547 -8.91 -20.62 -79.65
N HIS H 548 -9.19 -21.17 -80.81
CA HIS H 548 -9.74 -22.52 -80.98
C HIS H 548 -8.88 -23.30 -81.96
N LEU H 549 -7.61 -22.88 -82.08
CA LEU H 549 -6.62 -23.51 -82.93
C LEU H 549 -6.46 -25.01 -82.66
N GLY H 550 -6.40 -25.79 -83.73
CA GLY H 550 -6.29 -27.23 -83.59
C GLY H 550 -5.43 -27.75 -84.67
N GLY H 551 -5.17 -29.04 -84.62
CA GLY H 551 -4.51 -29.72 -85.70
C GLY H 551 -3.06 -29.31 -86.01
N THR H 552 -2.40 -28.67 -85.06
CA THR H 552 -1.00 -28.32 -85.22
C THR H 552 -0.08 -29.58 -85.10
N HIS H 553 -0.58 -30.62 -84.43
CA HIS H 553 0.20 -31.80 -84.17
C HIS H 553 -0.77 -32.94 -84.11
N ARG H 554 -1.51 -33.06 -85.20
CA ARG H 554 -2.75 -33.76 -85.32
C ARG H 554 -2.73 -35.25 -85.16
N MET H 555 -3.88 -35.76 -84.65
CA MET H 555 -4.10 -37.21 -84.35
C MET H 555 -4.70 -37.93 -85.53
N GLY H 556 -4.41 -39.22 -85.59
CA GLY H 556 -4.99 -40.14 -86.57
C GLY H 556 -4.41 -41.57 -86.41
N PHE H 557 -4.98 -42.51 -87.15
CA PHE H 557 -4.56 -43.92 -87.12
C PHE H 557 -3.24 -44.20 -87.76
N ASP H 558 -2.99 -43.60 -88.91
CA ASP H 558 -1.80 -43.93 -89.65
C ASP H 558 -1.07 -42.67 -90.14
N GLU H 559 0.17 -42.53 -89.65
CA GLU H 559 1.04 -41.37 -89.84
C GLU H 559 1.03 -40.90 -91.25
N LYS H 560 1.11 -41.84 -92.16
CA LYS H 560 1.23 -41.44 -93.53
C LYS H 560 -0.17 -41.32 -94.13
N GLU H 561 -1.06 -42.28 -93.92
CA GLU H 561 -2.35 -42.21 -94.64
C GLU H 561 -3.23 -41.06 -94.14
N ASP H 562 -3.11 -40.74 -92.86
CA ASP H 562 -3.96 -39.75 -92.18
C ASP H 562 -3.23 -38.47 -91.95
N ASN H 563 -2.04 -38.34 -92.54
CA ASN H 563 -1.23 -37.10 -92.48
C ASN H 563 -1.11 -36.51 -91.06
N CYS H 564 -0.55 -37.24 -90.14
CA CYS H 564 -0.72 -36.88 -88.75
C CYS H 564 0.55 -37.15 -87.95
N CYS H 565 0.50 -36.82 -86.66
CA CYS H 565 1.69 -36.73 -85.79
C CYS H 565 1.60 -37.61 -84.55
N VAL H 566 0.38 -37.89 -84.11
CA VAL H 566 0.11 -38.77 -82.99
C VAL H 566 -0.97 -39.79 -83.34
N ASN H 567 -0.90 -40.93 -82.67
CA ASN H 567 -1.89 -41.99 -82.75
C ASN H 567 -3.07 -41.75 -81.73
N THR H 568 -4.09 -42.61 -81.73
CA THR H 568 -5.27 -42.35 -80.92
C THR H 568 -5.03 -42.47 -79.43
N ASP H 569 -3.87 -43.01 -79.03
CA ASP H 569 -3.40 -42.83 -77.66
C ASP H 569 -2.64 -41.52 -77.39
N SER H 570 -2.58 -40.61 -78.34
CA SER H 570 -1.74 -39.37 -78.19
C SER H 570 -0.22 -39.64 -78.01
N ARG H 571 0.21 -40.78 -78.53
CA ARG H 571 1.64 -41.11 -78.65
C ARG H 571 2.23 -40.60 -79.98
N VAL H 572 3.41 -39.94 -79.94
CA VAL H 572 4.05 -39.42 -81.16
C VAL H 572 4.58 -40.62 -81.92
N PHE H 573 4.20 -40.77 -83.19
CA PHE H 573 4.54 -42.00 -83.92
C PHE H 573 6.05 -42.31 -83.77
N GLY H 574 6.38 -43.57 -83.59
CA GLY H 574 7.77 -43.96 -83.58
C GLY H 574 8.45 -43.96 -82.20
N PHE H 575 7.91 -43.14 -81.29
CA PHE H 575 8.44 -42.99 -79.95
C PHE H 575 7.63 -43.71 -78.90
N LYS H 576 8.28 -44.41 -77.97
CA LYS H 576 7.60 -45.19 -76.91
C LYS H 576 6.96 -44.36 -75.78
N ASN H 577 7.54 -43.19 -75.50
CA ASN H 577 7.28 -42.48 -74.26
C ASN H 577 7.07 -40.97 -74.36
N LEU H 578 6.59 -40.52 -75.52
CA LEU H 578 6.36 -39.12 -75.76
C LEU H 578 4.91 -39.02 -76.16
N PHE H 579 4.14 -38.32 -75.34
CA PHE H 579 2.72 -38.05 -75.56
C PHE H 579 2.44 -36.56 -75.70
N LEU H 580 1.42 -36.26 -76.48
CA LEU H 580 0.97 -34.88 -76.72
C LEU H 580 -0.48 -34.75 -76.34
N GLY H 581 -0.79 -33.72 -75.56
CA GLY H 581 -2.17 -33.41 -75.23
C GLY H 581 -2.55 -32.01 -75.65
N GLY H 582 -3.80 -31.85 -76.08
CA GLY H 582 -4.38 -30.53 -76.35
C GLY H 582 -5.12 -30.40 -77.68
N CYS H 583 -5.53 -29.18 -77.98
CA CYS H 583 -6.32 -28.95 -79.19
C CYS H 583 -5.50 -29.22 -80.43
N GLY H 584 -4.21 -29.16 -80.30
CA GLY H 584 -3.33 -29.50 -81.44
C GLY H 584 -3.60 -30.89 -81.98
N ASN H 585 -4.01 -31.78 -81.10
CA ASN H 585 -4.32 -33.15 -81.52
C ASN H 585 -5.53 -33.32 -82.40
N ILE H 586 -6.44 -32.34 -82.41
CA ILE H 586 -7.73 -32.47 -83.07
C ILE H 586 -7.56 -32.25 -84.58
N PRO H 587 -7.79 -33.34 -85.38
CA PRO H 587 -7.56 -33.32 -86.85
C PRO H 587 -8.74 -32.90 -87.73
N THR H 588 -9.93 -32.84 -87.16
CA THR H 588 -11.10 -32.63 -87.98
C THR H 588 -11.50 -31.15 -88.12
N ALA H 589 -12.55 -30.86 -88.87
CA ALA H 589 -13.13 -29.51 -88.85
C ALA H 589 -14.18 -29.42 -87.78
N TYR H 590 -13.93 -28.61 -86.77
CA TYR H 590 -14.87 -28.51 -85.67
C TYR H 590 -15.31 -27.06 -85.38
N GLY H 591 -16.57 -26.89 -85.04
CA GLY H 591 -17.01 -25.53 -84.72
C GLY H 591 -17.23 -25.30 -83.23
N ALA H 592 -17.58 -26.35 -82.48
CA ALA H 592 -17.77 -26.23 -81.05
C ALA H 592 -16.41 -25.98 -80.29
N ASN H 593 -16.47 -25.49 -79.07
CA ASN H 593 -15.30 -25.10 -78.36
C ASN H 593 -14.58 -26.43 -78.04
N PRO H 594 -13.26 -26.50 -78.31
CA PRO H 594 -12.62 -27.83 -78.34
C PRO H 594 -12.08 -28.46 -77.03
N THR H 595 -12.03 -27.68 -75.98
CA THR H 595 -11.30 -28.14 -74.86
C THR H 595 -11.84 -29.44 -74.29
N LEU H 596 -13.14 -29.61 -74.22
CA LEU H 596 -13.69 -30.81 -73.67
C LEU H 596 -13.19 -31.95 -74.52
N THR H 597 -13.10 -31.73 -75.82
CA THR H 597 -12.67 -32.77 -76.74
C THR H 597 -11.22 -33.17 -76.56
N ALA H 598 -10.36 -32.19 -76.36
CA ALA H 598 -8.95 -32.42 -76.01
C ALA H 598 -8.85 -33.21 -74.73
N MET H 599 -9.64 -32.81 -73.74
CA MET H 599 -9.58 -33.41 -72.42
C MET H 599 -9.97 -34.85 -72.63
N SER H 600 -10.92 -35.12 -73.52
CA SER H 600 -11.35 -36.52 -73.63
C SER H 600 -10.25 -37.44 -74.16
N LEU H 601 -9.53 -36.90 -75.14
CA LEU H 601 -8.43 -37.63 -75.76
C LEU H 601 -7.37 -37.87 -74.72
N ALA H 602 -7.18 -36.94 -73.81
CA ALA H 602 -6.05 -37.05 -72.91
C ALA H 602 -6.33 -38.08 -71.86
N ILE H 603 -7.59 -38.25 -71.54
CA ILE H 603 -7.99 -39.28 -70.66
C ILE H 603 -7.65 -40.60 -71.31
N LYS H 604 -7.93 -40.71 -72.60
CA LYS H 604 -7.65 -41.92 -73.36
C LYS H 604 -6.15 -42.22 -73.39
N SER H 605 -5.36 -41.17 -73.55
CA SER H 605 -3.90 -41.25 -73.54
C SER H 605 -3.33 -41.78 -72.22
N CYS H 606 -3.91 -41.35 -71.11
CA CYS H 606 -3.58 -41.85 -69.77
C CYS H 606 -3.96 -43.33 -69.58
N GLU H 607 -5.05 -43.76 -70.20
CA GLU H 607 -5.39 -45.17 -70.17
C GLU H 607 -4.24 -45.95 -70.75
N TYR H 608 -3.79 -45.60 -71.94
CA TYR H 608 -2.61 -46.27 -72.51
C TYR H 608 -1.47 -46.16 -71.51
N ILE H 609 -1.29 -44.96 -70.92
CA ILE H 609 -0.10 -44.73 -70.11
C ILE H 609 -0.07 -45.70 -68.95
N LYS H 610 -1.25 -45.98 -68.44
CA LYS H 610 -1.38 -46.70 -67.21
C LYS H 610 -1.12 -48.14 -67.48
N GLN H 611 -1.49 -48.55 -68.68
CA GLN H 611 -1.31 -49.90 -69.13
C GLN H 611 0.13 -50.24 -69.50
N ASN H 612 0.97 -49.25 -69.73
CA ASN H 612 2.26 -49.50 -70.39
C ASN H 612 3.49 -48.92 -69.73
N PHE H 613 3.35 -48.52 -68.49
CA PHE H 613 4.46 -47.93 -67.79
C PHE H 613 4.13 -48.17 -66.34
N THR H 614 5.13 -48.55 -65.55
CA THR H 614 4.87 -49.01 -64.19
C THR H 614 5.31 -47.90 -63.27
N PRO H 615 4.47 -47.56 -62.27
CA PRO H 615 4.80 -46.48 -61.32
C PRO H 615 5.91 -46.89 -60.44
N SER H 616 6.87 -46.02 -60.25
CA SER H 616 7.98 -46.37 -59.40
C SER H 616 7.41 -46.64 -58.02
N PRO H 617 8.14 -47.40 -57.19
CA PRO H 617 7.66 -47.66 -55.85
C PRO H 617 7.92 -46.43 -54.99
N PHE H 618 7.00 -46.19 -54.06
CA PHE H 618 6.99 -44.98 -53.23
C PHE H 618 7.99 -45.13 -52.09
PA FAD I . 18.86 -37.92 94.02
O1A FAD I . 19.53 -37.03 93.09
O2A FAD I . 17.53 -37.48 94.66
O5B FAD I . 19.94 -38.22 95.15
C5B FAD I . 21.14 -38.65 94.62
C4B FAD I . 22.34 -38.15 95.44
O4B FAD I . 23.69 -38.65 95.25
C3B FAD I . 22.35 -36.89 96.23
O3B FAD I . 21.88 -36.81 97.52
C2B FAD I . 23.71 -36.33 95.97
O2B FAD I . 24.22 -35.32 96.74
C1B FAD I . 24.52 -37.52 95.55
N9A FAD I . 25.82 -37.59 94.90
C8A FAD I . 25.88 -37.19 93.65
N7A FAD I . 27.15 -37.42 93.26
C5A FAD I . 27.83 -38.00 94.26
C6A FAD I . 29.11 -38.47 94.35
N6A FAD I . 29.96 -38.41 93.33
N1A FAD I . 29.51 -39.05 95.50
C2A FAD I . 28.64 -39.15 96.57
N3A FAD I . 27.36 -38.72 96.43
C4A FAD I . 26.96 -38.15 95.33
N1 FAD I . 10.04 -36.67 90.84
C2 FAD I . 8.87 -37.34 90.81
O2 FAD I . 8.91 -38.56 90.81
N3 FAD I . 8.05 -36.68 91.64
C4 FAD I . 7.72 -35.35 91.70
O4 FAD I . 6.78 -34.57 91.93
C4X FAD I . 9.01 -34.60 91.61
N5 FAD I . 9.21 -33.39 92.14
C5X FAD I . 10.33 -32.72 91.86
C6 FAD I . 10.42 -31.30 91.83
C7 FAD I . 11.63 -30.69 92.15
C7M FAD I . 11.75 -29.21 91.95
C8 FAD I . 12.78 -31.51 92.22
C8M FAD I . 14.18 -30.95 92.48
C9 FAD I . 12.72 -32.85 91.85
C9A FAD I . 11.50 -33.45 91.60
N10 FAD I . 11.37 -34.80 91.23
C10 FAD I . 10.13 -35.35 91.20
C1' FAD I . 12.57 -35.65 90.88
C2' FAD I . 13.06 -36.56 91.99
O2' FAD I . 13.34 -35.77 93.08
C3' FAD I . 14.29 -37.37 91.65
O3' FAD I . 13.83 -38.29 90.74
C4' FAD I . 14.77 -38.31 92.76
O4' FAD I . 15.19 -37.51 93.84
C5' FAD I . 15.94 -39.15 92.24
O5' FAD I . 16.36 -39.95 93.33
P FAD I . 17.83 -40.56 93.37
O1P FAD I . 18.04 -41.08 94.76
O2P FAD I . 18.17 -41.47 92.16
O3P FAD I . 18.82 -39.30 93.20
C1 SHG J . 6.41 -30.65 89.45
C2 SHG J . 6.39 -32.16 89.28
C3 SHG J . 7.79 -32.70 89.13
C4 SHG J . 8.86 -31.86 88.52
C5 SHG J . 8.75 -30.36 88.67
C6 SHG J . 9.40 -29.54 87.55
O1 SHG J . 5.19 -29.96 89.39
O3 SHG J . 7.97 -34.01 88.65
O4 SHG J . 10.12 -32.49 88.83
O5 SHG J . 7.44 -29.85 88.91
O6 SHG J . 9.52 -28.23 88.11
F2 SHG J . 5.71 -32.82 90.29
O1 MES K . 30.42 -8.24 77.41
C2 MES K . 31.48 -7.29 77.42
C3 MES K . 32.82 -8.01 77.35
N4 MES K . 32.80 -9.14 78.31
C5 MES K . 31.58 -9.62 79.02
C6 MES K . 30.32 -8.84 78.69
C7 MES K . 34.06 -9.87 78.56
C8 MES K . 33.87 -10.57 79.92
S MES K . 34.72 -9.90 81.20
O1S MES K . 35.89 -9.54 80.39
O2S MES K . 34.80 -11.16 81.95
O3S MES K . 33.65 -8.87 81.45
PA FAD L . 17.01 -13.24 115.80
O1A FAD L . 15.87 -12.80 114.98
O2A FAD L . 18.28 -13.74 115.13
O5B FAD L . 16.46 -14.44 116.74
C5B FAD L . 15.13 -14.30 117.25
C4B FAD L . 14.21 -15.49 117.07
O4B FAD L . 13.23 -15.84 118.04
C3B FAD L . 14.12 -16.47 115.90
O3B FAD L . 15.03 -17.50 115.81
C2B FAD L . 12.67 -16.80 115.86
O2B FAD L . 12.15 -17.91 115.24
C1B FAD L . 12.16 -16.28 117.19
N9A FAD L . 10.81 -15.85 117.53
C8A FAD L . 10.24 -14.75 117.02
N7A FAD L . 9.02 -14.66 117.59
C5A FAD L . 8.90 -15.72 118.47
C6A FAD L . 7.88 -16.07 119.34
N6A FAD L . 6.79 -15.33 119.41
N1A FAD L . 8.05 -17.23 120.10
C2A FAD L . 9.18 -17.98 120.05
N3A FAD L . 10.21 -17.61 119.22
C4A FAD L . 10.05 -16.49 118.45
N1 FAD L . 23.93 -8.27 111.63
C2 FAD L . 25.21 -8.11 112.07
O2 FAD L . 25.37 -7.53 113.14
N3 FAD L . 26.14 -8.01 111.09
C4 FAD L . 26.05 -8.83 109.98
O4 FAD L . 26.82 -8.91 109.01
C4X FAD L . 24.66 -9.19 109.57
N5 FAD L . 24.33 -9.84 108.48
C5X FAD L . 23.04 -9.86 108.07
C6 FAD L . 22.72 -10.44 106.79
C7 FAD L . 21.43 -10.93 106.56
C7M FAD L . 20.98 -11.31 105.14
C8 FAD L . 20.50 -10.97 107.59
C8M FAD L . 19.20 -11.64 107.28
C9 FAD L . 20.88 -10.65 108.89
C9A FAD L . 22.05 -9.86 109.06
N10 FAD L . 22.39 -9.36 110.29
C10 FAD L . 23.68 -8.97 110.51
C1' FAD L . 21.43 -9.28 111.47
C2' FAD L . 21.48 -10.34 112.55
O2' FAD L . 21.17 -11.59 111.98
C3' FAD L . 20.47 -10.01 113.64
O3' FAD L . 20.84 -8.76 114.15
C4' FAD L . 20.52 -10.95 114.81
O4' FAD L . 20.16 -12.23 114.40
C5' FAD L . 19.61 -10.53 115.97
O5' FAD L . 19.74 -11.54 116.94
P FAD L . 18.46 -11.89 117.85
O1P FAD L . 18.88 -13.14 118.47
O2P FAD L . 18.17 -10.68 118.72
O3P FAD L . 17.19 -12.09 116.93
C1 SHG M . 25.41 -7.16 104.62
C2 SHG M . 25.52 -6.85 106.11
C3 SHG M . 24.37 -6.68 107.11
C4 SHG M . 23.04 -6.46 106.46
C5 SHG M . 22.95 -6.76 104.99
C6 SHG M . 21.93 -5.98 104.23
O1 SHG M . 26.38 -6.63 103.73
O3 SHG M . 24.61 -5.75 108.15
O4 SHG M . 22.18 -7.32 107.09
O5 SHG M . 24.13 -6.87 104.19
O6 SHG M . 21.91 -6.50 102.90
F2 SHG M . 26.72 -6.96 106.72
O1 MES N . -6.51 -6.05 88.68
C2 MES N . -7.60 -6.96 88.52
C3 MES N . -8.41 -7.11 89.81
N4 MES N . -7.55 -6.96 90.99
C5 MES N . -6.46 -5.98 91.01
C6 MES N . -5.66 -6.30 89.78
C7 MES N . -7.78 -7.78 92.19
C8 MES N . -7.35 -9.23 91.92
S MES N . -8.48 -10.36 92.41
O1S MES N . -8.87 -9.36 93.44
O2S MES N . -7.50 -11.38 92.84
O3S MES N . -8.83 -10.33 90.95
PA FAD O . -9.82 9.48 63.21
O1A FAD O . -9.52 9.42 64.66
O2A FAD O . -9.00 8.78 62.16
O5B FAD O . -9.78 11.03 62.77
C5B FAD O . -10.44 11.86 63.68
C4B FAD O . -9.71 13.15 63.77
O4B FAD O . -10.38 14.29 64.21
C3B FAD O . -8.24 13.35 63.91
O3B FAD O . -7.37 13.09 62.87
C2B FAD O . -8.10 14.46 64.90
O2B FAD O . -6.87 15.11 65.24
C1B FAD O . -9.53 14.94 65.14
N9A FAD O . -10.10 15.72 66.26
C8A FAD O . -10.37 15.17 67.45
N7A FAD O . -10.89 16.13 68.24
C5A FAD O . -10.97 17.25 67.51
C6A FAD O . -11.45 18.49 67.86
N6A FAD O . -11.94 18.70 69.08
N1A FAD O . -11.40 19.49 66.92
C2A FAD O . -10.87 19.26 65.65
N3A FAD O . -10.41 18.01 65.29
C4A FAD O . -10.46 17.04 66.23
N1 FAD O . -9.19 0.18 61.52
C2 FAD O . -9.59 -0.61 60.51
O2 FAD O . -10.74 -0.67 60.09
N3 FAD O . -8.58 -1.37 60.06
C4 FAD O . -7.44 -1.82 60.72
O4 FAD O . -6.56 -2.06 59.86
C4X FAD O . -6.91 -0.62 61.44
N5 FAD O . -5.71 -0.59 62.02
C5X FAD O . -5.38 0.20 63.06
C6 FAD O . -4.06 0.14 63.59
C7 FAD O . -3.63 1.12 64.50
C7M FAD O . -2.53 0.87 65.50
C8 FAD O . -4.40 2.28 64.68
C8M FAD O . -3.71 3.51 65.32
C9 FAD O . -5.67 2.37 64.03
C9A FAD O . -6.24 1.25 63.41
N10 FAD O . -7.51 1.26 62.79
C10 FAD O . -7.84 0.36 61.77
C1' FAD O . -8.67 2.12 63.17
C2' FAD O . -8.84 3.34 62.29
O2' FAD O . -7.56 3.97 62.17
C3' FAD O . -9.94 4.27 62.82
O3' FAD O . -11.09 3.49 62.93
C4' FAD O . -10.27 5.38 61.81
O4' FAD O . -9.12 6.21 61.61
C5' FAD O . -11.51 6.16 62.23
O5' FAD O . -11.70 7.24 61.36
P FAD O . -12.27 8.65 61.85
O1P FAD O . -12.10 9.62 60.72
O2P FAD O . -13.65 8.35 62.51
O3P FAD O . -11.41 9.10 63.15
C1 SHG P . -4.33 -4.63 63.80
C2 SHG P . -5.68 -4.36 63.13
C3 SHG P . -6.52 -3.25 63.73
C4 SHG P . -6.26 -2.84 65.17
C5 SHG P . -4.89 -3.17 65.75
C6 SHG P . -4.85 -3.45 67.24
O1 SHG P . -3.98 -5.97 63.79
O3 SHG P . -7.91 -3.46 63.53
O4 SHG P . -6.62 -1.48 65.32
O5 SHG P . -4.13 -4.18 65.12
O6 SHG P . -3.50 -3.26 67.65
F2 SHG P . -5.52 -4.16 61.80
O1 MES Q . 5.99 6.85 96.15
C2 MES Q . 6.72 8.01 96.59
C3 MES Q . 5.94 9.32 96.40
N4 MES Q . 4.72 9.17 95.55
C5 MES Q . 4.22 7.90 95.03
C6 MES Q . 5.41 6.97 94.87
C7 MES Q . 3.97 10.39 95.18
C8 MES Q . 4.62 11.02 93.93
S MES Q . 5.62 12.39 94.13
O1S MES Q . 4.94 12.94 95.33
O2S MES Q . 5.16 12.95 92.85
O3S MES Q . 6.60 11.27 94.38
O1 MES R . 18.18 -19.88 70.03
C2 MES R . 17.60 -20.85 69.16
C3 MES R . 18.25 -20.78 67.77
N4 MES R . 18.29 -19.38 67.35
C5 MES R . 18.62 -18.31 68.29
C6 MES R . 17.87 -18.57 69.59
C7 MES R . 18.04 -19.02 65.95
C8 MES R . 16.57 -18.57 65.89
S MES R . 15.93 -18.95 64.39
O1S MES R . 15.34 -17.59 64.28
O2S MES R . 15.10 -19.99 65.09
O3S MES R . 17.37 -19.10 64.07
PA FAD S . 22.31 14.67 59.09
O1A FAD S . 22.56 13.27 59.30
O2A FAD S . 21.62 15.57 60.09
O5B FAD S . 21.61 14.79 57.67
C5B FAD S . 22.29 14.13 56.67
C4B FAD S . 21.40 13.55 55.57
O4B FAD S . 21.97 12.99 54.36
C3B FAD S . 19.99 13.09 55.78
O3B FAD S . 18.80 13.84 55.73
C2B FAD S . 19.90 11.86 54.95
O2B FAD S . 18.69 11.20 54.73
C1B FAD S . 21.15 11.85 54.10
N9A FAD S . 21.82 10.78 53.36
C8A FAD S . 22.61 9.89 53.92
N7A FAD S . 23.12 9.18 52.91
C5A FAD S . 22.69 9.68 51.75
C6A FAD S . 22.95 9.35 50.43
N6A FAD S . 23.76 8.36 50.12
N1A FAD S . 22.32 10.08 49.46
C2A FAD S . 21.52 11.13 49.78
N3A FAD S . 21.27 11.45 51.09
C4A FAD S . 21.86 10.75 52.03
N1 FAD S . 23.76 17.83 67.77
C2 FAD S . 23.99 19.02 68.27
O2 FAD S . 24.98 19.67 67.90
N3 FAD S . 23.27 19.28 69.38
C4 FAD S . 22.13 18.83 69.96
O4 FAD S . 21.44 18.89 71.00
C4X FAD S . 22.02 17.51 69.32
N5 FAD S . 21.00 16.78 69.72
C5X FAD S . 20.70 15.58 69.14
C6 FAD S . 19.69 14.74 69.65
C7 FAD S . 19.21 13.67 68.87
C7M FAD S . 18.32 12.64 69.50
C8 FAD S . 19.66 13.48 67.56
C8M FAD S . 19.05 12.36 66.71
C9 FAD S . 20.77 14.23 67.13
C9A FAD S . 21.33 15.21 67.96
N10 FAD S . 22.40 15.96 67.57
C10 FAD S . 22.80 17.04 68.30
C1' FAD S . 23.10 15.69 66.28
C2' FAD S . 22.68 16.47 65.06
O2' FAD S . 21.38 16.15 64.67
C3' FAD S . 23.59 16.13 63.90
O3' FAD S . 24.88 16.39 64.39
C4' FAD S . 23.36 16.96 62.62
O4' FAD S . 22.06 16.86 62.07
C5' FAD S . 24.30 16.47 61.54
O5' FAD S . 23.87 17.16 60.43
P FAD S . 24.35 16.77 58.99
O1P FAD S . 23.57 17.74 58.17
O2P FAD S . 25.87 16.64 58.87
O3P FAD S . 23.80 15.25 58.83
C1 SHG T . 20.90 15.36 74.16
C2 SHG T . 21.81 16.20 73.24
C3 SHG T . 22.50 15.72 71.98
C4 SHG T . 22.66 14.22 71.96
C5 SHG T . 21.74 13.44 72.88
C6 SHG T . 22.19 12.04 73.25
O1 SHG T . 20.70 15.78 75.51
O3 SHG T . 23.67 16.39 71.57
O4 SHG T . 22.53 13.77 70.62
O5 SHG T . 21.15 13.98 74.04
O6 SHG T . 20.98 11.33 73.53
F2 SHG T . 21.84 17.54 73.50
PA FAD U . -4.11 28.40 -107.87
O1A FAD U . -3.71 27.03 -107.42
O2A FAD U . -4.91 29.33 -106.92
O5B FAD U . -4.86 28.32 -109.26
C5B FAD U . -4.15 27.58 -110.23
C4B FAD U . -5.06 26.95 -111.29
O4B FAD U . -4.57 26.54 -112.54
C3B FAD U . -6.46 26.40 -111.06
O3B FAD U . -7.65 27.09 -110.91
C2B FAD U . -6.49 25.14 -111.87
O2B FAD U . -7.61 24.26 -112.04
C1B FAD U . -5.26 25.29 -112.73
N9A FAD U . -4.51 24.21 -113.38
C8A FAD U . -3.67 23.41 -112.74
N7A FAD U . -3.11 22.63 -113.73
C5A FAD U . -3.63 23.03 -114.97
C6A FAD U . -3.43 22.64 -116.26
N6A FAD U . -2.66 21.65 -116.59
N1A FAD U . -4.12 23.25 -117.27
C2A FAD U . -4.97 24.28 -117.01
N3A FAD U . -5.16 24.71 -115.74
C4A FAD U . -4.53 24.05 -114.74
N1 FAD U . -2.63 31.50 -99.05
C2 FAD U . -2.48 32.78 -98.68
O2 FAD U . -1.44 33.37 -98.97
N3 FAD U . -3.10 32.99 -97.50
C4 FAD U . -4.14 32.39 -96.85
O4 FAD U . -4.99 33.09 -96.29
C4X FAD U . -4.33 31.03 -97.43
N5 FAD U . -5.27 30.20 -97.01
C5X FAD U . -5.69 29.16 -97.75
C6 FAD U . -6.54 28.20 -97.19
C7 FAD U . -6.63 26.93 -97.76
C7M FAD U . -7.57 25.94 -97.14
C8 FAD U . -6.38 26.84 -99.13
C8M FAD U . -6.82 25.62 -99.93
C9 FAD U . -5.40 27.71 -99.65
C9A FAD U . -5.06 28.87 -98.96
N10 FAD U . -3.97 29.64 -99.36
C10 FAD U . -3.71 30.80 -98.66
C1' FAD U . -3.17 29.34 -100.60
C2' FAD U . -3.56 30.20 -101.81
O2' FAD U . -4.93 30.06 -102.16
C3' FAD U . -2.68 29.80 -103.01
O3' FAD U . -1.38 29.99 -102.60
C4' FAD U . -2.98 30.67 -104.18
O4' FAD U . -4.37 30.51 -104.49
C5' FAD U . -2.09 30.32 -105.38
O5' FAD U . -2.73 30.90 -106.52
P FAD U . -2.24 30.58 -107.99
O1P FAD U . -3.10 31.36 -108.97
O2P FAD U . -0.73 30.37 -107.99
O3P FAD U . -2.68 29.05 -108.23
C1 SHG V . -5.07 29.14 -92.69
C2 SHG V . -4.13 30.06 -93.53
C3 SHG V . -3.27 29.58 -94.71
C4 SHG V . -3.16 28.05 -94.73
C5 SHG V . -4.09 27.18 -93.92
C6 SHG V . -3.45 25.92 -93.36
O1 SHG V . -5.15 29.42 -91.29
O3 SHG V . -2.03 30.25 -95.02
O4 SHG V . -3.39 27.64 -96.03
O5 SHG V . -4.87 27.74 -92.87
O6 SHG V . -4.51 25.08 -92.88
F2 SHG V . -4.28 31.41 -93.30
O1 MES W . -5.17 -6.10 -96.71
C2 MES W . -6.05 -7.21 -96.96
C3 MES W . -6.91 -6.92 -98.19
N4 MES W . -6.54 -5.59 -98.69
C5 MES W . -6.41 -4.43 -97.79
C6 MES W . -5.92 -4.94 -96.45
C7 MES W . -6.37 -5.41 -100.13
C8 MES W . -7.70 -5.86 -100.73
S MES W . -7.95 -5.20 -102.24
O1S MES W . -6.76 -4.37 -101.89
O2S MES W . -9.29 -4.74 -101.82
O3S MES W . -7.80 -6.61 -102.81
PA FAD X . -35.80 21.47 -102.32
O1A FAD X . -35.48 21.36 -100.88
O2A FAD X . -34.91 20.72 -103.34
O5B FAD X . -35.76 23.04 -102.58
C5B FAD X . -36.53 23.93 -101.82
C4B FAD X . -35.90 25.30 -101.77
O4B FAD X . -36.58 26.46 -101.45
C3B FAD X . -34.44 25.57 -101.68
O3B FAD X . -33.64 25.39 -102.77
C2B FAD X . -34.31 26.68 -100.74
O2B FAD X . -33.16 27.45 -100.56
C1B FAD X . -35.73 27.07 -100.50
N9A FAD X . -36.27 27.73 -99.31
C8A FAD X . -36.36 27.18 -98.13
N7A FAD X . -36.96 28.11 -97.36
C5A FAD X . -37.24 29.21 -98.12
C6A FAD X . -37.83 30.40 -97.83
N6A FAD X . -38.29 30.69 -96.64
N1A FAD X . -37.99 31.30 -98.85
C2A FAD X . -37.53 31.01 -100.12
N3A FAD X . -36.94 29.82 -100.42
C4A FAD X . -36.82 28.95 -99.41
N1 FAD X . -34.69 12.25 -103.79
C2 FAD X . -35.10 11.44 -104.78
O2 FAD X . -36.32 11.32 -105.03
N3 FAD X . -34.18 10.54 -105.18
C4 FAD X . -32.83 10.73 -105.04
O4 FAD X . -32.05 9.80 -105.33
C4X FAD X . -32.47 11.45 -103.81
N5 FAD X . -31.19 11.71 -103.65
C5X FAD X . -30.80 12.55 -102.65
C6 FAD X . -29.52 12.53 -102.08
C7 FAD X . -29.05 13.58 -101.28
C7M FAD X . -27.89 13.29 -100.32
C8 FAD X . -29.99 14.50 -100.87
C8M FAD X . -29.59 15.80 -100.24
C9 FAD X . -31.23 14.55 -101.45
C9A FAD X . -31.70 13.51 -102.25
N10 FAD X . -33.01 13.41 -102.60
C10 FAD X . -33.36 12.47 -103.56
C1' FAD X . -34.05 14.33 -102.04
C2' FAD X . -34.52 15.37 -103.12
O2' FAD X . -33.44 16.16 -103.46
C3' FAD X . -35.63 16.26 -102.62
O3' FAD X . -36.76 15.51 -102.21
C4' FAD X . -36.15 17.23 -103.67
O4' FAD X . -35.13 18.10 -104.14
C5' FAD X . -37.25 18.05 -103.03
O5' FAD X . -37.55 19.06 -103.95
P FAD X . -38.26 20.45 -103.57
O1P FAD X . -38.35 21.25 -104.79
O2P FAD X . -39.51 20.15 -102.80
O3P FAD X . -37.36 21.17 -102.45
C1 SHG Y . -29.30 7.55 -101.72
C2 SHG Y . -30.71 7.75 -102.24
C3 SHG Y . -31.52 8.88 -101.64
C4 SHG Y . -31.32 9.28 -100.23
C5 SHG Y . -29.90 9.07 -99.74
C6 SHG Y . -29.81 9.09 -98.24
O1 SHG Y . -28.84 6.20 -101.88
O3 SHG Y . -32.90 8.91 -101.93
O4 SHG Y . -31.85 10.58 -100.05
O5 SHG Y . -29.09 8.05 -100.40
O6 SHG Y . -29.16 10.33 -98.01
F2 SHG Y . -30.77 7.74 -103.61
O1 MES Z . -18.72 19.82 -70.34
C2 MES Z . -18.23 20.67 -69.31
C3 MES Z . -19.08 21.91 -69.12
N4 MES Z . -19.69 22.40 -70.38
C5 MES Z . -19.65 21.59 -71.61
C6 MES Z . -18.58 20.49 -71.56
C7 MES Z . -20.46 23.69 -70.34
C8 MES Z . -20.53 24.48 -71.68
S MES Z . -19.32 25.64 -71.99
O1S MES Z . -19.49 26.43 -70.74
O2S MES Z . -20.03 26.27 -73.15
O3S MES Z . -18.55 24.35 -72.03
PA FAD AA . -5.32 0.85 -50.66
O1A FAD AA . -6.49 1.51 -51.33
O2A FAD AA . -4.04 0.50 -51.37
O5B FAD AA . -5.83 -0.48 -49.96
C5B FAD AA . -6.97 -0.32 -49.18
C4B FAD AA . -7.77 -1.59 -49.13
O4B FAD AA . -8.78 -1.80 -48.20
C3B FAD AA . -7.94 -2.61 -50.21
O3B FAD AA . -7.06 -3.65 -50.46
C2B FAD AA . -9.40 -2.89 -50.30
O2B FAD AA . -9.96 -3.96 -51.05
C1B FAD AA . -9.83 -2.46 -48.92
N9A FAD AA . -11.18 -2.15 -48.49
C8A FAD AA . -11.82 -1.09 -49.01
N7A FAD AA . -13.00 -1.01 -48.39
C5A FAD AA . -13.03 -2.03 -47.44
C6A FAD AA . -13.98 -2.46 -46.53
N6A FAD AA . -15.12 -1.80 -46.38
N1A FAD AA . -13.78 -3.61 -45.76
C2A FAD AA . -12.60 -4.31 -45.88
N3A FAD AA . -11.65 -3.89 -46.80
C4A FAD AA . -11.85 -2.77 -47.52
N1 FAD AA . 1.12 6.18 -54.98
C2 FAD AA . 2.32 6.77 -54.78
O2 FAD AA . 2.64 6.90 -53.60
N3 FAD AA . 3.27 6.56 -55.76
C4 FAD AA . 3.05 5.85 -56.92
O4 FAD AA . 3.82 5.78 -57.90
C4X FAD AA . 1.64 5.52 -57.24
N5 FAD AA . 1.29 4.87 -58.36
C5X FAD AA . 0.09 4.26 -58.56
C6 FAD AA . -0.42 4.03 -59.90
C7 FAD AA . -1.68 3.46 -60.09
C7M FAD AA . -2.27 3.19 -61.48
C8 FAD AA . -2.45 3.22 -58.93
C8M FAD AA . -3.72 2.46 -59.00
C9 FAD AA . -2.07 3.76 -57.70
C9A FAD AA . -0.84 4.36 -57.51
N10 FAD AA . -0.52 5.05 -56.32
C10 FAD AA . 0.76 5.59 -56.17
C1' FAD AA . -1.48 5.13 -55.19
C2' FAD AA . -1.19 4.25 -53.98
O2' FAD AA . -1.22 2.91 -54.39
C3' FAD AA . -2.17 4.46 -52.80
O3' FAD AA . -1.94 5.70 -52.20
C4' FAD AA . -1.90 3.50 -51.70
O4' FAD AA . -2.04 2.16 -52.17
C5' FAD AA . -2.80 3.83 -50.53
O5' FAD AA . -2.71 2.78 -49.60
P FAD AA . -3.87 2.38 -48.60
O1P FAD AA . -3.38 1.17 -47.83
O2P FAD AA . -4.15 3.74 -47.89
O3P FAD AA . -5.16 1.85 -49.38
C1 SHG BA . 2.15 7.37 -62.22
C2 SHG BA . 2.41 7.61 -60.73
C3 SHG BA . 1.28 7.67 -59.68
C4 SHG BA . -0.10 7.97 -60.23
C5 SHG BA . -0.28 7.70 -61.71
C6 SHG BA . -1.50 8.35 -62.33
O1 SHG BA . 3.07 7.96 -63.14
O3 SHG BA . 1.57 8.35 -58.49
O4 SHG BA . -1.09 7.23 -59.56
O5 SHG BA . 0.82 7.68 -62.60
O6 SHG BA . -2.35 7.23 -62.53
F2 SHG BA . 3.72 7.63 -60.28
PA FAD CA . -3.18 -23.95 -72.05
O1A FAD CA . -2.63 -23.03 -73.01
O2A FAD CA . -4.53 -23.70 -71.31
O5B FAD CA . -1.96 -24.37 -71.05
C5B FAD CA . -0.69 -24.36 -71.63
C4B FAD CA . 0.45 -23.98 -70.68
O4B FAD CA . 1.74 -24.52 -70.90
C3B FAD CA . 0.53 -22.74 -69.85
O3B FAD CA . -0.16 -22.45 -68.70
C2B FAD CA . 1.89 -22.20 -70.11
O2B FAD CA . 2.50 -21.11 -69.53
C1B FAD CA . 2.56 -23.34 -70.88
N9A FAD CA . 3.74 -23.30 -71.73
C8A FAD CA . 3.73 -22.80 -72.94
N7A FAD CA . 4.98 -23.00 -73.36
C5A FAD CA . 5.71 -23.63 -72.45
C6A FAD CA . 7.02 -24.07 -72.41
N6A FAD CA . 7.88 -23.92 -73.40
N1A FAD CA . 7.45 -24.66 -71.25
C2A FAD CA . 6.64 -24.81 -70.17
N3A FAD CA . 5.34 -24.40 -70.22
C4A FAD CA . 4.91 -23.82 -71.36
N1 FAD CA . -12.22 -22.98 -74.61
C2 FAD CA . -13.34 -23.69 -74.51
O2 FAD CA . -13.26 -24.81 -74.98
N3 FAD CA . -14.53 -23.34 -73.92
C4 FAD CA . -14.40 -21.98 -73.82
O4 FAD CA . -15.39 -21.33 -73.47
C4X FAD CA . -13.27 -21.02 -73.74
N5 FAD CA . -13.22 -19.66 -73.73
C5X FAD CA . -12.09 -19.00 -74.04
C6 FAD CA . -12.02 -17.63 -73.70
C7 FAD CA . -10.81 -16.95 -73.57
C7M FAD CA . -10.82 -15.47 -73.69
C8 FAD CA . -9.58 -17.67 -73.68
C8M FAD CA . -8.24 -16.96 -73.46
C9 FAD CA . -9.65 -19.04 -73.84
C9A FAD CA . -10.90 -19.72 -74.07
N10 FAD CA . -10.96 -21.08 -74.36
C10 FAD CA . -12.16 -21.72 -74.20
C1' FAD CA . -9.79 -21.93 -74.76
C2' FAD CA . -9.30 -22.90 -73.69
O2' FAD CA . -8.85 -22.06 -72.65
C3' FAD CA . -8.15 -23.76 -74.24
O3' FAD CA . -8.49 -24.65 -75.28
C4' FAD CA . -7.48 -24.54 -73.10
O4' FAD CA . -7.09 -23.69 -72.00
C5' FAD CA . -6.25 -25.20 -73.72
O5' FAD CA . -5.75 -26.04 -72.72
P FAD CA . -4.22 -26.59 -72.67
O1P FAD CA . -4.11 -27.31 -71.38
O2P FAD CA . -3.93 -27.39 -73.95
O3P FAD CA . -3.34 -25.29 -72.93
C1 SHG DA . -16.28 -17.14 -76.14
C2 SHG DA . -16.00 -18.63 -76.08
C3 SHG DA . -14.67 -19.26 -76.40
C4 SHG DA . -13.80 -18.42 -77.25
C5 SHG DA . -14.07 -16.92 -77.23
C6 SHG DA . -13.52 -16.12 -78.41
O1 SHG DA . -17.59 -16.85 -76.47
O3 SHG DA . -14.66 -20.63 -76.75
O4 SHG DA . -12.47 -18.87 -76.95
O5 SHG DA . -15.37 -16.41 -76.93
O6 SHG DA . -12.87 -14.99 -77.85
F2 SHG DA . -16.89 -19.48 -75.53
O1 MES EA . -31.69 6.64 -76.56
C2 MES EA . -32.00 5.26 -76.75
C3 MES EA . -31.73 4.46 -75.47
N4 MES EA . -31.11 5.34 -74.46
C5 MES EA . -29.98 6.22 -74.85
C6 MES EA . -30.32 6.89 -76.17
C7 MES EA . -31.57 5.42 -73.05
C8 MES EA . -31.45 4.12 -72.19
S MES EA . -31.47 2.64 -72.99
O1S MES EA . -32.75 3.06 -73.61
O2S MES EA . -31.53 1.81 -71.74
O3S MES EA . -30.19 3.15 -73.52
O1 MES FA . 6.09 6.48 -89.76
C2 MES FA . 7.34 7.16 -89.63
C3 MES FA . 8.18 6.65 -88.44
N4 MES FA . 7.96 5.21 -88.26
C5 MES FA . 6.64 4.62 -88.37
C6 MES FA . 5.69 5.78 -88.57
C7 MES FA . 9.08 4.35 -87.89
C8 MES FA . 9.06 4.31 -86.35
S MES FA . 10.56 4.64 -85.71
O1S MES FA . 10.88 3.87 -86.93
O2S MES FA . 10.38 3.86 -84.49
O3S MES FA . 10.14 6.10 -85.65
#